data_7YMW
#
_entry.id   7YMW
#
loop_
_entity.id
_entity.type
_entity.pdbx_description
1 polymer 'Spike glycoprotein'
2 branched 2-acetamido-2-deoxy-beta-D-glucopyranose-(1-4)-2-acetamido-2-deoxy-beta-D-glucopyranose
3 branched alpha-D-mannopyranose-(1-6)-alpha-D-mannopyranose-(1-6)-beta-D-mannopyranose-(1-4)-2-acetamido-2-deoxy-beta-D-glucopyranose-(1-4)-2-acetamido-2-deoxy-beta-D-glucopyranose
4 non-polymer 2-acetamido-2-deoxy-beta-D-glucopyranose
#
_entity_poly.entity_id   1
_entity_poly.type   'polypeptide(L)'
_entity_poly.pdbx_seq_one_letter_code
;MDSWFILVLLGSGLICVSASYVDVGPDSVKSACIEVDIQQTFFDKTWPRPIDVSKADGIIYPQGRTYSNITITYQGLFPY
QGDHGDMYVYSAGHATGTTPQKLFVANYSQDVKQFANGFVVRIGAAANSTGTVIISPSTSATIRKIYPAFMLGSSVGNFS
DGKMGRFFNHTLVLLPDGCGTLLRAFYCILEPRSGNHCPAGNSYTSFATYHTPATDCSDGNYNRNASLNSFKEYFNLRNC
TFMYTYNITEDEILEWFGITQTAQGVHLFSSRYVDLYGGNMFQFATLPVYDTIKYYSIIPHSIRSIQSDRKAWAAFYVYK
LQPLTFLLDFSVDGYIRRAIDCGFNDLSQLHCSYESFDVESGVYSVSSFEAKPSGSVVEQAEGVECDFSPLLSGTPPQVY
NFKRLVFTNCNYNLTKLLSLFSVNDFTCSQISPAAIASNCYSSLILDYFSYPLSMKSDLSVSSAGPISQFNYKQSFSNPT
CLILATVPHNLTTITKPLKYSYINKCSRLLSDDRTEVPQLVNANQYSPCVSIVPSTVWEDGDYYRKQLSPLEGGGWLVAS
GSTVAMTEQLQMGFGITVQYGTDTNSVCPKLEFANDTKIASQLGNCVEYSLYGVSGRGVFQNCTAVGVRQQRFVYDAYQN
LVGYYSDDGNYYCLRACVSVPVSVIYDKETKTHATLFGSVACEHISSTMSQYSRSTRSMLKRRDSTYGPLQTPVGCVLGL
VNSSLFVEDCKLPLGQSLCALPDTPSTLTPASVGSVPGEMRLASIAFNHPIQVDQLNSSYFKLSIPTNFSFGVTQEYIQT
TIQKVTVDCKQYVCNGFQKCEQLLREYGQFCSKINQALHGANLRQDDSVRNLFASVKSSQSSPIIPGFGGDFNLTLLEPV
SISTGSRSARSAIEDLLFDKVTIADPGYMQGYDDCMQQGPASARDLICAQYVAGYKVLPPLMDVNMEAAYTSSLLGSIAG
VGWTAGLSSFAAIPFAQSIFYRLNGVGITQQVLSENQKLIANKFNQALGAMQTGFTTTNEAFQKVQDAVNNNAQALSKLA
SELSNTFGAISASIGDIIQRLDPPEQDAQIDRLINGRLTTLNAFVAQQLVRSESAALSAQLAKDKVNECVKAQSKRSGFC
GQGTHIVSFVVNAPNGLYFMHVGYYPSNHIEVVSAYGLCDAANPTNCIAPVNGYFIKTNNTRIVDEWSYTGSSFYAPEPI
TSLNTKYVAPQVTYQNISTNLPPPLLGNSTGIDFQDELDEFFKNVSTSIPNFGSLTQINTTLLDLTYEMLSLQQVVKALN
ESYIDLKELGNYTYEFGSGGYIPEAPRDGQAYVRKDGEWVLLSTFLKGQDNSADIQHSGRPLESRGPFEQKLISEEDLNM
HTGHHHHHH
;
_entity_poly.pdbx_strand_id   A,B,C
#
loop_
_chem_comp.id
_chem_comp.type
_chem_comp.name
_chem_comp.formula
BMA D-saccharide, beta linking beta-D-mannopyranose 'C6 H12 O6'
MAN D-saccharide, alpha linking alpha-D-mannopyranose 'C6 H12 O6'
NAG D-saccharide, beta linking 2-acetamido-2-deoxy-beta-D-glucopyranose 'C8 H15 N O6'
#
# COMPACT_ATOMS: atom_id res chain seq x y z
N VAL A 22 23.30 50.82 -13.76
CA VAL A 22 23.96 51.89 -13.02
C VAL A 22 23.32 53.24 -13.35
N ASP A 23 23.42 54.17 -12.41
CA ASP A 23 22.83 55.49 -12.56
C ASP A 23 23.71 56.51 -11.83
N VAL A 24 23.22 57.75 -11.75
CA VAL A 24 23.95 58.85 -11.12
C VAL A 24 23.07 59.51 -10.08
N GLY A 25 23.70 60.24 -9.16
CA GLY A 25 23.00 60.91 -8.10
C GLY A 25 23.71 62.15 -7.59
N PRO A 26 22.96 63.22 -7.38
CA PRO A 26 23.57 64.47 -6.88
C PRO A 26 23.88 64.40 -5.39
N ASP A 27 24.98 65.04 -5.01
CA ASP A 27 25.34 65.15 -3.60
C ASP A 27 24.53 66.27 -2.95
N SER A 28 23.83 65.94 -1.86
CA SER A 28 22.82 66.84 -1.28
C SER A 28 23.39 68.13 -0.71
N VAL A 29 24.14 68.05 0.38
CA VAL A 29 24.48 69.23 1.18
C VAL A 29 25.96 69.23 1.56
N LYS A 30 26.35 70.20 2.38
CA LYS A 30 27.71 70.29 2.90
C LYS A 30 28.01 69.14 3.85
N SER A 31 29.31 68.90 4.05
CA SER A 31 29.77 67.78 4.87
C SER A 31 29.78 68.17 6.35
N ALA A 32 28.57 68.40 6.88
CA ALA A 32 28.40 68.75 8.28
C ALA A 32 27.00 68.32 8.69
N CYS A 33 26.92 67.23 9.45
CA CYS A 33 25.64 66.72 9.92
C CYS A 33 25.18 67.49 11.15
N ILE A 34 24.14 66.99 11.81
CA ILE A 34 23.55 67.63 12.97
C ILE A 34 23.56 66.66 14.15
N GLU A 35 23.34 67.21 15.34
CA GLU A 35 23.44 66.43 16.57
C GLU A 35 22.30 65.42 16.69
N VAL A 36 22.65 64.20 17.09
CA VAL A 36 21.71 63.11 17.28
C VAL A 36 21.80 62.63 18.72
N ASP A 37 20.66 62.34 19.34
CA ASP A 37 20.59 62.04 20.76
C ASP A 37 19.89 60.71 21.01
N ILE A 38 19.88 60.30 22.27
CA ILE A 38 19.25 59.06 22.71
C ILE A 38 18.32 59.38 23.88
N GLN A 39 17.06 58.97 23.77
CA GLN A 39 16.10 59.13 24.86
C GLN A 39 15.23 57.89 25.00
N GLN A 40 15.84 56.71 24.83
CA GLN A 40 15.08 55.45 24.79
C GLN A 40 14.36 55.16 26.10
N THR A 41 14.85 55.71 27.21
CA THR A 41 14.13 55.60 28.48
C THR A 41 12.76 56.26 28.39
N PHE A 42 12.68 57.39 27.69
CA PHE A 42 11.39 58.06 27.49
C PHE A 42 10.45 57.23 26.60
N PHE A 43 11.01 56.52 25.61
CA PHE A 43 10.22 55.76 24.66
C PHE A 43 9.72 54.42 25.19
N ASP A 44 9.99 54.10 26.46
CA ASP A 44 9.52 52.85 27.03
C ASP A 44 8.10 53.01 27.54
N LYS A 45 7.17 52.25 26.96
CA LYS A 45 5.77 52.27 27.37
C LYS A 45 5.11 50.98 26.92
N THR A 46 3.99 50.66 27.54
CA THR A 46 3.22 49.46 27.23
C THR A 46 1.86 49.88 26.68
N TRP A 47 1.64 49.60 25.40
CA TRP A 47 0.36 49.84 24.73
C TRP A 47 -0.05 48.54 24.06
N PRO A 48 -0.57 47.57 24.81
CA PRO A 48 -0.79 46.24 24.25
C PRO A 48 -2.00 46.16 23.32
N ARG A 49 -1.74 46.03 22.02
CA ARG A 49 -2.79 45.74 21.05
C ARG A 49 -2.41 44.49 20.26
N PRO A 50 -2.99 43.34 20.58
CA PRO A 50 -2.70 42.13 19.79
C PRO A 50 -3.32 42.20 18.41
N ILE A 51 -2.71 41.47 17.48
CA ILE A 51 -3.20 41.38 16.11
C ILE A 51 -3.98 40.07 15.98
N ASP A 52 -5.26 40.19 15.64
CA ASP A 52 -6.17 39.04 15.60
C ASP A 52 -6.45 38.65 14.16
N VAL A 53 -6.04 37.45 13.78
CA VAL A 53 -6.31 36.94 12.45
C VAL A 53 -7.81 36.69 12.26
N SER A 54 -8.48 36.20 13.32
CA SER A 54 -9.93 36.01 13.25
C SER A 54 -10.68 37.33 13.14
N LYS A 55 -10.07 38.43 13.55
CA LYS A 55 -10.59 39.77 13.29
C LYS A 55 -10.06 40.34 11.99
N ALA A 56 -9.51 39.49 11.11
CA ALA A 56 -9.04 39.86 9.77
C ALA A 56 -7.96 40.94 9.81
N ASP A 57 -7.06 40.85 10.80
CA ASP A 57 -5.96 41.80 10.92
C ASP A 57 -4.70 41.17 10.38
N GLY A 58 -4.17 41.75 9.31
CA GLY A 58 -2.88 41.34 8.78
C GLY A 58 -2.84 39.98 8.13
N ILE A 59 -3.50 39.82 6.99
CA ILE A 59 -3.42 38.60 6.20
C ILE A 59 -3.03 38.98 4.77
N ILE A 60 -1.92 38.41 4.29
CA ILE A 60 -1.41 38.74 2.97
C ILE A 60 -2.34 38.15 1.91
N TYR A 61 -2.71 38.96 0.93
CA TYR A 61 -3.55 38.48 -0.16
C TYR A 61 -2.79 37.45 -1.00
N PRO A 62 -3.48 36.43 -1.50
CA PRO A 62 -2.79 35.41 -2.32
C PRO A 62 -2.28 35.99 -3.63
N GLN A 63 -1.29 35.29 -4.19
CA GLN A 63 -0.48 35.87 -5.26
C GLN A 63 -1.22 35.91 -6.59
N GLY A 64 -1.81 34.78 -7.01
CA GLY A 64 -2.34 34.71 -8.36
C GLY A 64 -3.62 33.92 -8.50
N ARG A 65 -4.28 33.64 -7.38
CA ARG A 65 -5.51 32.88 -7.39
C ARG A 65 -6.30 33.20 -6.13
N THR A 66 -7.61 33.26 -6.25
CA THR A 66 -8.49 33.54 -5.12
C THR A 66 -9.77 32.75 -5.26
N TYR A 67 -10.66 32.91 -4.28
CA TYR A 67 -11.81 32.04 -4.14
C TYR A 67 -13.03 32.90 -3.88
N SER A 68 -14.16 32.24 -3.57
CA SER A 68 -15.40 32.94 -3.27
C SER A 68 -16.29 32.04 -2.44
N ASN A 69 -16.52 32.44 -1.19
CA ASN A 69 -17.44 31.76 -0.26
C ASN A 69 -17.01 30.33 0.03
N ILE A 70 -15.69 30.09 0.06
CA ILE A 70 -15.13 28.77 0.32
C ILE A 70 -14.20 28.87 1.53
N THR A 71 -14.20 27.84 2.37
CA THR A 71 -13.27 27.71 3.48
C THR A 71 -12.23 26.66 3.13
N ILE A 72 -10.95 27.05 3.12
CA ILE A 72 -9.88 26.15 2.71
C ILE A 72 -8.57 26.61 3.35
N THR A 73 -7.68 25.65 3.60
CA THR A 73 -6.37 25.97 4.13
C THR A 73 -5.43 26.38 3.00
N TYR A 74 -4.35 27.06 3.38
CA TYR A 74 -3.31 27.47 2.45
C TYR A 74 -2.03 27.71 3.22
N GLN A 75 -0.93 27.17 2.71
CA GLN A 75 0.40 27.43 3.24
C GLN A 75 0.85 28.85 2.90
N GLY A 76 2.01 29.22 3.42
CA GLY A 76 2.61 30.49 3.04
C GLY A 76 3.53 31.00 4.13
N LEU A 77 3.80 32.30 4.06
CA LEU A 77 4.59 33.00 5.06
C LEU A 77 3.64 33.82 5.91
N PHE A 78 3.61 33.53 7.21
CA PHE A 78 2.63 34.09 8.13
C PHE A 78 3.32 34.51 9.41
N PRO A 79 2.80 35.55 10.09
CA PRO A 79 3.34 35.93 11.39
C PRO A 79 2.68 35.17 12.52
N TYR A 80 3.05 35.48 13.76
CA TYR A 80 2.42 34.87 14.92
C TYR A 80 1.23 35.71 15.35
N GLN A 81 0.19 35.03 15.84
CA GLN A 81 -1.04 35.72 16.22
C GLN A 81 -0.85 36.49 17.52
N GLY A 82 -1.25 37.76 17.50
CA GLY A 82 -1.26 38.60 18.69
C GLY A 82 0.08 38.79 19.36
N ASP A 83 1.01 39.46 18.70
CA ASP A 83 2.35 39.62 19.23
C ASP A 83 2.54 41.00 19.83
N HIS A 84 3.59 41.13 20.63
CA HIS A 84 4.03 42.45 21.09
C HIS A 84 4.62 43.24 19.93
N GLY A 85 5.19 42.54 18.95
CA GLY A 85 5.78 43.21 17.81
C GLY A 85 7.09 43.88 18.17
N ASP A 86 7.44 44.87 17.35
CA ASP A 86 8.66 45.65 17.51
C ASP A 86 8.29 47.12 17.58
N MET A 87 7.36 47.45 18.49
CA MET A 87 6.68 48.74 18.51
C MET A 87 7.68 49.90 18.66
N TYR A 88 7.61 50.84 17.71
CA TYR A 88 8.39 52.07 17.77
C TYR A 88 7.46 53.24 17.51
N VAL A 89 7.75 54.37 18.15
CA VAL A 89 6.99 55.60 17.96
C VAL A 89 7.96 56.66 17.43
N TYR A 90 7.41 57.60 16.67
CA TYR A 90 8.19 58.68 16.09
C TYR A 90 7.86 59.98 16.81
N SER A 91 8.88 60.60 17.39
CA SER A 91 8.74 61.83 18.16
C SER A 91 9.52 62.94 17.49
N ALA A 92 8.96 64.15 17.49
CA ALA A 92 9.61 65.29 16.90
C ALA A 92 10.80 65.73 17.73
N GLY A 93 11.72 66.44 17.08
CA GLY A 93 12.93 66.90 17.76
C GLY A 93 12.65 68.03 18.73
N HIS A 94 13.70 68.41 19.45
CA HIS A 94 13.59 69.48 20.44
C HIS A 94 13.37 70.82 19.75
N ALA A 95 12.63 71.68 20.44
CA ALA A 95 12.31 73.01 19.94
C ALA A 95 12.33 74.00 21.10
N THR A 96 12.86 75.18 20.84
CA THR A 96 12.78 76.31 21.77
C THR A 96 12.02 77.40 21.03
N GLY A 97 10.69 77.34 21.12
CA GLY A 97 9.85 78.22 20.34
C GLY A 97 9.55 77.67 18.97
N THR A 98 10.31 78.11 17.97
CA THR A 98 10.08 77.72 16.58
C THR A 98 11.38 77.31 15.90
N THR A 99 12.51 77.84 16.40
CA THR A 99 13.79 77.71 15.73
C THR A 99 14.27 76.25 15.70
N PRO A 100 14.99 75.84 14.64
CA PRO A 100 15.46 74.45 14.54
C PRO A 100 16.52 74.15 15.58
N GLN A 101 16.29 73.10 16.36
CA GLN A 101 17.19 72.72 17.45
C GLN A 101 17.61 71.27 17.32
N LYS A 102 18.23 70.73 18.37
CA LYS A 102 18.73 69.36 18.40
C LYS A 102 17.56 68.38 18.32
N LEU A 103 17.87 67.15 17.89
CA LEU A 103 16.87 66.12 17.65
C LEU A 103 16.21 65.66 18.96
N PHE A 104 15.30 64.70 18.82
CA PHE A 104 14.77 63.94 19.95
C PHE A 104 14.40 62.56 19.39
N VAL A 105 15.35 61.64 19.46
CA VAL A 105 15.20 60.32 18.88
C VAL A 105 15.73 59.28 19.87
N ALA A 106 15.75 58.02 19.43
CA ALA A 106 15.93 56.86 20.29
C ALA A 106 17.20 56.11 19.94
N ASN A 107 17.45 55.03 20.69
CA ASN A 107 18.47 54.06 20.37
C ASN A 107 17.95 52.95 19.45
N TYR A 108 16.73 53.10 18.94
CA TYR A 108 16.21 52.19 17.92
C TYR A 108 17.02 52.23 16.63
N SER A 109 17.82 53.29 16.44
CA SER A 109 18.79 53.36 15.36
C SER A 109 19.91 52.34 15.51
N GLN A 110 20.06 51.73 16.69
CA GLN A 110 21.10 50.74 16.93
C GLN A 110 20.52 49.44 17.48
N ASP A 111 19.27 49.16 17.17
CA ASP A 111 18.62 47.90 17.54
C ASP A 111 18.18 47.17 16.28
N VAL A 112 18.38 45.86 16.27
CA VAL A 112 18.18 45.06 15.06
C VAL A 112 17.30 43.85 15.39
N LYS A 113 16.46 43.46 14.43
CA LYS A 113 15.68 42.24 14.51
C LYS A 113 15.88 41.43 13.23
N GLN A 114 15.62 40.13 13.33
CA GLN A 114 15.86 39.21 12.23
C GLN A 114 14.79 39.39 11.15
N PHE A 115 15.23 39.43 9.89
CA PHE A 115 14.31 39.59 8.76
C PHE A 115 13.39 38.38 8.64
N ALA A 116 13.93 37.19 8.93
CA ALA A 116 13.25 35.90 8.79
C ALA A 116 12.74 35.70 7.37
N ASN A 117 11.45 35.93 7.14
CA ASN A 117 10.85 35.74 5.83
C ASN A 117 9.94 36.91 5.47
N GLY A 118 10.36 38.13 5.77
CA GLY A 118 9.56 39.31 5.53
C GLY A 118 9.05 39.92 6.82
N PHE A 119 8.54 41.15 6.71
CA PHE A 119 7.92 41.77 7.87
C PHE A 119 6.81 42.72 7.42
N VAL A 120 5.84 42.90 8.32
CA VAL A 120 4.65 43.69 8.07
C VAL A 120 4.58 44.81 9.09
N VAL A 121 4.04 45.95 8.65
CA VAL A 121 4.01 47.18 9.43
C VAL A 121 2.59 47.72 9.45
N ARG A 122 2.10 48.07 10.65
CA ARG A 122 0.79 48.68 10.79
C ARG A 122 0.97 50.20 10.92
N ILE A 123 0.11 50.96 10.22
CA ILE A 123 0.22 52.41 10.15
C ILE A 123 -1.06 53.03 10.68
N GLY A 124 -0.92 53.94 11.64
CA GLY A 124 -2.05 54.71 12.13
C GLY A 124 -2.99 53.98 13.07
N ALA A 125 -2.54 52.88 13.69
CA ALA A 125 -3.40 52.12 14.58
C ALA A 125 -3.77 52.92 15.83
N ALA A 126 -2.82 53.70 16.36
CA ALA A 126 -3.10 54.57 17.48
C ALA A 126 -3.59 55.94 17.06
N ALA A 127 -3.60 56.24 15.76
CA ALA A 127 -4.01 57.54 15.27
C ALA A 127 -5.52 57.73 15.44
N ASN A 128 -5.99 58.93 15.06
CA ASN A 128 -7.37 59.37 15.28
C ASN A 128 -7.76 59.27 16.75
N SER A 129 -6.83 59.64 17.62
CA SER A 129 -7.07 59.65 19.06
C SER A 129 -6.26 60.80 19.65
N THR A 130 -6.17 60.83 20.98
CA THR A 130 -5.41 61.86 21.66
C THR A 130 -4.65 61.23 22.82
N GLY A 131 -3.33 61.42 22.83
CA GLY A 131 -2.49 60.91 23.88
C GLY A 131 -1.39 61.90 24.21
N THR A 132 -0.55 61.52 25.17
CA THR A 132 0.55 62.38 25.58
C THR A 132 1.61 62.46 24.48
N VAL A 133 2.19 63.66 24.33
CA VAL A 133 3.29 63.85 23.39
C VAL A 133 4.52 63.19 23.94
N ILE A 134 5.26 62.49 23.08
CA ILE A 134 6.40 61.69 23.53
C ILE A 134 7.52 62.60 24.05
N ILE A 135 7.82 63.67 23.31
CA ILE A 135 8.87 64.58 23.75
C ILE A 135 8.38 65.48 24.90
N SER A 136 7.09 65.84 24.90
CA SER A 136 6.51 66.71 25.91
C SER A 136 5.47 65.92 26.69
N PRO A 137 5.86 65.31 27.82
CA PRO A 137 4.89 64.53 28.61
C PRO A 137 3.75 65.37 29.18
N SER A 138 4.00 66.65 29.44
CA SER A 138 2.95 67.54 29.94
C SER A 138 1.95 67.95 28.87
N THR A 139 2.24 67.68 27.61
CA THR A 139 1.35 68.03 26.50
C THR A 139 0.59 66.79 26.04
N SER A 140 -0.73 66.93 25.91
CA SER A 140 -1.59 65.88 25.37
C SER A 140 -2.20 66.39 24.08
N ALA A 141 -1.87 65.74 22.97
CA ALA A 141 -2.30 66.18 21.65
C ALA A 141 -2.83 64.99 20.85
N THR A 142 -3.34 65.29 19.66
CA THR A 142 -3.89 64.27 18.80
C THR A 142 -2.78 63.38 18.24
N ILE A 143 -3.20 62.22 17.74
CA ILE A 143 -2.29 61.20 17.25
C ILE A 143 -2.47 61.09 15.75
N ARG A 144 -1.36 61.27 15.02
CA ARG A 144 -1.38 61.33 13.57
C ARG A 144 -0.55 60.19 13.01
N LYS A 145 -1.00 59.63 11.89
CA LYS A 145 -0.31 58.52 11.26
C LYS A 145 1.02 58.98 10.65
N ILE A 146 2.01 58.08 10.71
CA ILE A 146 3.34 58.35 10.17
C ILE A 146 3.81 57.07 9.48
N TYR A 147 4.79 57.21 8.60
CA TYR A 147 5.24 56.09 7.80
C TYR A 147 6.73 55.84 8.01
N PRO A 148 7.17 54.57 8.04
CA PRO A 148 8.55 54.28 8.42
C PRO A 148 9.53 54.11 7.27
N ALA A 149 10.80 54.41 7.52
CA ALA A 149 11.87 54.21 6.56
C ALA A 149 12.61 52.91 6.87
N PHE A 150 12.96 52.17 5.83
CA PHE A 150 13.45 50.80 5.93
C PHE A 150 14.89 50.72 5.45
N MET A 151 15.70 49.90 6.13
CA MET A 151 17.02 49.59 5.58
C MET A 151 17.27 48.10 5.75
N LEU A 152 17.81 47.49 4.69
CA LEU A 152 17.85 46.05 4.53
C LEU A 152 19.21 45.63 3.99
N GLY A 153 19.71 44.51 4.51
CA GLY A 153 20.94 43.92 4.02
C GLY A 153 21.18 42.61 4.74
N SER A 154 22.26 41.94 4.33
CA SER A 154 22.62 40.64 4.88
C SER A 154 23.79 40.71 5.85
N SER A 155 24.28 41.90 6.17
CA SER A 155 25.44 42.06 7.03
C SER A 155 25.18 43.12 8.08
N VAL A 156 25.53 42.84 9.33
CA VAL A 156 25.47 43.80 10.42
C VAL A 156 26.86 43.94 11.02
N GLY A 157 27.35 45.18 11.10
CA GLY A 157 28.65 45.45 11.67
C GLY A 157 28.59 46.64 12.61
N ASN A 158 29.75 46.97 13.18
CA ASN A 158 29.85 48.07 14.13
C ASN A 158 30.10 49.38 13.40
N PHE A 159 29.63 50.47 14.03
CA PHE A 159 29.81 51.80 13.48
C PHE A 159 31.23 52.31 13.76
N SER A 160 31.45 53.61 13.53
CA SER A 160 32.76 54.20 13.80
C SER A 160 33.06 54.22 15.29
N ASP A 161 32.04 54.39 16.13
CA ASP A 161 32.21 54.37 17.58
C ASP A 161 32.02 52.98 18.17
N GLY A 162 31.91 51.95 17.33
CA GLY A 162 31.82 50.58 17.80
C GLY A 162 30.42 50.06 18.00
N LYS A 163 29.40 50.91 17.91
CA LYS A 163 28.03 50.45 18.06
C LYS A 163 27.60 49.67 16.83
N MET A 164 26.93 48.54 17.06
CA MET A 164 26.56 47.65 15.97
C MET A 164 25.45 48.26 15.11
N GLY A 165 25.40 47.83 13.86
CA GLY A 165 24.36 48.28 12.95
C GLY A 165 24.85 48.66 11.57
N ARG A 166 26.15 48.56 11.32
CA ARG A 166 26.71 48.94 10.03
C ARG A 166 26.51 47.82 9.03
N PHE A 167 26.14 48.19 7.80
CA PHE A 167 25.77 47.23 6.77
C PHE A 167 26.76 47.30 5.62
N PHE A 168 27.28 46.15 5.22
CA PHE A 168 28.26 46.05 4.14
C PHE A 168 27.57 45.78 2.81
N ASN A 169 28.30 46.07 1.72
CA ASN A 169 27.86 45.89 0.34
C ASN A 169 26.58 46.65 0.03
N HIS A 170 25.87 46.24 -1.02
CA HIS A 170 24.70 46.98 -1.49
C HIS A 170 23.55 46.83 -0.51
N THR A 171 22.90 47.95 -0.20
CA THR A 171 21.89 48.01 0.84
C THR A 171 20.58 48.53 0.27
N LEU A 172 19.47 47.94 0.71
CA LEU A 172 18.14 48.34 0.27
C LEU A 172 17.59 49.40 1.22
N VAL A 173 17.35 50.59 0.70
CA VAL A 173 16.86 51.71 1.49
C VAL A 173 15.51 52.14 0.94
N LEU A 174 14.52 52.22 1.83
CA LEU A 174 13.17 52.66 1.52
C LEU A 174 12.83 53.86 2.38
N LEU A 175 12.13 54.83 1.79
CA LEU A 175 11.86 56.08 2.48
C LEU A 175 10.54 56.71 2.03
N PRO A 176 9.61 56.93 2.95
CA PRO A 176 8.44 57.75 2.64
C PRO A 176 8.79 59.22 2.63
N ASP A 177 8.09 59.98 1.81
CA ASP A 177 8.48 61.35 1.55
C ASP A 177 7.28 62.14 1.07
N GLY A 178 7.42 63.47 1.04
CA GLY A 178 6.36 64.35 0.58
C GLY A 178 5.11 64.26 1.44
N CYS A 179 5.30 64.31 2.77
CA CYS A 179 4.28 63.99 3.76
C CYS A 179 3.70 62.60 3.52
N GLY A 180 4.58 61.66 3.19
CA GLY A 180 4.18 60.28 2.98
C GLY A 180 3.64 59.95 1.61
N THR A 181 3.66 60.91 0.67
CA THR A 181 3.11 60.64 -0.66
C THR A 181 4.04 59.74 -1.47
N LEU A 182 5.33 60.03 -1.46
CA LEU A 182 6.31 59.29 -2.27
C LEU A 182 6.93 58.16 -1.46
N LEU A 183 7.36 57.13 -2.18
CA LEU A 183 7.86 55.87 -1.62
C LEU A 183 9.23 55.55 -2.20
N ARG A 184 10.17 56.50 -2.07
CA ARG A 184 11.46 56.40 -2.74
C ARG A 184 12.27 55.22 -2.23
N ALA A 185 13.05 54.61 -3.12
CA ALA A 185 13.80 53.42 -2.73
C ALA A 185 15.00 53.24 -3.64
N PHE A 186 16.00 52.52 -3.14
CA PHE A 186 17.18 52.16 -3.92
C PHE A 186 17.92 51.02 -3.23
N TYR A 187 18.33 50.03 -4.03
CA TYR A 187 19.25 48.99 -3.54
C TYR A 187 20.65 49.41 -3.95
N CYS A 188 21.19 50.37 -3.22
CA CYS A 188 22.45 50.98 -3.60
C CYS A 188 23.43 51.07 -2.43
N ILE A 189 24.60 51.66 -2.67
CA ILE A 189 25.68 51.70 -1.70
C ILE A 189 25.59 52.99 -0.90
N LEU A 190 25.46 52.85 0.42
CA LEU A 190 25.47 53.99 1.32
C LEU A 190 26.90 54.41 1.62
N GLU A 191 27.11 55.71 1.74
CA GLU A 191 28.42 56.26 2.10
C GLU A 191 28.26 57.33 3.17
N PRO A 192 28.63 57.04 4.41
CA PRO A 192 28.63 58.10 5.44
C PRO A 192 29.75 59.10 5.19
N ARG A 193 29.56 60.31 5.69
CA ARG A 193 30.51 61.39 5.48
C ARG A 193 31.34 61.64 6.73
N SER A 194 32.31 62.55 6.60
CA SER A 194 33.34 62.74 7.61
C SER A 194 33.10 63.96 8.49
N GLY A 195 31.92 64.58 8.41
CA GLY A 195 31.65 65.77 9.21
C GLY A 195 31.33 65.43 10.66
N ASN A 196 30.95 66.48 11.40
CA ASN A 196 30.58 66.30 12.79
C ASN A 196 29.23 65.58 12.90
N HIS A 197 29.16 64.63 13.85
CA HIS A 197 27.97 63.81 14.11
C HIS A 197 27.52 63.04 12.86
N CYS A 198 28.48 62.45 12.15
CA CYS A 198 28.20 61.64 10.97
C CYS A 198 28.79 60.25 11.18
N PRO A 199 28.20 59.20 10.57
CA PRO A 199 28.64 57.82 10.88
C PRO A 199 30.07 57.50 10.47
N ALA A 200 30.69 58.27 9.58
CA ALA A 200 32.11 58.14 9.30
C ALA A 200 32.90 59.33 9.80
N GLY A 201 32.30 60.22 10.60
CA GLY A 201 32.94 61.41 11.08
C GLY A 201 32.98 61.50 12.59
N ASN A 202 33.50 62.62 13.06
CA ASN A 202 33.67 62.84 14.50
C ASN A 202 32.33 63.10 15.17
N SER A 203 32.34 62.91 16.50
CA SER A 203 31.20 63.17 17.39
C SER A 203 29.96 62.37 16.98
N TYR A 204 30.16 61.16 16.48
CA TYR A 204 29.05 60.35 15.99
C TYR A 204 28.32 59.70 17.14
N THR A 205 27.00 59.90 17.20
CA THR A 205 26.16 59.28 18.22
C THR A 205 25.16 58.30 17.62
N SER A 206 24.31 58.74 16.70
CA SER A 206 23.31 57.90 16.05
C SER A 206 22.88 58.58 14.75
N PHE A 207 21.79 58.09 14.17
CA PHE A 207 21.28 58.64 12.91
C PHE A 207 19.76 58.66 12.95
N ALA A 208 19.20 59.60 12.19
CA ALA A 208 17.75 59.79 12.08
C ALA A 208 17.47 60.59 10.82
N THR A 209 16.20 60.98 10.63
CA THR A 209 15.79 61.84 9.52
C THR A 209 14.91 62.95 10.05
N TYR A 210 15.09 64.16 9.53
CA TYR A 210 14.36 65.33 9.98
C TYR A 210 13.19 65.67 9.07
N HIS A 211 12.35 66.58 9.55
CA HIS A 211 11.15 67.01 8.81
C HIS A 211 10.81 68.43 9.23
N THR A 212 10.71 69.33 8.25
CA THR A 212 10.23 70.70 8.48
C THR A 212 8.90 70.85 7.76
N PRO A 213 7.77 70.52 8.39
CA PRO A 213 6.48 70.58 7.69
C PRO A 213 6.03 72.00 7.35
N ALA A 214 6.60 73.02 7.98
CA ALA A 214 6.32 74.39 7.56
C ALA A 214 6.88 74.67 6.16
N THR A 215 7.96 73.98 5.79
CA THR A 215 8.53 74.10 4.45
C THR A 215 8.17 72.92 3.55
N ASP A 216 7.75 71.79 4.12
CA ASP A 216 7.45 70.59 3.35
C ASP A 216 5.96 70.31 3.25
N CYS A 217 5.25 70.21 4.38
CA CYS A 217 3.84 69.84 4.39
C CYS A 217 2.92 71.04 4.20
N SER A 218 3.41 72.11 3.57
CA SER A 218 2.59 73.27 3.26
C SER A 218 1.79 73.00 1.99
N ASP A 219 1.19 74.05 1.44
CA ASP A 219 0.39 73.93 0.21
C ASP A 219 1.29 73.62 -0.97
N GLY A 220 1.18 72.40 -1.49
CA GLY A 220 2.06 71.98 -2.56
C GLY A 220 3.47 71.75 -2.04
N ASN A 221 4.44 72.39 -2.69
CA ASN A 221 5.85 72.39 -2.30
C ASN A 221 6.45 70.98 -2.26
N TYR A 222 6.39 70.38 -1.06
CA TYR A 222 7.07 69.11 -0.71
C TYR A 222 8.57 69.23 -0.82
N ASN A 223 9.04 70.48 -0.85
CA ASN A 223 10.42 70.85 -0.52
C ASN A 223 11.46 69.91 -1.12
N ARG A 224 11.61 69.96 -2.45
CA ARG A 224 12.57 69.13 -3.20
C ARG A 224 12.92 67.75 -2.57
N ASN A 225 12.02 66.79 -2.73
CA ASN A 225 11.95 65.58 -1.89
C ASN A 225 12.64 65.66 -0.51
N ALA A 226 11.99 66.34 0.42
CA ALA A 226 12.62 66.71 1.69
C ALA A 226 13.27 65.55 2.41
N SER A 227 12.52 64.47 2.60
CA SER A 227 12.95 63.37 3.46
C SER A 227 14.12 62.61 2.84
N LEU A 228 14.14 62.51 1.51
CA LEU A 228 15.29 61.91 0.82
C LEU A 228 16.56 62.70 1.08
N ASN A 229 16.49 64.03 0.97
CA ASN A 229 17.64 64.86 1.26
C ASN A 229 17.93 64.92 2.75
N SER A 230 16.92 64.65 3.58
CA SER A 230 17.14 64.55 5.03
C SER A 230 17.99 63.33 5.35
N PHE A 231 17.70 62.21 4.69
CA PHE A 231 18.55 61.03 4.86
C PHE A 231 19.91 61.23 4.19
N LYS A 232 19.95 61.99 3.10
CA LYS A 232 21.19 62.30 2.41
C LYS A 232 22.00 63.41 3.08
N GLU A 233 21.46 64.02 4.13
CA GLU A 233 22.22 64.98 4.93
C GLU A 233 23.31 64.28 5.73
N TYR A 234 23.24 62.97 5.85
CA TYR A 234 24.25 62.13 6.47
C TYR A 234 25.02 61.30 5.46
N PHE A 235 24.39 60.97 4.33
CA PHE A 235 24.79 59.87 3.48
C PHE A 235 24.89 60.30 2.02
N ASN A 236 25.66 59.54 1.26
CA ASN A 236 25.77 59.66 -0.18
C ASN A 236 25.53 58.30 -0.82
N LEU A 237 25.27 58.30 -2.13
CA LEU A 237 24.93 57.09 -2.86
C LEU A 237 26.00 56.77 -3.88
N ARG A 238 26.46 55.52 -3.88
CA ARG A 238 27.45 55.04 -4.84
C ARG A 238 27.05 53.67 -5.34
N ASN A 239 27.52 53.34 -6.56
CA ASN A 239 27.26 52.05 -7.22
C ASN A 239 25.77 51.76 -7.35
N CYS A 240 24.99 52.78 -7.67
CA CYS A 240 23.54 52.71 -7.54
C CYS A 240 22.92 51.99 -8.74
N THR A 241 21.65 51.60 -8.56
CA THR A 241 20.94 50.81 -9.55
C THR A 241 19.67 51.45 -10.08
N PHE A 242 18.81 51.99 -9.21
CA PHE A 242 17.51 52.47 -9.66
C PHE A 242 16.97 53.54 -8.70
N MET A 243 15.83 54.10 -9.09
CA MET A 243 15.13 55.14 -8.33
C MET A 243 13.64 55.03 -8.66
N TYR A 244 12.88 54.41 -7.77
CA TYR A 244 11.44 54.23 -7.97
C TYR A 244 10.63 55.14 -7.07
N THR A 245 9.60 55.75 -7.63
CA THR A 245 8.65 56.59 -6.92
C THR A 245 7.27 55.94 -6.95
N TYR A 246 6.46 56.28 -5.95
CA TYR A 246 5.07 55.80 -5.90
C TYR A 246 4.17 56.93 -5.47
N ASN A 247 2.90 56.85 -5.89
CA ASN A 247 1.95 57.94 -5.81
C ASN A 247 0.81 57.54 -4.87
N ILE A 248 0.87 58.02 -3.63
CA ILE A 248 -0.05 57.60 -2.59
C ILE A 248 -0.65 58.84 -1.94
N THR A 249 -1.99 58.85 -1.82
CA THR A 249 -2.70 59.95 -1.19
C THR A 249 -2.55 59.90 0.33
N GLU A 250 -2.89 61.02 0.97
CA GLU A 250 -2.77 61.15 2.42
C GLU A 250 -4.15 61.28 3.04
N ASP A 251 -4.38 60.56 4.14
CA ASP A 251 -5.66 60.57 4.83
C ASP A 251 -5.40 60.29 6.30
N GLU A 252 -6.46 59.96 7.03
CA GLU A 252 -6.37 59.59 8.44
C GLU A 252 -7.18 58.32 8.69
N ILE A 253 -6.98 57.32 7.84
CA ILE A 253 -7.56 55.99 8.00
C ILE A 253 -6.41 55.00 8.10
N LEU A 254 -6.42 54.18 9.15
CA LEU A 254 -5.31 53.28 9.44
C LEU A 254 -5.20 52.19 8.39
N GLU A 255 -3.98 51.69 8.20
CA GLU A 255 -3.71 50.81 7.07
C GLU A 255 -2.63 49.80 7.44
N TRP A 256 -2.53 48.77 6.61
CA TRP A 256 -1.53 47.72 6.71
C TRP A 256 -0.48 47.89 5.62
N PHE A 257 0.67 47.26 5.83
CA PHE A 257 1.70 47.22 4.79
C PHE A 257 2.55 45.98 5.02
N GLY A 258 3.09 45.42 3.95
CA GLY A 258 4.00 44.29 4.06
C GLY A 258 5.13 44.39 3.06
N ILE A 259 6.28 43.84 3.45
CA ILE A 259 7.44 43.82 2.58
C ILE A 259 8.17 42.48 2.75
N THR A 260 8.54 41.86 1.63
CA THR A 260 9.25 40.59 1.65
C THR A 260 10.21 40.55 0.47
N GLN A 261 11.06 39.53 0.44
CA GLN A 261 11.95 39.31 -0.68
C GLN A 261 12.10 37.82 -0.92
N THR A 262 12.41 37.46 -2.16
CA THR A 262 12.53 36.06 -2.56
C THR A 262 13.36 36.00 -3.84
N ALA A 263 13.43 34.79 -4.43
CA ALA A 263 14.25 34.57 -5.60
C ALA A 263 13.78 35.38 -6.80
N GLN A 264 12.50 35.72 -6.85
CA GLN A 264 11.97 36.58 -7.90
C GLN A 264 11.88 38.03 -7.46
N GLY A 265 12.70 38.46 -6.51
CA GLY A 265 12.85 39.86 -6.19
C GLY A 265 12.17 40.24 -4.89
N VAL A 266 12.21 41.53 -4.60
CA VAL A 266 11.53 42.10 -3.44
C VAL A 266 10.09 42.41 -3.85
N HIS A 267 9.15 42.14 -2.96
CA HIS A 267 7.75 42.40 -3.22
C HIS A 267 7.13 43.16 -2.06
N LEU A 268 6.41 44.22 -2.40
CA LEU A 268 5.77 45.12 -1.45
C LEU A 268 4.26 45.07 -1.65
N PHE A 269 3.54 44.91 -0.54
CA PHE A 269 2.10 44.75 -0.52
C PHE A 269 1.49 45.92 0.25
N SER A 270 0.51 46.60 -0.36
CA SER A 270 -0.16 47.72 0.29
C SER A 270 -1.66 47.63 0.07
N SER A 271 -2.42 47.99 1.10
CA SER A 271 -3.88 48.02 1.03
C SER A 271 -4.43 49.36 0.58
N ARG A 272 -3.57 50.38 0.44
CA ARG A 272 -4.03 51.70 0.00
C ARG A 272 -4.53 51.66 -1.44
N TYR A 273 -4.00 50.75 -2.25
CA TYR A 273 -4.36 50.69 -3.66
C TYR A 273 -5.71 50.03 -3.89
N VAL A 274 -6.12 49.10 -3.04
CA VAL A 274 -7.31 48.32 -3.33
C VAL A 274 -8.38 48.48 -2.25
N ASP A 275 -8.09 48.06 -1.01
CA ASP A 275 -9.10 47.88 0.01
C ASP A 275 -8.93 48.91 1.11
N LEU A 276 -9.88 49.84 1.21
CA LEU A 276 -9.92 50.81 2.30
C LEU A 276 -10.91 50.40 3.38
N TYR A 277 -12.17 50.16 3.00
CA TYR A 277 -13.18 49.74 3.96
C TYR A 277 -12.93 48.33 4.50
N GLY A 278 -12.16 47.53 3.76
CA GLY A 278 -11.73 46.24 4.25
C GLY A 278 -10.29 46.30 4.73
N GLY A 279 -9.37 45.88 3.88
CA GLY A 279 -7.95 46.01 4.15
C GLY A 279 -7.21 44.69 4.25
N ASN A 280 -6.42 44.41 3.22
CA ASN A 280 -5.54 43.24 3.16
C ASN A 280 -4.30 43.65 2.37
N MET A 281 -3.17 42.98 2.64
CA MET A 281 -1.94 43.32 1.94
C MET A 281 -2.01 42.88 0.49
N PHE A 282 -2.27 43.83 -0.40
CA PHE A 282 -2.40 43.60 -1.82
C PHE A 282 -1.09 43.95 -2.52
N GLN A 283 -0.59 43.04 -3.35
CA GLN A 283 0.67 43.21 -4.06
C GLN A 283 0.63 44.42 -4.99
N PHE A 284 1.59 45.32 -4.83
CA PHE A 284 1.67 46.46 -5.73
C PHE A 284 3.07 46.68 -6.30
N ALA A 285 4.13 46.36 -5.55
CA ALA A 285 5.47 46.72 -5.98
C ALA A 285 6.37 45.49 -6.10
N THR A 286 7.18 45.47 -7.14
CA THR A 286 8.20 44.43 -7.33
C THR A 286 9.51 45.12 -7.66
N LEU A 287 10.53 44.82 -6.88
CA LEU A 287 11.85 45.43 -6.93
C LEU A 287 12.88 44.41 -7.37
N PRO A 288 13.75 44.75 -8.32
CA PRO A 288 14.74 43.78 -8.85
C PRO A 288 15.99 43.66 -7.98
N VAL A 289 15.89 42.82 -6.95
CA VAL A 289 17.03 42.57 -6.07
C VAL A 289 17.88 41.46 -6.68
N TYR A 290 19.17 41.44 -6.31
CA TYR A 290 20.11 40.47 -6.84
C TYR A 290 20.59 39.46 -5.80
N ASP A 291 20.13 39.54 -4.56
CA ASP A 291 20.57 38.62 -3.51
C ASP A 291 19.41 38.33 -2.58
N THR A 292 19.74 37.70 -1.44
CA THR A 292 18.79 37.42 -0.39
C THR A 292 19.15 38.24 0.84
N ILE A 293 18.16 38.91 1.40
CA ILE A 293 18.37 39.81 2.53
C ILE A 293 18.06 39.06 3.82
N LYS A 294 18.91 39.21 4.82
CA LYS A 294 18.80 38.43 6.05
C LYS A 294 18.57 39.31 7.28
N TYR A 295 18.76 40.63 7.18
CA TYR A 295 18.55 41.55 8.29
C TYR A 295 17.70 42.73 7.83
N TYR A 296 16.92 43.29 8.76
CA TYR A 296 16.13 44.49 8.48
C TYR A 296 16.21 45.42 9.69
N SER A 297 16.04 46.72 9.44
CA SER A 297 15.96 47.68 10.53
C SER A 297 15.19 48.91 10.09
N ILE A 298 14.75 49.69 11.09
CA ILE A 298 13.88 50.85 10.89
C ILE A 298 14.68 52.10 11.18
N ILE A 299 14.73 53.02 10.22
CA ILE A 299 15.35 54.32 10.43
C ILE A 299 14.42 55.15 11.30
N PRO A 300 14.89 55.68 12.43
CA PRO A 300 14.07 56.62 13.20
C PRO A 300 13.88 57.93 12.44
N HIS A 301 12.73 58.56 12.67
CA HIS A 301 12.42 59.82 12.01
C HIS A 301 12.05 60.87 13.04
N SER A 302 12.55 62.09 12.83
CA SER A 302 12.26 63.24 13.69
C SER A 302 11.68 64.36 12.84
N ILE A 303 11.13 65.36 13.53
CA ILE A 303 10.44 66.47 12.90
C ILE A 303 10.91 67.77 13.55
N ARG A 304 11.27 68.76 12.72
CA ARG A 304 11.52 70.13 13.20
C ARG A 304 10.18 70.78 13.54
N SER A 305 9.71 70.50 14.75
CA SER A 305 8.46 71.05 15.23
C SER A 305 8.69 72.36 15.96
N ILE A 306 7.60 73.05 16.27
CA ILE A 306 7.63 74.20 17.17
C ILE A 306 7.46 73.66 18.58
N GLN A 307 7.77 74.48 19.58
CA GLN A 307 7.67 74.00 20.96
C GLN A 307 6.21 73.98 21.45
N SER A 308 5.40 74.95 21.01
CA SER A 308 4.08 75.13 21.60
C SER A 308 3.09 74.05 21.16
N ASP A 309 3.09 73.71 19.87
CA ASP A 309 2.06 72.84 19.33
C ASP A 309 2.65 71.51 18.86
N ARG A 310 3.47 70.89 19.71
CA ARG A 310 4.04 69.58 19.42
C ARG A 310 2.95 68.54 19.24
N LYS A 311 2.80 68.04 18.01
CA LYS A 311 1.81 67.02 17.70
C LYS A 311 2.52 65.69 17.51
N ALA A 312 2.15 64.70 18.32
CA ALA A 312 2.85 63.43 18.34
C ALA A 312 2.41 62.56 17.16
N TRP A 313 2.94 61.34 17.12
CA TRP A 313 2.67 60.39 16.06
C TRP A 313 2.37 59.03 16.67
N ALA A 314 1.82 58.14 15.86
CA ALA A 314 1.42 56.83 16.35
C ALA A 314 2.64 55.93 16.56
N ALA A 315 2.45 54.94 17.44
CA ALA A 315 3.48 53.93 17.69
C ALA A 315 3.21 52.75 16.76
N PHE A 316 3.92 52.72 15.64
CA PHE A 316 3.73 51.67 14.66
C PHE A 316 4.31 50.34 15.12
N TYR A 317 3.75 49.25 14.60
CA TYR A 317 4.11 47.90 14.99
C TYR A 317 4.62 47.12 13.79
N VAL A 318 5.62 46.28 14.04
CA VAL A 318 6.29 45.47 13.03
C VAL A 318 6.22 44.01 13.46
N TYR A 319 5.82 43.14 12.56
CA TYR A 319 5.71 41.71 12.85
C TYR A 319 6.46 40.89 11.81
N LYS A 320 7.22 39.91 12.28
CA LYS A 320 8.07 39.06 11.45
C LYS A 320 7.24 37.94 10.82
N LEU A 321 7.76 37.41 9.71
CA LEU A 321 7.07 36.42 8.90
C LEU A 321 7.86 35.11 8.91
N GLN A 322 7.15 34.00 9.07
CA GLN A 322 7.75 32.67 9.16
C GLN A 322 6.88 31.67 8.41
N PRO A 323 7.46 30.57 7.90
CA PRO A 323 6.64 29.63 7.13
C PRO A 323 5.64 28.90 8.01
N LEU A 324 4.39 28.85 7.53
CA LEU A 324 3.26 28.42 8.34
C LEU A 324 2.10 28.15 7.37
N THR A 325 0.98 27.69 7.91
CA THR A 325 -0.26 27.54 7.15
C THR A 325 -1.37 28.28 7.89
N PHE A 326 -2.25 28.94 7.13
CA PHE A 326 -3.52 29.42 7.66
C PHE A 326 -4.70 28.67 7.04
N LEU A 327 -5.86 28.98 7.60
CA LEU A 327 -7.18 28.61 7.08
C LEU A 327 -7.91 29.89 6.75
N LEU A 328 -8.43 29.97 5.53
CA LEU A 328 -9.09 31.16 5.02
C LEU A 328 -10.54 30.83 4.67
N ASP A 329 -11.45 31.68 5.14
CA ASP A 329 -12.88 31.58 4.85
C ASP A 329 -13.25 32.76 3.95
N PHE A 330 -13.08 32.59 2.65
CA PHE A 330 -13.40 33.67 1.72
C PHE A 330 -14.90 33.74 1.51
N SER A 331 -15.45 34.93 1.64
CA SER A 331 -16.86 35.16 1.37
C SER A 331 -17.04 35.37 -0.13
N VAL A 332 -18.25 35.80 -0.53
CA VAL A 332 -18.54 35.97 -1.95
C VAL A 332 -17.81 37.16 -2.56
N ASP A 333 -17.39 38.13 -1.75
CA ASP A 333 -16.74 39.32 -2.29
C ASP A 333 -15.30 39.06 -2.69
N GLY A 334 -14.63 38.12 -2.04
CA GLY A 334 -13.23 37.87 -2.29
C GLY A 334 -12.27 38.57 -1.34
N TYR A 335 -12.77 39.32 -0.36
CA TYR A 335 -11.91 39.97 0.61
C TYR A 335 -11.66 39.06 1.80
N ILE A 336 -10.47 39.19 2.38
CA ILE A 336 -10.05 38.33 3.47
C ILE A 336 -10.67 38.88 4.75
N ARG A 337 -11.76 38.26 5.20
CA ARG A 337 -12.48 38.75 6.37
C ARG A 337 -12.58 37.74 7.52
N ARG A 338 -12.15 36.50 7.32
CA ARG A 338 -12.13 35.52 8.42
C ARG A 338 -11.08 34.46 8.10
N ALA A 339 -9.97 34.51 8.82
CA ALA A 339 -8.89 33.54 8.69
C ALA A 339 -8.37 33.19 10.09
N ILE A 340 -7.61 32.09 10.17
CA ILE A 340 -7.14 31.60 11.45
C ILE A 340 -5.86 30.79 11.24
N ASP A 341 -5.05 30.69 12.29
CA ASP A 341 -3.76 30.02 12.25
C ASP A 341 -3.94 28.51 12.43
N CYS A 342 -2.86 27.77 12.16
CA CYS A 342 -2.77 26.36 12.48
C CYS A 342 -1.76 26.07 13.59
N GLY A 343 -1.02 27.09 14.06
CA GLY A 343 0.04 26.83 15.01
C GLY A 343 0.26 27.86 16.09
N PHE A 344 -0.62 28.86 16.19
CA PHE A 344 -0.46 29.87 17.24
C PHE A 344 -0.69 29.27 18.63
N ASN A 345 -1.77 28.52 18.79
CA ASN A 345 -2.09 27.86 20.05
C ASN A 345 -2.84 26.59 19.71
N ASP A 346 -3.39 25.93 20.73
CA ASP A 346 -4.11 24.67 20.52
C ASP A 346 -5.34 24.86 19.64
N LEU A 347 -6.11 25.93 19.89
CA LEU A 347 -7.31 26.21 19.11
C LEU A 347 -7.02 26.39 17.63
N SER A 348 -5.79 26.79 17.28
CA SER A 348 -5.40 26.87 15.88
C SER A 348 -5.47 25.50 15.20
N GLN A 349 -4.87 24.49 15.82
CA GLN A 349 -5.01 23.14 15.26
C GLN A 349 -6.43 22.64 15.37
N LEU A 350 -7.17 23.01 16.42
CA LEU A 350 -8.54 22.54 16.57
C LEU A 350 -9.41 23.04 15.43
N HIS A 351 -9.24 24.29 15.03
CA HIS A 351 -10.00 24.83 13.90
C HIS A 351 -9.48 24.29 12.57
N CYS A 352 -8.16 24.18 12.42
CA CYS A 352 -7.61 23.75 11.14
C CYS A 352 -7.77 22.25 10.89
N SER A 353 -8.11 21.47 11.92
CA SER A 353 -8.38 20.05 11.72
C SER A 353 -9.63 19.86 10.88
N TYR A 354 -10.68 20.61 11.18
CA TYR A 354 -11.94 20.53 10.45
C TYR A 354 -11.98 21.49 9.27
N GLU A 355 -10.97 22.36 9.13
CA GLU A 355 -10.85 23.36 8.06
C GLU A 355 -12.07 24.28 8.01
N SER A 356 -12.57 24.67 9.18
CA SER A 356 -13.60 25.70 9.28
C SER A 356 -13.50 26.36 10.65
N PHE A 357 -14.02 27.58 10.73
CA PHE A 357 -14.20 28.22 12.02
C PHE A 357 -15.20 27.48 12.89
N ASP A 358 -16.22 26.89 12.26
CA ASP A 358 -17.32 26.27 12.97
C ASP A 358 -16.94 24.82 13.28
N VAL A 359 -16.60 24.55 14.54
CA VAL A 359 -16.31 23.20 15.00
C VAL A 359 -17.25 22.87 16.16
N GLU A 360 -17.49 21.58 16.36
CA GLU A 360 -18.38 21.13 17.42
C GLU A 360 -17.64 21.12 18.76
N SER A 361 -18.36 21.48 19.82
CA SER A 361 -17.80 21.43 21.16
C SER A 361 -17.65 19.99 21.63
N GLY A 362 -16.74 19.79 22.57
CA GLY A 362 -16.53 18.45 23.11
C GLY A 362 -15.15 18.32 23.73
N VAL A 363 -14.71 17.07 23.85
CA VAL A 363 -13.40 16.70 24.37
C VAL A 363 -12.63 16.07 23.23
N TYR A 364 -11.40 16.54 23.02
CA TYR A 364 -10.75 16.30 21.73
C TYR A 364 -9.25 16.19 21.96
N SER A 365 -8.55 15.66 20.97
CA SER A 365 -7.13 15.39 21.09
C SER A 365 -6.30 16.54 20.51
N VAL A 366 -5.06 16.63 20.98
CA VAL A 366 -4.16 17.71 20.57
C VAL A 366 -2.74 17.21 20.78
N SER A 367 -1.79 17.87 20.10
CA SER A 367 -0.38 17.51 20.23
C SER A 367 0.11 17.79 21.65
N SER A 368 1.03 16.96 22.12
CA SER A 368 1.52 17.02 23.48
C SER A 368 2.97 17.52 23.52
N PHE A 369 3.58 17.49 24.70
CA PHE A 369 4.88 18.05 24.94
C PHE A 369 5.91 16.95 25.18
N GLU A 370 7.12 17.36 25.56
CA GLU A 370 8.15 16.42 25.97
C GLU A 370 9.12 17.09 26.92
N ALA A 371 9.44 16.41 28.02
CA ALA A 371 10.44 16.90 28.96
C ALA A 371 11.84 16.78 28.37
N LYS A 372 12.66 17.78 28.65
CA LYS A 372 14.03 17.85 28.14
C LYS A 372 14.94 16.89 28.90
N PRO A 373 15.99 16.38 28.25
CA PRO A 373 16.92 15.47 28.94
C PRO A 373 17.75 16.19 30.00
N SER A 374 18.17 15.42 31.00
CA SER A 374 19.03 15.91 32.07
C SER A 374 20.45 15.35 31.97
N GLY A 375 20.79 14.68 30.89
CA GLY A 375 22.13 14.15 30.75
C GLY A 375 22.17 13.04 29.71
N SER A 376 23.14 12.13 29.90
CA SER A 376 23.38 11.04 28.97
C SER A 376 24.26 10.00 29.65
N VAL A 377 24.40 8.85 29.00
CA VAL A 377 25.43 7.86 29.31
C VAL A 377 26.13 7.49 28.00
N VAL A 378 27.46 7.57 28.00
CA VAL A 378 28.29 7.09 26.89
C VAL A 378 29.35 6.19 27.52
N GLU A 379 29.04 4.91 27.68
CA GLU A 379 30.00 3.94 28.23
C GLU A 379 29.54 2.54 27.89
N GLN A 380 30.26 1.88 27.01
CA GLN A 380 30.15 0.44 26.90
C GLN A 380 31.51 -0.24 26.92
N ALA A 381 32.50 0.35 26.26
CA ALA A 381 33.85 -0.19 26.18
C ALA A 381 34.87 0.92 26.36
N GLU A 382 34.62 1.81 27.31
CA GLU A 382 35.62 2.81 27.67
C GLU A 382 36.80 2.10 28.32
N GLY A 383 37.95 2.15 27.66
CA GLY A 383 39.06 1.30 28.04
C GLY A 383 39.68 1.68 29.36
N VAL A 384 40.60 0.81 29.80
CA VAL A 384 41.35 1.06 31.02
C VAL A 384 42.26 2.27 30.82
N GLU A 385 42.55 2.97 31.91
CA GLU A 385 43.27 4.23 31.85
C GLU A 385 44.70 4.05 31.37
N CYS A 386 45.24 5.11 30.78
CA CYS A 386 46.65 5.15 30.37
C CYS A 386 47.47 5.10 31.65
N ASP A 387 48.04 3.94 31.96
CA ASP A 387 48.67 3.73 33.25
C ASP A 387 50.02 4.43 33.32
N PHE A 388 50.34 4.95 34.50
CA PHE A 388 51.53 5.76 34.73
C PHE A 388 52.61 5.05 35.55
N SER A 389 52.43 3.77 35.88
CA SER A 389 53.37 3.09 36.77
C SER A 389 54.79 2.92 36.19
N PRO A 390 55.02 2.53 34.93
CA PRO A 390 56.40 2.56 34.41
C PRO A 390 57.01 3.96 34.40
N LEU A 391 56.19 4.99 34.23
CA LEU A 391 56.67 6.35 34.40
C LEU A 391 56.91 6.67 35.87
N LEU A 392 56.16 6.04 36.78
CA LEU A 392 56.29 6.30 38.21
C LEU A 392 57.31 5.42 38.90
N SER A 393 57.75 4.33 38.26
CA SER A 393 58.69 3.39 38.86
C SER A 393 59.88 3.18 37.95
N GLY A 394 61.06 3.13 38.55
CA GLY A 394 62.29 2.97 37.80
C GLY A 394 63.05 4.26 37.67
N THR A 395 64.37 4.15 37.52
CA THR A 395 65.22 5.33 37.39
C THR A 395 64.96 6.01 36.05
N PRO A 396 64.65 7.30 36.03
CA PRO A 396 64.43 8.00 34.77
C PRO A 396 65.72 8.09 33.96
N PRO A 397 65.70 7.66 32.71
CA PRO A 397 66.93 7.63 31.90
C PRO A 397 67.34 9.00 31.41
N GLN A 398 68.36 9.07 30.56
CA GLN A 398 68.85 10.34 30.07
C GLN A 398 68.11 10.73 28.79
N VAL A 399 68.49 11.90 28.25
CA VAL A 399 67.72 12.53 27.18
C VAL A 399 67.81 11.74 25.87
N TYR A 400 68.96 11.13 25.59
CA TYR A 400 69.09 10.32 24.38
C TYR A 400 68.42 8.96 24.52
N ASN A 401 68.20 8.49 25.75
CA ASN A 401 67.66 7.15 25.97
C ASN A 401 66.27 7.21 26.59
N PHE A 402 65.41 8.08 26.07
CA PHE A 402 64.08 8.28 26.64
C PHE A 402 63.24 7.02 26.58
N LYS A 403 62.45 6.78 27.63
CA LYS A 403 61.58 5.61 27.69
C LYS A 403 60.20 5.98 27.15
N ARG A 404 59.78 5.29 26.09
CA ARG A 404 58.57 5.62 25.35
C ARG A 404 57.40 4.76 25.82
N LEU A 405 56.25 5.40 26.04
CA LEU A 405 54.99 4.71 26.25
C LEU A 405 54.00 5.23 25.23
N VAL A 406 53.45 4.34 24.44
CA VAL A 406 52.42 4.69 23.47
C VAL A 406 51.06 4.57 24.16
N PHE A 407 50.17 5.51 23.84
CA PHE A 407 48.84 5.56 24.43
C PHE A 407 47.82 5.60 23.30
N THR A 408 47.01 4.56 23.20
CA THR A 408 45.97 4.45 22.18
C THR A 408 44.75 3.84 22.83
N ASN A 409 43.62 4.54 22.73
CA ASN A 409 42.33 4.10 23.26
C ASN A 409 42.36 3.86 24.77
N CYS A 410 43.24 4.55 25.49
CA CYS A 410 43.23 4.55 26.94
C CYS A 410 42.89 5.95 27.44
N ASN A 411 42.82 6.08 28.76
CA ASN A 411 42.34 7.29 29.41
C ASN A 411 43.45 7.94 30.19
N TYR A 412 43.64 9.24 29.98
CA TYR A 412 44.64 10.01 30.69
C TYR A 412 44.00 11.33 31.13
N ASN A 413 44.65 12.00 32.08
CA ASN A 413 44.22 13.32 32.50
C ASN A 413 45.40 14.04 33.11
N LEU A 414 45.37 15.37 33.02
CA LEU A 414 46.38 16.20 33.67
C LEU A 414 46.03 16.53 35.11
N THR A 415 44.83 16.15 35.56
CA THR A 415 44.46 16.37 36.96
C THR A 415 45.27 15.47 37.89
N LYS A 416 45.67 14.30 37.42
CA LYS A 416 46.61 13.44 38.13
C LYS A 416 48.02 13.51 37.56
N LEU A 417 48.25 14.37 36.58
CA LEU A 417 49.55 14.51 35.93
C LEU A 417 50.18 15.86 36.21
N LEU A 418 49.48 16.96 35.90
CA LEU A 418 50.01 18.29 36.21
C LEU A 418 50.10 18.54 37.71
N SER A 419 49.16 18.00 38.48
CA SER A 419 49.20 18.15 39.93
C SER A 419 50.40 17.43 40.53
N LEU A 420 50.73 16.25 40.00
CA LEU A 420 51.88 15.50 40.49
C LEU A 420 53.20 15.98 39.90
N PHE A 421 53.18 16.93 38.96
CA PHE A 421 54.39 17.44 38.34
C PHE A 421 54.63 18.85 38.86
N SER A 422 55.70 19.02 39.65
CA SER A 422 56.16 20.35 40.05
C SER A 422 56.94 20.93 38.88
N VAL A 423 56.19 21.52 37.95
CA VAL A 423 56.71 21.82 36.61
C VAL A 423 57.69 22.99 36.68
N ASN A 424 58.95 22.72 36.31
CA ASN A 424 59.94 23.78 36.21
C ASN A 424 59.75 24.59 34.93
N ASP A 425 59.41 23.93 33.83
CA ASP A 425 59.26 24.61 32.55
C ASP A 425 58.29 23.83 31.68
N PHE A 426 57.59 24.54 30.80
CA PHE A 426 56.56 23.97 29.95
C PHE A 426 56.70 24.58 28.55
N THR A 427 57.47 23.93 27.68
CA THR A 427 57.66 24.40 26.32
C THR A 427 56.79 23.57 25.38
N CYS A 428 56.18 24.23 24.40
CA CYS A 428 55.32 23.52 23.46
C CYS A 428 55.45 24.15 22.08
N SER A 429 55.46 23.29 21.07
CA SER A 429 55.52 23.69 19.68
C SER A 429 54.25 23.27 18.96
N GLN A 430 53.64 24.20 18.23
CA GLN A 430 52.50 24.00 17.34
C GLN A 430 51.22 23.57 18.07
N ILE A 431 51.06 23.96 19.34
CA ILE A 431 49.84 23.68 20.08
C ILE A 431 49.74 24.69 21.20
N SER A 432 48.52 24.89 21.70
CA SER A 432 48.32 25.71 22.89
C SER A 432 48.61 24.89 24.15
N PRO A 433 49.04 25.54 25.23
CA PRO A 433 49.27 24.81 26.49
C PRO A 433 48.02 24.15 27.04
N ALA A 434 46.84 24.72 26.81
CA ALA A 434 45.61 24.15 27.32
C ALA A 434 45.10 22.98 26.49
N ALA A 435 45.70 22.71 25.34
CA ALA A 435 45.26 21.62 24.48
C ALA A 435 46.00 20.31 24.76
N ILE A 436 46.89 20.28 25.74
CA ILE A 436 47.52 19.02 26.14
C ILE A 436 46.56 18.08 26.85
N ALA A 437 45.43 18.59 27.33
CA ALA A 437 44.41 17.78 27.97
C ALA A 437 43.01 18.10 27.47
N SER A 438 42.87 18.78 26.32
CA SER A 438 41.58 19.10 25.75
C SER A 438 41.32 18.38 24.44
N ASN A 439 42.25 18.50 23.48
CA ASN A 439 42.10 17.79 22.22
C ASN A 439 42.35 16.30 22.41
N CYS A 440 41.50 15.49 21.78
CA CYS A 440 41.68 14.04 21.80
C CYS A 440 42.47 13.61 20.58
N TYR A 441 43.49 12.78 20.81
CA TYR A 441 44.44 12.40 19.79
C TYR A 441 44.25 10.94 19.41
N SER A 442 44.58 10.61 18.16
CA SER A 442 44.51 9.23 17.72
C SER A 442 45.56 8.38 18.43
N SER A 443 46.78 8.90 18.58
CA SER A 443 47.78 8.23 19.39
C SER A 443 48.60 9.27 20.13
N LEU A 444 49.07 8.90 21.31
CA LEU A 444 49.77 9.80 22.23
C LEU A 444 51.05 9.09 22.68
N ILE A 445 52.19 9.44 22.10
CA ILE A 445 53.46 8.85 22.51
C ILE A 445 54.14 9.80 23.50
N LEU A 446 54.37 9.29 24.71
CA LEU A 446 54.96 10.06 25.80
C LEU A 446 56.25 9.36 26.23
N ASP A 447 57.36 10.07 26.15
CA ASP A 447 58.64 9.54 26.57
C ASP A 447 59.17 10.29 27.80
N TYR A 448 59.54 9.54 28.82
CA TYR A 448 60.05 10.11 30.06
C TYR A 448 61.53 9.81 30.22
N PHE A 449 62.23 10.76 30.82
CA PHE A 449 63.68 10.71 30.97
C PHE A 449 64.09 11.77 32.00
N SER A 450 65.38 11.94 32.21
CA SER A 450 65.90 12.93 33.15
C SER A 450 66.40 14.15 32.39
N TYR A 451 66.01 15.34 32.86
CA TYR A 451 66.40 16.59 32.22
C TYR A 451 66.59 17.64 33.32
N PRO A 452 67.83 17.93 33.71
CA PRO A 452 68.07 18.98 34.71
C PRO A 452 68.05 20.38 34.12
N LEU A 453 68.35 21.36 34.95
CA LEU A 453 68.31 22.77 34.58
C LEU A 453 69.50 23.19 33.71
N SER A 454 70.56 22.38 33.67
CA SER A 454 71.82 22.83 33.07
C SER A 454 71.71 22.97 31.55
N MET A 455 71.00 22.05 30.87
CA MET A 455 70.80 22.15 29.43
C MET A 455 69.36 22.54 29.08
N LYS A 456 68.71 23.28 29.98
CA LYS A 456 67.33 23.73 29.74
C LYS A 456 67.24 24.65 28.53
N SER A 457 68.27 25.47 28.31
CA SER A 457 68.30 26.35 27.14
C SER A 457 68.38 25.57 25.83
N ASP A 458 68.72 24.28 25.89
CA ASP A 458 68.70 23.41 24.73
C ASP A 458 67.36 22.69 24.56
N LEU A 459 66.30 23.17 25.20
CA LEU A 459 64.98 22.58 25.00
C LEU A 459 64.46 22.81 23.60
N SER A 460 64.82 23.94 22.98
CA SER A 460 64.35 24.24 21.63
C SER A 460 65.01 23.30 20.62
N VAL A 461 64.18 22.79 19.70
CA VAL A 461 64.68 21.89 18.67
C VAL A 461 65.60 22.62 17.69
N SER A 462 65.29 23.88 17.40
CA SER A 462 66.05 24.67 16.45
C SER A 462 67.46 25.01 16.93
N SER A 463 67.76 24.81 18.21
CA SER A 463 69.11 25.06 18.71
C SER A 463 70.09 24.04 18.15
N ALA A 464 71.35 24.46 18.00
CA ALA A 464 72.40 23.63 17.43
C ALA A 464 73.13 22.82 18.49
N GLY A 465 72.67 22.85 19.74
CA GLY A 465 73.30 22.12 20.81
C GLY A 465 73.09 20.63 20.71
N PRO A 466 73.82 19.86 21.52
CA PRO A 466 73.75 18.39 21.42
C PRO A 466 72.39 17.79 21.74
N ILE A 467 71.61 18.43 22.62
CA ILE A 467 70.34 17.85 23.07
C ILE A 467 69.34 17.76 21.93
N SER A 468 69.23 18.82 21.14
CA SER A 468 68.28 18.87 20.05
C SER A 468 68.84 18.31 18.74
N GLN A 469 70.11 17.89 18.73
CA GLN A 469 70.77 17.42 17.53
C GLN A 469 71.02 15.92 17.55
N PHE A 470 71.52 15.38 18.67
CA PHE A 470 71.95 14.00 18.75
C PHE A 470 71.14 13.15 19.72
N ASN A 471 70.38 13.76 20.63
CA ASN A 471 69.72 13.04 21.70
C ASN A 471 68.25 12.78 21.41
N TYR A 472 67.47 13.83 21.18
CA TYR A 472 66.04 13.70 20.95
C TYR A 472 65.57 14.85 20.07
N LYS A 473 64.67 14.55 19.14
CA LYS A 473 64.10 15.54 18.23
C LYS A 473 62.58 15.45 18.25
N GLN A 474 61.93 16.61 18.23
CA GLN A 474 60.48 16.66 18.16
C GLN A 474 60.02 16.44 16.72
N SER A 475 58.71 16.41 16.53
CA SER A 475 58.11 16.27 15.21
C SER A 475 57.62 17.64 14.74
N PHE A 476 57.91 17.97 13.48
CA PHE A 476 57.54 19.27 12.93
C PHE A 476 56.16 19.27 12.29
N SER A 477 55.67 18.12 11.85
CA SER A 477 54.35 18.04 11.24
C SER A 477 53.22 17.85 12.25
N ASN A 478 53.54 17.56 13.51
CA ASN A 478 52.57 17.37 14.56
C ASN A 478 52.92 18.22 15.77
N PRO A 479 51.93 18.59 16.58
CA PRO A 479 52.22 19.32 17.83
C PRO A 479 53.09 18.50 18.78
N THR A 480 53.98 19.19 19.49
CA THR A 480 54.90 18.55 20.42
C THR A 480 55.00 19.37 21.70
N CYS A 481 55.35 18.71 22.80
CA CYS A 481 55.50 19.42 24.06
C CYS A 481 56.61 18.77 24.90
N LEU A 482 57.38 19.61 25.59
CA LEU A 482 58.37 19.19 26.57
C LEU A 482 58.05 19.81 27.92
N ILE A 483 58.02 18.98 28.97
CA ILE A 483 57.70 19.41 30.33
C ILE A 483 58.89 19.03 31.22
N LEU A 484 59.47 20.03 31.87
CA LEU A 484 60.49 19.81 32.87
C LEU A 484 59.85 20.01 34.24
N ALA A 485 59.87 18.96 35.06
CA ALA A 485 59.20 18.99 36.36
C ALA A 485 60.17 18.63 37.46
N THR A 486 59.84 19.07 38.68
CA THR A 486 60.62 18.73 39.86
C THR A 486 59.99 17.53 40.55
N VAL A 487 60.81 16.52 40.82
CA VAL A 487 60.36 15.34 41.55
C VAL A 487 60.01 15.76 42.97
N PRO A 488 58.79 15.49 43.44
CA PRO A 488 58.40 15.92 44.78
C PRO A 488 59.15 15.15 45.86
N HIS A 489 59.32 15.81 47.01
CA HIS A 489 59.97 15.17 48.16
C HIS A 489 59.08 14.09 48.77
N ASN A 490 57.76 14.28 48.73
CA ASN A 490 56.81 13.32 49.28
C ASN A 490 56.43 12.26 48.25
N LEU A 491 57.43 11.63 47.65
CA LEU A 491 57.20 10.61 46.63
C LEU A 491 58.47 9.78 46.53
N THR A 492 58.35 8.48 46.83
CA THR A 492 59.51 7.58 46.81
C THR A 492 59.26 6.36 45.94
N THR A 493 58.21 6.38 45.10
CA THR A 493 58.01 5.29 44.15
C THR A 493 58.98 5.37 42.98
N ILE A 494 59.65 6.50 42.79
CA ILE A 494 60.65 6.67 41.75
C ILE A 494 62.00 6.89 42.42
N THR A 495 63.06 6.62 41.66
CA THR A 495 64.43 6.79 42.14
C THR A 495 65.13 7.88 41.34
N LYS A 496 66.42 8.06 41.62
CA LYS A 496 67.22 9.07 40.96
C LYS A 496 68.43 8.45 40.29
N PRO A 497 68.85 8.97 39.14
CA PRO A 497 70.09 8.49 38.51
C PRO A 497 71.31 8.94 39.31
N LEU A 498 72.42 8.23 39.08
CA LEU A 498 73.68 8.62 39.72
C LEU A 498 74.15 9.98 39.23
N LYS A 499 74.05 10.22 37.92
CA LYS A 499 74.33 11.52 37.34
C LYS A 499 73.66 11.61 35.98
N TYR A 500 73.45 12.85 35.52
CA TYR A 500 72.89 13.05 34.19
C TYR A 500 73.97 12.92 33.13
N SER A 501 73.55 12.65 31.91
CA SER A 501 74.50 12.52 30.81
C SER A 501 73.80 12.76 29.48
N TYR A 502 74.60 13.07 28.47
CA TYR A 502 74.11 13.17 27.09
C TYR A 502 75.29 12.94 26.16
N ILE A 503 75.02 13.02 24.86
CA ILE A 503 76.01 12.75 23.82
C ILE A 503 76.21 14.03 23.00
N ASN A 504 77.46 14.45 22.85
CA ASN A 504 77.77 15.69 22.16
C ASN A 504 78.38 15.51 20.78
N LYS A 505 79.02 14.38 20.51
CA LYS A 505 79.62 14.11 19.21
C LYS A 505 79.11 12.76 18.72
N CYS A 506 78.65 12.72 17.47
CA CYS A 506 78.07 11.50 16.90
C CYS A 506 78.22 11.56 15.39
N SER A 507 79.08 10.70 14.86
CA SER A 507 79.30 10.62 13.41
C SER A 507 79.83 9.23 13.08
N ARG A 508 79.71 8.87 11.80
CA ARG A 508 80.13 7.56 11.30
C ARG A 508 81.42 7.72 10.51
N LEU A 509 82.42 6.92 10.86
CA LEU A 509 83.67 6.86 10.11
C LEU A 509 83.53 5.79 9.03
N LEU A 510 83.86 6.15 7.79
CA LEU A 510 83.71 5.22 6.68
C LEU A 510 84.90 4.26 6.62
N SER A 511 84.87 3.36 5.62
CA SER A 511 85.90 2.35 5.51
C SER A 511 87.24 2.93 5.10
N ASP A 512 87.24 4.01 4.31
CA ASP A 512 88.48 4.63 3.88
C ASP A 512 89.13 5.48 4.96
N ASP A 513 88.42 5.78 6.05
CA ASP A 513 88.90 6.56 7.19
C ASP A 513 89.37 7.95 6.74
N ARG A 514 88.64 8.54 5.79
CA ARG A 514 88.97 9.88 5.29
C ARG A 514 87.74 10.77 5.32
N THR A 515 86.56 10.18 5.16
CA THR A 515 85.30 10.91 5.12
C THR A 515 84.45 10.52 6.32
N GLU A 516 83.92 11.52 7.02
CA GLU A 516 83.08 11.31 8.20
C GLU A 516 81.66 11.75 7.88
N VAL A 517 80.71 10.84 8.06
CA VAL A 517 79.30 11.11 7.76
C VAL A 517 78.65 11.63 9.04
N PRO A 518 78.11 12.86 9.05
CA PRO A 518 77.38 13.33 10.21
C PRO A 518 76.07 12.59 10.40
N GLN A 519 75.63 12.52 11.65
CA GLN A 519 74.39 11.83 12.01
C GLN A 519 73.37 12.84 12.52
N LEU A 520 72.10 12.58 12.20
CA LEU A 520 71.00 13.42 12.64
C LEU A 520 69.92 12.53 13.25
N VAL A 521 69.48 12.87 14.46
CA VAL A 521 68.40 12.13 15.11
C VAL A 521 67.07 12.56 14.48
N ASN A 522 66.10 11.65 14.49
CA ASN A 522 64.82 11.87 13.84
C ASN A 522 63.72 12.01 14.89
N ALA A 523 62.50 12.18 14.40
CA ALA A 523 61.32 12.27 15.26
C ALA A 523 60.76 10.88 15.49
N ASN A 524 60.53 10.55 16.77
CA ASN A 524 60.04 9.24 17.20
C ASN A 524 60.95 8.11 16.72
N GLN A 525 62.26 8.36 16.75
CA GLN A 525 63.23 7.37 16.31
C GLN A 525 64.37 7.25 17.32
N TYR A 526 65.42 6.50 16.96
CA TYR A 526 66.57 6.32 17.82
C TYR A 526 67.84 6.38 17.00
N SER A 527 68.83 7.13 17.49
CA SER A 527 70.10 7.27 16.81
C SER A 527 70.95 6.01 17.01
N PRO A 528 71.88 5.74 16.09
CA PRO A 528 72.89 4.70 16.37
C PRO A 528 73.73 5.00 17.60
N CYS A 529 74.10 6.27 17.81
CA CYS A 529 74.82 6.65 19.03
C CYS A 529 73.95 6.49 20.26
N VAL A 530 72.64 6.60 20.11
CA VAL A 530 71.73 6.25 21.20
C VAL A 530 71.84 4.77 21.54
N SER A 531 71.86 3.92 20.51
CA SER A 531 71.89 2.48 20.71
C SER A 531 73.23 1.96 21.20
N ILE A 532 74.33 2.66 20.95
CA ILE A 532 75.65 2.20 21.39
C ILE A 532 76.07 2.79 22.73
N VAL A 533 75.32 3.71 23.30
CA VAL A 533 75.65 4.35 24.56
C VAL A 533 74.58 3.98 25.59
N PRO A 534 74.95 3.46 26.76
CA PRO A 534 73.93 3.11 27.77
C PRO A 534 73.30 4.33 28.43
N SER A 535 72.42 4.07 29.40
CA SER A 535 71.64 5.15 30.01
C SER A 535 72.53 6.12 30.79
N THR A 536 73.49 5.61 31.55
CA THR A 536 74.34 6.44 32.40
C THR A 536 75.78 6.36 31.89
N VAL A 537 76.28 7.47 31.35
CA VAL A 537 77.68 7.57 30.98
C VAL A 537 78.51 7.72 32.24
N TRP A 538 79.65 7.00 32.29
CA TRP A 538 80.44 6.93 33.52
C TRP A 538 81.06 8.28 33.88
N GLU A 539 81.58 9.00 32.91
CA GLU A 539 82.21 10.29 33.18
C GLU A 539 82.13 11.18 31.95
N ASP A 540 82.50 12.43 32.12
CA ASP A 540 82.50 13.39 31.03
C ASP A 540 83.57 13.04 30.00
N GLY A 541 83.22 13.20 28.72
CA GLY A 541 84.16 12.95 27.65
C GLY A 541 84.46 11.50 27.36
N ASP A 542 83.55 10.60 27.70
CA ASP A 542 83.77 9.18 27.40
C ASP A 542 83.63 8.93 25.90
N TYR A 543 84.59 8.22 25.34
CA TYR A 543 84.64 7.92 23.91
C TYR A 543 84.19 6.48 23.69
N TYR A 544 83.14 6.31 22.90
CA TYR A 544 82.60 5.00 22.55
C TYR A 544 82.92 4.70 21.10
N ARG A 545 83.46 3.52 20.84
CA ARG A 545 83.81 3.10 19.49
C ARG A 545 83.19 1.74 19.21
N LYS A 546 82.75 1.54 17.97
CA LYS A 546 82.16 0.27 17.57
C LYS A 546 82.47 0.03 16.09
N GLN A 547 82.35 -1.22 15.68
CA GLN A 547 82.65 -1.62 14.31
C GLN A 547 81.36 -1.67 13.50
N LEU A 548 81.37 -1.01 12.34
CA LEU A 548 80.22 -0.98 11.45
C LEU A 548 80.39 -2.03 10.36
N SER A 549 79.31 -2.76 10.08
CA SER A 549 79.34 -3.78 9.04
C SER A 549 79.46 -3.13 7.67
N PRO A 550 80.16 -3.78 6.73
CA PRO A 550 80.29 -3.22 5.37
C PRO A 550 78.99 -3.12 4.61
N LEU A 551 77.97 -3.90 4.99
CA LEU A 551 76.68 -3.82 4.32
C LEU A 551 75.93 -2.52 4.63
N GLU A 552 76.29 -1.85 5.73
CA GLU A 552 75.65 -0.61 6.13
C GLU A 552 76.66 0.54 6.18
N GLY A 553 77.52 0.62 5.17
CA GLY A 553 78.46 1.70 5.01
C GLY A 553 79.89 1.37 5.41
N GLY A 554 80.08 0.42 6.33
CA GLY A 554 81.41 0.02 6.73
C GLY A 554 82.07 1.01 7.67
N GLY A 555 83.34 0.73 7.96
CA GLY A 555 84.12 1.59 8.82
C GLY A 555 83.77 1.41 10.29
N TRP A 556 83.90 2.49 11.05
CA TRP A 556 83.68 2.48 12.49
C TRP A 556 82.69 3.58 12.86
N LEU A 557 82.04 3.38 14.01
CA LEU A 557 81.13 4.37 14.56
C LEU A 557 81.70 4.88 15.88
N VAL A 558 81.86 6.20 15.98
CA VAL A 558 82.44 6.83 17.17
C VAL A 558 81.40 7.74 17.79
N ALA A 559 81.54 7.97 19.10
CA ALA A 559 80.64 8.85 19.83
C ALA A 559 81.37 9.38 21.05
N SER A 560 80.98 10.58 21.47
CA SER A 560 81.53 11.21 22.66
C SER A 560 80.39 11.62 23.58
N GLY A 561 80.47 11.21 24.84
CA GLY A 561 79.43 11.48 25.81
C GLY A 561 79.94 12.30 26.97
N SER A 562 79.11 13.25 27.42
CA SER A 562 79.42 14.13 28.53
C SER A 562 78.43 13.89 29.66
N THR A 563 78.83 14.28 30.87
CA THR A 563 78.03 14.06 32.07
C THR A 563 77.85 15.36 32.83
N VAL A 564 76.69 15.48 33.48
CA VAL A 564 76.34 16.59 34.35
C VAL A 564 76.09 16.01 35.74
N ALA A 565 76.68 16.62 36.76
CA ALA A 565 76.60 16.11 38.12
C ALA A 565 75.18 16.17 38.65
N MET A 566 74.85 15.20 39.50
CA MET A 566 73.51 15.08 40.07
C MET A 566 73.26 16.18 41.09
N THR A 567 72.03 16.69 41.11
CA THR A 567 71.62 17.69 42.08
C THR A 567 70.96 17.01 43.28
N GLU A 568 70.53 17.83 44.24
CA GLU A 568 69.83 17.29 45.41
C GLU A 568 68.46 16.77 45.04
N GLN A 569 67.76 17.46 44.14
CA GLN A 569 66.44 17.06 43.67
C GLN A 569 66.49 16.74 42.19
N LEU A 570 65.96 15.57 41.83
CA LEU A 570 65.93 15.16 40.44
C LEU A 570 64.93 15.99 39.65
N GLN A 571 65.35 16.51 38.51
CA GLN A 571 64.48 17.22 37.58
C GLN A 571 64.23 16.31 36.38
N MET A 572 62.97 15.99 36.13
CA MET A 572 62.60 14.93 35.22
C MET A 572 61.81 15.50 34.05
N GLY A 573 62.13 15.03 32.85
CA GLY A 573 61.57 15.56 31.61
C GLY A 573 60.60 14.58 30.98
N PHE A 574 59.53 15.14 30.39
CA PHE A 574 58.46 14.39 29.77
C PHE A 574 58.19 14.98 28.39
N GLY A 575 58.14 14.13 27.37
CA GLY A 575 57.87 14.61 26.03
C GLY A 575 56.61 14.00 25.47
N ILE A 576 55.67 14.86 25.07
CA ILE A 576 54.37 14.44 24.55
C ILE A 576 54.36 14.74 23.07
N THR A 577 54.06 13.71 22.27
CA THR A 577 53.89 13.87 20.83
C THR A 577 52.58 13.20 20.43
N VAL A 578 51.85 13.86 19.54
CA VAL A 578 50.49 13.46 19.20
C VAL A 578 50.42 13.06 17.73
N GLN A 579 49.51 12.16 17.43
CA GLN A 579 49.16 11.82 16.06
C GLN A 579 47.66 11.78 15.95
N TYR A 580 47.13 12.30 14.84
CA TYR A 580 45.70 12.49 14.64
C TYR A 580 45.11 11.58 13.57
N GLY A 581 45.85 11.31 12.49
CA GLY A 581 45.35 10.50 11.40
C GLY A 581 45.73 9.04 11.44
N THR A 582 46.54 8.62 12.41
CA THR A 582 46.99 7.23 12.49
C THR A 582 45.90 6.29 13.01
N ASP A 583 44.91 6.80 13.73
CA ASP A 583 43.89 5.96 14.34
C ASP A 583 42.66 6.82 14.60
N THR A 584 41.75 6.33 15.44
CA THR A 584 40.60 7.10 15.88
C THR A 584 40.96 7.90 17.12
N ASN A 585 40.56 9.18 17.14
CA ASN A 585 40.86 10.07 18.27
C ASN A 585 39.94 9.73 19.43
N SER A 586 40.46 8.96 20.40
CA SER A 586 39.69 8.56 21.56
C SER A 586 40.42 8.77 22.88
N VAL A 587 41.72 9.05 22.84
CA VAL A 587 42.48 9.30 24.07
C VAL A 587 42.10 10.70 24.55
N CYS A 588 41.27 10.76 25.57
CA CYS A 588 40.57 11.97 25.99
C CYS A 588 40.84 12.21 27.46
N PRO A 589 40.60 13.44 27.96
CA PRO A 589 40.69 13.68 29.40
C PRO A 589 39.71 12.81 30.17
N LYS A 590 40.16 12.34 31.33
CA LYS A 590 39.36 11.36 32.07
C LYS A 590 38.12 12.03 32.65
N LEU A 591 37.00 11.32 32.55
CA LEU A 591 35.69 11.73 33.03
C LEU A 591 34.77 10.52 32.83
N GLU A 592 33.53 10.68 33.26
CA GLU A 592 32.46 9.75 32.94
C GLU A 592 31.61 10.23 31.77
N PHE A 593 32.22 10.98 30.85
CA PHE A 593 31.67 11.60 29.65
C PHE A 593 30.74 12.77 29.96
N ALA A 594 30.48 13.07 31.23
CA ALA A 594 29.77 14.26 31.66
C ALA A 594 30.11 14.50 33.12
N ASN A 595 29.46 15.52 33.70
CA ASN A 595 29.71 15.81 35.10
C ASN A 595 29.00 14.82 36.03
N ASP A 596 27.78 14.41 35.66
CA ASP A 596 27.00 13.47 36.47
C ASP A 596 26.41 12.41 35.53
N THR A 597 27.09 11.27 35.44
CA THR A 597 26.69 10.16 34.60
C THR A 597 26.50 8.87 35.38
N LYS A 598 27.12 8.76 36.55
CA LYS A 598 26.84 7.62 37.41
C LYS A 598 25.37 7.65 37.83
N ILE A 599 24.78 6.45 37.91
CA ILE A 599 23.34 6.30 37.97
C ILE A 599 22.77 6.82 39.29
N ALA A 600 23.59 6.86 40.35
CA ALA A 600 23.14 7.46 41.61
C ALA A 600 22.95 8.96 41.47
N SER A 601 23.61 9.59 40.51
CA SER A 601 23.46 11.02 40.25
C SER A 601 22.31 11.33 39.31
N GLN A 602 21.75 10.33 38.63
CA GLN A 602 20.76 10.56 37.58
C GLN A 602 19.68 9.47 37.58
N LEU A 603 19.28 9.03 38.77
CA LEU A 603 18.31 7.95 38.90
C LEU A 603 16.91 8.51 38.75
N GLY A 604 16.11 7.89 37.89
CA GLY A 604 14.76 8.34 37.63
C GLY A 604 14.68 9.69 36.97
N ASN A 605 15.54 9.95 35.98
CA ASN A 605 15.60 11.24 35.33
C ASN A 605 15.67 11.05 33.82
N CYS A 606 15.17 12.06 33.10
CA CYS A 606 15.16 12.01 31.64
C CYS A 606 16.56 12.29 31.10
N VAL A 607 17.07 11.38 30.26
CA VAL A 607 18.37 11.57 29.63
C VAL A 607 18.27 11.21 28.15
N GLU A 608 19.14 11.83 27.36
CA GLU A 608 19.27 11.55 25.93
C GLU A 608 20.68 11.01 25.73
N TYR A 609 20.81 9.68 25.72
CA TYR A 609 22.11 9.03 25.70
C TYR A 609 22.49 8.62 24.29
N SER A 610 23.80 8.52 24.06
CA SER A 610 24.39 7.92 22.85
C SER A 610 25.49 6.97 23.33
N LEU A 611 25.09 5.74 23.62
CA LEU A 611 25.93 4.71 24.20
C LEU A 611 26.73 4.02 23.10
N TYR A 612 27.91 4.57 22.82
CA TYR A 612 28.93 4.03 21.89
C TYR A 612 28.34 3.48 20.59
N GLY A 613 27.36 4.19 20.05
CA GLY A 613 26.72 3.75 18.83
C GLY A 613 25.22 3.71 18.90
N VAL A 614 24.64 3.33 20.03
CA VAL A 614 23.19 3.25 20.14
C VAL A 614 22.66 4.50 20.83
N SER A 615 21.86 5.27 20.11
CA SER A 615 21.32 6.52 20.64
C SER A 615 19.86 6.35 21.00
N GLY A 616 19.45 7.03 22.06
CA GLY A 616 18.07 6.94 22.49
C GLY A 616 17.83 7.77 23.73
N ARG A 617 16.63 7.63 24.26
CA ARG A 617 16.22 8.32 25.48
C ARG A 617 16.11 7.31 26.60
N GLY A 618 16.20 7.79 27.84
CA GLY A 618 16.26 6.87 28.96
C GLY A 618 15.82 7.49 30.27
N VAL A 619 15.33 6.62 31.15
CA VAL A 619 15.09 6.92 32.55
C VAL A 619 15.59 5.72 33.36
N PHE A 620 16.46 5.97 34.33
CA PHE A 620 17.11 4.88 35.05
C PHE A 620 16.34 4.44 36.28
N GLN A 621 16.41 3.14 36.56
CA GLN A 621 15.73 2.52 37.69
C GLN A 621 16.56 1.32 38.14
N ASN A 622 16.31 0.85 39.35
CA ASN A 622 17.03 -0.26 39.94
C ASN A 622 16.18 -1.53 39.85
N CYS A 623 16.79 -2.60 39.32
CA CYS A 623 16.07 -3.86 39.17
C CYS A 623 16.88 -5.03 39.71
N THR A 624 16.43 -6.25 39.42
CA THR A 624 17.13 -7.45 39.79
C THR A 624 18.30 -7.71 38.84
N ALA A 625 19.16 -8.65 39.23
CA ALA A 625 20.33 -9.01 38.44
C ALA A 625 19.88 -9.77 37.21
N VAL A 626 19.85 -9.10 36.06
CA VAL A 626 19.39 -9.66 34.80
C VAL A 626 20.47 -9.42 33.75
N GLY A 627 20.84 -10.47 33.02
CA GLY A 627 21.70 -10.34 31.86
C GLY A 627 23.00 -11.10 32.01
N VAL A 628 23.87 -10.87 31.04
CA VAL A 628 25.20 -11.46 31.00
C VAL A 628 26.22 -10.40 31.39
N ARG A 629 27.07 -10.72 32.36
CA ARG A 629 28.06 -9.76 32.83
C ARG A 629 29.11 -9.47 31.78
N GLN A 630 29.45 -10.47 30.96
CA GLN A 630 30.58 -10.34 30.06
C GLN A 630 30.24 -9.53 28.82
N GLN A 631 29.25 -9.98 28.04
CA GLN A 631 28.94 -9.28 26.80
C GLN A 631 28.16 -8.00 27.03
N ARG A 632 27.55 -7.85 28.22
CA ARG A 632 26.86 -6.66 28.73
C ARG A 632 25.98 -5.87 27.75
N PHE A 633 25.36 -6.56 26.79
CA PHE A 633 24.23 -6.05 26.02
C PHE A 633 22.98 -6.90 26.30
N VAL A 634 21.90 -6.21 26.66
CA VAL A 634 20.57 -6.82 26.76
C VAL A 634 19.56 -5.90 26.07
N TYR A 635 18.69 -6.49 25.26
CA TYR A 635 17.63 -5.74 24.60
C TYR A 635 16.34 -6.54 24.63
N ASP A 636 15.26 -5.90 24.22
CA ASP A 636 13.97 -6.56 24.08
C ASP A 636 13.91 -7.22 22.70
N ALA A 637 12.75 -7.78 22.36
CA ALA A 637 12.58 -8.45 21.06
C ALA A 637 12.64 -7.48 19.88
N TYR A 638 12.55 -6.17 20.13
CA TYR A 638 12.49 -5.18 19.06
C TYR A 638 13.67 -4.22 19.15
N GLN A 639 14.78 -4.71 19.72
CA GLN A 639 16.10 -4.07 19.66
C GLN A 639 16.10 -2.72 20.38
N ASN A 640 15.64 -2.72 21.63
CA ASN A 640 15.68 -1.55 22.49
C ASN A 640 16.26 -1.96 23.84
N LEU A 641 17.18 -1.14 24.34
CA LEU A 641 17.98 -1.50 25.52
C LEU A 641 17.10 -1.65 26.76
N VAL A 642 17.46 -2.62 27.60
CA VAL A 642 16.72 -2.94 28.81
C VAL A 642 17.49 -2.53 30.06
N GLY A 643 18.78 -2.87 30.13
CA GLY A 643 19.57 -2.56 31.30
C GLY A 643 21.06 -2.61 31.03
N TYR A 644 21.83 -2.22 32.04
CA TYR A 644 23.28 -2.19 31.93
C TYR A 644 23.90 -2.23 33.32
N TYR A 645 24.95 -3.03 33.46
CA TYR A 645 25.77 -3.02 34.65
C TYR A 645 26.73 -1.83 34.59
N SER A 646 26.79 -1.06 35.67
CA SER A 646 27.71 0.07 35.68
C SER A 646 29.15 -0.42 35.87
N ASP A 647 30.09 0.51 35.74
CA ASP A 647 31.50 0.16 35.80
C ASP A 647 31.94 -0.27 37.19
N ASP A 648 31.22 0.14 38.23
CA ASP A 648 31.47 -0.40 39.56
C ASP A 648 30.73 -1.70 39.82
N GLY A 649 29.97 -2.20 38.84
CA GLY A 649 29.29 -3.47 38.94
C GLY A 649 27.81 -3.39 39.18
N ASN A 650 27.29 -2.22 39.59
CA ASN A 650 25.87 -2.09 39.87
C ASN A 650 25.07 -2.11 38.57
N TYR A 651 23.97 -2.86 38.58
CA TYR A 651 23.13 -3.02 37.41
C TYR A 651 21.91 -2.10 37.53
N TYR A 652 21.49 -1.53 36.41
CA TYR A 652 20.36 -0.61 36.40
C TYR A 652 19.54 -0.82 35.13
N CYS A 653 18.29 -0.36 35.20
CA CYS A 653 17.32 -0.54 34.13
C CYS A 653 17.12 0.76 33.37
N LEU A 654 17.01 0.66 32.05
CA LEU A 654 16.67 1.79 31.19
C LEU A 654 15.57 1.35 30.24
N ARG A 655 14.51 2.16 30.13
CA ARG A 655 13.47 1.90 29.14
C ARG A 655 13.42 3.01 28.10
N ALA A 656 13.14 4.24 28.52
CA ALA A 656 13.09 5.45 27.69
C ALA A 656 12.78 6.63 28.60
N CYS A 657 12.82 7.82 28.02
CA CYS A 657 12.22 9.00 28.61
C CYS A 657 10.86 9.26 27.99
N VAL A 658 9.95 9.82 28.78
CA VAL A 658 8.55 9.92 28.38
C VAL A 658 7.94 11.12 29.11
N SER A 659 7.02 11.79 28.43
CA SER A 659 6.22 12.83 29.08
C SER A 659 4.74 12.52 28.95
N VAL A 660 3.90 13.47 29.31
CA VAL A 660 2.46 13.23 29.48
C VAL A 660 1.75 13.63 28.20
N PRO A 661 0.79 12.84 27.72
CA PRO A 661 -0.08 13.29 26.63
C PRO A 661 -0.97 14.45 27.08
N VAL A 662 -1.37 15.26 26.10
CA VAL A 662 -2.20 16.43 26.33
C VAL A 662 -3.49 16.27 25.54
N SER A 663 -4.63 16.43 26.23
CA SER A 663 -5.93 16.49 25.59
C SER A 663 -6.55 17.86 25.87
N VAL A 664 -7.53 18.24 25.04
CA VAL A 664 -8.04 19.60 25.05
C VAL A 664 -9.56 19.57 25.10
N ILE A 665 -10.14 20.64 25.64
CA ILE A 665 -11.56 20.93 25.53
C ILE A 665 -11.70 22.39 25.08
N TYR A 666 -12.51 22.60 24.05
CA TYR A 666 -12.86 23.95 23.61
C TYR A 666 -14.35 23.93 23.27
N ASP A 667 -15.10 24.88 23.82
CA ASP A 667 -16.54 24.92 23.64
C ASP A 667 -16.89 25.96 22.59
N LYS A 668 -17.60 25.53 21.56
CA LYS A 668 -18.15 26.47 20.59
C LYS A 668 -19.26 27.29 21.24
N GLU A 669 -19.43 28.51 20.74
CA GLU A 669 -20.41 29.55 21.11
C GLU A 669 -20.42 29.89 22.59
N THR A 670 -19.50 29.34 23.38
CA THR A 670 -19.14 29.79 24.73
C THR A 670 -17.62 29.63 24.74
N LYS A 671 -16.92 30.71 24.38
CA LYS A 671 -15.51 30.62 24.00
C LYS A 671 -14.67 30.34 25.25
N THR A 672 -14.59 29.06 25.58
CA THR A 672 -13.80 28.58 26.71
C THR A 672 -12.93 27.41 26.24
N HIS A 673 -11.76 27.29 26.86
CA HIS A 673 -10.79 26.27 26.48
C HIS A 673 -9.95 25.89 27.68
N ALA A 674 -9.56 24.62 27.73
CA ALA A 674 -8.80 24.08 28.84
C ALA A 674 -8.13 22.78 28.39
N THR A 675 -7.23 22.25 29.22
CA THR A 675 -6.50 21.04 28.87
C THR A 675 -6.55 20.03 30.00
N LEU A 676 -6.16 18.80 29.67
CA LEU A 676 -6.13 17.68 30.60
C LEU A 676 -4.90 16.84 30.32
N PHE A 677 -4.26 16.39 31.40
CA PHE A 677 -3.12 15.49 31.33
C PHE A 677 -3.55 14.22 32.07
N GLY A 678 -4.00 13.23 31.32
CA GLY A 678 -4.55 12.05 31.93
C GLY A 678 -3.51 11.06 32.40
N SER A 679 -3.99 10.03 33.09
CA SER A 679 -3.25 8.84 33.50
C SER A 679 -2.11 9.10 34.48
N VAL A 680 -1.94 10.33 34.95
CA VAL A 680 -0.88 10.68 35.90
C VAL A 680 -1.49 11.62 36.94
N ALA A 681 -1.09 11.46 38.20
CA ALA A 681 -1.48 12.38 39.26
C ALA A 681 -0.93 13.78 39.00
N CYS A 682 -1.45 14.76 39.73
CA CYS A 682 -1.03 16.15 39.56
C CYS A 682 0.40 16.34 40.08
N GLU A 683 1.38 16.04 39.24
CA GLU A 683 2.78 16.30 39.52
C GLU A 683 3.38 17.30 38.55
N HIS A 684 3.23 17.07 37.25
CA HIS A 684 3.87 17.91 36.27
C HIS A 684 3.06 19.16 36.00
N ILE A 685 3.78 20.26 35.74
CA ILE A 685 3.21 21.58 35.51
C ILE A 685 3.78 21.98 34.15
N SER A 686 3.55 23.20 33.69
CA SER A 686 3.92 23.62 32.34
C SER A 686 5.40 23.98 32.20
N SER A 687 6.28 23.47 33.06
CA SER A 687 7.69 23.86 33.04
C SER A 687 8.46 23.23 31.89
N THR A 688 8.61 21.91 31.90
CA THR A 688 9.48 21.22 30.94
C THR A 688 8.62 20.77 29.76
N MET A 689 8.44 21.65 28.79
CA MET A 689 7.57 21.44 27.65
C MET A 689 8.39 21.19 26.39
N SER A 690 7.68 21.07 25.28
CA SER A 690 8.26 20.99 23.94
C SER A 690 7.28 21.64 22.97
N GLN A 691 7.40 21.31 21.69
CA GLN A 691 6.69 21.82 20.52
C GLN A 691 6.69 23.36 20.55
N TYR A 692 5.70 24.02 19.96
CA TYR A 692 5.83 25.43 19.61
C TYR A 692 5.13 26.37 20.61
N SER A 693 3.81 26.27 20.76
CA SER A 693 3.12 27.29 21.53
C SER A 693 1.74 26.80 21.98
N ARG A 694 1.38 27.22 23.19
CA ARG A 694 0.05 27.07 23.78
C ARG A 694 -0.04 28.04 24.97
N SER A 695 -1.23 28.60 25.19
CA SER A 695 -1.43 29.58 26.24
C SER A 695 -2.59 29.19 27.12
N THR A 696 -2.81 29.99 28.17
CA THR A 696 -3.84 29.73 29.17
C THR A 696 -4.42 31.06 29.61
N ARG A 697 -5.73 31.08 29.85
CA ARG A 697 -6.38 32.29 30.37
C ARG A 697 -6.19 32.40 31.87
N SER A 698 -6.93 33.31 32.50
CA SER A 698 -6.70 33.69 33.88
C SER A 698 -7.05 32.55 34.84
N MET A 699 -6.32 32.51 35.95
CA MET A 699 -6.56 31.51 36.99
C MET A 699 -7.83 31.83 37.76
N TYR A 707 -3.23 26.12 37.30
CA TYR A 707 -2.83 24.87 37.94
C TYR A 707 -3.58 24.68 39.25
N GLY A 708 -4.90 24.54 39.15
CA GLY A 708 -5.74 24.42 40.33
C GLY A 708 -5.75 23.02 40.88
N PRO A 709 -6.40 22.87 42.05
CA PRO A 709 -6.52 21.54 42.67
C PRO A 709 -7.48 20.65 41.90
N LEU A 710 -7.01 20.08 40.80
CA LEU A 710 -7.86 19.39 39.84
C LEU A 710 -7.36 17.98 39.61
N GLN A 711 -7.08 17.26 40.71
CA GLN A 711 -6.60 15.89 40.61
C GLN A 711 -7.79 14.95 40.53
N THR A 712 -8.02 14.41 39.34
CA THR A 712 -9.18 13.62 38.99
C THR A 712 -8.80 12.15 38.75
N PRO A 713 -9.79 11.24 38.74
CA PRO A 713 -9.48 9.84 38.39
C PRO A 713 -8.87 9.65 37.02
N VAL A 714 -9.15 10.52 36.05
CA VAL A 714 -8.49 10.37 34.75
C VAL A 714 -7.03 10.82 34.85
N GLY A 715 -6.73 11.74 35.76
CA GLY A 715 -5.42 12.36 35.81
C GLY A 715 -5.47 13.72 36.44
N CYS A 716 -4.92 14.74 35.77
CA CYS A 716 -4.86 16.08 36.33
C CYS A 716 -5.40 17.04 35.28
N VAL A 717 -6.09 18.10 35.72
CA VAL A 717 -6.78 19.00 34.81
C VAL A 717 -6.18 20.40 34.94
N LEU A 718 -6.16 21.13 33.83
CA LEU A 718 -5.72 22.51 33.78
C LEU A 718 -6.83 23.35 33.16
N GLY A 719 -7.27 24.39 33.86
CA GLY A 719 -8.29 25.28 33.37
C GLY A 719 -9.68 25.06 33.88
N LEU A 720 -9.86 24.24 34.91
CA LEU A 720 -11.16 23.97 35.50
C LEU A 720 -11.15 24.40 36.96
N VAL A 721 -12.22 24.05 37.69
CA VAL A 721 -12.32 24.34 39.12
C VAL A 721 -13.04 23.18 39.77
N ASN A 722 -12.71 22.92 41.04
CA ASN A 722 -13.28 21.79 41.76
C ASN A 722 -14.76 22.02 42.04
N SER A 723 -15.61 21.16 41.48
CA SER A 723 -17.04 21.17 41.77
C SER A 723 -17.60 19.80 41.40
N SER A 724 -18.08 19.06 42.38
CA SER A 724 -18.62 17.71 42.17
C SER A 724 -20.13 17.82 42.04
N LEU A 725 -20.61 17.80 40.79
CA LEU A 725 -22.04 17.89 40.51
C LEU A 725 -22.46 16.70 39.65
N PHE A 726 -23.77 16.53 39.52
CA PHE A 726 -24.36 15.38 38.84
C PHE A 726 -24.85 15.80 37.46
N VAL A 727 -24.41 15.07 36.43
CA VAL A 727 -24.87 15.27 35.06
C VAL A 727 -25.42 13.94 34.56
N GLU A 728 -26.73 13.83 34.44
CA GLU A 728 -27.35 12.66 33.86
C GLU A 728 -27.61 12.79 32.37
N ASP A 729 -27.22 13.92 31.77
CA ASP A 729 -27.43 14.19 30.35
C ASP A 729 -26.16 14.76 29.74
N CYS A 730 -25.02 14.11 30.01
CA CYS A 730 -23.75 14.61 29.52
C CYS A 730 -23.62 14.35 28.02
N LYS A 731 -23.24 15.39 27.29
CA LYS A 731 -23.06 15.29 25.85
C LYS A 731 -21.60 15.37 25.42
N LEU A 732 -20.73 15.92 26.27
CA LEU A 732 -19.31 16.07 25.96
C LEU A 732 -18.54 15.36 27.06
N PRO A 733 -18.34 14.04 26.92
CA PRO A 733 -17.79 13.24 28.03
C PRO A 733 -16.32 13.54 28.26
N LEU A 734 -16.02 14.10 29.44
CA LEU A 734 -14.65 14.48 29.77
C LEU A 734 -13.77 13.30 30.10
N GLY A 735 -14.31 12.29 30.78
CA GLY A 735 -13.52 11.13 31.15
C GLY A 735 -13.91 10.50 32.46
N GLN A 736 -14.06 9.17 32.44
CA GLN A 736 -14.49 8.35 33.57
C GLN A 736 -15.78 8.89 34.16
N SER A 737 -15.67 9.68 35.23
CA SER A 737 -16.81 10.26 35.90
C SER A 737 -16.67 11.77 35.97
N LEU A 738 -16.40 12.40 34.82
CA LEU A 738 -16.25 13.84 34.74
C LEU A 738 -17.16 14.40 33.66
N CYS A 739 -17.95 15.41 34.02
CA CYS A 739 -18.74 16.16 33.06
C CYS A 739 -18.82 17.61 33.54
N ALA A 740 -19.74 18.37 32.97
CA ALA A 740 -19.93 19.78 33.30
C ALA A 740 -21.24 20.25 32.68
N LEU A 741 -21.54 21.53 32.86
CA LEU A 741 -22.67 22.21 32.27
C LEU A 741 -22.20 23.49 31.60
N PRO A 742 -22.94 23.99 30.62
CA PRO A 742 -22.71 25.35 30.13
C PRO A 742 -23.35 26.37 31.06
N ASP A 743 -23.08 27.64 30.79
CA ASP A 743 -23.64 28.75 31.55
C ASP A 743 -24.46 29.64 30.63
N THR A 744 -25.66 30.01 31.08
CA THR A 744 -26.58 30.90 30.38
C THR A 744 -26.92 30.42 28.96
N PRO A 757 -17.08 33.97 27.69
CA PRO A 757 -16.19 34.40 28.77
C PRO A 757 -16.37 33.56 30.03
N GLY A 758 -16.08 34.16 31.19
CA GLY A 758 -16.26 33.45 32.44
C GLY A 758 -15.21 32.36 32.63
N GLU A 759 -15.53 31.48 33.58
CA GLU A 759 -14.65 30.36 33.94
C GLU A 759 -15.44 29.07 33.82
N MET A 760 -14.75 28.01 33.38
CA MET A 760 -15.39 26.73 33.11
C MET A 760 -15.28 25.87 34.36
N ARG A 761 -16.41 25.34 34.81
CA ARG A 761 -16.47 24.57 36.04
C ARG A 761 -16.66 23.09 35.75
N LEU A 762 -16.52 22.28 36.79
CA LEU A 762 -16.54 20.83 36.69
C LEU A 762 -17.83 20.25 37.24
N ALA A 763 -17.99 18.96 36.97
CA ALA A 763 -19.09 18.13 37.46
C ALA A 763 -18.68 16.69 37.21
N SER A 764 -19.62 15.77 37.36
CA SER A 764 -19.32 14.35 37.17
C SER A 764 -20.26 13.72 36.16
N ILE A 765 -19.81 12.59 35.61
CA ILE A 765 -20.71 11.72 34.85
C ILE A 765 -21.59 11.03 35.87
N ALA A 766 -22.81 11.52 36.05
CA ALA A 766 -23.71 10.90 37.00
C ALA A 766 -24.23 9.59 36.43
N PHE A 767 -24.09 8.53 37.21
CA PHE A 767 -24.72 7.26 36.86
C PHE A 767 -26.24 7.46 36.86
N ASN A 768 -26.89 6.91 35.85
CA ASN A 768 -28.34 7.05 35.78
C ASN A 768 -28.97 6.20 36.87
N HIS A 769 -29.19 6.82 38.02
CA HIS A 769 -29.65 6.09 39.18
C HIS A 769 -31.11 5.70 38.99
N PRO A 770 -31.44 4.42 39.01
CA PRO A 770 -32.83 4.00 38.85
C PRO A 770 -33.59 4.23 40.16
N ILE A 771 -34.91 4.15 40.05
CA ILE A 771 -35.76 4.27 41.22
C ILE A 771 -35.54 3.05 42.11
N GLN A 772 -35.25 3.30 43.38
CA GLN A 772 -34.94 2.23 44.32
C GLN A 772 -36.18 1.38 44.60
N VAL A 773 -35.96 0.08 44.79
CA VAL A 773 -37.01 -0.83 45.20
C VAL A 773 -36.39 -1.91 46.07
N ASP A 774 -37.20 -2.50 46.94
CA ASP A 774 -36.77 -3.56 47.84
C ASP A 774 -37.67 -4.77 47.65
N GLN A 775 -37.12 -5.94 47.96
CA GLN A 775 -37.91 -7.16 47.86
C GLN A 775 -38.89 -7.25 49.02
N LEU A 776 -39.91 -8.08 48.84
CA LEU A 776 -40.82 -8.45 49.91
C LEU A 776 -40.82 -9.96 50.02
N ASN A 777 -40.35 -10.47 51.18
CA ASN A 777 -40.31 -11.90 51.41
C ASN A 777 -41.68 -12.53 51.56
N SER A 778 -42.72 -11.72 51.75
CA SER A 778 -44.09 -12.21 51.81
C SER A 778 -44.64 -12.36 50.40
N SER A 779 -45.96 -12.57 50.31
CA SER A 779 -46.60 -12.74 49.02
C SER A 779 -46.78 -11.43 48.27
N TYR A 780 -46.61 -10.30 48.94
CA TYR A 780 -46.84 -8.99 48.34
C TYR A 780 -45.56 -8.51 47.66
N PHE A 781 -45.62 -7.33 47.04
CA PHE A 781 -44.46 -6.69 46.45
C PHE A 781 -44.77 -5.20 46.27
N LYS A 782 -43.79 -4.46 45.78
CA LYS A 782 -43.92 -3.04 45.50
C LYS A 782 -43.90 -2.84 43.99
N LEU A 783 -44.65 -1.83 43.55
CA LEU A 783 -44.79 -1.49 42.14
C LEU A 783 -44.34 -0.05 41.91
N SER A 784 -43.78 0.22 40.75
CA SER A 784 -43.40 1.58 40.36
C SER A 784 -43.73 1.75 38.88
N ILE A 785 -44.89 2.35 38.60
CA ILE A 785 -45.30 2.59 37.23
C ILE A 785 -45.69 4.06 37.09
N PRO A 786 -45.20 4.74 36.06
CA PRO A 786 -45.41 6.19 35.96
C PRO A 786 -46.85 6.57 35.66
N THR A 787 -47.23 7.76 36.14
CA THR A 787 -48.55 8.32 35.92
C THR A 787 -48.57 9.39 34.84
N ASN A 788 -47.45 9.65 34.17
CA ASN A 788 -47.44 10.54 33.03
C ASN A 788 -46.71 9.87 31.88
N PHE A 789 -47.27 10.00 30.68
CA PHE A 789 -46.67 9.43 29.49
C PHE A 789 -46.68 10.45 28.36
N SER A 790 -45.60 10.45 27.58
CA SER A 790 -45.52 11.23 26.36
C SER A 790 -45.13 10.30 25.23
N PHE A 791 -45.15 10.83 24.00
CA PHE A 791 -44.62 10.13 22.84
C PHE A 791 -43.41 10.91 22.33
N GLY A 792 -42.22 10.44 22.69
CA GLY A 792 -41.01 10.99 22.13
C GLY A 792 -40.81 10.53 20.71
N VAL A 793 -39.99 11.28 19.96
CA VAL A 793 -39.72 10.96 18.57
C VAL A 793 -38.24 10.65 18.43
N THR A 794 -37.96 9.45 17.95
CA THR A 794 -36.61 9.01 17.61
C THR A 794 -36.44 9.12 16.11
N GLN A 795 -35.33 9.70 15.68
CA GLN A 795 -35.07 9.94 14.26
C GLN A 795 -33.89 9.09 13.85
N GLU A 796 -34.12 8.14 12.94
CA GLU A 796 -33.03 7.28 12.50
C GLU A 796 -32.93 7.27 10.99
N TYR A 797 -31.72 7.50 10.50
CA TYR A 797 -31.40 7.44 9.09
C TYR A 797 -30.44 6.30 8.83
N ILE A 798 -30.70 5.53 7.77
CA ILE A 798 -29.76 4.53 7.32
C ILE A 798 -29.53 4.74 5.82
N GLN A 799 -28.27 4.93 5.45
CA GLN A 799 -27.92 5.06 4.05
C GLN A 799 -28.17 3.75 3.31
N THR A 800 -28.80 3.84 2.15
CA THR A 800 -29.16 2.67 1.38
C THR A 800 -28.47 2.63 0.02
N THR A 801 -28.54 3.71 -0.75
CA THR A 801 -28.15 3.68 -2.16
C THR A 801 -27.10 4.74 -2.41
N ILE A 802 -25.85 4.30 -2.62
CA ILE A 802 -24.83 5.19 -3.16
C ILE A 802 -25.23 5.57 -4.57
N GLN A 803 -25.03 6.84 -4.93
CA GLN A 803 -25.24 7.28 -6.31
C GLN A 803 -24.36 6.45 -7.24
N LYS A 804 -24.97 5.88 -8.28
CA LYS A 804 -24.28 4.89 -9.12
C LYS A 804 -23.35 5.59 -10.10
N VAL A 805 -22.19 5.95 -9.58
CA VAL A 805 -21.18 6.66 -10.35
C VAL A 805 -20.42 5.68 -11.23
N THR A 806 -20.15 6.09 -12.46
CA THR A 806 -19.39 5.29 -13.41
C THR A 806 -18.27 6.17 -13.95
N VAL A 807 -17.14 5.55 -14.27
CA VAL A 807 -15.97 6.28 -14.72
C VAL A 807 -15.41 5.52 -15.93
N ASP A 808 -14.67 6.23 -16.78
CA ASP A 808 -14.34 5.74 -18.10
C ASP A 808 -12.85 5.48 -18.25
N CYS A 809 -12.53 4.36 -18.90
CA CYS A 809 -11.17 4.12 -19.37
C CYS A 809 -10.76 5.17 -20.39
N LYS A 810 -11.70 5.52 -21.28
CA LYS A 810 -11.34 6.33 -22.44
C LYS A 810 -11.27 7.80 -22.07
N GLN A 811 -12.41 8.38 -21.70
CA GLN A 811 -12.50 9.83 -21.59
C GLN A 811 -11.85 10.33 -20.31
N TYR A 812 -12.19 9.72 -19.16
CA TYR A 812 -11.65 10.20 -17.90
C TYR A 812 -10.14 10.04 -17.86
N VAL A 813 -9.65 8.83 -18.15
CA VAL A 813 -8.23 8.57 -18.06
C VAL A 813 -7.48 9.34 -19.13
N CYS A 814 -7.92 9.24 -20.38
CA CYS A 814 -7.01 9.55 -21.48
C CYS A 814 -7.27 10.91 -22.10
N ASN A 815 -8.54 11.31 -22.21
CA ASN A 815 -8.97 12.62 -22.71
C ASN A 815 -8.55 12.87 -24.16
N GLY A 816 -8.46 11.81 -24.96
CA GLY A 816 -8.24 11.93 -26.38
C GLY A 816 -6.90 12.51 -26.82
N PHE A 817 -5.82 12.02 -26.22
CA PHE A 817 -4.47 12.45 -26.55
C PHE A 817 -3.73 11.27 -27.18
N GLN A 818 -3.09 11.51 -28.34
CA GLN A 818 -2.73 10.40 -29.23
C GLN A 818 -1.67 9.47 -28.64
N LYS A 819 -0.69 10.01 -27.90
CA LYS A 819 0.25 9.12 -27.23
C LYS A 819 -0.42 8.36 -26.11
N CYS A 820 -1.30 9.02 -25.37
CA CYS A 820 -2.17 8.33 -24.42
C CYS A 820 -3.06 7.31 -25.12
N GLU A 821 -3.54 7.65 -26.33
CA GLU A 821 -4.36 6.72 -27.10
C GLU A 821 -3.61 5.45 -27.43
N GLN A 822 -2.35 5.57 -27.83
CA GLN A 822 -1.54 4.41 -28.18
C GLN A 822 -0.85 3.78 -26.98
N LEU A 823 -0.94 4.38 -25.79
CA LEU A 823 -0.37 3.79 -24.59
C LEU A 823 -1.38 3.17 -23.65
N LEU A 824 -2.67 3.52 -23.75
CA LEU A 824 -3.66 2.99 -22.81
C LEU A 824 -3.94 1.53 -23.06
N ARG A 825 -3.78 1.06 -24.31
CA ARG A 825 -4.27 -0.26 -24.68
C ARG A 825 -3.44 -1.37 -24.05
N GLU A 826 -2.11 -1.20 -23.97
CA GLU A 826 -1.28 -2.24 -23.39
C GLU A 826 -1.43 -2.30 -21.88
N TYR A 827 -2.02 -1.28 -21.26
CA TYR A 827 -2.52 -1.44 -19.90
C TYR A 827 -3.86 -2.15 -19.92
N GLY A 828 -4.86 -1.56 -20.56
CA GLY A 828 -6.02 -2.31 -21.03
C GLY A 828 -6.85 -2.98 -19.95
N GLN A 829 -6.60 -4.30 -19.84
CA GLN A 829 -7.27 -5.22 -18.93
C GLN A 829 -7.39 -4.70 -17.51
N PHE A 830 -6.46 -3.86 -17.05
CA PHE A 830 -6.57 -3.27 -15.72
C PHE A 830 -7.82 -2.41 -15.60
N CYS A 831 -7.93 -1.36 -16.43
CA CYS A 831 -9.05 -0.46 -16.25
C CYS A 831 -10.33 -1.11 -16.74
N SER A 832 -10.22 -2.00 -17.73
CA SER A 832 -11.42 -2.71 -18.18
C SER A 832 -11.95 -3.62 -17.09
N LYS A 833 -11.05 -4.27 -16.34
CA LYS A 833 -11.46 -5.09 -15.22
C LYS A 833 -12.12 -4.25 -14.14
N ILE A 834 -11.56 -3.09 -13.83
CA ILE A 834 -12.17 -2.33 -12.74
C ILE A 834 -13.48 -1.67 -13.17
N ASN A 835 -13.62 -1.28 -14.44
CA ASN A 835 -14.91 -0.72 -14.84
C ASN A 835 -15.96 -1.79 -15.02
N GLN A 836 -15.58 -3.00 -15.44
CA GLN A 836 -16.50 -4.12 -15.40
C GLN A 836 -16.89 -4.44 -13.96
N ALA A 837 -15.95 -4.29 -13.03
CA ALA A 837 -16.24 -4.51 -11.62
C ALA A 837 -17.23 -3.50 -11.09
N LEU A 838 -17.06 -2.22 -11.45
CA LEU A 838 -18.02 -1.23 -10.98
C LEU A 838 -19.36 -1.39 -11.68
N HIS A 839 -19.36 -1.87 -12.92
CA HIS A 839 -20.61 -2.22 -13.59
C HIS A 839 -21.34 -3.32 -12.82
N GLY A 840 -20.61 -4.36 -12.43
CA GLY A 840 -21.22 -5.45 -11.68
C GLY A 840 -21.70 -5.02 -10.30
N ALA A 841 -20.92 -4.16 -9.63
CA ALA A 841 -21.33 -3.64 -8.33
C ALA A 841 -22.56 -2.75 -8.47
N ASN A 842 -22.60 -1.93 -9.53
CA ASN A 842 -23.75 -1.09 -9.78
C ASN A 842 -24.99 -1.93 -10.06
N LEU A 843 -24.83 -3.01 -10.82
CA LEU A 843 -25.93 -3.93 -11.06
C LEU A 843 -26.35 -4.65 -9.78
N ARG A 844 -25.41 -4.95 -8.90
CA ARG A 844 -25.76 -5.51 -7.59
C ARG A 844 -26.60 -4.54 -6.79
N GLN A 845 -26.21 -3.26 -6.80
CA GLN A 845 -27.00 -2.21 -6.16
C GLN A 845 -28.38 -2.11 -6.80
N ASP A 846 -28.44 -2.23 -8.12
CA ASP A 846 -29.71 -2.14 -8.85
C ASP A 846 -30.65 -3.27 -8.46
N ASP A 847 -30.13 -4.49 -8.40
CA ASP A 847 -30.96 -5.63 -8.04
C ASP A 847 -31.34 -5.58 -6.56
N SER A 848 -30.48 -5.03 -5.71
CA SER A 848 -30.86 -4.80 -4.33
C SER A 848 -32.00 -3.81 -4.23
N VAL A 849 -31.94 -2.75 -5.05
CA VAL A 849 -33.01 -1.74 -5.09
C VAL A 849 -34.30 -2.39 -5.57
N ARG A 850 -34.21 -3.24 -6.58
CA ARG A 850 -35.39 -3.95 -7.08
C ARG A 850 -35.97 -4.88 -6.02
N ASN A 851 -35.10 -5.57 -5.27
CA ASN A 851 -35.58 -6.47 -4.23
C ASN A 851 -36.26 -5.71 -3.10
N LEU A 852 -35.71 -4.56 -2.72
CA LEU A 852 -36.33 -3.80 -1.64
C LEU A 852 -37.62 -3.12 -2.11
N PHE A 853 -37.71 -2.76 -3.39
CA PHE A 853 -39.01 -2.36 -3.93
C PHE A 853 -40.01 -3.49 -3.96
N ALA A 854 -39.59 -4.70 -4.31
CA ALA A 854 -40.48 -5.85 -4.27
C ALA A 854 -40.95 -6.13 -2.84
N SER A 855 -40.06 -5.91 -1.87
CA SER A 855 -40.43 -6.03 -0.47
C SER A 855 -41.44 -4.96 -0.07
N VAL A 856 -41.24 -3.71 -0.52
CA VAL A 856 -42.12 -2.64 -0.08
C VAL A 856 -43.34 -2.49 -0.98
N LYS A 857 -43.42 -3.21 -2.09
CA LYS A 857 -44.59 -3.14 -2.94
C LYS A 857 -45.73 -3.89 -2.27
N SER A 858 -46.65 -3.15 -1.66
CA SER A 858 -47.87 -3.76 -1.17
C SER A 858 -48.75 -4.18 -2.35
N SER A 859 -49.29 -5.40 -2.27
CA SER A 859 -50.15 -5.89 -3.33
C SER A 859 -51.41 -5.07 -3.43
N GLN A 860 -51.97 -4.66 -2.30
CA GLN A 860 -53.18 -3.85 -2.25
C GLN A 860 -52.91 -2.61 -1.42
N SER A 861 -53.55 -1.51 -1.78
CA SER A 861 -53.30 -0.24 -1.13
C SER A 861 -54.52 0.67 -1.26
N SER A 862 -54.53 1.73 -0.45
CA SER A 862 -55.59 2.74 -0.40
C SER A 862 -55.08 4.08 -0.91
N PRO A 863 -55.91 4.85 -1.60
CA PRO A 863 -55.49 6.19 -2.03
C PRO A 863 -55.35 7.11 -0.83
N ILE A 864 -54.48 8.11 -0.99
CA ILE A 864 -54.35 9.14 0.03
C ILE A 864 -55.58 10.03 0.00
N ILE A 865 -56.26 10.15 1.13
CA ILE A 865 -57.56 10.82 1.18
C ILE A 865 -57.38 12.20 1.80
N PRO A 866 -58.19 13.19 1.40
CA PRO A 866 -58.21 14.46 2.14
C PRO A 866 -58.75 14.25 3.55
N GLY A 867 -58.17 14.98 4.49
CA GLY A 867 -58.56 14.86 5.89
C GLY A 867 -58.28 13.50 6.50
N PHE A 868 -57.15 12.89 6.15
CA PHE A 868 -56.78 11.61 6.73
C PHE A 868 -56.44 11.76 8.20
N GLY A 869 -56.89 10.80 9.00
CA GLY A 869 -56.69 10.83 10.43
C GLY A 869 -57.82 11.48 11.21
N GLY A 870 -58.76 12.15 10.54
CA GLY A 870 -59.84 12.81 11.24
C GLY A 870 -59.36 14.02 12.02
N ASP A 871 -59.29 13.87 13.35
CA ASP A 871 -58.77 14.92 14.21
C ASP A 871 -57.27 15.11 14.08
N PHE A 872 -56.57 14.21 13.40
CA PHE A 872 -55.11 14.27 13.30
C PHE A 872 -54.71 15.17 12.15
N ASN A 873 -54.10 16.31 12.47
CA ASN A 873 -53.65 17.28 11.48
C ASN A 873 -52.28 16.86 10.96
N LEU A 874 -52.27 15.76 10.22
CA LEU A 874 -51.03 15.22 9.65
C LEU A 874 -50.76 15.81 8.26
N THR A 875 -50.75 17.14 8.19
CA THR A 875 -50.60 17.82 6.90
C THR A 875 -49.18 17.71 6.36
N LEU A 876 -48.19 17.61 7.23
CA LEU A 876 -46.81 17.61 6.77
C LEU A 876 -46.42 16.27 6.15
N LEU A 877 -47.06 15.19 6.57
CA LEU A 877 -46.69 13.85 6.14
C LEU A 877 -47.33 13.44 4.82
N GLU A 878 -48.39 14.12 4.41
CA GLU A 878 -49.19 13.63 3.29
C GLU A 878 -48.47 13.90 1.95
N PRO A 879 -48.68 13.04 0.95
CA PRO A 879 -47.94 13.19 -0.31
C PRO A 879 -48.60 14.09 -1.34
N VAL A 880 -49.92 14.28 -1.24
CA VAL A 880 -50.81 14.84 -2.27
C VAL A 880 -50.42 14.48 -3.70
N ALA A 889 -46.85 14.17 -6.30
CA ALA A 889 -45.54 14.47 -6.85
C ALA A 889 -44.46 14.39 -5.79
N ARG A 890 -44.71 15.04 -4.65
CA ARG A 890 -43.73 15.10 -3.57
C ARG A 890 -44.44 15.40 -2.27
N SER A 891 -43.96 14.80 -1.18
CA SER A 891 -44.54 15.02 0.14
C SER A 891 -43.81 16.16 0.86
N ALA A 892 -44.54 16.85 1.74
CA ALA A 892 -44.04 18.07 2.34
C ALA A 892 -42.86 17.82 3.27
N ILE A 893 -42.93 16.75 4.06
CA ILE A 893 -41.87 16.46 5.01
C ILE A 893 -40.55 16.15 4.30
N GLU A 894 -40.59 15.31 3.27
CA GLU A 894 -39.36 15.01 2.56
C GLU A 894 -38.91 16.20 1.72
N ASP A 895 -39.84 17.07 1.34
CA ASP A 895 -39.46 18.31 0.66
C ASP A 895 -38.66 19.22 1.57
N LEU A 896 -39.11 19.40 2.82
CA LEU A 896 -38.32 20.22 3.72
C LEU A 896 -37.04 19.54 4.14
N LEU A 897 -37.03 18.20 4.15
CA LEU A 897 -35.76 17.50 4.36
C LEU A 897 -34.79 17.74 3.21
N PHE A 898 -35.32 17.75 1.99
CA PHE A 898 -34.49 18.04 0.82
C PHE A 898 -33.94 19.46 0.88
N ASP A 899 -34.77 20.42 1.28
CA ASP A 899 -34.31 21.80 1.38
C ASP A 899 -33.31 21.98 2.53
N LYS A 900 -33.58 21.36 3.68
CA LYS A 900 -32.76 21.54 4.86
C LYS A 900 -31.38 20.92 4.68
N VAL A 901 -31.33 19.70 4.15
CA VAL A 901 -30.05 19.09 3.83
C VAL A 901 -29.43 19.83 2.66
N THR A 902 -28.14 20.14 2.77
CA THR A 902 -27.46 20.92 1.76
C THR A 902 -27.28 20.10 0.49
N ILE A 903 -28.26 20.20 -0.42
CA ILE A 903 -28.28 19.44 -1.67
C ILE A 903 -28.32 20.41 -2.83
N ALA A 904 -27.44 20.21 -3.80
CA ALA A 904 -27.53 20.87 -5.08
C ALA A 904 -28.24 19.94 -6.06
N ASP A 905 -28.88 20.53 -7.06
CA ASP A 905 -29.69 19.77 -8.01
C ASP A 905 -28.80 18.93 -8.91
N PRO A 906 -28.98 17.60 -8.98
CA PRO A 906 -28.10 16.77 -9.81
C PRO A 906 -28.52 16.74 -11.27
N GLY A 907 -28.94 17.88 -11.82
CA GLY A 907 -29.21 18.12 -13.22
C GLY A 907 -29.90 17.04 -14.04
N TYR A 908 -30.96 16.43 -13.49
CA TYR A 908 -31.57 15.28 -14.15
C TYR A 908 -32.44 15.66 -15.33
N MET A 909 -32.74 16.93 -15.54
CA MET A 909 -33.61 17.28 -16.65
C MET A 909 -33.02 18.36 -17.56
N GLN A 910 -32.34 19.35 -17.00
CA GLN A 910 -31.64 20.37 -17.78
C GLN A 910 -30.25 20.60 -17.23
N GLY A 911 -29.53 19.51 -16.96
CA GLY A 911 -28.22 19.61 -16.32
C GLY A 911 -27.20 20.34 -17.18
N TYR A 912 -27.16 20.03 -18.48
CA TYR A 912 -26.32 20.80 -19.38
C TYR A 912 -26.80 22.23 -19.52
N ASP A 913 -28.12 22.46 -19.51
CA ASP A 913 -28.63 23.82 -19.52
C ASP A 913 -28.32 24.54 -18.22
N ASP A 914 -28.34 23.83 -17.09
CA ASP A 914 -27.92 24.42 -15.83
C ASP A 914 -26.44 24.81 -15.86
N CYS A 915 -25.60 23.97 -16.48
CA CYS A 915 -24.20 24.32 -16.69
C CYS A 915 -24.06 25.50 -17.64
N MET A 916 -24.97 25.61 -18.61
CA MET A 916 -24.94 26.72 -19.56
C MET A 916 -25.23 28.04 -18.86
N GLN A 917 -26.32 28.10 -18.09
CA GLN A 917 -26.71 29.37 -17.49
C GLN A 917 -25.84 29.73 -16.29
N GLN A 918 -25.48 28.74 -15.46
CA GLN A 918 -24.73 28.99 -14.24
C GLN A 918 -24.04 27.73 -13.76
N LEU A 926 -19.08 21.67 -9.24
CA LEU A 926 -19.45 20.67 -8.26
C LEU A 926 -20.10 19.47 -8.95
N ILE A 927 -21.43 19.50 -9.06
CA ILE A 927 -22.13 18.47 -9.82
C ILE A 927 -21.84 18.65 -11.31
N CYS A 928 -21.74 19.89 -11.78
CA CYS A 928 -21.38 20.15 -13.17
C CYS A 928 -19.94 19.73 -13.48
N ALA A 929 -19.09 19.56 -12.45
CA ALA A 929 -17.74 19.08 -12.63
C ALA A 929 -17.67 17.57 -12.94
N GLN A 930 -18.84 16.96 -13.20
CA GLN A 930 -18.92 15.53 -13.48
C GLN A 930 -18.10 15.14 -14.71
N TYR A 931 -18.04 16.02 -15.70
CA TYR A 931 -17.10 15.89 -16.80
C TYR A 931 -15.74 16.52 -16.51
N VAL A 932 -15.70 17.56 -15.67
CA VAL A 932 -14.45 18.29 -15.45
C VAL A 932 -13.42 17.41 -14.76
N ALA A 933 -13.84 16.72 -13.70
CA ALA A 933 -13.02 15.62 -13.18
C ALA A 933 -13.09 14.42 -14.10
N GLY A 934 -14.29 14.09 -14.56
CA GLY A 934 -14.51 13.03 -15.52
C GLY A 934 -15.02 11.76 -14.87
N TYR A 935 -16.33 11.59 -14.90
CA TYR A 935 -17.06 10.39 -14.49
C TYR A 935 -18.49 10.61 -14.93
N LYS A 936 -19.37 9.67 -14.61
CA LYS A 936 -20.76 9.84 -15.01
C LYS A 936 -21.60 9.05 -14.02
N VAL A 937 -22.50 9.74 -13.33
CA VAL A 937 -23.48 9.09 -12.48
C VAL A 937 -24.81 9.06 -13.22
N LEU A 938 -25.46 7.91 -13.20
CA LEU A 938 -26.71 7.78 -13.92
C LEU A 938 -27.85 8.42 -13.13
N PRO A 939 -28.91 8.82 -13.82
CA PRO A 939 -30.16 9.08 -13.13
C PRO A 939 -30.63 7.83 -12.43
N PRO A 940 -31.36 7.96 -11.33
CA PRO A 940 -31.67 6.79 -10.49
C PRO A 940 -32.59 5.81 -11.21
N LEU A 941 -32.70 4.63 -10.60
CA LEU A 941 -33.48 3.55 -11.18
C LEU A 941 -34.94 3.89 -11.32
N MET A 942 -35.42 4.83 -10.52
CA MET A 942 -36.83 5.10 -10.36
C MET A 942 -37.09 6.58 -10.65
N ASP A 943 -38.30 6.88 -11.09
CA ASP A 943 -38.74 8.26 -11.13
C ASP A 943 -38.95 8.77 -9.71
N VAL A 944 -38.92 10.09 -9.57
CA VAL A 944 -39.32 10.71 -8.30
C VAL A 944 -40.79 10.42 -8.02
N ASN A 945 -41.60 10.31 -9.08
CA ASN A 945 -42.98 9.86 -8.93
C ASN A 945 -43.07 8.36 -8.68
N MET A 946 -42.12 7.58 -9.19
CA MET A 946 -42.07 6.15 -8.89
C MET A 946 -41.81 5.93 -7.40
N GLU A 947 -40.84 6.69 -6.86
CA GLU A 947 -40.59 6.71 -5.43
C GLU A 947 -41.80 7.22 -4.67
N ALA A 948 -42.47 8.25 -5.19
CA ALA A 948 -43.65 8.80 -4.53
C ALA A 948 -44.76 7.76 -4.46
N ALA A 949 -44.93 6.99 -5.53
CA ALA A 949 -45.91 5.91 -5.54
C ALA A 949 -45.54 4.83 -4.52
N TYR A 950 -44.25 4.50 -4.41
CA TYR A 950 -43.83 3.52 -3.42
C TYR A 950 -44.08 4.00 -2.00
N THR A 951 -43.75 5.26 -1.72
CA THR A 951 -43.95 5.79 -0.37
C THR A 951 -45.43 5.90 -0.04
N SER A 952 -46.25 6.33 -1.00
CA SER A 952 -47.69 6.40 -0.79
C SER A 952 -48.28 5.00 -0.60
N SER A 953 -47.76 4.01 -1.34
CA SER A 953 -48.24 2.65 -1.21
C SER A 953 -47.93 2.08 0.17
N LEU A 954 -46.69 2.25 0.63
CA LEU A 954 -46.34 1.75 1.96
C LEU A 954 -47.09 2.51 3.04
N LEU A 955 -47.27 3.82 2.86
CA LEU A 955 -47.99 4.62 3.83
C LEU A 955 -49.45 4.19 3.93
N GLY A 956 -50.08 3.93 2.80
CA GLY A 956 -51.45 3.43 2.83
C GLY A 956 -51.54 2.05 3.43
N SER A 957 -50.55 1.20 3.14
CA SER A 957 -50.55 -0.17 3.67
C SER A 957 -50.44 -0.18 5.18
N ILE A 958 -49.47 0.56 5.73
CA ILE A 958 -49.22 0.52 7.17
C ILE A 958 -50.34 1.16 7.95
N ALA A 959 -51.17 1.99 7.31
CA ALA A 959 -52.37 2.50 7.96
C ALA A 959 -53.42 1.40 8.12
N GLY A 960 -53.24 0.25 7.48
CA GLY A 960 -54.18 -0.84 7.60
C GLY A 960 -53.62 -2.15 8.09
N VAL A 961 -52.32 -2.39 7.90
CA VAL A 961 -51.75 -3.68 8.21
C VAL A 961 -51.18 -3.71 9.63
N GLY A 962 -51.54 -2.70 10.42
CA GLY A 962 -51.12 -2.66 11.81
C GLY A 962 -52.11 -3.33 12.75
N TRP A 963 -52.98 -4.17 12.20
CA TRP A 963 -54.02 -4.85 12.96
C TRP A 963 -53.86 -6.35 13.02
N THR A 964 -53.54 -7.00 11.89
CA THR A 964 -53.62 -8.44 11.81
C THR A 964 -52.54 -8.95 10.88
N ALA A 965 -51.85 -10.01 11.30
CA ALA A 965 -50.79 -10.61 10.50
C ALA A 965 -51.37 -11.24 9.23
N GLY A 966 -50.47 -11.55 8.29
CA GLY A 966 -50.89 -12.02 6.99
C GLY A 966 -50.59 -10.98 5.93
N LEU A 967 -49.57 -11.22 5.11
CA LEU A 967 -49.05 -10.23 4.18
C LEU A 967 -49.71 -10.32 2.81
N SER A 968 -50.96 -10.75 2.74
CA SER A 968 -51.64 -10.96 1.46
C SER A 968 -52.85 -10.06 1.28
N SER A 969 -53.76 -10.04 2.25
CA SER A 969 -55.00 -9.29 2.15
C SER A 969 -54.91 -7.97 2.91
N PHE A 970 -55.69 -6.99 2.45
CA PHE A 970 -55.63 -5.64 2.98
C PHE A 970 -57.02 -5.17 3.40
N ALA A 971 -57.12 -4.72 4.65
CA ALA A 971 -58.39 -4.37 5.28
C ALA A 971 -58.27 -3.03 6.00
N ALA A 972 -57.79 -2.02 5.27
CA ALA A 972 -57.34 -0.71 5.75
C ALA A 972 -58.24 -0.10 6.82
N ILE A 973 -57.66 0.11 8.01
CA ILE A 973 -58.35 0.70 9.14
C ILE A 973 -58.21 2.21 8.97
N PRO A 974 -59.17 3.02 9.43
CA PRO A 974 -58.87 4.44 9.62
C PRO A 974 -57.75 4.61 10.63
N PHE A 975 -56.91 5.65 10.41
CA PHE A 975 -55.69 5.79 11.18
C PHE A 975 -55.94 5.97 12.67
N ALA A 976 -57.07 6.59 13.03
CA ALA A 976 -57.44 6.73 14.43
C ALA A 976 -57.60 5.37 15.09
N GLN A 977 -58.58 4.58 14.63
CA GLN A 977 -58.85 3.26 15.19
C GLN A 977 -57.64 2.34 15.08
N SER A 978 -56.84 2.53 14.03
CA SER A 978 -55.60 1.78 13.87
C SER A 978 -54.64 2.07 15.02
N ILE A 979 -54.44 3.35 15.37
CA ILE A 979 -53.48 3.61 16.43
C ILE A 979 -54.08 3.36 17.81
N PHE A 980 -55.42 3.41 17.97
CA PHE A 980 -56.00 2.89 19.20
C PHE A 980 -55.69 1.41 19.38
N TYR A 981 -55.85 0.62 18.32
CA TYR A 981 -55.54 -0.80 18.46
C TYR A 981 -54.04 -1.02 18.63
N ARG A 982 -53.21 -0.16 18.04
CA ARG A 982 -51.78 -0.23 18.28
C ARG A 982 -51.44 0.04 19.74
N LEU A 983 -52.11 1.02 20.36
CA LEU A 983 -51.87 1.30 21.77
C LEU A 983 -52.43 0.21 22.67
N ASN A 984 -53.48 -0.49 22.23
CA ASN A 984 -53.87 -1.71 22.91
C ASN A 984 -52.80 -2.79 22.77
N GLY A 985 -52.13 -2.83 21.62
CA GLY A 985 -51.10 -3.84 21.41
C GLY A 985 -49.89 -3.64 22.30
N VAL A 986 -49.50 -2.39 22.54
CA VAL A 986 -48.33 -2.11 23.38
C VAL A 986 -48.66 -2.21 24.87
N GLY A 987 -49.92 -2.44 25.21
CA GLY A 987 -50.27 -2.72 26.59
C GLY A 987 -50.92 -1.55 27.33
N ILE A 988 -51.79 -0.81 26.65
CA ILE A 988 -52.56 0.26 27.27
C ILE A 988 -54.03 0.01 26.96
N THR A 989 -54.87 0.05 27.99
CA THR A 989 -56.28 -0.30 27.82
C THR A 989 -57.02 0.79 27.05
N GLN A 990 -58.17 0.39 26.50
CA GLN A 990 -58.87 1.24 25.54
C GLN A 990 -59.62 2.39 26.20
N GLN A 991 -60.19 2.17 27.38
CA GLN A 991 -61.18 3.11 27.91
C GLN A 991 -60.55 4.38 28.45
N VAL A 992 -59.29 4.33 28.89
CA VAL A 992 -58.60 5.55 29.26
C VAL A 992 -58.31 6.40 28.03
N LEU A 993 -58.04 5.75 26.90
CA LEU A 993 -57.88 6.48 25.64
C LEU A 993 -59.23 6.97 25.15
N SER A 994 -60.30 6.25 25.50
CA SER A 994 -61.64 6.50 25.00
C SER A 994 -62.37 7.57 25.79
N GLU A 995 -61.89 7.94 26.97
CA GLU A 995 -62.41 9.10 27.67
C GLU A 995 -61.51 10.31 27.51
N ASN A 996 -60.49 10.20 26.66
CA ASN A 996 -59.54 11.29 26.41
C ASN A 996 -59.17 11.33 24.93
N GLN A 997 -60.16 11.33 24.02
CA GLN A 997 -59.84 11.41 22.59
C GLN A 997 -59.11 12.69 22.25
N LYS A 998 -59.62 13.83 22.73
CA LYS A 998 -59.07 15.12 22.34
C LYS A 998 -57.69 15.34 22.93
N LEU A 999 -57.48 14.91 24.18
CA LEU A 999 -56.19 15.11 24.83
C LEU A 999 -55.11 14.26 24.16
N ILE A 1000 -55.41 12.99 23.89
CA ILE A 1000 -54.41 12.15 23.23
C ILE A 1000 -54.18 12.63 21.81
N ALA A 1001 -55.22 13.15 21.16
CA ALA A 1001 -55.06 13.70 19.82
C ALA A 1001 -54.15 14.91 19.83
N ASN A 1002 -54.34 15.81 20.80
CA ASN A 1002 -53.53 17.03 20.85
C ASN A 1002 -52.07 16.72 21.17
N LYS A 1003 -51.84 15.81 22.12
CA LYS A 1003 -50.46 15.45 22.42
C LYS A 1003 -49.84 14.65 21.27
N PHE A 1004 -50.66 13.89 20.54
CA PHE A 1004 -50.18 13.20 19.36
C PHE A 1004 -49.77 14.19 18.28
N ASN A 1005 -50.57 15.23 18.06
CA ASN A 1005 -50.22 16.24 17.05
C ASN A 1005 -49.00 17.05 17.46
N GLN A 1006 -48.85 17.38 18.74
CA GLN A 1006 -47.63 18.10 19.09
C GLN A 1006 -46.41 17.20 19.02
N ALA A 1007 -46.58 15.90 19.27
CA ALA A 1007 -45.49 14.95 19.06
C ALA A 1007 -45.11 14.88 17.59
N LEU A 1008 -46.09 14.86 16.69
CA LEU A 1008 -45.81 14.87 15.27
C LEU A 1008 -45.45 16.23 14.72
N GLY A 1009 -45.56 17.29 15.52
CA GLY A 1009 -45.09 18.60 15.09
C GLY A 1009 -43.78 18.95 15.73
N ALA A 1010 -43.30 18.07 16.61
CA ALA A 1010 -42.06 18.33 17.33
C ALA A 1010 -40.85 18.37 16.39
N MET A 1011 -40.76 17.42 15.45
CA MET A 1011 -39.48 17.20 14.78
C MET A 1011 -39.16 18.29 13.75
N GLN A 1012 -40.15 18.78 13.00
CA GLN A 1012 -39.85 19.79 12.00
C GLN A 1012 -39.52 21.13 12.64
N THR A 1013 -39.95 21.33 13.89
CA THR A 1013 -39.43 22.42 14.70
C THR A 1013 -38.03 22.09 15.20
N GLY A 1014 -37.80 20.82 15.54
CA GLY A 1014 -36.53 20.35 16.05
C GLY A 1014 -35.53 19.91 15.02
N PHE A 1015 -35.85 20.02 13.73
CA PHE A 1015 -34.89 19.70 12.68
C PHE A 1015 -33.83 20.78 12.64
N THR A 1016 -32.72 20.55 13.33
CA THR A 1016 -31.64 21.51 13.47
C THR A 1016 -30.37 20.72 13.79
N THR A 1017 -29.34 21.42 14.25
CA THR A 1017 -28.05 20.79 14.55
C THR A 1017 -28.14 19.80 15.70
N THR A 1018 -29.14 19.94 16.58
CA THR A 1018 -29.24 19.05 17.73
C THR A 1018 -29.63 17.63 17.33
N ASN A 1019 -30.50 17.48 16.32
CA ASN A 1019 -30.98 16.18 15.89
C ASN A 1019 -29.86 15.48 15.12
N GLU A 1020 -29.36 14.36 15.67
CA GLU A 1020 -28.18 13.70 15.11
C GLU A 1020 -28.47 13.08 13.74
N ALA A 1021 -29.74 12.74 13.48
CA ALA A 1021 -30.10 12.08 12.24
C ALA A 1021 -29.87 12.98 11.03
N PHE A 1022 -30.19 14.27 11.15
CA PHE A 1022 -29.92 15.21 10.08
C PHE A 1022 -28.42 15.33 9.83
N GLN A 1023 -27.63 15.32 10.90
CA GLN A 1023 -26.18 15.32 10.73
C GLN A 1023 -25.68 14.07 10.03
N LYS A 1024 -26.24 12.89 10.34
CA LYS A 1024 -25.72 11.71 9.65
C LYS A 1024 -26.20 11.63 8.20
N VAL A 1025 -27.37 12.21 7.89
CA VAL A 1025 -27.75 12.39 6.49
C VAL A 1025 -26.73 13.27 5.78
N GLN A 1026 -26.39 14.40 6.39
CA GLN A 1026 -25.42 15.30 5.79
C GLN A 1026 -24.03 14.66 5.72
N ASP A 1027 -23.72 13.75 6.65
CA ASP A 1027 -22.45 13.06 6.62
C ASP A 1027 -22.40 12.05 5.48
N ALA A 1028 -23.51 11.37 5.22
CA ALA A 1028 -23.56 10.49 4.05
C ALA A 1028 -23.40 11.29 2.76
N VAL A 1029 -24.06 12.46 2.69
CA VAL A 1029 -23.91 13.34 1.54
C VAL A 1029 -22.47 13.82 1.40
N ASN A 1030 -21.84 14.19 2.51
CA ASN A 1030 -20.45 14.61 2.50
C ASN A 1030 -19.51 13.47 2.12
N ASN A 1031 -19.89 12.23 2.42
CA ASN A 1031 -19.07 11.11 2.01
C ASN A 1031 -19.17 10.86 0.51
N ASN A 1032 -20.36 11.07 -0.07
CA ASN A 1032 -20.47 11.05 -1.52
C ASN A 1032 -19.66 12.18 -2.15
N ALA A 1033 -19.68 13.36 -1.51
CA ALA A 1033 -18.89 14.49 -1.98
C ALA A 1033 -17.40 14.20 -1.90
N GLN A 1034 -16.96 13.52 -0.83
CA GLN A 1034 -15.56 13.11 -0.74
C GLN A 1034 -15.22 12.06 -1.77
N ALA A 1035 -16.18 11.19 -2.11
CA ALA A 1035 -15.95 10.20 -3.17
C ALA A 1035 -15.71 10.89 -4.51
N LEU A 1036 -16.52 11.90 -4.84
CA LEU A 1036 -16.29 12.61 -6.11
C LEU A 1036 -15.05 13.49 -6.03
N SER A 1037 -14.74 14.03 -4.85
CA SER A 1037 -13.51 14.79 -4.67
C SER A 1037 -12.29 13.89 -4.84
N LYS A 1038 -12.43 12.61 -4.54
CA LYS A 1038 -11.35 11.66 -4.77
C LYS A 1038 -11.06 11.44 -6.24
N LEU A 1039 -11.94 11.86 -7.13
CA LEU A 1039 -11.57 12.02 -8.54
C LEU A 1039 -11.09 13.43 -8.83
N ALA A 1040 -11.76 14.43 -8.25
CA ALA A 1040 -11.52 15.82 -8.62
C ALA A 1040 -10.12 16.28 -8.25
N SER A 1041 -9.72 16.07 -6.99
CA SER A 1041 -8.43 16.55 -6.53
C SER A 1041 -7.27 15.70 -7.05
N GLU A 1042 -7.53 14.42 -7.34
CA GLU A 1042 -6.45 13.49 -7.62
C GLU A 1042 -5.85 13.69 -9.01
N LEU A 1043 -6.53 14.38 -9.91
CA LEU A 1043 -5.88 14.85 -11.11
C LEU A 1043 -4.77 15.84 -10.77
N SER A 1044 -5.04 16.75 -9.84
CA SER A 1044 -4.03 17.69 -9.39
C SER A 1044 -2.94 17.01 -8.60
N ASN A 1045 -3.27 15.94 -7.87
CA ASN A 1045 -2.25 15.18 -7.16
C ASN A 1045 -1.35 14.48 -8.16
N THR A 1046 -0.15 15.03 -8.35
CA THR A 1046 0.76 14.53 -9.38
C THR A 1046 1.33 13.18 -9.02
N PHE A 1047 1.61 12.94 -7.73
CA PHE A 1047 2.25 11.72 -7.24
C PHE A 1047 3.58 11.48 -7.93
N GLY A 1048 4.40 12.53 -7.96
CA GLY A 1048 5.66 12.51 -8.67
C GLY A 1048 5.59 12.97 -10.11
N ALA A 1049 4.41 13.33 -10.60
CA ALA A 1049 4.28 13.85 -11.95
C ALA A 1049 4.55 15.36 -11.93
N ILE A 1050 4.22 16.02 -13.04
CA ILE A 1050 4.55 17.43 -13.20
C ILE A 1050 3.30 18.28 -13.03
N SER A 1051 2.29 18.05 -13.87
CA SER A 1051 1.11 18.89 -13.89
C SER A 1051 -0.14 18.05 -14.09
N ALA A 1052 -1.28 18.61 -13.68
CA ALA A 1052 -2.55 17.91 -13.78
C ALA A 1052 -3.02 17.81 -15.22
N SER A 1053 -2.84 18.87 -16.01
CA SER A 1053 -3.33 18.92 -17.37
C SER A 1053 -2.54 17.95 -18.24
N ILE A 1054 -3.16 16.82 -18.57
CA ILE A 1054 -2.52 15.81 -19.42
C ILE A 1054 -2.24 16.38 -20.81
N GLY A 1055 -3.12 17.26 -21.28
CA GLY A 1055 -2.85 17.97 -22.52
C GLY A 1055 -1.61 18.83 -22.46
N ASP A 1056 -1.41 19.52 -21.34
CA ASP A 1056 -0.16 20.27 -21.17
C ASP A 1056 1.02 19.33 -20.95
N ILE A 1057 0.80 18.19 -20.31
CA ILE A 1057 1.85 17.18 -20.15
C ILE A 1057 2.38 16.76 -21.51
N ILE A 1058 1.48 16.43 -22.43
CA ILE A 1058 1.90 15.95 -23.74
C ILE A 1058 2.35 17.09 -24.64
N GLN A 1059 1.80 18.30 -24.47
CA GLN A 1059 2.21 19.41 -25.31
C GLN A 1059 3.61 19.88 -24.94
N ARG A 1060 3.98 19.73 -23.66
CA ARG A 1060 5.35 20.02 -23.27
C ARG A 1060 6.30 18.89 -23.63
N LEU A 1061 6.11 17.71 -23.03
CA LEU A 1061 7.19 16.76 -22.84
C LEU A 1061 7.49 15.94 -24.08
N ASP A 1062 8.79 15.71 -24.32
CA ASP A 1062 9.25 14.92 -25.45
C ASP A 1062 8.95 13.44 -25.24
N PRO A 1063 8.83 12.67 -26.32
CA PRO A 1063 8.53 11.21 -26.21
C PRO A 1063 9.49 10.43 -25.31
N PRO A 1064 10.82 10.59 -25.40
CA PRO A 1064 11.68 9.77 -24.54
C PRO A 1064 11.61 10.10 -23.06
N GLU A 1065 10.93 11.18 -22.67
CA GLU A 1065 10.64 11.47 -21.28
C GLU A 1065 9.16 11.49 -20.95
N GLN A 1066 8.29 11.85 -21.90
CA GLN A 1066 6.87 11.73 -21.63
C GLN A 1066 6.41 10.28 -21.63
N ASP A 1067 7.21 9.35 -22.16
CA ASP A 1067 6.93 7.93 -21.93
C ASP A 1067 6.92 7.61 -20.44
N ALA A 1068 7.97 7.97 -19.73
CA ALA A 1068 8.04 7.73 -18.29
C ALA A 1068 7.03 8.59 -17.54
N GLN A 1069 6.79 9.82 -18.02
CA GLN A 1069 5.87 10.69 -17.30
C GLN A 1069 4.43 10.19 -17.40
N ILE A 1070 3.99 9.80 -18.61
CA ILE A 1070 2.66 9.24 -18.78
C ILE A 1070 2.56 7.88 -18.08
N ASP A 1071 3.67 7.14 -17.97
CA ASP A 1071 3.65 5.95 -17.13
C ASP A 1071 3.38 6.30 -15.67
N ARG A 1072 4.04 7.35 -15.16
CA ARG A 1072 3.78 7.78 -13.79
C ARG A 1072 2.33 8.20 -13.61
N LEU A 1073 1.80 8.92 -14.60
CA LEU A 1073 0.40 9.32 -14.60
C LEU A 1073 -0.53 8.12 -14.52
N ILE A 1074 -0.31 7.14 -15.40
CA ILE A 1074 -1.24 6.02 -15.48
C ILE A 1074 -1.17 5.15 -14.24
N ASN A 1075 0.02 4.95 -13.67
CA ASN A 1075 0.05 4.15 -12.44
C ASN A 1075 -0.60 4.89 -11.27
N GLY A 1076 -0.34 6.19 -11.15
CA GLY A 1076 -0.99 6.95 -10.08
C GLY A 1076 -2.50 6.90 -10.19
N ARG A 1077 -3.01 7.12 -11.41
CA ARG A 1077 -4.46 7.12 -11.58
C ARG A 1077 -5.05 5.72 -11.45
N LEU A 1078 -4.36 4.68 -11.89
CA LEU A 1078 -4.92 3.34 -11.77
C LEU A 1078 -4.96 2.89 -10.31
N THR A 1079 -3.91 3.19 -9.54
CA THR A 1079 -3.93 2.85 -8.12
C THR A 1079 -5.00 3.63 -7.37
N THR A 1080 -5.17 4.92 -7.70
CA THR A 1080 -6.22 5.69 -7.03
C THR A 1080 -7.61 5.13 -7.36
N LEU A 1081 -7.83 4.74 -8.63
CA LEU A 1081 -9.11 4.15 -8.96
C LEU A 1081 -9.29 2.77 -8.36
N ASN A 1082 -8.20 2.01 -8.18
CA ASN A 1082 -8.31 0.71 -7.52
C ASN A 1082 -8.74 0.89 -6.07
N ALA A 1083 -8.10 1.81 -5.36
CA ALA A 1083 -8.50 2.11 -3.99
C ALA A 1083 -9.92 2.65 -3.94
N PHE A 1084 -10.28 3.48 -4.92
CA PHE A 1084 -11.61 4.05 -4.99
C PHE A 1084 -12.68 2.98 -5.16
N VAL A 1085 -12.52 2.09 -6.14
CA VAL A 1085 -13.50 1.04 -6.36
C VAL A 1085 -13.51 0.05 -5.20
N ALA A 1086 -12.36 -0.11 -4.53
CA ALA A 1086 -12.33 -0.93 -3.32
C ALA A 1086 -13.20 -0.30 -2.23
N GLN A 1087 -13.07 1.01 -2.05
CA GLN A 1087 -13.84 1.71 -1.03
C GLN A 1087 -15.34 1.63 -1.29
N GLN A 1088 -15.77 1.86 -2.53
CA GLN A 1088 -17.20 1.75 -2.72
C GLN A 1088 -17.69 0.32 -2.91
N LEU A 1089 -16.83 -0.66 -3.18
CA LEU A 1089 -17.34 -2.03 -3.09
C LEU A 1089 -17.55 -2.42 -1.63
N VAL A 1090 -16.66 -1.96 -0.74
CA VAL A 1090 -16.88 -2.15 0.69
C VAL A 1090 -18.16 -1.47 1.13
N ARG A 1091 -18.35 -0.22 0.71
CA ARG A 1091 -19.62 0.43 0.96
C ARG A 1091 -20.76 -0.22 0.19
N SER A 1092 -20.49 -1.00 -0.84
CA SER A 1092 -21.56 -1.69 -1.54
C SER A 1092 -22.12 -2.83 -0.72
N GLU A 1093 -21.25 -3.66 -0.11
CA GLU A 1093 -21.88 -4.70 0.71
C GLU A 1093 -22.38 -4.09 2.02
N SER A 1094 -21.76 -3.00 2.47
CA SER A 1094 -22.31 -2.27 3.60
C SER A 1094 -23.71 -1.74 3.29
N ALA A 1095 -23.90 -1.23 2.07
CA ALA A 1095 -25.20 -0.76 1.65
C ALA A 1095 -26.18 -1.91 1.49
N ALA A 1096 -25.69 -3.07 1.04
CA ALA A 1096 -26.56 -4.24 0.90
C ALA A 1096 -27.09 -4.69 2.25
N LEU A 1097 -26.21 -4.82 3.24
CA LEU A 1097 -26.65 -5.22 4.57
C LEU A 1097 -27.49 -4.13 5.21
N SER A 1098 -27.15 -2.86 4.97
CA SER A 1098 -27.93 -1.77 5.53
C SER A 1098 -29.32 -1.69 4.93
N ALA A 1099 -29.44 -1.91 3.63
CA ALA A 1099 -30.74 -1.90 2.98
C ALA A 1099 -31.57 -3.10 3.39
N GLN A 1100 -30.91 -4.25 3.60
CA GLN A 1100 -31.62 -5.40 4.14
C GLN A 1100 -32.16 -5.12 5.53
N LEU A 1101 -31.34 -4.48 6.38
CA LEU A 1101 -31.79 -4.14 7.72
C LEU A 1101 -32.89 -3.09 7.69
N ALA A 1102 -32.81 -2.14 6.75
CA ALA A 1102 -33.86 -1.15 6.61
C ALA A 1102 -35.16 -1.78 6.15
N LYS A 1103 -35.06 -2.77 5.26
CA LYS A 1103 -36.24 -3.54 4.85
C LYS A 1103 -36.83 -4.27 6.04
N ASP A 1104 -35.98 -4.83 6.89
CA ASP A 1104 -36.47 -5.47 8.11
C ASP A 1104 -37.12 -4.46 9.05
N LYS A 1105 -36.55 -3.27 9.14
CA LYS A 1105 -37.10 -2.24 10.02
C LYS A 1105 -38.46 -1.75 9.54
N VAL A 1106 -38.60 -1.56 8.22
CA VAL A 1106 -39.92 -1.20 7.70
C VAL A 1106 -40.87 -2.38 7.69
N ASN A 1107 -40.35 -3.60 7.83
CA ASN A 1107 -41.20 -4.77 7.92
C ASN A 1107 -41.64 -5.08 9.35
N GLU A 1108 -40.95 -4.56 10.37
CA GLU A 1108 -41.24 -4.93 11.75
C GLU A 1108 -41.98 -3.84 12.50
N CYS A 1109 -41.40 -2.64 12.62
CA CYS A 1109 -41.98 -1.60 13.45
C CYS A 1109 -42.66 -0.51 12.63
N VAL A 1110 -42.93 -0.79 11.35
CA VAL A 1110 -43.65 0.13 10.47
C VAL A 1110 -44.95 -0.46 10.00
N LYS A 1111 -44.93 -1.71 9.51
CA LYS A 1111 -46.13 -2.39 9.07
C LYS A 1111 -46.68 -3.38 10.09
N ALA A 1112 -46.11 -3.44 11.29
CA ALA A 1112 -46.58 -4.34 12.32
C ALA A 1112 -46.17 -3.79 13.68
N GLN A 1113 -46.53 -4.51 14.73
CA GLN A 1113 -46.07 -4.21 16.08
C GLN A 1113 -44.83 -5.04 16.39
N SER A 1114 -43.76 -4.36 16.82
CA SER A 1114 -42.49 -5.01 17.00
C SER A 1114 -42.49 -5.91 18.23
N LYS A 1115 -41.44 -6.73 18.33
CA LYS A 1115 -41.23 -7.60 19.48
C LYS A 1115 -39.86 -7.46 20.11
N ARG A 1116 -38.86 -6.94 19.39
CA ARG A 1116 -37.56 -6.73 19.98
C ARG A 1116 -37.58 -5.50 20.88
N SER A 1117 -37.02 -5.63 22.07
CA SER A 1117 -36.99 -4.56 23.07
C SER A 1117 -36.20 -3.35 22.56
N GLY A 1118 -36.91 -2.25 22.32
CA GLY A 1118 -36.30 -1.07 21.75
C GLY A 1118 -35.77 -1.35 20.35
N PHE A 1119 -36.61 -1.97 19.52
CA PHE A 1119 -36.16 -2.43 18.20
C PHE A 1119 -35.76 -1.26 17.31
N CYS A 1120 -36.65 -0.27 17.18
CA CYS A 1120 -36.36 0.90 16.36
C CYS A 1120 -36.64 2.20 17.09
N GLY A 1121 -37.06 2.15 18.36
CA GLY A 1121 -37.29 3.34 19.14
C GLY A 1121 -36.59 3.25 20.46
N GLN A 1122 -36.34 4.43 21.05
CA GLN A 1122 -35.69 4.51 22.35
C GLN A 1122 -36.66 4.01 23.40
N GLY A 1123 -36.50 2.76 23.81
CA GLY A 1123 -37.44 2.16 24.74
C GLY A 1123 -38.66 1.64 24.00
N THR A 1124 -39.84 2.01 24.51
CA THR A 1124 -41.10 1.47 23.99
C THR A 1124 -41.50 2.26 22.76
N HIS A 1125 -41.13 1.74 21.59
CA HIS A 1125 -41.56 2.31 20.33
C HIS A 1125 -43.03 2.00 20.06
N ILE A 1126 -43.72 2.92 19.40
CA ILE A 1126 -45.15 2.76 19.17
C ILE A 1126 -45.44 2.67 17.68
N VAL A 1127 -45.17 3.75 16.93
CA VAL A 1127 -45.47 3.84 15.51
C VAL A 1127 -44.23 4.41 14.82
N SER A 1128 -44.04 4.08 13.54
CA SER A 1128 -42.93 4.63 12.79
C SER A 1128 -43.41 5.12 11.42
N PHE A 1129 -42.61 6.01 10.84
CA PHE A 1129 -42.89 6.60 9.53
C PHE A 1129 -41.62 6.63 8.71
N VAL A 1130 -41.77 6.48 7.39
CA VAL A 1130 -40.69 6.17 6.46
C VAL A 1130 -40.69 7.19 5.34
N VAL A 1131 -39.51 7.75 5.05
CA VAL A 1131 -39.30 8.62 3.90
C VAL A 1131 -38.00 8.21 3.21
N ASN A 1132 -37.88 8.58 1.94
CA ASN A 1132 -36.70 8.26 1.14
C ASN A 1132 -35.79 9.47 1.08
N ALA A 1133 -34.67 9.41 1.81
CA ALA A 1133 -33.65 10.42 1.67
C ALA A 1133 -32.96 10.25 0.32
N PRO A 1134 -32.49 11.36 -0.29
CA PRO A 1134 -31.93 11.27 -1.65
C PRO A 1134 -30.72 10.35 -1.79
N ASN A 1135 -30.14 9.86 -0.69
CA ASN A 1135 -29.15 8.80 -0.75
C ASN A 1135 -29.45 7.61 0.17
N GLY A 1136 -30.52 7.64 0.94
CA GLY A 1136 -30.79 6.59 1.89
C GLY A 1136 -32.24 6.57 2.30
N LEU A 1137 -32.51 6.11 3.51
CA LEU A 1137 -33.89 5.97 3.91
C LEU A 1137 -34.01 6.30 5.40
N TYR A 1138 -35.06 7.06 5.74
CA TYR A 1138 -35.12 7.82 6.98
C TYR A 1138 -36.44 7.57 7.68
N PHE A 1139 -36.42 7.58 9.01
CA PHE A 1139 -37.57 7.15 9.79
C PHE A 1139 -37.79 8.05 10.99
N MET A 1140 -39.06 8.39 11.20
CA MET A 1140 -39.59 8.87 12.47
C MET A 1140 -40.08 7.70 13.30
N HIS A 1141 -39.93 7.82 14.62
CA HIS A 1141 -40.35 6.79 15.56
C HIS A 1141 -41.06 7.48 16.71
N VAL A 1142 -42.39 7.46 16.68
CA VAL A 1142 -43.19 7.86 17.82
C VAL A 1142 -43.15 6.71 18.83
N GLY A 1143 -42.74 7.02 20.06
CA GLY A 1143 -42.52 5.98 21.04
C GLY A 1143 -42.93 6.43 22.44
N TYR A 1144 -43.29 5.45 23.25
CA TYR A 1144 -43.78 5.69 24.60
C TYR A 1144 -42.62 6.12 25.52
N TYR A 1145 -42.76 7.30 26.12
CA TYR A 1145 -41.78 7.84 27.04
C TYR A 1145 -42.43 8.04 28.41
N PRO A 1146 -41.82 7.55 29.48
CA PRO A 1146 -42.43 7.64 30.81
C PRO A 1146 -41.97 8.86 31.60
N SER A 1147 -42.81 9.27 32.54
CA SER A 1147 -42.50 10.38 33.43
C SER A 1147 -43.42 10.31 34.64
N ASN A 1148 -42.93 10.89 35.75
CA ASN A 1148 -43.61 10.93 37.05
C ASN A 1148 -43.91 9.51 37.53
N HIS A 1149 -42.82 8.79 37.79
CA HIS A 1149 -42.89 7.43 38.31
C HIS A 1149 -43.22 7.46 39.79
N ILE A 1150 -44.27 6.73 40.18
CA ILE A 1150 -44.78 6.80 41.55
C ILE A 1150 -44.53 5.48 42.25
N GLU A 1151 -44.85 5.43 43.55
CA GLU A 1151 -44.52 4.29 44.40
C GLU A 1151 -45.83 3.70 44.92
N VAL A 1152 -46.17 2.51 44.45
CA VAL A 1152 -47.41 1.84 44.78
C VAL A 1152 -47.13 0.38 45.11
N VAL A 1153 -48.18 -0.43 45.28
CA VAL A 1153 -48.06 -1.80 45.74
C VAL A 1153 -48.41 -2.73 44.58
N SER A 1154 -47.81 -3.92 44.56
CA SER A 1154 -48.19 -4.97 43.63
C SER A 1154 -48.05 -6.34 44.29
N ALA A 1155 -48.08 -7.38 43.47
CA ALA A 1155 -47.85 -8.74 43.96
C ALA A 1155 -47.26 -9.55 42.82
N TYR A 1156 -47.26 -10.86 42.98
CA TYR A 1156 -46.79 -11.76 41.93
C TYR A 1156 -47.91 -12.60 41.34
N GLY A 1157 -48.98 -12.84 42.11
CA GLY A 1157 -50.14 -13.55 41.64
C GLY A 1157 -51.18 -13.71 42.72
N LEU A 1158 -52.44 -13.47 42.40
CA LEU A 1158 -53.51 -13.65 43.37
C LEU A 1158 -53.98 -15.09 43.38
N CYS A 1159 -54.39 -15.55 44.57
CA CYS A 1159 -54.91 -16.90 44.74
C CYS A 1159 -56.08 -16.83 45.73
N ASP A 1160 -56.60 -17.99 46.10
CA ASP A 1160 -57.72 -18.09 47.04
C ASP A 1160 -57.43 -19.16 48.07
N ALA A 1161 -57.77 -18.86 49.33
CA ALA A 1161 -57.62 -19.85 50.38
C ALA A 1161 -58.72 -20.89 50.31
N ALA A 1162 -59.96 -20.47 50.04
CA ALA A 1162 -61.08 -21.41 49.97
C ALA A 1162 -60.94 -22.37 48.80
N ASN A 1163 -60.48 -21.87 47.66
CA ASN A 1163 -60.17 -22.69 46.50
C ASN A 1163 -58.67 -22.54 46.25
N PRO A 1164 -57.86 -23.44 46.80
CA PRO A 1164 -56.39 -23.28 46.68
C PRO A 1164 -55.88 -23.32 45.24
N THR A 1165 -56.51 -24.11 44.38
CA THR A 1165 -56.08 -24.18 42.99
C THR A 1165 -56.42 -22.91 42.22
N ASN A 1166 -57.36 -22.11 42.71
CA ASN A 1166 -57.80 -20.91 42.01
C ASN A 1166 -56.72 -19.84 42.16
N CYS A 1167 -55.93 -19.66 41.10
CA CYS A 1167 -54.94 -18.59 41.05
C CYS A 1167 -55.02 -17.93 39.67
N ILE A 1168 -54.76 -16.63 39.63
CA ILE A 1168 -54.89 -15.86 38.41
C ILE A 1168 -53.61 -15.08 38.13
N ALA A 1169 -53.42 -14.74 36.85
CA ALA A 1169 -52.30 -13.93 36.42
C ALA A 1169 -52.78 -13.07 35.26
N PRO A 1170 -52.61 -11.75 35.31
CA PRO A 1170 -53.17 -10.88 34.27
C PRO A 1170 -52.51 -11.08 32.92
N VAL A 1171 -53.28 -10.77 31.87
CA VAL A 1171 -52.78 -10.79 30.50
C VAL A 1171 -52.21 -9.40 30.21
N ASN A 1172 -50.88 -9.29 30.29
CA ASN A 1172 -50.14 -8.05 30.03
C ASN A 1172 -50.63 -6.92 30.93
N GLY A 1173 -50.58 -7.17 32.23
CA GLY A 1173 -51.03 -6.17 33.19
C GLY A 1173 -50.69 -6.59 34.60
N TYR A 1174 -50.93 -5.67 35.53
CA TYR A 1174 -50.50 -5.79 36.92
C TYR A 1174 -51.68 -5.56 37.86
N PHE A 1175 -51.44 -5.78 39.15
CA PHE A 1175 -52.46 -5.63 40.18
C PHE A 1175 -52.10 -4.52 41.17
N ILE A 1176 -53.10 -3.73 41.54
CA ILE A 1176 -52.96 -2.64 42.49
C ILE A 1176 -54.01 -2.78 43.58
N LYS A 1177 -53.57 -2.64 44.84
CA LYS A 1177 -54.47 -2.67 45.98
C LYS A 1177 -54.99 -1.26 46.19
N THR A 1178 -56.05 -0.91 45.48
CA THR A 1178 -56.59 0.44 45.52
C THR A 1178 -57.27 0.73 46.85
N ASN A 1179 -57.27 2.01 47.21
CA ASN A 1179 -57.99 2.45 48.41
C ASN A 1179 -59.49 2.36 48.21
N ASN A 1180 -59.97 2.58 46.99
CA ASN A 1180 -61.40 2.52 46.70
C ASN A 1180 -61.90 1.08 46.70
N GLU A 1186 -58.74 -2.91 47.25
CA GLU A 1186 -58.84 -4.24 46.63
C GLU A 1186 -57.89 -4.31 45.43
N TRP A 1187 -57.45 -5.52 45.09
CA TRP A 1187 -56.57 -5.70 43.95
C TRP A 1187 -57.33 -5.57 42.64
N SER A 1188 -56.76 -4.80 41.71
CA SER A 1188 -57.43 -4.43 40.48
C SER A 1188 -56.41 -4.30 39.36
N TYR A 1189 -56.90 -4.28 38.13
CA TYR A 1189 -56.05 -4.31 36.96
C TYR A 1189 -55.44 -2.94 36.68
N THR A 1190 -54.18 -2.96 36.22
CA THR A 1190 -53.54 -1.79 35.64
C THR A 1190 -52.67 -2.25 34.48
N GLY A 1191 -52.34 -1.30 33.61
CA GLY A 1191 -51.57 -1.63 32.43
C GLY A 1191 -50.12 -1.93 32.74
N SER A 1192 -49.42 -2.43 31.72
CA SER A 1192 -47.99 -2.71 31.82
C SER A 1192 -47.13 -1.55 31.36
N SER A 1193 -47.74 -0.44 30.96
CA SER A 1193 -47.02 0.75 30.53
C SER A 1193 -47.43 2.01 31.26
N PHE A 1194 -48.61 2.03 31.87
CA PHE A 1194 -49.14 3.23 32.51
C PHE A 1194 -49.76 2.90 33.85
N TYR A 1195 -49.67 3.85 34.77
CA TYR A 1195 -50.40 3.75 36.04
C TYR A 1195 -51.87 4.01 35.74
N ALA A 1196 -52.55 2.95 35.33
CA ALA A 1196 -53.92 3.06 34.82
C ALA A 1196 -54.88 2.39 35.79
N PRO A 1197 -55.65 3.15 36.55
CA PRO A 1197 -56.63 2.53 37.46
C PRO A 1197 -57.88 2.12 36.72
N GLU A 1198 -58.10 0.81 36.60
CA GLU A 1198 -59.32 0.25 36.06
C GLU A 1198 -59.69 -0.99 36.85
N PRO A 1199 -60.98 -1.33 36.91
CA PRO A 1199 -61.38 -2.57 37.61
C PRO A 1199 -60.84 -3.80 36.91
N ILE A 1200 -60.55 -4.82 37.71
CA ILE A 1200 -60.03 -6.08 37.19
C ILE A 1200 -61.18 -6.90 36.60
N THR A 1201 -60.97 -7.42 35.40
CA THR A 1201 -61.90 -8.34 34.76
C THR A 1201 -61.14 -9.57 34.31
N SER A 1202 -61.90 -10.61 33.95
CA SER A 1202 -61.30 -11.82 33.40
C SER A 1202 -60.97 -11.70 31.93
N LEU A 1203 -61.37 -10.60 31.27
CA LEU A 1203 -61.09 -10.40 29.86
C LEU A 1203 -59.62 -10.13 29.59
N ASN A 1204 -58.83 -9.82 30.62
CA ASN A 1204 -57.41 -9.57 30.48
C ASN A 1204 -56.61 -10.26 31.56
N THR A 1205 -57.04 -11.44 31.98
CA THR A 1205 -56.39 -12.20 33.04
C THR A 1205 -56.69 -13.68 32.86
N LYS A 1206 -55.64 -14.49 32.88
CA LYS A 1206 -55.73 -15.93 32.69
C LYS A 1206 -55.66 -16.66 34.03
N TYR A 1207 -56.07 -17.94 34.00
CA TYR A 1207 -55.96 -18.80 35.15
C TYR A 1207 -54.60 -19.50 35.17
N VAL A 1208 -54.04 -19.67 36.36
CA VAL A 1208 -52.73 -20.29 36.55
C VAL A 1208 -52.82 -21.28 37.71
N ALA A 1209 -51.66 -21.89 38.01
CA ALA A 1209 -51.53 -23.01 38.93
C ALA A 1209 -51.45 -22.55 40.39
N PRO A 1210 -51.86 -23.40 41.33
CA PRO A 1210 -51.67 -23.08 42.75
C PRO A 1210 -50.22 -23.11 43.17
N GLN A 1211 -49.85 -22.19 44.08
CA GLN A 1211 -48.59 -22.24 44.79
C GLN A 1211 -48.83 -21.70 46.21
N VAL A 1212 -48.17 -22.31 47.19
CA VAL A 1212 -48.40 -21.97 48.58
C VAL A 1212 -47.85 -20.58 48.93
N THR A 1213 -46.99 -20.02 48.09
CA THR A 1213 -46.26 -18.80 48.41
C THR A 1213 -47.11 -17.54 48.18
N TYR A 1214 -48.22 -17.66 47.44
CA TYR A 1214 -48.99 -16.49 47.06
C TYR A 1214 -50.03 -16.15 48.12
N GLN A 1215 -50.81 -15.11 47.83
CA GLN A 1215 -51.75 -14.51 48.76
C GLN A 1215 -53.19 -14.78 48.34
N ASN A 1216 -54.10 -14.58 49.29
CA ASN A 1216 -55.53 -14.73 49.07
C ASN A 1216 -56.26 -13.53 49.66
N ILE A 1217 -57.40 -13.19 49.05
CA ILE A 1217 -58.26 -12.11 49.54
C ILE A 1217 -59.70 -12.60 49.47
N SER A 1218 -60.48 -12.31 50.52
CA SER A 1218 -61.87 -12.73 50.58
C SER A 1218 -62.85 -11.58 50.74
N THR A 1219 -62.38 -10.34 50.75
CA THR A 1219 -63.28 -9.20 50.94
C THR A 1219 -64.11 -8.94 49.68
N ASN A 1220 -63.44 -8.61 48.58
CA ASN A 1220 -64.09 -8.36 47.30
C ASN A 1220 -63.45 -9.29 46.28
N LEU A 1221 -64.11 -10.40 45.99
CA LEU A 1221 -63.59 -11.36 45.03
C LEU A 1221 -63.72 -10.81 43.62
N PRO A 1222 -62.64 -10.75 42.85
CA PRO A 1222 -62.73 -10.29 41.46
C PRO A 1222 -63.50 -11.27 40.60
N PRO A 1223 -64.06 -10.80 39.48
CA PRO A 1223 -64.75 -11.70 38.54
C PRO A 1223 -63.88 -12.81 37.98
N PRO A 1224 -62.54 -12.67 37.94
CA PRO A 1224 -61.71 -13.88 37.75
C PRO A 1224 -61.88 -14.95 38.81
N LEU A 1225 -62.40 -14.63 39.99
CA LEU A 1225 -62.55 -15.61 41.06
C LEU A 1225 -63.98 -16.12 41.18
N LEU A 1226 -64.64 -16.39 40.06
CA LEU A 1226 -65.99 -16.94 40.09
C LEU A 1226 -66.04 -18.38 39.58
N VAL B 22 58.58 -9.43 12.09
CA VAL B 22 59.41 -10.63 12.14
C VAL B 22 60.26 -10.63 13.41
N ASP B 23 60.66 -11.82 13.85
CA ASP B 23 61.50 -11.95 15.03
C ASP B 23 62.29 -13.25 14.87
N VAL B 24 62.93 -13.70 15.94
CA VAL B 24 63.84 -14.83 15.88
C VAL B 24 63.08 -16.12 16.16
N GLY B 25 63.59 -17.22 15.59
CA GLY B 25 63.04 -18.53 15.81
C GLY B 25 64.11 -19.60 15.71
N PRO B 26 64.22 -20.44 16.74
CA PRO B 26 65.33 -21.39 16.80
C PRO B 26 65.12 -22.59 15.89
N ASP B 27 66.20 -23.35 15.71
CA ASP B 27 66.17 -24.62 15.01
C ASP B 27 66.27 -25.74 16.03
N SER B 28 65.31 -26.68 15.99
CA SER B 28 65.19 -27.71 17.02
C SER B 28 66.36 -28.67 17.07
N VAL B 29 66.52 -29.49 16.03
CA VAL B 29 67.54 -30.53 16.01
C VAL B 29 68.19 -30.56 14.63
N LYS B 30 69.05 -31.54 14.41
CA LYS B 30 69.54 -31.82 13.07
C LYS B 30 68.41 -32.33 12.19
N SER B 31 68.63 -32.26 10.88
CA SER B 31 67.60 -32.64 9.92
C SER B 31 67.43 -34.15 9.90
N ALA B 32 66.58 -34.67 10.79
CA ALA B 32 66.34 -36.11 10.88
C ALA B 32 64.99 -36.31 11.55
N CYS B 33 64.04 -36.87 10.82
CA CYS B 33 62.70 -37.14 11.35
C CYS B 33 62.65 -38.56 11.91
N ILE B 34 61.91 -38.73 13.01
CA ILE B 34 61.77 -40.03 13.63
C ILE B 34 60.80 -40.87 12.80
N GLU B 35 60.76 -42.17 13.06
CA GLU B 35 60.01 -43.09 12.21
C GLU B 35 58.51 -42.99 12.47
N VAL B 36 57.75 -43.00 11.38
CA VAL B 36 56.29 -42.91 11.43
C VAL B 36 55.72 -44.12 10.70
N ASP B 37 54.77 -44.80 11.33
CA ASP B 37 54.16 -46.00 10.76
C ASP B 37 52.88 -45.67 10.01
N ILE B 38 52.26 -46.70 9.45
CA ILE B 38 50.94 -46.63 8.83
C ILE B 38 50.17 -47.85 9.34
N GLN B 39 49.24 -47.63 10.28
CA GLN B 39 48.52 -48.73 10.90
C GLN B 39 47.06 -48.36 11.11
N GLN B 40 46.43 -47.80 10.07
CA GLN B 40 45.04 -47.35 10.17
C GLN B 40 44.02 -48.48 10.27
N THR B 41 44.45 -49.74 10.21
CA THR B 41 43.53 -50.86 10.35
C THR B 41 42.89 -50.86 11.73
N PHE B 42 43.68 -50.62 12.78
CA PHE B 42 43.15 -50.59 14.13
C PHE B 42 42.50 -49.25 14.47
N PHE B 43 42.73 -48.22 13.66
CA PHE B 43 42.20 -46.89 13.96
C PHE B 43 40.83 -46.65 13.35
N ASP B 44 40.25 -47.65 12.67
CA ASP B 44 38.89 -47.55 12.15
C ASP B 44 37.93 -48.01 13.24
N LYS B 45 37.87 -47.21 14.30
CA LYS B 45 37.01 -47.47 15.45
C LYS B 45 35.85 -46.47 15.45
N THR B 46 34.91 -46.67 16.36
CA THR B 46 33.77 -45.79 16.45
C THR B 46 33.40 -45.55 17.91
N TRP B 47 33.03 -44.30 18.19
CA TRP B 47 32.49 -43.91 19.50
C TRP B 47 31.52 -42.77 19.27
N PRO B 48 30.31 -43.06 18.80
CA PRO B 48 29.40 -42.01 18.34
C PRO B 48 28.81 -41.22 19.50
N ARG B 49 29.13 -39.93 19.55
CA ARG B 49 28.54 -39.00 20.50
C ARG B 49 28.05 -37.77 19.75
N PRO B 50 26.99 -37.92 18.94
CA PRO B 50 26.54 -36.80 18.11
C PRO B 50 25.96 -35.67 18.95
N ILE B 51 26.16 -34.45 18.46
CA ILE B 51 25.74 -33.26 19.19
C ILE B 51 24.23 -33.12 19.14
N ASP B 52 23.67 -32.60 20.23
CA ASP B 52 22.25 -32.29 20.33
C ASP B 52 22.12 -30.80 20.57
N VAL B 53 21.68 -30.08 19.54
CA VAL B 53 21.44 -28.64 19.69
C VAL B 53 20.28 -28.40 20.65
N SER B 54 19.32 -29.32 20.72
CA SER B 54 18.28 -29.26 21.73
C SER B 54 18.87 -29.39 23.13
N LYS B 55 19.98 -30.08 23.28
CA LYS B 55 20.73 -30.11 24.53
C LYS B 55 21.88 -29.11 24.53
N ALA B 56 21.94 -28.24 23.52
CA ALA B 56 22.89 -27.13 23.42
C ALA B 56 24.34 -27.62 23.43
N ASP B 57 24.68 -28.39 22.40
CA ASP B 57 26.02 -28.92 22.22
C ASP B 57 26.67 -28.21 21.04
N GLY B 58 27.62 -27.32 21.32
CA GLY B 58 28.38 -26.66 20.28
C GLY B 58 27.62 -25.64 19.46
N ILE B 59 27.19 -24.56 20.08
CA ILE B 59 26.51 -23.46 19.41
C ILE B 59 27.23 -22.17 19.76
N ILE B 60 27.55 -21.38 18.73
CA ILE B 60 28.45 -20.24 18.88
C ILE B 60 27.72 -19.11 19.58
N TYR B 61 28.38 -18.52 20.58
CA TYR B 61 27.85 -17.34 21.23
C TYR B 61 27.82 -16.16 20.24
N PRO B 62 26.76 -15.36 20.24
CA PRO B 62 26.69 -14.24 19.30
C PRO B 62 27.76 -13.20 19.58
N GLN B 63 28.35 -12.69 18.51
CA GLN B 63 29.49 -11.80 18.65
C GLN B 63 29.09 -10.34 18.90
N GLY B 64 27.80 -10.01 18.85
CA GLY B 64 27.46 -8.62 19.00
C GLY B 64 26.67 -8.19 20.23
N ARG B 65 25.67 -8.98 20.66
CA ARG B 65 24.71 -8.52 21.66
C ARG B 65 23.82 -9.68 22.07
N THR B 66 23.11 -9.51 23.19
CA THR B 66 22.14 -10.50 23.64
C THR B 66 20.83 -9.83 24.09
N TYR B 67 19.95 -10.67 24.61
CA TYR B 67 18.57 -10.32 24.93
C TYR B 67 18.25 -10.89 26.30
N SER B 68 16.97 -10.91 26.70
CA SER B 68 16.63 -11.51 27.99
C SER B 68 15.32 -12.28 27.92
N ASN B 69 15.36 -13.51 28.42
CA ASN B 69 14.19 -14.36 28.70
C ASN B 69 13.31 -14.60 27.49
N ILE B 70 13.86 -14.53 26.28
CA ILE B 70 13.10 -14.65 25.04
C ILE B 70 13.87 -15.50 24.04
N THR B 71 13.16 -15.93 22.99
CA THR B 71 13.72 -16.79 21.94
C THR B 71 13.80 -15.98 20.65
N ILE B 72 14.95 -16.08 19.98
CA ILE B 72 15.27 -15.23 18.83
C ILE B 72 15.67 -16.12 17.67
N THR B 73 15.06 -15.89 16.50
CA THR B 73 15.56 -16.49 15.29
C THR B 73 16.76 -15.69 14.78
N TYR B 74 17.78 -16.40 14.31
CA TYR B 74 19.03 -15.71 14.01
C TYR B 74 19.80 -16.44 12.91
N GLN B 75 20.38 -15.65 12.00
CA GLN B 75 21.13 -16.13 10.85
C GLN B 75 22.62 -16.03 11.12
N GLY B 76 23.35 -17.10 10.85
CA GLY B 76 24.78 -17.09 11.07
C GLY B 76 25.47 -18.25 10.38
N LEU B 77 26.71 -18.50 10.81
CA LEU B 77 27.50 -19.65 10.34
C LEU B 77 27.34 -20.74 11.38
N PHE B 78 26.53 -21.75 11.05
CA PHE B 78 26.00 -22.74 11.97
C PHE B 78 26.30 -24.15 11.50
N PRO B 79 26.41 -25.11 12.43
CA PRO B 79 26.46 -26.53 12.04
C PRO B 79 25.09 -27.18 12.02
N TYR B 80 25.04 -28.49 11.75
CA TYR B 80 23.82 -29.27 11.78
C TYR B 80 23.65 -30.01 13.11
N GLN B 81 22.66 -30.89 13.13
CA GLN B 81 22.21 -31.60 14.32
C GLN B 81 22.45 -33.11 14.18
N GLY B 82 23.02 -33.71 15.22
CA GLY B 82 22.99 -35.16 15.38
C GLY B 82 23.74 -35.96 14.34
N ASP B 83 24.87 -35.45 13.85
CA ASP B 83 25.73 -36.16 12.91
C ASP B 83 27.07 -36.52 13.56
N HIS B 84 27.78 -37.45 12.92
CA HIS B 84 28.96 -38.05 13.55
C HIS B 84 30.17 -37.14 13.47
N GLY B 85 30.52 -36.69 12.28
CA GLY B 85 31.63 -35.74 12.10
C GLY B 85 32.95 -36.43 11.78
N ASP B 86 33.94 -36.24 12.65
CA ASP B 86 35.35 -36.47 12.33
C ASP B 86 36.04 -37.26 13.44
N MET B 87 35.47 -38.43 13.74
CA MET B 87 35.96 -39.35 14.76
C MET B 87 37.42 -39.76 14.58
N TYR B 88 38.31 -39.23 15.42
CA TYR B 88 39.73 -39.60 15.46
C TYR B 88 40.20 -39.66 16.92
N VAL B 89 41.26 -40.44 17.15
CA VAL B 89 41.95 -40.50 18.44
C VAL B 89 43.45 -40.40 18.18
N TYR B 90 44.15 -39.57 18.97
CA TYR B 90 45.60 -39.61 19.00
C TYR B 90 46.06 -40.88 19.71
N SER B 91 46.66 -41.80 18.97
CA SER B 91 46.91 -43.16 19.44
C SER B 91 48.20 -43.24 20.26
N ALA B 92 48.25 -44.26 21.12
CA ALA B 92 49.45 -44.54 21.89
C ALA B 92 50.47 -45.27 21.05
N GLY B 93 51.74 -44.88 21.21
CA GLY B 93 52.81 -45.47 20.43
C GLY B 93 53.21 -46.84 20.91
N HIS B 94 54.07 -47.48 20.13
CA HIS B 94 54.61 -48.78 20.51
C HIS B 94 55.64 -48.62 21.62
N ALA B 95 55.69 -49.61 22.49
CA ALA B 95 56.64 -49.63 23.60
C ALA B 95 56.82 -51.07 24.06
N THR B 96 57.91 -51.31 24.79
CA THR B 96 58.21 -52.60 25.39
C THR B 96 58.67 -52.35 26.82
N GLY B 97 57.75 -52.49 27.77
CA GLY B 97 58.06 -52.22 29.16
C GLY B 97 58.29 -50.75 29.42
N THR B 98 59.54 -50.37 29.66
CA THR B 98 59.90 -48.98 29.93
C THR B 98 60.64 -48.34 28.77
N THR B 99 60.46 -48.86 27.55
CA THR B 99 61.19 -48.37 26.39
C THR B 99 60.25 -47.67 25.42
N PRO B 100 60.30 -46.34 25.32
CA PRO B 100 59.47 -45.65 24.31
C PRO B 100 59.96 -45.87 22.90
N GLN B 101 59.23 -46.66 22.12
CA GLN B 101 59.60 -46.97 20.75
C GLN B 101 58.94 -45.97 19.80
N LYS B 102 58.96 -46.28 18.50
CA LYS B 102 58.53 -45.35 17.47
C LYS B 102 57.02 -45.18 17.47
N LEU B 103 56.53 -44.39 16.53
CA LEU B 103 55.16 -43.92 16.54
C LEU B 103 54.19 -45.01 16.09
N PHE B 104 52.95 -44.91 16.59
CA PHE B 104 51.83 -45.78 16.19
C PHE B 104 50.68 -44.85 15.85
N VAL B 105 50.66 -44.35 14.61
CA VAL B 105 49.77 -43.26 14.21
C VAL B 105 49.14 -43.60 12.86
N ALA B 106 48.21 -42.74 12.45
CA ALA B 106 47.40 -42.93 11.25
C ALA B 106 47.94 -42.10 10.09
N ASN B 107 47.22 -42.16 8.96
CA ASN B 107 47.54 -41.36 7.78
C ASN B 107 46.65 -40.13 7.65
N TYR B 108 46.01 -39.73 8.74
CA TYR B 108 45.08 -38.60 8.72
C TYR B 108 45.76 -37.27 8.41
N SER B 109 47.09 -37.20 8.49
CA SER B 109 47.81 -36.03 8.02
C SER B 109 47.72 -35.87 6.51
N GLN B 110 47.41 -36.94 5.78
CA GLN B 110 47.32 -36.91 4.33
C GLN B 110 45.93 -36.54 3.82
N ASP B 111 44.96 -36.34 4.71
CA ASP B 111 43.58 -36.10 4.33
C ASP B 111 43.21 -34.65 4.60
N VAL B 112 42.65 -33.99 3.59
CA VAL B 112 42.33 -32.57 3.66
C VAL B 112 40.92 -32.37 3.12
N LYS B 113 40.31 -31.25 3.50
CA LYS B 113 38.94 -30.95 3.08
C LYS B 113 38.72 -29.44 3.18
N GLN B 114 37.62 -29.00 2.56
CA GLN B 114 37.35 -27.57 2.43
C GLN B 114 37.01 -26.93 3.76
N PHE B 115 37.50 -25.70 3.97
CA PHE B 115 37.33 -25.01 5.23
C PHE B 115 35.87 -24.59 5.46
N ALA B 116 35.17 -24.24 4.38
CA ALA B 116 33.81 -23.71 4.39
C ALA B 116 33.69 -22.46 5.26
N ASN B 117 33.04 -22.58 6.41
CA ASN B 117 32.71 -21.41 7.24
C ASN B 117 33.08 -21.67 8.70
N GLY B 118 34.29 -22.19 8.93
CA GLY B 118 34.74 -22.46 10.28
C GLY B 118 34.36 -23.85 10.75
N PHE B 119 35.03 -24.29 11.82
CA PHE B 119 34.72 -25.61 12.33
C PHE B 119 34.90 -25.63 13.85
N VAL B 120 34.23 -26.57 14.49
CA VAL B 120 34.16 -26.66 15.95
C VAL B 120 34.71 -28.00 16.40
N VAL B 121 35.50 -27.96 17.48
CA VAL B 121 36.19 -29.12 18.03
C VAL B 121 36.01 -29.12 19.54
N ARG B 122 35.59 -30.27 20.08
CA ARG B 122 35.49 -30.46 21.52
C ARG B 122 36.57 -31.41 22.01
N ILE B 123 37.02 -31.20 23.24
CA ILE B 123 38.09 -31.99 23.85
C ILE B 123 37.63 -32.44 25.23
N GLY B 124 37.82 -33.72 25.55
CA GLY B 124 37.32 -34.24 26.80
C GLY B 124 36.10 -35.12 26.66
N ALA B 125 36.18 -36.06 25.71
CA ALA B 125 35.06 -36.98 25.43
C ALA B 125 34.66 -37.77 26.67
N ALA B 126 35.57 -38.60 27.18
CA ALA B 126 35.29 -39.50 28.28
C ALA B 126 36.34 -39.37 29.36
N ALA B 127 36.64 -38.13 29.75
CA ALA B 127 37.52 -37.88 30.86
C ALA B 127 36.91 -38.43 32.15
N ASN B 128 37.79 -38.89 33.05
CA ASN B 128 37.41 -39.57 34.29
C ASN B 128 36.55 -40.80 34.01
N SER B 129 36.91 -41.54 32.96
CA SER B 129 36.21 -42.77 32.60
C SER B 129 37.23 -43.77 32.11
N THR B 130 36.84 -45.05 32.17
CA THR B 130 37.74 -46.15 31.84
C THR B 130 37.59 -46.54 30.37
N GLY B 131 38.70 -46.58 29.66
CA GLY B 131 38.70 -47.02 28.28
C GLY B 131 39.92 -47.88 28.00
N THR B 132 39.77 -48.74 27.00
CA THR B 132 40.86 -49.63 26.62
C THR B 132 41.91 -48.89 25.80
N VAL B 133 43.13 -49.41 25.87
CA VAL B 133 44.22 -48.90 25.04
C VAL B 133 44.07 -49.50 23.66
N ILE B 134 44.18 -48.67 22.62
CA ILE B 134 43.96 -49.14 21.26
C ILE B 134 45.10 -50.06 20.83
N ILE B 135 46.35 -49.66 21.09
CA ILE B 135 47.48 -50.51 20.73
C ILE B 135 47.60 -51.70 21.68
N SER B 136 47.08 -51.58 22.90
CA SER B 136 47.13 -52.65 23.89
C SER B 136 45.71 -52.96 24.34
N PRO B 137 44.95 -53.73 23.54
CA PRO B 137 43.57 -54.04 23.92
C PRO B 137 43.44 -54.94 25.13
N SER B 138 44.52 -55.63 25.53
CA SER B 138 44.49 -56.50 26.70
C SER B 138 44.44 -55.73 28.01
N THR B 139 44.65 -54.43 28.00
CA THR B 139 44.61 -53.62 29.21
C THR B 139 43.78 -52.37 28.96
N SER B 140 43.37 -51.73 30.05
CA SER B 140 42.57 -50.52 30.00
C SER B 140 43.08 -49.56 31.08
N ALA B 141 42.71 -48.30 30.94
CA ALA B 141 43.12 -47.27 31.90
C ALA B 141 42.09 -46.17 31.88
N THR B 142 42.19 -45.28 32.87
CA THR B 142 41.33 -44.10 32.90
C THR B 142 41.69 -43.18 31.73
N ILE B 143 40.66 -42.69 31.03
CA ILE B 143 40.89 -41.96 29.79
C ILE B 143 41.40 -40.57 30.10
N ARG B 144 42.55 -40.23 29.52
CA ARG B 144 43.17 -38.92 29.69
C ARG B 144 42.96 -38.10 28.42
N LYS B 145 42.76 -36.80 28.60
CA LYS B 145 42.49 -35.93 27.47
C LYS B 145 43.78 -35.49 26.80
N ILE B 146 43.63 -35.02 25.55
CA ILE B 146 44.75 -34.59 24.72
C ILE B 146 44.24 -33.48 23.82
N TYR B 147 45.15 -32.59 23.41
CA TYR B 147 44.78 -31.34 22.78
C TYR B 147 45.44 -31.20 21.42
N PRO B 148 44.67 -30.95 20.35
CA PRO B 148 45.21 -31.08 18.99
C PRO B 148 45.74 -29.80 18.37
N ALA B 149 46.71 -29.95 17.47
CA ALA B 149 47.27 -28.85 16.69
C ALA B 149 46.56 -28.75 15.34
N PHE B 150 46.47 -27.52 14.82
CA PHE B 150 45.64 -27.21 13.67
C PHE B 150 46.49 -26.67 12.52
N MET B 151 46.22 -27.17 11.32
CA MET B 151 46.89 -26.75 10.09
C MET B 151 45.89 -26.04 9.21
N LEU B 152 46.27 -24.86 8.68
CA LEU B 152 45.33 -23.99 7.98
C LEU B 152 46.03 -23.38 6.78
N GLY B 153 45.66 -23.81 5.58
CA GLY B 153 46.25 -23.24 4.38
C GLY B 153 45.28 -23.30 3.22
N SER B 154 45.39 -22.33 2.33
CA SER B 154 44.49 -22.21 1.18
C SER B 154 44.93 -23.04 -0.01
N SER B 155 46.05 -23.76 0.10
CA SER B 155 46.60 -24.51 -1.02
C SER B 155 46.84 -25.94 -0.61
N VAL B 156 46.80 -26.83 -1.60
CA VAL B 156 47.06 -28.25 -1.41
C VAL B 156 48.06 -28.71 -2.45
N GLY B 157 48.76 -29.79 -2.12
CA GLY B 157 49.73 -30.37 -3.04
C GLY B 157 50.12 -31.77 -2.59
N ASN B 158 50.60 -32.55 -3.55
CA ASN B 158 51.00 -33.92 -3.29
C ASN B 158 52.40 -34.00 -2.72
N PHE B 159 52.67 -35.08 -1.99
CA PHE B 159 54.00 -35.37 -1.48
C PHE B 159 54.87 -35.95 -2.60
N SER B 160 56.08 -36.36 -2.24
CA SER B 160 56.98 -37.02 -3.19
C SER B 160 56.91 -38.54 -3.11
N ASP B 161 56.09 -39.09 -2.21
CA ASP B 161 55.95 -40.54 -2.06
C ASP B 161 54.62 -41.07 -2.58
N GLY B 162 53.91 -40.28 -3.39
CA GLY B 162 52.60 -40.67 -3.88
C GLY B 162 51.45 -40.23 -3.01
N LYS B 163 51.71 -39.72 -1.82
CA LYS B 163 50.67 -39.21 -0.94
C LYS B 163 50.50 -37.71 -1.15
N MET B 164 49.63 -37.09 -0.35
CA MET B 164 49.24 -35.72 -0.58
C MET B 164 49.14 -34.97 0.74
N GLY B 165 49.26 -33.64 0.66
CA GLY B 165 49.19 -32.80 1.84
C GLY B 165 50.21 -31.68 1.86
N ARG B 166 50.97 -31.50 0.78
CA ARG B 166 51.91 -30.40 0.69
C ARG B 166 51.17 -29.07 0.59
N PHE B 167 51.62 -28.09 1.36
CA PHE B 167 50.98 -26.78 1.44
C PHE B 167 51.99 -25.72 1.08
N PHE B 168 51.67 -24.90 0.10
CA PHE B 168 52.55 -23.82 -0.35
C PHE B 168 52.17 -22.50 0.32
N ASN B 169 53.02 -21.49 0.13
CA ASN B 169 52.88 -20.13 0.67
C ASN B 169 52.77 -20.11 2.20
N HIS B 170 52.35 -18.98 2.76
CA HIS B 170 52.27 -18.86 4.21
C HIS B 170 51.04 -19.60 4.72
N THR B 171 51.15 -20.08 5.97
CA THR B 171 50.22 -21.06 6.52
C THR B 171 49.99 -20.78 7.99
N LEU B 172 48.73 -20.83 8.43
CA LEU B 172 48.38 -20.70 9.84
C LEU B 172 48.55 -22.05 10.53
N VAL B 173 49.21 -22.04 11.69
CA VAL B 173 49.34 -23.24 12.51
C VAL B 173 48.99 -22.87 13.95
N LEU B 174 48.07 -23.64 14.54
CA LEU B 174 47.66 -23.52 15.92
C LEU B 174 48.23 -24.69 16.73
N LEU B 175 48.53 -24.44 18.00
CA LEU B 175 49.21 -25.48 18.77
C LEU B 175 48.98 -25.33 20.28
N PRO B 176 48.53 -26.38 20.96
CA PRO B 176 48.54 -26.37 22.43
C PRO B 176 49.87 -26.86 22.99
N ASP B 177 50.39 -26.18 24.00
CA ASP B 177 51.71 -26.49 24.55
C ASP B 177 51.66 -26.35 26.07
N GLY B 178 52.69 -26.93 26.71
CA GLY B 178 52.80 -26.92 28.16
C GLY B 178 51.68 -27.73 28.80
N CYS B 179 51.63 -29.03 28.47
CA CYS B 179 50.50 -29.91 28.78
C CYS B 179 49.20 -29.35 28.18
N GLY B 180 49.31 -28.69 27.03
CA GLY B 180 48.19 -28.09 26.36
C GLY B 180 47.64 -26.84 26.99
N THR B 181 48.34 -26.26 27.98
CA THR B 181 47.79 -25.12 28.70
C THR B 181 47.79 -23.86 27.85
N LEU B 182 48.89 -23.55 27.19
CA LEU B 182 49.04 -22.28 26.50
C LEU B 182 48.98 -22.52 25.00
N LEU B 183 48.26 -21.65 24.28
CA LEU B 183 48.00 -21.82 22.86
C LEU B 183 48.91 -20.89 22.06
N ARG B 184 49.65 -21.47 21.13
CA ARG B 184 50.53 -20.74 20.21
C ARG B 184 49.94 -20.75 18.82
N ALA B 185 50.31 -19.74 18.04
CA ALA B 185 49.84 -19.64 16.66
C ALA B 185 50.89 -18.92 15.83
N PHE B 186 51.04 -19.36 14.59
CA PHE B 186 51.94 -18.66 13.69
C PHE B 186 51.47 -18.81 12.24
N TYR B 187 51.45 -17.69 11.54
CA TYR B 187 51.12 -17.62 10.11
C TYR B 187 52.45 -17.46 9.38
N CYS B 188 53.10 -18.58 9.10
CA CYS B 188 54.52 -18.57 8.74
C CYS B 188 54.76 -19.61 7.64
N ILE B 189 56.03 -19.82 7.31
CA ILE B 189 56.45 -20.74 6.26
C ILE B 189 57.05 -21.99 6.90
N LEU B 190 56.48 -23.15 6.58
CA LEU B 190 56.99 -24.43 7.06
C LEU B 190 57.69 -25.17 5.92
N GLU B 191 58.82 -25.80 6.25
CA GLU B 191 59.58 -26.57 5.26
C GLU B 191 59.95 -27.92 5.85
N PRO B 192 59.83 -29.01 5.08
CA PRO B 192 60.26 -30.32 5.58
C PRO B 192 61.77 -30.42 5.64
N ARG B 193 62.24 -31.42 6.38
CA ARG B 193 63.66 -31.66 6.56
C ARG B 193 64.17 -32.64 5.51
N SER B 194 65.50 -32.82 5.49
CA SER B 194 66.17 -33.64 4.48
C SER B 194 66.71 -34.94 5.08
N GLY B 195 66.13 -35.40 6.19
CA GLY B 195 66.54 -36.63 6.82
C GLY B 195 65.64 -37.79 6.48
N ASN B 196 65.86 -38.90 7.18
CA ASN B 196 65.02 -40.08 7.02
C ASN B 196 63.63 -39.83 7.60
N HIS B 197 62.62 -40.48 6.98
CA HIS B 197 61.22 -40.42 7.41
C HIS B 197 60.67 -39.00 7.40
N CYS B 198 61.22 -38.12 6.56
CA CYS B 198 60.85 -36.73 6.42
C CYS B 198 60.00 -36.53 5.16
N PRO B 199 59.10 -35.53 5.17
CA PRO B 199 58.28 -35.29 3.97
C PRO B 199 59.08 -34.95 2.72
N ALA B 200 60.21 -34.27 2.88
CA ALA B 200 61.15 -34.09 1.79
C ALA B 200 62.22 -35.17 1.77
N GLY B 201 62.15 -36.14 2.69
CA GLY B 201 63.13 -37.19 2.78
C GLY B 201 62.59 -38.55 2.39
N ASN B 202 63.45 -39.56 2.52
CA ASN B 202 63.14 -40.92 2.13
C ASN B 202 62.45 -41.66 3.27
N SER B 203 61.82 -42.79 2.91
CA SER B 203 61.08 -43.66 3.82
C SER B 203 60.00 -42.89 4.59
N TYR B 204 59.28 -42.03 3.88
CA TYR B 204 58.23 -41.23 4.48
C TYR B 204 56.90 -41.95 4.39
N THR B 205 56.19 -42.02 5.52
CA THR B 205 54.84 -42.54 5.56
C THR B 205 53.84 -41.44 5.94
N SER B 206 54.05 -40.79 7.09
CA SER B 206 53.25 -39.67 7.53
C SER B 206 54.10 -38.83 8.47
N PHE B 207 53.50 -37.79 9.03
CA PHE B 207 54.19 -36.97 10.02
C PHE B 207 53.26 -36.71 11.20
N ALA B 208 53.86 -36.61 12.38
CA ALA B 208 53.11 -36.39 13.62
C ALA B 208 53.99 -35.57 14.56
N THR B 209 53.59 -35.50 15.82
CA THR B 209 54.34 -34.80 16.85
C THR B 209 54.47 -35.69 18.08
N TYR B 210 55.71 -35.88 18.55
CA TYR B 210 55.97 -36.72 19.70
C TYR B 210 55.75 -35.94 21.00
N HIS B 211 55.87 -36.64 22.12
CA HIS B 211 55.73 -36.02 23.43
C HIS B 211 56.39 -36.90 24.48
N THR B 212 56.99 -36.26 25.49
CA THR B 212 57.55 -36.96 26.63
C THR B 212 56.67 -36.69 27.85
N PRO B 213 55.96 -37.70 28.38
CA PRO B 213 54.93 -37.42 29.38
C PRO B 213 55.44 -37.28 30.81
N ALA B 214 56.68 -37.67 31.09
CA ALA B 214 57.19 -37.67 32.45
C ALA B 214 57.83 -36.33 32.85
N THR B 215 57.88 -35.36 31.95
CA THR B 215 58.56 -34.11 32.25
C THR B 215 57.84 -32.87 31.72
N ASP B 216 56.60 -33.00 31.23
CA ASP B 216 55.84 -31.88 30.69
C ASP B 216 54.63 -31.51 31.54
N CYS B 217 53.76 -32.48 31.84
CA CYS B 217 52.57 -32.23 32.66
C CYS B 217 52.86 -32.26 34.15
N SER B 218 54.13 -32.44 34.54
CA SER B 218 54.50 -32.46 35.94
C SER B 218 54.39 -31.05 36.54
N ASP B 219 54.49 -31.00 37.87
CA ASP B 219 54.44 -29.73 38.59
C ASP B 219 55.68 -28.91 38.25
N GLY B 220 55.49 -27.81 37.53
CA GLY B 220 56.60 -27.04 37.04
C GLY B 220 57.14 -27.60 35.74
N ASN B 221 58.40 -27.26 35.45
CA ASN B 221 59.20 -27.81 34.35
C ASN B 221 58.59 -27.44 33.00
N TYR B 222 57.48 -28.09 32.64
CA TYR B 222 56.71 -27.91 31.40
C TYR B 222 57.50 -28.28 30.14
N ASN B 223 58.69 -28.88 30.31
CA ASN B 223 59.47 -29.49 29.23
C ASN B 223 59.79 -28.53 28.09
N ARG B 224 60.32 -27.36 28.45
CA ARG B 224 60.99 -26.38 27.57
C ARG B 224 60.29 -26.19 26.20
N ASN B 225 58.97 -26.03 26.26
CA ASN B 225 58.09 -25.95 25.08
C ASN B 225 58.22 -27.20 24.20
N ALA B 226 57.79 -28.32 24.80
CA ALA B 226 57.98 -29.63 24.18
C ALA B 226 57.17 -29.79 22.91
N SER B 227 55.93 -29.29 22.88
CA SER B 227 55.10 -29.47 21.70
C SER B 227 55.60 -28.63 20.52
N LEU B 228 56.05 -27.41 20.80
CA LEU B 228 56.64 -26.57 19.76
C LEU B 228 57.94 -27.17 19.25
N ASN B 229 58.74 -27.74 20.16
CA ASN B 229 59.95 -28.45 19.76
C ASN B 229 59.60 -29.64 18.88
N SER B 230 58.58 -30.40 19.27
CA SER B 230 58.21 -31.61 18.55
C SER B 230 57.67 -31.30 17.16
N PHE B 231 56.90 -30.22 17.04
CA PHE B 231 56.46 -29.79 15.72
C PHE B 231 57.63 -29.26 14.90
N LYS B 232 58.56 -28.56 15.55
CA LYS B 232 59.75 -28.09 14.85
C LYS B 232 60.82 -29.17 14.74
N GLU B 233 60.62 -30.33 15.35
CA GLU B 233 61.53 -31.45 15.12
C GLU B 233 61.28 -32.11 13.77
N TYR B 234 60.15 -31.80 13.14
CA TYR B 234 59.88 -32.21 11.77
C TYR B 234 59.89 -31.05 10.76
N PHE B 235 59.60 -29.83 11.20
CA PHE B 235 59.43 -28.70 10.30
C PHE B 235 60.47 -27.63 10.60
N ASN B 236 60.71 -26.78 9.62
CA ASN B 236 61.63 -25.64 9.74
C ASN B 236 60.89 -24.37 9.35
N LEU B 237 61.22 -23.29 10.04
CA LEU B 237 60.48 -22.03 9.94
C LEU B 237 61.22 -21.04 9.05
N ARG B 238 60.47 -20.41 8.14
CA ARG B 238 60.97 -19.35 7.29
C ARG B 238 59.88 -18.31 7.10
N ASN B 239 60.33 -17.05 6.92
CA ASN B 239 59.46 -15.91 6.59
C ASN B 239 58.33 -15.74 7.62
N CYS B 240 58.68 -15.87 8.89
CA CYS B 240 57.68 -16.05 9.93
C CYS B 240 57.21 -14.71 10.47
N THR B 241 55.98 -14.69 10.98
CA THR B 241 55.29 -13.45 11.33
C THR B 241 55.15 -13.23 12.83
N PHE B 242 54.63 -14.21 13.58
CA PHE B 242 54.33 -13.99 14.98
C PHE B 242 54.33 -15.31 15.74
N MET B 243 54.22 -15.20 17.06
CA MET B 243 53.83 -16.28 17.93
C MET B 243 53.02 -15.69 19.08
N TYR B 244 51.90 -16.33 19.41
CA TYR B 244 50.93 -15.78 20.35
C TYR B 244 50.80 -16.64 21.60
N THR B 245 50.22 -16.04 22.63
CA THR B 245 50.02 -16.67 23.92
C THR B 245 48.53 -16.63 24.28
N TYR B 246 47.99 -17.77 24.71
CA TYR B 246 46.59 -17.86 25.13
C TYR B 246 46.51 -18.87 26.28
N ASN B 247 46.41 -18.35 27.49
CA ASN B 247 46.38 -19.20 28.68
C ASN B 247 45.04 -19.91 28.79
N ILE B 248 45.09 -21.23 28.87
CA ILE B 248 43.90 -22.05 29.04
C ILE B 248 44.22 -23.06 30.15
N THR B 249 43.60 -22.88 31.30
CA THR B 249 43.88 -23.75 32.43
C THR B 249 43.24 -25.13 32.22
N GLU B 250 43.83 -26.13 32.86
CA GLU B 250 43.34 -27.50 32.74
C GLU B 250 41.99 -27.65 33.41
N ASP B 251 41.20 -28.61 32.91
CA ASP B 251 39.83 -28.79 33.37
C ASP B 251 39.49 -30.27 33.51
N GLU B 252 38.38 -30.52 34.19
CA GLU B 252 38.00 -31.89 34.52
C GLU B 252 36.98 -32.44 33.54
N ILE B 253 36.15 -31.57 32.97
CA ILE B 253 35.00 -31.97 32.15
C ILE B 253 35.26 -31.48 30.73
N LEU B 254 34.32 -31.74 29.81
CA LEU B 254 34.46 -31.40 28.40
C LEU B 254 34.65 -29.90 28.19
N GLU B 255 35.46 -29.56 27.18
CA GLU B 255 35.64 -28.19 26.75
C GLU B 255 35.44 -28.11 25.24
N TRP B 256 35.23 -26.89 24.75
CA TRP B 256 34.91 -26.67 23.35
C TRP B 256 35.79 -25.57 22.79
N PHE B 257 35.87 -25.52 21.46
CA PHE B 257 36.58 -24.47 20.75
C PHE B 257 35.99 -24.39 19.35
N GLY B 258 35.92 -23.18 18.81
CA GLY B 258 35.46 -23.01 17.44
C GLY B 258 36.29 -21.98 16.71
N ILE B 259 36.28 -22.06 15.39
CA ILE B 259 37.02 -21.11 14.57
C ILE B 259 36.21 -20.75 13.34
N THR B 260 36.31 -19.48 12.94
CA THR B 260 35.75 -19.01 11.69
C THR B 260 36.67 -17.92 11.15
N GLN B 261 36.31 -17.33 10.02
CA GLN B 261 37.10 -16.25 9.46
C GLN B 261 36.18 -15.28 8.75
N THR B 262 36.73 -14.09 8.44
CA THR B 262 36.00 -13.10 7.68
C THR B 262 37.03 -12.24 6.93
N ALA B 263 36.54 -11.15 6.36
CA ALA B 263 37.44 -10.18 5.73
C ALA B 263 38.30 -9.48 6.76
N GLN B 264 37.79 -9.31 7.98
CA GLN B 264 38.57 -8.66 9.02
C GLN B 264 39.65 -9.58 9.60
N GLY B 265 39.42 -10.88 9.61
CA GLY B 265 40.43 -11.82 10.08
C GLY B 265 39.82 -13.13 10.50
N VAL B 266 40.67 -13.97 11.08
CA VAL B 266 40.27 -15.29 11.56
C VAL B 266 39.96 -15.17 13.04
N HIS B 267 38.75 -15.56 13.43
CA HIS B 267 38.28 -15.33 14.79
C HIS B 267 38.01 -16.66 15.46
N LEU B 268 38.50 -16.79 16.68
CA LEU B 268 38.53 -18.05 17.42
C LEU B 268 37.75 -17.86 18.71
N PHE B 269 36.86 -18.80 19.01
CA PHE B 269 35.99 -18.75 20.17
C PHE B 269 36.31 -19.91 21.10
N SER B 270 36.25 -19.66 22.41
CA SER B 270 36.44 -20.72 23.40
C SER B 270 35.58 -20.43 24.63
N SER B 271 35.26 -21.49 25.38
CA SER B 271 34.40 -21.38 26.55
C SER B 271 35.17 -21.42 27.87
N ARG B 272 36.44 -21.82 27.85
CA ARG B 272 37.25 -21.89 29.06
C ARG B 272 37.46 -20.50 29.69
N TYR B 273 37.35 -19.44 28.89
CA TYR B 273 37.50 -18.09 29.40
C TYR B 273 36.43 -17.75 30.43
N VAL B 274 35.18 -18.15 30.17
CA VAL B 274 34.08 -17.75 31.04
C VAL B 274 33.32 -18.96 31.59
N ASP B 275 32.72 -19.74 30.71
CA ASP B 275 31.64 -20.63 31.09
C ASP B 275 32.18 -22.03 31.38
N LEU B 276 31.88 -22.53 32.58
CA LEU B 276 32.32 -23.87 33.00
C LEU B 276 31.16 -24.82 33.25
N TYR B 277 30.21 -24.46 34.12
CA TYR B 277 29.08 -25.34 34.42
C TYR B 277 28.11 -25.46 33.26
N GLY B 278 28.15 -24.53 32.31
CA GLY B 278 27.30 -24.51 31.14
C GLY B 278 28.08 -25.00 29.94
N GLY B 279 28.65 -24.08 29.19
CA GLY B 279 29.43 -24.38 28.01
C GLY B 279 28.90 -23.69 26.77
N ASN B 280 29.63 -22.64 26.35
CA ASN B 280 29.33 -21.88 25.15
C ASN B 280 30.61 -21.15 24.79
N MET B 281 31.13 -21.41 23.60
CA MET B 281 32.41 -20.83 23.20
C MET B 281 32.27 -19.34 22.92
N PHE B 282 33.03 -18.54 23.66
CA PHE B 282 33.05 -17.09 23.59
C PHE B 282 34.27 -16.64 22.81
N GLN B 283 34.14 -15.49 22.13
CA GLN B 283 35.24 -14.94 21.35
C GLN B 283 36.44 -14.64 22.23
N PHE B 284 37.58 -15.25 21.89
CA PHE B 284 38.81 -15.04 22.65
C PHE B 284 40.03 -14.75 21.80
N ALA B 285 40.02 -15.04 20.50
CA ALA B 285 41.16 -14.72 19.66
C ALA B 285 40.69 -14.07 18.36
N THR B 286 41.45 -13.09 17.91
CA THR B 286 41.13 -12.38 16.68
C THR B 286 42.47 -12.18 16.01
N LEU B 287 42.79 -13.04 15.05
CA LEU B 287 44.02 -12.87 14.32
C LEU B 287 43.60 -12.14 13.07
N PRO B 288 44.33 -11.07 12.71
CA PRO B 288 43.93 -10.26 11.56
C PRO B 288 44.34 -10.84 10.22
N VAL B 289 43.98 -12.10 9.97
CA VAL B 289 44.33 -12.73 8.70
C VAL B 289 43.24 -12.48 7.67
N TYR B 290 43.45 -11.45 6.84
CA TYR B 290 42.48 -11.15 5.80
C TYR B 290 42.38 -12.29 4.80
N ASP B 291 43.49 -13.01 4.60
CA ASP B 291 43.49 -14.13 3.68
C ASP B 291 42.53 -15.20 4.16
N THR B 292 41.59 -15.57 3.30
CA THR B 292 40.65 -16.61 3.67
C THR B 292 41.32 -17.97 3.55
N ILE B 293 41.21 -18.78 4.59
CA ILE B 293 41.79 -20.12 4.56
C ILE B 293 40.80 -21.01 3.80
N LYS B 294 41.27 -21.92 2.95
CA LYS B 294 40.33 -22.81 2.28
C LYS B 294 40.48 -24.26 2.67
N TYR B 295 41.62 -24.67 3.24
CA TYR B 295 41.86 -26.06 3.58
C TYR B 295 42.43 -26.16 4.99
N TYR B 296 42.12 -27.27 5.66
CA TYR B 296 42.55 -27.45 7.03
C TYR B 296 42.91 -28.90 7.27
N SER B 297 43.61 -29.13 8.37
CA SER B 297 43.94 -30.49 8.80
C SER B 297 44.19 -30.48 10.29
N ILE B 298 44.09 -31.67 10.88
CA ILE B 298 44.47 -31.90 12.28
C ILE B 298 45.75 -32.72 12.26
N ILE B 299 46.83 -32.14 12.76
CA ILE B 299 48.12 -32.83 12.76
C ILE B 299 48.08 -33.97 13.76
N PRO B 300 48.49 -35.18 13.39
CA PRO B 300 48.58 -36.26 14.37
C PRO B 300 49.60 -35.95 15.45
N HIS B 301 49.35 -36.49 16.64
CA HIS B 301 50.26 -36.30 17.76
C HIS B 301 50.49 -37.63 18.46
N SER B 302 51.74 -37.89 18.81
CA SER B 302 52.12 -39.10 19.53
C SER B 302 52.81 -38.71 20.84
N ILE B 303 53.07 -39.73 21.66
CA ILE B 303 53.73 -39.56 22.95
C ILE B 303 54.76 -40.66 23.09
N ARG B 304 56.01 -40.30 23.43
CA ARG B 304 57.05 -41.28 23.68
C ARG B 304 56.99 -41.67 25.16
N SER B 305 56.09 -42.61 25.45
CA SER B 305 55.83 -43.08 26.80
C SER B 305 56.24 -44.54 26.94
N ILE B 306 56.09 -45.06 28.15
CA ILE B 306 56.44 -46.44 28.45
C ILE B 306 55.20 -47.31 28.35
N GLN B 307 55.41 -48.61 28.17
CA GLN B 307 54.28 -49.52 27.94
C GLN B 307 53.45 -49.74 29.19
N SER B 308 54.08 -49.71 30.37
CA SER B 308 53.34 -49.86 31.61
C SER B 308 52.49 -48.63 31.94
N ASP B 309 52.76 -47.50 31.30
CA ASP B 309 51.96 -46.30 31.51
C ASP B 309 51.34 -45.93 30.17
N ARG B 310 50.76 -46.92 29.48
CA ARG B 310 50.00 -46.65 28.28
C ARG B 310 48.65 -46.07 28.67
N LYS B 311 48.58 -44.74 28.81
CA LYS B 311 47.36 -44.10 29.27
C LYS B 311 46.34 -44.01 28.14
N ALA B 312 45.08 -44.24 28.48
CA ALA B 312 44.01 -44.16 27.49
C ALA B 312 43.77 -42.71 27.08
N TRP B 313 43.17 -42.55 25.91
CA TRP B 313 43.00 -41.24 25.30
C TRP B 313 41.56 -41.05 24.88
N ALA B 314 41.14 -39.78 24.83
CA ALA B 314 39.76 -39.43 24.55
C ALA B 314 39.53 -39.35 23.04
N ALA B 315 38.40 -38.76 22.65
CA ALA B 315 38.00 -38.62 21.27
C ALA B 315 37.70 -37.15 20.99
N PHE B 316 37.56 -36.82 19.70
CA PHE B 316 37.16 -35.47 19.34
C PHE B 316 36.45 -35.51 18.00
N TYR B 317 35.64 -34.49 17.76
CA TYR B 317 34.96 -34.28 16.49
C TYR B 317 35.40 -32.95 15.88
N VAL B 318 35.39 -32.88 14.56
CA VAL B 318 35.67 -31.65 13.84
C VAL B 318 34.46 -31.39 12.97
N TYR B 319 33.54 -30.56 13.46
CA TYR B 319 32.28 -30.33 12.75
C TYR B 319 32.40 -29.07 11.89
N LYS B 320 32.09 -29.21 10.61
CA LYS B 320 32.08 -28.11 9.66
C LYS B 320 30.83 -27.25 9.86
N LEU B 321 30.92 -26.02 9.36
CA LEU B 321 29.84 -25.04 9.49
C LEU B 321 29.51 -24.40 8.15
N GLN B 322 28.25 -24.03 8.02
CA GLN B 322 27.65 -23.51 6.80
C GLN B 322 26.64 -22.44 7.17
N PRO B 323 26.34 -21.51 6.27
CA PRO B 323 25.40 -20.43 6.63
C PRO B 323 23.97 -20.93 6.73
N LEU B 324 23.38 -20.78 7.91
CA LEU B 324 22.00 -21.21 8.17
C LEU B 324 21.49 -20.44 9.37
N THR B 325 20.26 -20.75 9.80
CA THR B 325 19.61 -20.05 10.90
C THR B 325 19.24 -21.01 12.02
N PHE B 326 19.31 -20.51 13.25
CA PHE B 326 18.81 -21.19 14.43
C PHE B 326 17.73 -20.38 15.13
N LEU B 327 17.12 -21.03 16.12
CA LEU B 327 16.34 -20.38 17.17
C LEU B 327 17.13 -20.49 18.46
N LEU B 328 17.23 -19.38 19.19
CA LEU B 328 18.14 -19.28 20.32
C LEU B 328 17.41 -18.85 21.57
N ASP B 329 17.76 -19.46 22.71
CA ASP B 329 17.20 -19.11 24.01
C ASP B 329 18.11 -18.11 24.70
N PHE B 330 17.57 -16.93 25.03
CA PHE B 330 18.34 -15.85 25.62
C PHE B 330 17.66 -15.52 26.95
N SER B 331 18.20 -16.04 28.04
CA SER B 331 17.49 -16.10 29.31
C SER B 331 17.75 -14.85 30.15
N VAL B 332 17.22 -14.87 31.37
CA VAL B 332 17.46 -13.80 32.33
C VAL B 332 18.94 -13.72 32.67
N ASP B 333 19.55 -14.87 32.98
CA ASP B 333 21.00 -14.90 33.14
C ASP B 333 21.71 -14.95 31.79
N GLY B 334 20.99 -15.31 30.73
CA GLY B 334 21.50 -15.19 29.38
C GLY B 334 22.27 -16.39 28.86
N TYR B 335 22.41 -17.46 29.63
CA TYR B 335 23.07 -18.66 29.12
C TYR B 335 22.19 -19.33 28.06
N ILE B 336 22.72 -19.44 26.85
CA ILE B 336 22.03 -20.11 25.75
C ILE B 336 22.15 -21.61 25.99
N ARG B 337 21.09 -22.23 26.49
CA ARG B 337 21.13 -23.63 26.88
C ARG B 337 20.08 -24.49 26.17
N ARG B 338 19.39 -23.95 25.16
CA ARG B 338 18.44 -24.74 24.39
C ARG B 338 18.22 -24.04 23.05
N ALA B 339 18.70 -24.63 21.96
CA ALA B 339 18.63 -24.02 20.64
C ALA B 339 18.07 -25.01 19.63
N ILE B 340 17.58 -24.48 18.51
CA ILE B 340 16.84 -25.26 17.52
C ILE B 340 17.36 -24.90 16.13
N ASP B 341 17.63 -25.92 15.30
CA ASP B 341 18.03 -25.72 13.92
C ASP B 341 16.84 -25.33 13.06
N CYS B 342 17.08 -25.05 11.77
CA CYS B 342 16.00 -24.76 10.84
C CYS B 342 16.05 -25.61 9.57
N GLY B 343 17.07 -26.43 9.36
CA GLY B 343 17.18 -27.11 8.09
C GLY B 343 17.74 -28.52 8.05
N PHE B 344 17.73 -29.25 9.18
CA PHE B 344 18.26 -30.61 9.18
C PHE B 344 17.16 -31.68 9.11
N ASN B 345 16.27 -31.71 10.10
CA ASN B 345 15.28 -32.77 10.23
C ASN B 345 13.96 -32.13 10.62
N ASP B 346 12.95 -32.97 10.89
CA ASP B 346 11.55 -32.53 10.98
C ASP B 346 11.36 -31.38 11.97
N LEU B 347 11.97 -31.49 13.15
CA LEU B 347 11.86 -30.44 14.16
C LEU B 347 12.46 -29.13 13.65
N SER B 348 13.49 -29.21 12.81
CA SER B 348 14.07 -27.99 12.25
C SER B 348 13.10 -27.31 11.30
N GLN B 349 12.34 -28.06 10.49
CA GLN B 349 11.36 -27.44 9.62
C GLN B 349 9.98 -27.28 10.28
N LEU B 350 9.84 -27.60 11.56
CA LEU B 350 8.67 -27.09 12.29
C LEU B 350 8.98 -25.80 13.03
N HIS B 351 10.16 -25.71 13.61
CA HIS B 351 10.53 -24.64 14.54
C HIS B 351 11.53 -23.69 13.90
N CYS B 352 11.35 -23.37 12.61
CA CYS B 352 12.14 -22.34 11.96
C CYS B 352 11.90 -21.01 12.65
N SER B 353 10.65 -20.51 12.56
CA SER B 353 10.27 -19.32 13.31
C SER B 353 8.81 -19.36 13.74
N TYR B 354 8.16 -20.53 13.66
CA TYR B 354 6.70 -20.60 13.73
C TYR B 354 6.10 -20.16 15.05
N GLU B 355 6.25 -20.97 16.11
CA GLU B 355 5.71 -20.62 17.44
C GLU B 355 6.62 -21.22 18.51
N SER B 356 7.65 -20.46 18.89
CA SER B 356 8.55 -20.78 20.01
C SER B 356 9.05 -22.22 20.02
N PHE B 357 9.33 -22.74 21.21
CA PHE B 357 9.33 -24.19 21.39
C PHE B 357 7.95 -24.75 21.15
N ASP B 358 6.93 -24.07 21.68
CA ASP B 358 5.61 -24.66 21.87
C ASP B 358 4.78 -24.52 20.60
N VAL B 359 5.21 -25.24 19.57
CA VAL B 359 4.40 -25.46 18.38
C VAL B 359 3.40 -26.56 18.74
N GLU B 360 2.17 -26.17 19.07
CA GLU B 360 1.18 -27.09 19.58
C GLU B 360 0.66 -28.00 18.46
N SER B 361 -0.24 -28.91 18.84
CA SER B 361 -0.72 -29.94 17.92
C SER B 361 -1.65 -29.31 16.87
N GLY B 362 -1.18 -29.24 15.64
CA GLY B 362 -1.97 -28.69 14.56
C GLY B 362 -1.45 -29.08 13.19
N VAL B 363 -2.28 -28.88 12.16
CA VAL B 363 -1.91 -29.23 10.80
C VAL B 363 -1.13 -28.08 10.20
N TYR B 364 0.17 -28.25 10.04
CA TYR B 364 1.05 -27.22 9.55
C TYR B 364 1.73 -27.69 8.27
N SER B 365 1.60 -26.89 7.22
CA SER B 365 2.19 -27.25 5.93
C SER B 365 3.69 -27.05 5.93
N VAL B 366 4.39 -27.94 5.24
CA VAL B 366 5.81 -27.81 5.02
C VAL B 366 6.00 -27.67 3.51
N SER B 367 7.16 -27.12 3.13
CA SER B 367 7.46 -26.90 1.72
C SER B 367 7.55 -28.24 0.98
N SER B 368 7.04 -28.25 -0.25
CA SER B 368 6.88 -29.47 -1.02
C SER B 368 8.25 -30.01 -1.48
N PHE B 369 8.21 -31.15 -2.16
CA PHE B 369 9.42 -31.82 -2.61
C PHE B 369 9.17 -32.39 -4.00
N GLU B 370 10.26 -32.61 -4.74
CA GLU B 370 10.19 -33.06 -6.12
C GLU B 370 11.27 -34.10 -6.36
N ALA B 371 11.06 -34.93 -7.37
CA ALA B 371 12.07 -35.89 -7.80
C ALA B 371 13.29 -35.17 -8.34
N LYS B 372 14.45 -35.82 -8.25
CA LYS B 372 15.71 -35.23 -8.66
C LYS B 372 15.75 -35.04 -10.18
N PRO B 373 16.48 -34.03 -10.68
CA PRO B 373 16.69 -33.90 -12.12
C PRO B 373 17.33 -35.12 -12.76
N SER B 374 17.09 -35.27 -14.05
CA SER B 374 17.48 -36.48 -14.78
C SER B 374 18.06 -36.04 -16.13
N GLY B 375 18.17 -36.98 -17.06
CA GLY B 375 18.87 -36.74 -18.30
C GLY B 375 18.19 -35.71 -19.18
N SER B 376 18.99 -35.12 -20.06
CA SER B 376 18.58 -34.00 -20.89
C SER B 376 17.97 -34.49 -22.21
N VAL B 377 17.06 -33.68 -22.75
CA VAL B 377 16.41 -33.95 -24.02
C VAL B 377 16.62 -32.72 -24.90
N VAL B 378 17.56 -32.81 -25.85
CA VAL B 378 17.80 -31.74 -26.82
C VAL B 378 17.67 -32.36 -28.20
N GLU B 379 16.45 -32.35 -28.75
CA GLU B 379 16.20 -32.89 -30.07
C GLU B 379 15.21 -32.02 -30.83
N GLN B 380 15.48 -31.84 -32.11
CA GLN B 380 14.72 -31.05 -33.08
C GLN B 380 15.38 -31.27 -34.43
N ALA B 381 14.62 -31.07 -35.50
CA ALA B 381 15.19 -31.14 -36.84
C ALA B 381 16.26 -30.06 -37.00
N GLU B 382 17.42 -30.47 -37.50
CA GLU B 382 18.57 -29.58 -37.58
C GLU B 382 19.39 -29.92 -38.81
N GLY B 383 19.92 -28.89 -39.47
CA GLY B 383 20.70 -29.07 -40.68
C GLY B 383 22.03 -28.35 -40.66
N VAL B 384 22.26 -27.50 -41.66
CA VAL B 384 23.54 -26.82 -41.79
C VAL B 384 23.68 -25.75 -40.72
N GLU B 385 24.93 -25.44 -40.38
CA GLU B 385 25.26 -24.44 -39.38
C GLU B 385 25.13 -23.03 -39.96
N CYS B 386 25.09 -22.04 -39.07
CA CYS B 386 25.02 -20.64 -39.48
C CYS B 386 26.40 -20.21 -39.98
N ASP B 387 26.53 -20.00 -41.28
CA ASP B 387 27.82 -19.65 -41.87
C ASP B 387 28.22 -18.23 -41.49
N PHE B 388 29.37 -18.10 -40.81
CA PHE B 388 29.90 -16.80 -40.40
C PHE B 388 31.10 -16.38 -41.23
N SER B 389 31.31 -17.00 -42.39
CA SER B 389 32.37 -16.56 -43.28
C SER B 389 32.16 -15.13 -43.81
N PRO B 390 30.99 -14.73 -44.33
CA PRO B 390 30.83 -13.30 -44.64
C PRO B 390 30.67 -12.43 -43.42
N LEU B 391 30.34 -13.02 -42.26
CA LEU B 391 30.32 -12.28 -41.01
C LEU B 391 31.71 -11.75 -40.68
N LEU B 392 32.72 -12.60 -40.84
CA LEU B 392 34.11 -12.18 -40.68
C LEU B 392 34.67 -11.51 -41.93
N SER B 393 33.99 -11.64 -43.06
CA SER B 393 34.43 -10.99 -44.30
C SER B 393 33.72 -9.65 -44.45
N GLY B 394 34.03 -8.97 -45.55
CA GLY B 394 33.47 -7.66 -45.80
C GLY B 394 34.18 -6.57 -45.02
N THR B 395 34.30 -5.39 -45.61
CA THR B 395 34.92 -4.29 -44.92
C THR B 395 34.02 -3.83 -43.76
N PRO B 396 34.59 -3.39 -42.65
CA PRO B 396 33.79 -2.82 -41.58
C PRO B 396 33.19 -1.50 -42.02
N PRO B 397 31.87 -1.43 -42.13
CA PRO B 397 31.22 -0.23 -42.64
C PRO B 397 31.05 0.78 -41.52
N GLN B 398 30.49 1.94 -41.86
CA GLN B 398 30.36 3.01 -40.89
C GLN B 398 29.21 2.72 -39.92
N VAL B 399 29.16 3.50 -38.84
CA VAL B 399 28.14 3.31 -37.82
C VAL B 399 26.76 3.77 -38.24
N TYR B 400 26.64 4.46 -39.38
CA TYR B 400 25.36 4.67 -40.04
C TYR B 400 25.23 3.78 -41.27
N ASN B 401 26.13 2.80 -41.43
CA ASN B 401 26.09 1.91 -42.58
C ASN B 401 26.30 0.45 -42.17
N PHE B 402 25.98 0.09 -40.92
CA PHE B 402 26.29 -1.25 -40.41
C PHE B 402 25.53 -2.32 -41.18
N LYS B 403 26.15 -3.49 -41.30
CA LYS B 403 25.51 -4.57 -42.04
C LYS B 403 25.03 -5.67 -41.09
N ARG B 404 23.93 -6.31 -41.49
CA ARG B 404 23.18 -7.20 -40.62
C ARG B 404 23.17 -8.62 -41.16
N LEU B 405 23.24 -9.58 -40.24
CA LEU B 405 23.05 -11.00 -40.53
C LEU B 405 22.00 -11.54 -39.55
N VAL B 406 20.90 -12.05 -40.09
CA VAL B 406 19.87 -12.69 -39.30
C VAL B 406 20.05 -14.19 -39.43
N PHE B 407 19.64 -14.93 -38.38
CA PHE B 407 19.86 -16.37 -38.36
C PHE B 407 18.71 -17.07 -37.66
N THR B 408 18.15 -18.06 -38.36
CA THR B 408 17.12 -18.96 -37.88
C THR B 408 17.39 -20.32 -38.51
N ASN B 409 17.14 -21.39 -37.75
CA ASN B 409 17.23 -22.78 -38.22
C ASN B 409 18.64 -23.12 -38.73
N CYS B 410 19.64 -22.86 -37.87
CA CYS B 410 21.02 -23.23 -38.19
C CYS B 410 21.78 -23.44 -36.89
N ASN B 411 23.10 -23.48 -36.96
CA ASN B 411 23.94 -23.74 -35.79
C ASN B 411 25.03 -22.68 -35.68
N TYR B 412 25.24 -22.16 -34.48
CA TYR B 412 26.15 -21.06 -34.21
C TYR B 412 27.15 -21.46 -33.14
N ASN B 413 28.39 -20.99 -33.30
CA ASN B 413 29.45 -21.27 -32.33
C ASN B 413 30.09 -19.95 -31.91
N LEU B 414 29.89 -19.56 -30.66
CA LEU B 414 30.47 -18.32 -30.17
C LEU B 414 31.96 -18.46 -29.89
N THR B 415 32.41 -19.66 -29.54
CA THR B 415 33.80 -19.86 -29.14
C THR B 415 34.75 -19.58 -30.29
N LYS B 416 34.42 -20.06 -31.48
CA LYS B 416 35.29 -19.88 -32.63
C LYS B 416 35.36 -18.42 -33.06
N LEU B 417 34.27 -17.67 -32.92
CA LEU B 417 34.31 -16.27 -33.29
C LEU B 417 35.04 -15.42 -32.23
N LEU B 418 34.87 -15.75 -30.94
CA LEU B 418 35.59 -14.99 -29.93
C LEU B 418 37.06 -15.32 -29.93
N SER B 419 37.42 -16.54 -30.37
CA SER B 419 38.83 -16.90 -30.48
C SER B 419 39.55 -16.06 -31.54
N LEU B 420 38.86 -15.75 -32.63
CA LEU B 420 39.42 -14.90 -33.68
C LEU B 420 39.13 -13.42 -33.45
N PHE B 421 38.41 -13.07 -32.39
CA PHE B 421 38.14 -11.69 -32.04
C PHE B 421 39.08 -11.26 -30.91
N SER B 422 39.80 -10.16 -31.14
CA SER B 422 40.57 -9.52 -30.07
C SER B 422 39.63 -8.58 -29.34
N VAL B 423 38.78 -9.19 -28.50
CA VAL B 423 37.69 -8.46 -27.85
C VAL B 423 38.26 -7.52 -26.79
N ASN B 424 37.93 -6.24 -26.92
CA ASN B 424 38.32 -5.23 -25.93
C ASN B 424 37.16 -4.86 -25.02
N ASP B 425 36.01 -4.51 -25.59
CA ASP B 425 34.84 -4.12 -24.82
C ASP B 425 33.73 -5.15 -25.00
N PHE B 426 33.13 -5.57 -23.88
CA PHE B 426 32.10 -6.59 -23.84
C PHE B 426 30.99 -6.08 -22.94
N THR B 427 30.03 -5.35 -23.50
CA THR B 427 28.96 -4.73 -22.72
C THR B 427 27.64 -5.36 -23.14
N CYS B 428 27.15 -6.29 -22.33
CA CYS B 428 25.92 -7.02 -22.62
C CYS B 428 24.79 -6.47 -21.76
N SER B 429 23.80 -5.86 -22.41
CA SER B 429 22.63 -5.31 -21.73
C SER B 429 21.55 -6.39 -21.66
N GLN B 430 21.10 -6.66 -20.43
CA GLN B 430 20.20 -7.74 -20.02
C GLN B 430 20.42 -9.06 -20.75
N ILE B 431 21.68 -9.43 -20.96
CA ILE B 431 22.05 -10.74 -21.47
C ILE B 431 23.43 -11.06 -20.91
N SER B 432 23.77 -12.34 -20.83
CA SER B 432 24.97 -12.83 -20.18
C SER B 432 26.03 -13.26 -21.19
N PRO B 433 27.29 -13.37 -20.77
CA PRO B 433 28.30 -14.00 -21.63
C PRO B 433 28.03 -15.46 -21.96
N ALA B 434 27.18 -16.13 -21.18
CA ALA B 434 26.89 -17.54 -21.39
C ALA B 434 25.71 -17.76 -22.33
N ALA B 435 24.60 -17.04 -22.12
CA ALA B 435 23.37 -17.28 -22.85
C ALA B 435 23.46 -16.93 -24.33
N ILE B 436 24.51 -16.23 -24.75
CA ILE B 436 24.73 -16.02 -26.18
C ILE B 436 25.04 -17.33 -26.89
N ALA B 437 25.52 -18.35 -26.16
CA ALA B 437 25.75 -19.66 -26.76
C ALA B 437 25.32 -20.81 -25.84
N SER B 438 24.49 -20.55 -24.84
CA SER B 438 23.96 -21.61 -23.98
C SER B 438 22.48 -21.83 -24.21
N ASN B 439 21.67 -20.79 -24.06
CA ASN B 439 20.25 -20.88 -24.36
C ASN B 439 20.05 -20.80 -25.87
N CYS B 440 19.09 -21.56 -26.37
CA CYS B 440 18.72 -21.54 -27.78
C CYS B 440 17.47 -20.69 -27.96
N TYR B 441 17.37 -20.04 -29.11
CA TYR B 441 16.36 -19.01 -29.29
C TYR B 441 15.68 -19.17 -30.65
N SER B 442 14.60 -18.39 -30.83
CA SER B 442 13.89 -18.40 -32.10
C SER B 442 14.76 -17.86 -33.22
N SER B 443 15.31 -16.66 -33.04
CA SER B 443 16.22 -16.14 -34.04
C SER B 443 17.15 -15.10 -33.44
N LEU B 444 18.25 -14.87 -34.16
CA LEU B 444 19.31 -13.96 -33.74
C LEU B 444 19.57 -12.95 -34.85
N ILE B 445 19.98 -11.75 -34.47
CA ILE B 445 20.37 -10.74 -35.44
C ILE B 445 21.66 -10.05 -34.98
N LEU B 446 22.59 -9.91 -35.92
CA LEU B 446 23.83 -9.18 -35.73
C LEU B 446 23.90 -8.01 -36.69
N ASP B 447 24.47 -6.91 -36.21
CA ASP B 447 25.03 -5.91 -37.11
C ASP B 447 26.48 -5.65 -36.73
N TYR B 448 27.28 -5.27 -37.72
CA TYR B 448 28.63 -4.81 -37.42
C TYR B 448 28.97 -3.59 -38.24
N PHE B 449 29.89 -2.81 -37.68
CA PHE B 449 30.19 -1.46 -38.10
C PHE B 449 31.60 -1.09 -37.64
N SER B 450 32.08 0.07 -38.09
CA SER B 450 33.39 0.57 -37.69
C SER B 450 33.23 1.42 -36.44
N TYR B 451 33.37 0.80 -35.28
CA TYR B 451 33.26 1.51 -34.01
C TYR B 451 34.60 1.50 -33.31
N PRO B 452 35.36 2.59 -33.32
CA PRO B 452 36.55 2.67 -32.47
C PRO B 452 36.14 2.85 -31.01
N LEU B 453 37.11 2.64 -30.13
CA LEU B 453 36.86 2.73 -28.70
C LEU B 453 36.65 4.16 -28.22
N SER B 454 36.99 5.17 -29.05
CA SER B 454 37.04 6.55 -28.60
C SER B 454 35.68 7.07 -28.15
N MET B 455 34.62 6.71 -28.87
CA MET B 455 33.26 7.08 -28.48
C MET B 455 32.53 5.93 -27.78
N LYS B 456 33.28 5.04 -27.11
CA LYS B 456 32.66 3.92 -26.40
C LYS B 456 31.72 4.37 -25.29
N SER B 457 31.89 5.60 -24.77
CA SER B 457 30.99 6.12 -23.76
C SER B 457 29.56 6.29 -24.27
N ASP B 458 29.37 6.24 -25.59
CA ASP B 458 28.04 6.24 -26.18
C ASP B 458 27.41 4.85 -26.24
N LEU B 459 27.90 3.88 -25.44
CA LEU B 459 27.33 2.54 -25.47
C LEU B 459 26.06 2.40 -24.64
N SER B 460 25.72 3.39 -23.82
CA SER B 460 24.69 3.22 -22.80
C SER B 460 23.30 3.10 -23.42
N VAL B 461 22.40 2.48 -22.66
CA VAL B 461 21.04 2.21 -23.16
C VAL B 461 20.25 3.49 -23.32
N SER B 462 20.34 4.40 -22.34
CA SER B 462 19.61 5.66 -22.39
C SER B 462 20.42 6.78 -23.04
N SER B 463 21.36 6.43 -23.92
CA SER B 463 22.20 7.42 -24.56
C SER B 463 21.40 8.25 -25.57
N ALA B 464 21.76 9.53 -25.66
CA ALA B 464 21.14 10.45 -26.60
C ALA B 464 22.19 11.22 -27.38
N GLY B 465 23.35 10.61 -27.61
CA GLY B 465 24.41 11.24 -28.37
C GLY B 465 24.11 11.23 -29.85
N PRO B 466 25.00 11.85 -30.62
CA PRO B 466 24.80 11.90 -32.09
C PRO B 466 24.77 10.53 -32.74
N ILE B 467 25.54 9.57 -32.24
CA ILE B 467 25.45 8.20 -32.72
C ILE B 467 24.11 7.60 -32.32
N SER B 468 23.64 7.92 -31.11
CA SER B 468 22.31 7.46 -30.70
C SER B 468 21.20 8.20 -31.44
N GLN B 469 21.35 9.51 -31.63
CA GLN B 469 20.27 10.30 -32.20
C GLN B 469 20.11 10.06 -33.69
N PHE B 470 21.23 10.05 -34.43
CA PHE B 470 21.16 10.08 -35.89
C PHE B 470 21.60 8.78 -36.56
N ASN B 471 22.32 7.90 -35.86
CA ASN B 471 22.87 6.71 -36.49
C ASN B 471 22.09 5.45 -36.16
N TYR B 472 21.90 5.13 -34.88
CA TYR B 472 21.21 3.90 -34.49
C TYR B 472 20.72 4.02 -33.06
N LYS B 473 19.60 3.34 -32.78
CA LYS B 473 19.10 3.14 -31.43
C LYS B 473 18.78 1.67 -31.24
N GLN B 474 19.04 1.16 -30.03
CA GLN B 474 18.96 -0.27 -29.76
C GLN B 474 17.51 -0.71 -29.52
N SER B 475 17.34 -2.00 -29.28
CA SER B 475 16.02 -2.60 -29.04
C SER B 475 15.74 -2.62 -27.55
N PHE B 476 14.71 -1.89 -27.12
CA PHE B 476 14.40 -1.79 -25.70
C PHE B 476 13.53 -2.94 -25.20
N SER B 477 12.95 -3.75 -26.09
CA SER B 477 12.14 -4.88 -25.69
C SER B 477 12.88 -6.20 -25.77
N ASN B 478 14.15 -6.20 -26.15
CA ASN B 478 14.91 -7.43 -26.34
C ASN B 478 16.33 -7.23 -25.85
N PRO B 479 16.97 -8.28 -25.33
CA PRO B 479 18.35 -8.15 -24.85
C PRO B 479 19.33 -7.87 -25.97
N THR B 480 20.37 -7.11 -25.65
CA THR B 480 21.35 -6.72 -26.65
C THR B 480 22.75 -6.86 -26.08
N CYS B 481 23.74 -6.91 -26.96
CA CYS B 481 25.11 -6.84 -26.50
C CYS B 481 25.98 -6.14 -27.54
N LEU B 482 26.92 -5.35 -27.04
CA LEU B 482 27.87 -4.63 -27.87
C LEU B 482 29.27 -5.14 -27.57
N ILE B 483 29.98 -5.55 -28.62
CA ILE B 483 31.35 -6.02 -28.51
C ILE B 483 32.23 -5.17 -29.41
N LEU B 484 33.22 -4.53 -28.83
CA LEU B 484 34.22 -3.75 -29.56
C LEU B 484 35.50 -4.56 -29.56
N ALA B 485 35.86 -5.07 -30.74
CA ALA B 485 37.04 -5.91 -30.90
C ALA B 485 38.06 -5.21 -31.81
N THR B 486 39.20 -5.86 -32.00
CA THR B 486 40.33 -5.27 -32.70
C THR B 486 40.87 -6.30 -33.67
N VAL B 487 41.44 -5.84 -34.78
CA VAL B 487 42.04 -6.72 -35.79
C VAL B 487 43.24 -7.45 -35.20
N PRO B 488 43.24 -8.78 -35.18
CA PRO B 488 44.41 -9.51 -34.70
C PRO B 488 45.54 -9.45 -35.71
N HIS B 489 46.76 -9.65 -35.19
CA HIS B 489 47.93 -9.69 -36.07
C HIS B 489 47.92 -10.94 -36.95
N ASN B 490 47.45 -12.07 -36.42
CA ASN B 490 47.36 -13.31 -37.19
C ASN B 490 45.97 -13.48 -37.80
N LEU B 491 45.49 -12.45 -38.50
CA LEU B 491 44.18 -12.50 -39.14
C LEU B 491 44.16 -11.46 -40.26
N THR B 492 44.13 -11.92 -41.50
CA THR B 492 44.01 -11.06 -42.67
C THR B 492 42.68 -11.26 -43.39
N THR B 493 41.72 -11.94 -42.76
CA THR B 493 40.47 -12.27 -43.45
C THR B 493 39.57 -11.05 -43.63
N ILE B 494 39.75 -10.00 -42.84
CA ILE B 494 38.95 -8.80 -42.95
C ILE B 494 39.86 -7.65 -43.36
N THR B 495 39.31 -6.72 -44.13
CA THR B 495 40.04 -5.58 -44.65
C THR B 495 39.89 -4.37 -43.74
N LYS B 496 40.64 -3.32 -44.05
CA LYS B 496 40.61 -2.08 -43.29
C LYS B 496 40.13 -0.94 -44.18
N PRO B 497 39.06 -0.23 -43.80
CA PRO B 497 38.59 0.90 -44.62
C PRO B 497 39.48 2.14 -44.51
N LEU B 498 39.04 3.24 -45.10
CA LEU B 498 39.88 4.44 -45.17
C LEU B 498 39.88 5.19 -43.85
N LYS B 499 38.72 5.67 -43.41
CA LYS B 499 38.62 6.44 -42.18
C LYS B 499 37.24 6.22 -41.57
N TYR B 500 37.17 6.39 -40.25
CA TYR B 500 35.87 6.37 -39.58
C TYR B 500 35.09 7.62 -39.97
N SER B 501 33.86 7.42 -40.44
CA SER B 501 33.01 8.55 -40.79
C SER B 501 31.60 8.29 -40.27
N TYR B 502 30.91 9.37 -39.89
CA TYR B 502 29.59 9.25 -39.31
C TYR B 502 28.86 10.57 -39.50
N ILE B 503 27.63 10.63 -39.00
CA ILE B 503 26.80 11.83 -39.09
C ILE B 503 26.51 12.31 -37.68
N ASN B 504 26.31 13.63 -37.56
CA ASN B 504 26.09 14.23 -36.25
C ASN B 504 24.99 15.29 -36.31
N LYS B 505 24.25 15.34 -37.42
CA LYS B 505 23.13 16.28 -37.53
C LYS B 505 22.12 15.86 -38.59
N CYS B 506 20.85 16.17 -38.37
CA CYS B 506 19.79 15.84 -39.34
C CYS B 506 18.68 16.85 -39.19
N SER B 507 18.24 17.45 -40.29
CA SER B 507 17.18 18.47 -40.23
C SER B 507 16.34 18.51 -41.50
N ARG B 508 15.03 18.46 -41.36
CA ARG B 508 14.17 18.58 -42.53
C ARG B 508 13.63 20.00 -42.62
N LEU B 509 14.33 20.86 -43.34
CA LEU B 509 13.83 22.21 -43.52
C LEU B 509 12.79 22.17 -44.62
N LEU B 510 11.61 22.73 -44.36
CA LEU B 510 10.54 22.66 -45.34
C LEU B 510 10.61 23.81 -46.35
N SER B 511 9.75 23.78 -47.36
CA SER B 511 9.83 24.79 -48.41
C SER B 511 9.53 26.20 -47.91
N ASP B 512 8.92 26.33 -46.73
CA ASP B 512 8.65 27.65 -46.17
C ASP B 512 9.90 28.35 -45.66
N ASP B 513 11.00 27.61 -45.48
CA ASP B 513 12.29 28.08 -44.97
C ASP B 513 12.10 28.70 -43.56
N ARG B 514 11.13 28.20 -42.80
CA ARG B 514 10.90 28.61 -41.43
C ARG B 514 10.61 27.45 -40.49
N THR B 515 10.14 26.32 -40.98
CA THR B 515 9.77 25.18 -40.16
C THR B 515 10.78 24.06 -40.39
N GLU B 516 11.38 23.59 -39.30
CA GLU B 516 12.42 22.57 -39.34
C GLU B 516 12.08 21.49 -38.32
N VAL B 517 12.17 20.22 -38.74
CA VAL B 517 11.79 19.10 -37.90
C VAL B 517 12.93 18.09 -37.87
N PRO B 518 13.35 17.61 -36.70
CA PRO B 518 14.34 16.53 -36.61
C PRO B 518 13.73 15.17 -36.96
N GLN B 519 14.54 14.14 -36.81
CA GLN B 519 14.14 12.75 -37.04
C GLN B 519 14.54 11.90 -35.85
N LEU B 520 13.74 10.85 -35.59
CA LEU B 520 13.97 9.93 -34.50
C LEU B 520 14.25 8.55 -35.07
N VAL B 521 15.46 8.04 -34.85
CA VAL B 521 15.82 6.72 -35.36
C VAL B 521 15.20 5.65 -34.46
N ASN B 522 14.78 4.54 -35.07
CA ASN B 522 14.14 3.44 -34.39
C ASN B 522 15.09 2.24 -34.31
N ALA B 523 14.63 1.19 -33.63
CA ALA B 523 15.46 0.00 -33.41
C ALA B 523 15.58 -0.81 -34.70
N ASN B 524 16.83 -1.12 -35.07
CA ASN B 524 17.16 -1.81 -36.32
C ASN B 524 16.53 -1.10 -37.52
N GLN B 525 16.59 0.22 -37.50
CA GLN B 525 15.96 1.04 -38.52
C GLN B 525 16.93 2.11 -38.97
N TYR B 526 16.75 2.56 -40.21
CA TYR B 526 17.50 3.69 -40.74
C TYR B 526 16.53 4.79 -41.10
N SER B 527 16.89 6.01 -40.70
CA SER B 527 16.12 7.19 -41.03
C SER B 527 16.24 7.48 -42.53
N PRO B 528 15.34 8.30 -43.09
CA PRO B 528 15.62 8.90 -44.40
C PRO B 528 16.87 9.78 -44.45
N CYS B 529 17.50 10.07 -43.32
CA CYS B 529 18.81 10.72 -43.30
C CYS B 529 19.86 9.90 -44.06
N VAL B 530 19.79 8.58 -43.96
CA VAL B 530 20.78 7.72 -44.63
C VAL B 530 20.52 7.64 -46.13
N SER B 531 19.27 7.86 -46.56
CA SER B 531 18.92 7.77 -47.97
C SER B 531 19.62 8.82 -48.82
N ILE B 532 20.04 9.94 -48.24
CA ILE B 532 20.72 10.98 -48.99
C ILE B 532 22.22 11.06 -48.69
N VAL B 533 22.66 10.66 -47.51
CA VAL B 533 24.08 10.74 -47.16
C VAL B 533 24.82 9.59 -47.84
N PRO B 534 25.96 9.84 -48.49
CA PRO B 534 26.70 8.75 -49.15
C PRO B 534 27.24 7.72 -48.17
N SER B 535 27.86 6.66 -48.71
CA SER B 535 28.32 5.54 -47.89
C SER B 535 29.41 5.96 -46.92
N THR B 536 30.14 7.03 -47.24
CA THR B 536 31.13 7.59 -46.33
C THR B 536 30.99 9.11 -46.30
N VAL B 537 31.60 9.72 -45.30
CA VAL B 537 31.66 11.17 -45.17
C VAL B 537 33.09 11.61 -45.45
N TRP B 538 33.25 12.55 -46.39
CA TRP B 538 34.57 12.87 -46.91
C TRP B 538 35.44 13.57 -45.87
N GLU B 539 34.91 14.60 -45.21
CA GLU B 539 35.60 15.22 -44.08
C GLU B 539 34.57 15.70 -43.07
N ASP B 540 35.06 16.37 -42.03
CA ASP B 540 34.19 16.86 -40.98
C ASP B 540 33.31 18.00 -41.49
N GLY B 541 32.06 18.03 -41.02
CA GLY B 541 31.14 19.09 -41.39
C GLY B 541 30.65 19.03 -42.82
N ASP B 542 30.61 17.86 -43.44
CA ASP B 542 30.09 17.73 -44.79
C ASP B 542 28.57 17.90 -44.77
N TYR B 543 28.08 18.77 -45.65
CA TYR B 543 26.65 19.02 -45.76
C TYR B 543 26.09 18.25 -46.96
N TYR B 544 25.15 17.35 -46.67
CA TYR B 544 24.49 16.56 -47.71
C TYR B 544 23.02 16.98 -47.75
N ARG B 545 22.55 17.37 -48.94
CA ARG B 545 21.24 17.95 -49.10
C ARG B 545 20.53 17.34 -50.30
N LYS B 546 19.21 17.31 -50.22
CA LYS B 546 18.40 16.81 -51.33
C LYS B 546 17.03 17.47 -51.31
N GLN B 547 16.52 17.77 -52.50
CA GLN B 547 15.20 18.37 -52.65
C GLN B 547 14.12 17.39 -52.18
N LEU B 548 13.08 17.92 -51.54
CA LEU B 548 12.01 17.12 -50.99
C LEU B 548 10.71 17.45 -51.71
N SER B 549 9.89 16.44 -51.97
CA SER B 549 8.61 16.67 -52.60
C SER B 549 7.63 17.30 -51.60
N PRO B 550 6.62 18.03 -52.09
CA PRO B 550 5.64 18.63 -51.16
C PRO B 550 4.88 17.62 -50.30
N LEU B 551 4.61 16.41 -50.80
CA LEU B 551 3.88 15.44 -50.02
C LEU B 551 4.68 14.92 -48.83
N GLU B 552 6.00 14.90 -48.92
CA GLU B 552 6.84 14.46 -47.82
C GLU B 552 7.38 15.62 -46.99
N GLY B 553 7.06 16.86 -47.34
CA GLY B 553 7.47 17.99 -46.55
C GLY B 553 8.00 19.17 -47.34
N GLY B 554 8.67 18.92 -48.46
CA GLY B 554 9.20 19.97 -49.29
C GLY B 554 10.50 20.54 -48.74
N GLY B 555 11.04 21.52 -49.47
CA GLY B 555 12.30 22.12 -49.07
C GLY B 555 13.48 21.24 -49.40
N TRP B 556 14.49 21.29 -48.53
CA TRP B 556 15.71 20.53 -48.72
C TRP B 556 16.08 19.81 -47.44
N LEU B 557 16.09 18.48 -47.49
CA LEU B 557 16.63 17.70 -46.40
C LEU B 557 18.14 17.89 -46.34
N VAL B 558 18.64 18.30 -45.18
CA VAL B 558 20.04 18.60 -44.98
C VAL B 558 20.56 17.80 -43.79
N ALA B 559 21.78 17.29 -43.93
CA ALA B 559 22.43 16.51 -42.87
C ALA B 559 23.90 16.87 -42.83
N SER B 560 24.49 16.73 -41.65
CA SER B 560 25.88 17.07 -41.42
C SER B 560 26.66 15.83 -40.98
N GLY B 561 27.82 15.63 -41.59
CA GLY B 561 28.66 14.48 -41.28
C GLY B 561 30.04 14.91 -40.81
N SER B 562 30.60 14.11 -39.90
CA SER B 562 31.95 14.32 -39.39
C SER B 562 32.71 13.00 -39.38
N THR B 563 33.92 12.98 -38.81
CA THR B 563 34.79 11.84 -38.98
C THR B 563 35.70 11.66 -37.77
N VAL B 564 36.20 10.43 -37.64
CA VAL B 564 37.23 10.05 -36.67
C VAL B 564 38.23 9.18 -37.40
N ALA B 565 39.51 9.51 -37.28
CA ALA B 565 40.55 8.76 -37.98
C ALA B 565 40.85 7.45 -37.29
N MET B 566 41.48 6.54 -38.03
CA MET B 566 41.88 5.26 -37.47
C MET B 566 43.01 5.40 -36.46
N THR B 567 43.07 4.44 -35.55
CA THR B 567 44.15 4.29 -34.59
C THR B 567 45.22 3.38 -35.20
N GLU B 568 46.12 2.85 -34.37
CA GLU B 568 47.15 1.94 -34.85
C GLU B 568 46.55 0.66 -35.41
N GLN B 569 45.49 0.16 -34.78
CA GLN B 569 44.80 -1.03 -35.25
C GLN B 569 43.30 -0.77 -35.29
N LEU B 570 42.65 -1.37 -36.28
CA LEU B 570 41.24 -1.10 -36.53
C LEU B 570 40.35 -1.81 -35.51
N GLN B 571 39.34 -1.09 -35.03
CA GLN B 571 38.38 -1.62 -34.08
C GLN B 571 37.01 -1.73 -34.72
N MET B 572 36.34 -2.85 -34.45
CA MET B 572 35.04 -3.17 -35.02
C MET B 572 33.99 -3.26 -33.91
N GLY B 573 32.79 -2.78 -34.20
CA GLY B 573 31.68 -2.85 -33.27
C GLY B 573 30.62 -3.83 -33.76
N PHE B 574 30.23 -4.74 -32.86
CA PHE B 574 29.22 -5.75 -33.12
C PHE B 574 28.06 -5.56 -32.17
N GLY B 575 26.84 -5.58 -32.71
CA GLY B 575 25.64 -5.53 -31.91
C GLY B 575 24.75 -6.73 -32.15
N ILE B 576 24.49 -7.47 -31.08
CA ILE B 576 23.69 -8.70 -31.12
C ILE B 576 22.37 -8.42 -30.45
N THR B 577 21.26 -8.78 -31.11
CA THR B 577 19.95 -8.79 -30.50
C THR B 577 19.33 -10.17 -30.67
N VAL B 578 18.63 -10.60 -29.63
CA VAL B 578 18.10 -11.94 -29.50
C VAL B 578 16.59 -11.86 -29.52
N GLN B 579 15.92 -12.85 -30.11
CA GLN B 579 14.46 -12.82 -30.01
C GLN B 579 13.87 -14.23 -29.93
N TYR B 580 12.87 -14.33 -29.04
CA TYR B 580 12.17 -15.56 -28.64
C TYR B 580 10.93 -15.87 -29.46
N GLY B 581 10.22 -14.86 -29.95
CA GLY B 581 8.88 -15.10 -30.47
C GLY B 581 8.67 -14.72 -31.92
N THR B 582 9.66 -14.95 -32.76
CA THR B 582 9.56 -14.62 -34.18
C THR B 582 9.52 -15.81 -35.11
N ASP B 583 10.15 -16.92 -34.73
CA ASP B 583 10.13 -18.12 -35.55
C ASP B 583 10.27 -19.32 -34.62
N THR B 584 10.58 -20.48 -35.18
CA THR B 584 10.81 -21.67 -34.39
C THR B 584 12.11 -21.56 -33.61
N ASN B 585 12.10 -22.04 -32.37
CA ASN B 585 13.34 -22.16 -31.59
C ASN B 585 14.18 -23.23 -32.25
N SER B 586 15.15 -22.80 -33.07
CA SER B 586 15.81 -23.73 -33.95
C SER B 586 17.31 -23.49 -34.15
N VAL B 587 17.92 -22.53 -33.45
CA VAL B 587 19.35 -22.31 -33.53
C VAL B 587 20.00 -22.76 -32.24
N CYS B 588 20.92 -23.72 -32.34
CA CYS B 588 21.62 -24.27 -31.20
C CYS B 588 23.08 -24.51 -31.56
N PRO B 589 23.98 -24.43 -30.58
CA PRO B 589 25.40 -24.71 -30.85
C PRO B 589 25.71 -26.19 -31.05
N LYS B 590 27.00 -26.51 -31.11
CA LYS B 590 27.42 -27.90 -31.23
C LYS B 590 27.08 -28.68 -29.96
N LEU B 591 26.41 -29.82 -30.13
CA LEU B 591 26.11 -30.72 -29.04
C LEU B 591 26.38 -32.16 -29.47
N GLU B 592 26.69 -33.00 -28.49
CA GLU B 592 26.85 -34.41 -28.71
C GLU B 592 25.49 -35.08 -28.93
N PHE B 593 25.52 -36.23 -29.60
CA PHE B 593 24.34 -37.06 -29.80
C PHE B 593 24.45 -38.30 -28.93
N ALA B 594 23.36 -38.65 -28.27
CA ALA B 594 23.32 -39.81 -27.38
C ALA B 594 22.01 -40.55 -27.56
N ASN B 595 22.04 -41.85 -27.26
CA ASN B 595 20.85 -42.68 -27.43
C ASN B 595 19.75 -42.31 -26.44
N ASP B 596 20.11 -42.16 -25.17
CA ASP B 596 19.12 -41.92 -24.12
C ASP B 596 18.90 -40.42 -23.90
N THR B 597 18.65 -39.69 -24.99
CA THR B 597 18.29 -38.29 -24.91
C THR B 597 17.06 -38.02 -25.75
N LYS B 598 16.81 -38.88 -26.75
CA LYS B 598 15.65 -38.71 -27.61
C LYS B 598 14.37 -39.09 -26.87
N ILE B 599 13.25 -38.86 -27.55
CA ILE B 599 11.95 -38.93 -26.90
C ILE B 599 11.59 -40.37 -26.57
N ALA B 600 11.70 -41.26 -27.56
CA ALA B 600 11.30 -42.65 -27.38
C ALA B 600 12.19 -43.37 -26.37
N SER B 601 13.42 -42.89 -26.20
CA SER B 601 14.28 -43.43 -25.15
C SER B 601 13.81 -43.01 -23.77
N GLN B 602 13.18 -41.84 -23.65
CA GLN B 602 12.82 -41.30 -22.35
C GLN B 602 11.33 -41.01 -22.24
N LEU B 603 10.48 -41.95 -22.68
CA LEU B 603 9.04 -41.78 -22.56
C LEU B 603 8.59 -41.94 -21.13
N GLY B 604 7.72 -41.03 -20.68
CA GLY B 604 7.04 -41.17 -19.40
C GLY B 604 7.95 -41.13 -18.19
N ASN B 605 8.94 -40.24 -18.19
CA ASN B 605 9.86 -40.13 -17.06
C ASN B 605 10.12 -38.67 -16.77
N CYS B 606 10.33 -38.37 -15.49
CA CYS B 606 10.64 -37.02 -15.04
C CYS B 606 12.07 -36.69 -15.46
N VAL B 607 12.23 -35.94 -16.54
CA VAL B 607 13.55 -35.62 -17.06
C VAL B 607 13.63 -34.13 -17.35
N GLU B 608 14.85 -33.61 -17.29
CA GLU B 608 15.08 -32.23 -17.68
C GLU B 608 15.01 -32.12 -19.20
N TYR B 609 14.21 -31.19 -19.70
CA TYR B 609 14.02 -31.01 -21.12
C TYR B 609 14.59 -29.67 -21.57
N SER B 610 15.25 -29.68 -22.73
CA SER B 610 15.67 -28.48 -23.43
C SER B 610 15.22 -28.65 -24.89
N LEU B 611 13.96 -28.29 -25.14
CA LEU B 611 13.40 -28.32 -26.49
C LEU B 611 13.91 -27.10 -27.24
N TYR B 612 15.16 -27.20 -27.70
CA TYR B 612 15.95 -26.15 -28.34
C TYR B 612 15.79 -24.79 -27.68
N GLY B 613 16.15 -24.70 -26.41
CA GLY B 613 16.01 -23.47 -25.66
C GLY B 613 14.72 -23.36 -24.88
N VAL B 614 13.72 -24.18 -25.17
CA VAL B 614 12.57 -24.27 -24.29
C VAL B 614 13.02 -25.16 -23.14
N SER B 615 13.43 -24.54 -22.04
CA SER B 615 14.12 -25.26 -20.98
C SER B 615 13.19 -25.54 -19.81
N GLY B 616 13.58 -26.54 -19.02
CA GLY B 616 12.90 -26.81 -17.77
C GLY B 616 12.97 -28.29 -17.47
N ARG B 617 11.98 -28.76 -16.72
CA ARG B 617 11.82 -30.17 -16.43
C ARG B 617 10.40 -30.60 -16.83
N GLY B 618 10.25 -31.87 -17.19
CA GLY B 618 8.96 -32.35 -17.63
C GLY B 618 8.95 -33.84 -17.90
N VAL B 619 7.77 -34.32 -18.26
CA VAL B 619 7.53 -35.73 -18.59
C VAL B 619 6.84 -35.76 -19.96
N PHE B 620 7.24 -36.72 -20.78
CA PHE B 620 6.82 -36.79 -22.18
C PHE B 620 5.79 -37.91 -22.38
N GLN B 621 4.80 -37.64 -23.23
CA GLN B 621 3.64 -38.51 -23.35
C GLN B 621 3.13 -38.49 -24.79
N ASN B 622 2.22 -39.40 -25.09
CA ASN B 622 1.57 -39.48 -26.38
C ASN B 622 0.26 -38.71 -26.34
N CYS B 623 0.23 -37.54 -26.96
CA CYS B 623 -0.99 -36.76 -27.11
C CYS B 623 -1.43 -36.77 -28.57
N THR B 624 -2.56 -36.13 -28.84
CA THR B 624 -3.12 -36.09 -30.18
C THR B 624 -2.49 -34.94 -30.98
N ALA B 625 -2.04 -35.25 -32.19
CA ALA B 625 -1.31 -34.28 -33.01
C ALA B 625 -2.30 -33.26 -33.54
N VAL B 626 -2.47 -32.16 -32.80
CA VAL B 626 -3.37 -31.09 -33.17
C VAL B 626 -2.59 -29.78 -33.20
N GLY B 627 -2.90 -28.92 -34.15
CA GLY B 627 -2.25 -27.64 -34.31
C GLY B 627 -1.48 -27.54 -35.61
N VAL B 628 -0.98 -26.33 -35.85
CA VAL B 628 -0.23 -26.05 -37.08
C VAL B 628 1.18 -26.61 -36.93
N ARG B 629 1.58 -27.45 -37.87
CA ARG B 629 2.88 -28.11 -37.81
C ARG B 629 4.04 -27.18 -38.14
N GLN B 630 3.79 -26.04 -38.78
CA GLN B 630 4.86 -25.12 -39.13
C GLN B 630 5.27 -24.24 -37.96
N GLN B 631 4.30 -23.63 -37.28
CA GLN B 631 4.62 -22.93 -36.04
C GLN B 631 5.04 -23.91 -34.95
N ARG B 632 4.25 -24.97 -34.75
CA ARG B 632 4.56 -26.19 -34.01
C ARG B 632 4.62 -25.95 -32.49
N PHE B 633 4.56 -24.69 -32.04
CA PHE B 633 4.72 -24.36 -30.63
C PHE B 633 3.32 -24.08 -30.08
N VAL B 634 2.62 -25.15 -29.73
CA VAL B 634 1.23 -25.06 -29.26
C VAL B 634 1.21 -24.78 -27.76
N TYR B 635 0.46 -23.76 -27.37
CA TYR B 635 0.43 -23.30 -25.99
C TYR B 635 -0.99 -23.40 -25.44
N ASP B 636 -1.09 -23.34 -24.11
CA ASP B 636 -2.37 -23.45 -23.43
C ASP B 636 -3.05 -22.08 -23.40
N ALA B 637 -4.10 -21.96 -22.60
CA ALA B 637 -4.80 -20.68 -22.43
C ALA B 637 -4.01 -19.66 -21.64
N TYR B 638 -2.88 -20.03 -21.05
CA TYR B 638 -2.13 -19.12 -20.18
C TYR B 638 -0.64 -19.19 -20.45
N GLN B 639 -0.28 -19.20 -21.74
CA GLN B 639 1.11 -19.00 -22.20
C GLN B 639 2.06 -20.09 -21.69
N ASN B 640 1.63 -21.34 -21.79
CA ASN B 640 2.47 -22.48 -21.44
C ASN B 640 2.42 -23.49 -22.56
N LEU B 641 3.59 -23.85 -23.10
CA LEU B 641 3.70 -24.82 -24.18
C LEU B 641 3.16 -26.18 -23.75
N VAL B 642 2.38 -26.80 -24.63
CA VAL B 642 1.69 -28.06 -24.33
C VAL B 642 2.28 -29.23 -25.12
N GLY B 643 2.26 -29.14 -26.44
CA GLY B 643 2.66 -30.27 -27.26
C GLY B 643 3.72 -29.87 -28.27
N TYR B 644 4.05 -30.82 -29.14
CA TYR B 644 5.19 -30.65 -30.04
C TYR B 644 5.01 -31.60 -31.21
N TYR B 645 4.76 -31.05 -32.41
CA TYR B 645 4.87 -31.86 -33.61
C TYR B 645 6.32 -32.24 -33.82
N SER B 646 6.61 -33.53 -33.83
CA SER B 646 7.97 -34.00 -33.89
C SER B 646 8.39 -34.31 -35.33
N ASP B 647 9.70 -34.49 -35.50
CA ASP B 647 10.25 -34.73 -36.83
C ASP B 647 9.85 -36.10 -37.38
N ASP B 648 9.63 -37.08 -36.50
CA ASP B 648 9.20 -38.39 -36.96
C ASP B 648 7.70 -38.45 -37.22
N GLY B 649 6.96 -37.39 -36.92
CA GLY B 649 5.52 -37.40 -37.02
C GLY B 649 4.81 -38.00 -35.83
N ASN B 650 5.53 -38.46 -34.82
CA ASN B 650 4.93 -39.02 -33.62
C ASN B 650 4.75 -37.90 -32.60
N TYR B 651 3.50 -37.65 -32.21
CA TYR B 651 3.22 -36.51 -31.34
C TYR B 651 3.74 -36.75 -29.93
N TYR B 652 4.48 -35.78 -29.42
CA TYR B 652 5.12 -35.88 -28.12
C TYR B 652 4.62 -34.73 -27.25
N CYS B 653 4.21 -35.05 -26.02
CA CYS B 653 3.31 -34.23 -25.24
C CYS B 653 3.92 -33.94 -23.88
N LEU B 654 3.92 -32.66 -23.48
CA LEU B 654 4.50 -32.23 -22.21
C LEU B 654 3.40 -31.62 -21.35
N ARG B 655 3.20 -32.17 -20.15
CA ARG B 655 2.38 -31.56 -19.11
C ARG B 655 3.22 -31.05 -17.95
N ALA B 656 4.41 -30.52 -18.26
CA ALA B 656 5.45 -30.16 -17.29
C ALA B 656 5.78 -31.34 -16.39
N CYS B 657 6.04 -31.09 -15.12
CA CYS B 657 6.31 -32.15 -14.15
C CYS B 657 5.40 -31.92 -12.95
N VAL B 658 4.19 -32.45 -13.02
CA VAL B 658 3.31 -32.46 -11.86
C VAL B 658 3.88 -33.42 -10.83
N SER B 659 4.09 -32.92 -9.62
CA SER B 659 4.64 -33.74 -8.55
C SER B 659 3.76 -33.61 -7.31
N VAL B 660 4.22 -34.14 -6.18
CA VAL B 660 3.37 -34.22 -5.01
C VAL B 660 3.89 -33.25 -3.95
N PRO B 661 3.02 -32.58 -3.22
CA PRO B 661 3.46 -31.80 -2.05
C PRO B 661 3.71 -32.72 -0.87
N VAL B 662 4.07 -32.09 0.25
CA VAL B 662 4.26 -32.80 1.51
C VAL B 662 3.83 -31.87 2.63
N SER B 663 3.20 -32.45 3.64
CA SER B 663 2.86 -31.75 4.87
C SER B 663 3.21 -32.65 6.05
N VAL B 664 3.26 -32.06 7.23
CA VAL B 664 3.70 -32.76 8.43
C VAL B 664 2.76 -32.41 9.58
N ILE B 665 2.43 -33.42 10.39
CA ILE B 665 1.66 -33.24 11.61
C ILE B 665 2.55 -33.58 12.79
N TYR B 666 2.31 -32.92 13.92
CA TYR B 666 3.15 -33.04 15.11
C TYR B 666 2.28 -32.86 16.35
N ASP B 667 2.72 -33.46 17.45
CA ASP B 667 2.08 -33.24 18.75
C ASP B 667 3.10 -32.73 19.74
N LYS B 668 2.73 -31.68 20.48
CA LYS B 668 3.57 -31.18 21.55
C LYS B 668 3.47 -32.12 22.75
N GLU B 669 4.53 -32.13 23.56
CA GLU B 669 4.74 -32.83 24.84
C GLU B 669 4.64 -34.36 24.70
N THR B 670 4.40 -34.85 23.49
CA THR B 670 4.53 -36.25 23.13
C THR B 670 5.15 -36.26 21.75
N LYS B 671 6.43 -36.61 21.67
CA LYS B 671 7.23 -36.35 20.47
C LYS B 671 6.79 -37.29 19.35
N THR B 672 5.64 -36.98 18.76
CA THR B 672 5.05 -37.76 17.69
C THR B 672 4.84 -36.88 16.47
N HIS B 673 5.42 -37.30 15.35
CA HIS B 673 5.31 -36.58 14.09
C HIS B 673 5.03 -37.57 12.97
N ALA B 674 4.45 -37.06 11.89
CA ALA B 674 4.12 -37.89 10.75
C ALA B 674 4.10 -37.04 9.48
N THR B 675 4.60 -37.64 8.39
CA THR B 675 4.69 -36.97 7.10
C THR B 675 3.67 -37.55 6.13
N LEU B 676 2.98 -36.66 5.42
CA LEU B 676 1.96 -37.06 4.46
C LEU B 676 2.22 -36.36 3.13
N PHE B 677 1.83 -37.02 2.05
CA PHE B 677 1.90 -36.50 0.71
C PHE B 677 0.49 -36.51 0.13
N GLY B 678 0.08 -35.38 -0.45
CA GLY B 678 -1.32 -35.15 -0.75
C GLY B 678 -1.82 -35.63 -2.11
N SER B 679 -2.90 -36.43 -2.08
CA SER B 679 -3.68 -36.83 -3.26
C SER B 679 -2.83 -37.57 -4.29
N VAL B 680 -2.32 -38.73 -3.88
CA VAL B 680 -1.49 -39.56 -4.74
C VAL B 680 -1.52 -40.99 -4.20
N ALA B 681 -1.30 -41.95 -5.10
CA ALA B 681 -1.02 -43.31 -4.67
C ALA B 681 0.36 -43.36 -4.01
N CYS B 682 0.55 -44.37 -3.15
CA CYS B 682 1.84 -44.52 -2.49
C CYS B 682 2.88 -45.00 -3.49
N GLU B 683 3.45 -44.06 -4.24
CA GLU B 683 4.41 -44.37 -5.30
C GLU B 683 5.79 -43.79 -5.04
N HIS B 684 5.87 -42.56 -4.55
CA HIS B 684 7.15 -41.89 -4.36
C HIS B 684 7.66 -42.12 -2.95
N ILE B 685 8.89 -42.60 -2.85
CA ILE B 685 9.56 -42.83 -1.57
C ILE B 685 10.76 -41.89 -1.59
N SER B 686 11.61 -41.94 -0.56
CA SER B 686 12.74 -41.04 -0.39
C SER B 686 13.90 -41.26 -1.37
N SER B 687 13.73 -42.07 -2.42
CA SER B 687 14.82 -42.35 -3.34
C SER B 687 15.22 -41.11 -4.14
N THR B 688 14.24 -40.40 -4.69
CA THR B 688 14.51 -39.20 -5.47
C THR B 688 14.20 -38.00 -4.58
N MET B 689 15.20 -37.58 -3.81
CA MET B 689 15.04 -36.52 -2.83
C MET B 689 15.47 -35.18 -3.39
N SER B 690 15.17 -34.13 -2.63
CA SER B 690 15.61 -32.77 -2.93
C SER B 690 15.68 -32.01 -1.61
N GLN B 691 15.85 -30.69 -1.70
CA GLN B 691 15.91 -29.75 -0.57
C GLN B 691 17.08 -30.16 0.34
N TYR B 692 16.91 -30.13 1.67
CA TYR B 692 18.05 -30.32 2.56
C TYR B 692 18.22 -31.75 3.04
N SER B 693 17.25 -32.23 3.82
CA SER B 693 17.32 -33.55 4.46
C SER B 693 16.00 -33.81 5.17
N ARG B 694 15.80 -35.07 5.55
CA ARG B 694 14.63 -35.49 6.29
C ARG B 694 15.02 -36.67 7.16
N SER B 695 14.30 -36.84 8.27
CA SER B 695 14.60 -37.94 9.19
C SER B 695 13.33 -38.36 9.91
N THR B 696 13.25 -39.65 10.22
CA THR B 696 12.17 -40.23 11.00
C THR B 696 12.79 -41.16 12.03
N ARG B 697 11.94 -41.95 12.68
CA ARG B 697 12.38 -42.95 13.64
C ARG B 697 12.35 -44.33 12.99
N SER B 698 12.61 -45.37 13.77
CA SER B 698 12.57 -46.73 13.27
C SER B 698 11.13 -47.17 13.03
N MET B 699 10.95 -48.00 12.01
CA MET B 699 9.63 -48.51 11.67
C MET B 699 9.18 -49.53 12.71
N TYR B 707 5.90 -51.48 8.06
CA TYR B 707 5.69 -51.10 6.67
C TYR B 707 6.05 -49.63 6.46
N GLY B 708 5.11 -48.74 6.78
CA GLY B 708 5.37 -47.32 6.76
C GLY B 708 4.52 -46.47 5.82
N PRO B 709 4.33 -46.88 4.55
CA PRO B 709 3.36 -46.14 3.72
C PRO B 709 1.98 -46.76 3.69
N LEU B 710 0.94 -45.92 3.75
CA LEU B 710 -0.44 -46.37 3.76
C LEU B 710 -1.25 -45.54 2.78
N GLN B 711 -2.10 -46.19 2.00
CA GLN B 711 -3.01 -45.48 1.11
C GLN B 711 -4.14 -44.83 1.91
N THR B 712 -4.39 -43.56 1.61
CA THR B 712 -5.43 -42.77 2.25
C THR B 712 -6.23 -42.07 1.16
N PRO B 713 -7.47 -41.67 1.44
CA PRO B 713 -8.22 -40.83 0.49
C PRO B 713 -7.53 -39.51 0.17
N VAL B 714 -6.75 -38.99 1.13
CA VAL B 714 -6.03 -37.74 0.90
C VAL B 714 -4.65 -37.95 0.31
N GLY B 715 -4.25 -39.19 0.03
CA GLY B 715 -2.98 -39.44 -0.60
C GLY B 715 -2.20 -40.58 0.03
N CYS B 716 -0.92 -40.36 0.29
CA CYS B 716 -0.08 -41.38 0.91
C CYS B 716 0.46 -40.79 2.20
N VAL B 717 0.75 -41.64 3.17
CA VAL B 717 1.10 -41.18 4.51
C VAL B 717 2.22 -42.05 5.07
N LEU B 718 3.05 -41.45 5.91
CA LEU B 718 3.98 -42.19 6.76
C LEU B 718 3.72 -41.77 8.20
N GLY B 719 4.19 -42.60 9.14
CA GLY B 719 4.04 -42.30 10.55
C GLY B 719 2.69 -42.57 11.14
N LEU B 720 1.83 -43.34 10.47
CA LEU B 720 0.55 -43.72 11.02
C LEU B 720 0.44 -45.24 11.09
N VAL B 721 -0.49 -45.70 11.92
CA VAL B 721 -0.71 -47.12 12.17
C VAL B 721 -1.88 -47.53 11.28
N ASN B 722 -2.23 -48.77 11.08
CA ASN B 722 -3.38 -48.97 10.21
C ASN B 722 -4.68 -48.90 10.99
N SER B 723 -4.57 -48.83 12.31
CA SER B 723 -5.57 -49.07 13.34
C SER B 723 -7.00 -48.99 12.82
N SER B 724 -7.37 -47.91 12.14
CA SER B 724 -8.67 -47.72 11.49
C SER B 724 -9.82 -47.84 12.49
N LEU B 725 -9.88 -46.86 13.39
CA LEU B 725 -10.96 -46.81 14.37
C LEU B 725 -11.91 -45.66 14.08
N PHE B 726 -12.84 -45.40 15.01
CA PHE B 726 -13.87 -44.37 14.80
C PHE B 726 -13.78 -43.38 15.95
N VAL B 727 -13.25 -42.19 15.66
CA VAL B 727 -13.13 -41.11 16.63
C VAL B 727 -13.82 -39.88 16.05
N GLU B 728 -14.84 -39.39 16.76
CA GLU B 728 -15.67 -38.32 16.20
C GLU B 728 -14.94 -36.98 16.18
N ASP B 729 -14.31 -36.65 17.31
CA ASP B 729 -13.82 -35.31 17.55
C ASP B 729 -12.31 -35.30 17.63
N CYS B 730 -11.71 -34.38 16.87
CA CYS B 730 -10.28 -34.38 16.68
C CYS B 730 -9.79 -32.95 16.46
N LYS B 731 -8.62 -32.63 17.02
CA LYS B 731 -8.02 -31.31 16.84
C LYS B 731 -7.48 -31.13 15.42
N LEU B 732 -6.25 -31.63 15.26
CA LEU B 732 -5.61 -31.77 13.96
C LEU B 732 -6.12 -33.02 13.22
N PRO B 733 -6.63 -32.80 12.00
CA PRO B 733 -6.86 -33.93 11.10
C PRO B 733 -5.70 -34.24 10.17
N LEU B 734 -6.02 -34.87 9.05
CA LEU B 734 -5.11 -35.13 7.95
C LEU B 734 -5.86 -34.73 6.70
N GLY B 735 -7.16 -34.59 6.85
CA GLY B 735 -8.05 -34.25 5.75
C GLY B 735 -9.25 -35.17 5.70
N GLN B 736 -10.36 -34.61 5.25
CA GLN B 736 -11.63 -35.27 4.95
C GLN B 736 -12.19 -36.01 6.16
N SER B 737 -11.70 -37.25 6.37
CA SER B 737 -12.14 -38.02 7.54
C SER B 737 -11.00 -38.76 8.23
N LEU B 738 -9.81 -38.15 8.33
CA LEU B 738 -8.65 -38.85 8.86
C LEU B 738 -8.02 -38.02 9.98
N CYS B 739 -7.85 -38.65 11.15
CA CYS B 739 -7.18 -38.03 12.28
C CYS B 739 -6.08 -38.95 12.79
N ALA B 740 -5.26 -38.41 13.70
CA ALA B 740 -4.15 -39.13 14.31
C ALA B 740 -4.24 -38.98 15.82
N LEU B 741 -3.98 -40.07 16.54
CA LEU B 741 -4.10 -40.08 17.99
C LEU B 741 -2.75 -40.40 18.61
N PRO B 742 -2.06 -39.42 19.19
CA PRO B 742 -0.79 -39.71 19.87
C PRO B 742 -1.00 -40.48 21.16
N ASP B 743 0.06 -41.15 21.61
CA ASP B 743 0.01 -42.03 22.76
C ASP B 743 0.71 -41.39 23.94
N THR B 744 0.10 -41.45 25.12
CA THR B 744 0.69 -40.91 26.33
C THR B 744 1.13 -42.02 27.26
N PRO B 757 5.94 -45.01 23.77
CA PRO B 757 5.64 -43.82 22.99
C PRO B 757 5.90 -44.01 21.50
N GLY B 758 5.04 -44.77 20.83
CA GLY B 758 5.14 -45.01 19.41
C GLY B 758 4.54 -43.87 18.61
N GLU B 759 4.28 -44.14 17.34
CA GLU B 759 3.72 -43.12 16.47
C GLU B 759 2.22 -42.99 16.70
N MET B 760 1.61 -42.06 15.98
CA MET B 760 0.19 -41.80 16.10
C MET B 760 -0.61 -42.95 15.48
N ARG B 761 -1.63 -43.41 16.20
CA ARG B 761 -2.56 -44.39 15.63
C ARG B 761 -3.55 -43.71 14.70
N LEU B 762 -4.06 -44.50 13.76
CA LEU B 762 -5.01 -44.00 12.75
C LEU B 762 -6.35 -43.79 13.44
N ALA B 763 -6.62 -42.55 13.85
CA ALA B 763 -7.91 -42.24 14.44
C ALA B 763 -9.03 -42.30 13.41
N SER B 764 -8.78 -41.77 12.21
CA SER B 764 -9.61 -41.98 11.02
C SER B 764 -11.05 -41.54 11.25
N ILE B 765 -11.23 -40.21 11.31
CA ILE B 765 -12.35 -39.50 11.95
C ILE B 765 -13.70 -40.15 11.71
N ALA B 766 -14.39 -40.48 12.80
CA ALA B 766 -15.78 -40.90 12.70
C ALA B 766 -16.63 -39.69 12.35
N PHE B 767 -17.69 -39.91 11.58
CA PHE B 767 -18.66 -38.85 11.34
C PHE B 767 -19.25 -38.41 12.66
N ASN B 768 -19.45 -37.10 12.81
CA ASN B 768 -19.99 -36.56 14.06
C ASN B 768 -21.47 -36.93 14.15
N HIS B 769 -21.69 -38.20 14.52
CA HIS B 769 -23.01 -38.79 14.47
C HIS B 769 -23.91 -38.19 15.54
N PRO B 770 -25.09 -37.72 15.19
CA PRO B 770 -26.12 -37.52 16.21
C PRO B 770 -26.71 -38.86 16.59
N ILE B 771 -27.73 -38.86 17.44
CA ILE B 771 -28.53 -40.07 17.59
C ILE B 771 -29.37 -40.21 16.34
N GLN B 772 -29.43 -41.42 15.80
CA GLN B 772 -30.24 -41.73 14.63
C GLN B 772 -31.35 -42.70 15.02
N VAL B 773 -32.59 -42.31 14.80
CA VAL B 773 -33.72 -43.19 15.02
C VAL B 773 -34.51 -43.27 13.72
N ASP B 774 -35.12 -44.43 13.49
CA ASP B 774 -35.91 -44.61 12.28
C ASP B 774 -37.20 -43.78 12.33
N GLN B 775 -37.71 -43.47 11.14
CA GLN B 775 -38.98 -42.76 11.01
C GLN B 775 -40.12 -43.75 10.97
N LEU B 776 -41.19 -43.45 11.71
CA LEU B 776 -42.37 -44.29 11.72
C LEU B 776 -43.29 -43.90 10.58
N ASN B 777 -43.67 -44.87 9.76
CA ASN B 777 -44.52 -44.65 8.61
C ASN B 777 -46.00 -44.57 8.96
N SER B 778 -46.38 -44.98 10.18
CA SER B 778 -47.78 -45.02 10.57
C SER B 778 -48.22 -43.63 11.06
N SER B 779 -49.43 -43.56 11.61
CA SER B 779 -49.92 -42.31 12.15
C SER B 779 -49.19 -41.91 13.42
N TYR B 780 -48.71 -42.90 14.18
CA TYR B 780 -47.96 -42.62 15.40
C TYR B 780 -46.53 -42.22 15.05
N PHE B 781 -45.79 -41.77 16.07
CA PHE B 781 -44.39 -41.42 15.87
C PHE B 781 -43.62 -41.69 17.15
N LYS B 782 -42.37 -42.12 16.98
CA LYS B 782 -41.47 -42.39 18.07
C LYS B 782 -40.59 -41.16 18.29
N LEU B 783 -40.85 -40.43 19.36
CA LEU B 783 -40.06 -39.28 19.75
C LEU B 783 -38.85 -39.73 20.55
N SER B 784 -37.98 -38.78 20.88
CA SER B 784 -36.84 -39.04 21.75
C SER B 784 -36.76 -37.94 22.79
N ILE B 785 -36.30 -38.30 23.99
CA ILE B 785 -36.27 -37.34 25.09
C ILE B 785 -35.17 -37.72 26.08
N PRO B 786 -34.34 -36.79 26.54
CA PRO B 786 -33.37 -37.10 27.59
C PRO B 786 -33.96 -37.01 28.99
N THR B 787 -33.34 -37.73 29.91
CA THR B 787 -33.94 -37.99 31.22
C THR B 787 -33.23 -37.30 32.39
N ASN B 788 -32.20 -36.49 32.12
CA ASN B 788 -31.68 -35.49 33.07
C ASN B 788 -31.22 -34.25 32.32
N PHE B 789 -30.40 -33.46 33.02
CA PHE B 789 -30.05 -32.09 32.68
C PHE B 789 -28.57 -32.00 32.35
N SER B 790 -28.20 -30.88 31.76
CA SER B 790 -26.81 -30.42 31.73
C SER B 790 -26.84 -28.91 31.61
N PHE B 791 -26.65 -28.21 32.73
CA PHE B 791 -26.73 -26.75 32.74
C PHE B 791 -25.48 -26.19 32.06
N GLY B 792 -25.46 -26.31 30.74
CA GLY B 792 -24.31 -25.92 29.97
C GLY B 792 -24.28 -24.43 29.78
N VAL B 793 -23.14 -23.82 30.05
CA VAL B 793 -22.95 -22.41 29.80
C VAL B 793 -22.18 -22.23 28.51
N THR B 794 -22.82 -21.57 27.56
CA THR B 794 -22.14 -21.10 26.37
C THR B 794 -21.50 -19.77 26.72
N GLN B 795 -20.19 -19.79 26.94
CA GLN B 795 -19.45 -18.56 27.10
C GLN B 795 -19.23 -17.97 25.72
N GLU B 796 -19.39 -16.65 25.60
CA GLU B 796 -19.38 -16.05 24.27
C GLU B 796 -18.91 -14.61 24.35
N TYR B 797 -17.75 -14.33 23.76
CA TYR B 797 -17.26 -12.96 23.66
C TYR B 797 -17.87 -12.29 22.45
N ILE B 798 -18.31 -11.04 22.62
CA ILE B 798 -18.66 -10.16 21.52
C ILE B 798 -17.99 -8.82 21.76
N GLN B 799 -17.26 -8.34 20.75
CA GLN B 799 -16.60 -7.06 20.87
C GLN B 799 -17.61 -5.92 20.87
N THR B 800 -17.52 -5.04 21.87
CA THR B 800 -18.31 -3.82 21.83
C THR B 800 -17.64 -2.77 20.96
N THR B 801 -16.45 -2.34 21.36
CA THR B 801 -15.72 -1.30 20.66
C THR B 801 -14.24 -1.58 20.81
N ILE B 802 -13.53 -1.67 19.68
CA ILE B 802 -12.09 -1.91 19.71
C ILE B 802 -11.41 -0.73 20.40
N GLN B 803 -10.24 -0.99 21.00
CA GLN B 803 -9.54 0.01 21.79
C GLN B 803 -9.16 1.22 20.95
N LYS B 804 -9.82 2.33 21.23
CA LYS B 804 -9.62 3.58 20.49
C LYS B 804 -8.27 4.19 20.80
N VAL B 805 -7.72 4.88 19.80
CA VAL B 805 -6.33 5.33 19.84
C VAL B 805 -6.17 6.52 18.91
N THR B 806 -5.28 7.45 19.29
CA THR B 806 -4.88 8.54 18.42
C THR B 806 -3.38 8.50 18.17
N VAL B 807 -3.01 8.89 16.95
CA VAL B 807 -1.62 8.89 16.50
C VAL B 807 -1.36 10.22 15.81
N ASP B 808 -0.31 10.90 16.24
CA ASP B 808 0.09 12.15 15.59
C ASP B 808 1.06 11.84 14.46
N CYS B 809 1.72 12.87 13.93
CA CYS B 809 2.73 12.69 12.90
C CYS B 809 4.05 13.39 13.25
N LYS B 810 3.98 14.52 13.95
CA LYS B 810 5.19 15.29 14.23
C LYS B 810 6.08 14.57 15.24
N GLN B 811 5.49 13.79 16.14
CA GLN B 811 6.29 13.05 17.10
C GLN B 811 6.24 11.55 16.83
N TYR B 812 5.13 11.06 16.28
CA TYR B 812 5.09 9.66 15.89
C TYR B 812 6.00 9.39 14.72
N VAL B 813 5.68 9.97 13.57
CA VAL B 813 6.51 9.79 12.39
C VAL B 813 7.77 10.62 12.50
N CYS B 814 7.60 11.92 12.70
CA CYS B 814 8.69 12.86 12.49
C CYS B 814 9.58 13.01 13.72
N ASN B 815 9.06 12.69 14.91
CA ASN B 815 9.84 12.60 16.14
C ASN B 815 10.53 13.91 16.52
N GLY B 816 9.88 15.03 16.20
CA GLY B 816 10.32 16.33 16.66
C GLY B 816 11.67 16.79 16.14
N PHE B 817 11.97 16.55 14.88
CA PHE B 817 13.21 16.96 14.24
C PHE B 817 12.84 17.90 13.10
N GLN B 818 13.40 19.12 13.09
CA GLN B 818 12.72 20.26 12.46
C GLN B 818 12.50 20.09 10.96
N LYS B 819 13.56 19.80 10.20
CA LYS B 819 13.48 19.88 8.74
C LYS B 819 12.63 18.74 8.18
N CYS B 820 12.55 17.64 8.92
CA CYS B 820 11.44 16.70 8.79
C CYS B 820 10.05 17.34 8.82
N GLU B 821 9.73 18.24 9.76
CA GLU B 821 8.37 18.80 9.70
C GLU B 821 8.22 19.80 8.56
N GLN B 822 9.22 20.65 8.29
CA GLN B 822 8.91 21.56 7.19
C GLN B 822 9.09 20.93 5.81
N LEU B 823 9.49 19.67 5.70
CA LEU B 823 9.17 18.96 4.46
C LEU B 823 8.00 18.00 4.60
N LEU B 824 7.57 17.69 5.83
CA LEU B 824 6.41 16.85 6.05
C LEU B 824 5.12 17.59 5.77
N ARG B 825 5.10 18.91 6.02
CA ARG B 825 3.89 19.69 5.83
C ARG B 825 3.49 19.83 4.36
N GLU B 826 4.38 19.50 3.42
CA GLU B 826 3.97 19.38 2.03
C GLU B 826 2.94 18.26 1.87
N TYR B 827 3.17 17.14 2.54
CA TYR B 827 2.15 16.09 2.60
C TYR B 827 0.99 16.53 3.49
N GLY B 828 1.31 16.98 4.71
CA GLY B 828 0.40 17.76 5.53
C GLY B 828 -0.94 17.15 5.89
N GLN B 829 -1.98 17.66 5.23
CA GLN B 829 -3.38 17.43 5.59
C GLN B 829 -3.77 15.96 5.52
N PHE B 830 -2.95 15.13 4.89
CA PHE B 830 -3.13 13.68 4.87
C PHE B 830 -3.23 13.20 6.31
N CYS B 831 -2.23 13.57 7.11
CA CYS B 831 -2.24 13.31 8.53
C CYS B 831 -3.54 13.78 9.16
N SER B 832 -3.85 15.07 9.01
CA SER B 832 -5.09 15.61 9.58
C SER B 832 -6.32 14.78 9.22
N LYS B 833 -6.44 14.38 7.95
CA LYS B 833 -7.61 13.65 7.48
C LYS B 833 -7.68 12.22 7.98
N ILE B 834 -6.54 11.57 8.16
CA ILE B 834 -6.54 10.21 8.70
C ILE B 834 -6.58 10.22 10.22
N ASN B 835 -6.38 11.40 10.80
CA ASN B 835 -6.57 11.59 12.23
C ASN B 835 -7.93 12.20 12.47
N GLN B 836 -8.65 12.45 11.38
CA GLN B 836 -10.08 12.72 11.42
C GLN B 836 -10.82 11.51 10.87
N ALA B 837 -10.09 10.44 10.61
CA ALA B 837 -10.69 9.18 10.24
C ALA B 837 -10.54 8.20 11.39
N LEU B 838 -9.58 8.44 12.26
CA LEU B 838 -9.60 7.79 13.56
C LEU B 838 -10.44 8.58 14.55
N HIS B 839 -10.58 9.88 14.29
CA HIS B 839 -11.56 10.67 15.01
C HIS B 839 -12.94 10.44 14.41
N GLY B 840 -12.99 10.15 13.12
CA GLY B 840 -14.20 9.65 12.51
C GLY B 840 -14.65 8.38 13.22
N ALA B 841 -13.71 7.46 13.42
CA ALA B 841 -13.98 6.25 14.17
C ALA B 841 -14.41 6.57 15.59
N ASN B 842 -13.73 7.53 16.22
CA ASN B 842 -14.11 7.96 17.56
C ASN B 842 -15.55 8.43 17.62
N LEU B 843 -15.93 9.31 16.71
CA LEU B 843 -17.30 9.81 16.69
C LEU B 843 -18.31 8.68 16.56
N ARG B 844 -18.05 7.77 15.62
CA ARG B 844 -18.88 6.60 15.44
C ARG B 844 -19.05 5.85 16.77
N GLN B 845 -17.94 5.46 17.38
CA GLN B 845 -18.04 4.65 18.59
C GLN B 845 -18.59 5.42 19.79
N ASP B 846 -18.41 6.74 19.82
CA ASP B 846 -19.01 7.55 20.87
C ASP B 846 -20.51 7.40 20.80
N ASP B 847 -21.06 7.59 19.62
CA ASP B 847 -22.50 7.47 19.42
C ASP B 847 -23.01 6.10 19.82
N SER B 848 -22.23 5.06 19.56
CA SER B 848 -22.64 3.68 19.73
C SER B 848 -22.54 3.28 21.19
N VAL B 849 -21.43 3.66 21.83
CA VAL B 849 -21.29 3.41 23.27
C VAL B 849 -22.38 4.13 24.02
N ARG B 850 -22.61 5.40 23.68
CA ARG B 850 -23.66 6.16 24.35
C ARG B 850 -25.03 5.65 23.94
N ASN B 851 -25.11 4.94 22.80
CA ASN B 851 -26.36 4.25 22.51
C ASN B 851 -26.51 3.02 23.38
N LEU B 852 -25.45 2.21 23.50
CA LEU B 852 -25.60 0.91 24.12
C LEU B 852 -25.69 1.02 25.64
N PHE B 853 -24.97 1.99 26.23
CA PHE B 853 -25.26 2.37 27.60
C PHE B 853 -26.66 2.93 27.77
N ALA B 854 -27.19 3.60 26.74
CA ALA B 854 -28.61 3.89 26.74
C ALA B 854 -29.44 2.62 26.61
N SER B 855 -28.94 1.65 25.84
CA SER B 855 -29.66 0.39 25.68
C SER B 855 -29.70 -0.40 26.97
N VAL B 856 -28.58 -0.43 27.70
CA VAL B 856 -28.54 -1.14 28.97
C VAL B 856 -28.95 -0.26 30.15
N LYS B 857 -29.35 0.98 29.88
CA LYS B 857 -29.89 1.82 30.94
C LYS B 857 -31.26 1.30 31.38
N SER B 858 -31.47 1.28 32.69
CA SER B 858 -32.74 0.85 33.27
C SER B 858 -33.41 2.04 33.94
N SER B 859 -34.73 2.15 33.74
CA SER B 859 -35.48 3.18 34.42
C SER B 859 -35.55 2.92 35.92
N GLN B 860 -35.90 1.70 36.31
CA GLN B 860 -36.05 1.32 37.71
C GLN B 860 -35.29 0.03 37.95
N SER B 861 -34.66 -0.06 39.12
CA SER B 861 -33.90 -1.26 39.51
C SER B 861 -33.60 -1.21 40.99
N SER B 862 -33.59 -2.38 41.62
CA SER B 862 -33.14 -2.49 43.00
C SER B 862 -31.62 -2.39 43.07
N PRO B 863 -31.09 -1.85 44.16
CA PRO B 863 -29.65 -1.93 44.40
C PRO B 863 -29.24 -3.35 44.77
N ILE B 864 -27.93 -3.58 44.79
CA ILE B 864 -27.42 -4.91 45.09
C ILE B 864 -27.63 -5.20 46.57
N ILE B 865 -27.79 -6.48 46.90
CA ILE B 865 -28.11 -6.89 48.27
C ILE B 865 -27.24 -8.06 48.67
N PRO B 866 -26.94 -8.16 49.96
CA PRO B 866 -26.35 -9.40 50.48
C PRO B 866 -27.41 -10.49 50.58
N GLY B 867 -26.93 -11.72 50.73
CA GLY B 867 -27.82 -12.87 50.66
C GLY B 867 -28.46 -12.99 49.30
N PHE B 868 -27.68 -12.77 48.24
CA PHE B 868 -28.22 -12.57 46.90
C PHE B 868 -28.70 -13.89 46.30
N GLY B 869 -29.89 -13.85 45.71
CA GLY B 869 -30.47 -15.02 45.08
C GLY B 869 -31.21 -15.95 46.02
N GLY B 870 -31.28 -15.63 47.31
CA GLY B 870 -31.93 -16.48 48.28
C GLY B 870 -31.20 -17.79 48.46
N ASP B 871 -31.77 -18.88 47.94
CA ASP B 871 -31.12 -20.18 47.98
C ASP B 871 -29.95 -20.27 47.00
N PHE B 872 -29.91 -19.41 45.98
CA PHE B 872 -28.85 -19.46 44.99
C PHE B 872 -27.55 -18.91 45.54
N ASN B 873 -26.45 -19.56 45.20
CA ASN B 873 -25.12 -19.01 45.47
C ASN B 873 -24.63 -18.15 44.31
N LEU B 874 -25.46 -17.22 43.86
CA LEU B 874 -25.05 -16.21 42.90
C LEU B 874 -24.32 -15.11 43.66
N THR B 875 -23.14 -15.45 44.11
CA THR B 875 -22.34 -14.58 44.95
C THR B 875 -21.05 -14.12 44.29
N LEU B 876 -20.51 -14.92 43.37
CA LEU B 876 -19.28 -14.55 42.68
C LEU B 876 -19.52 -13.45 41.66
N LEU B 877 -20.76 -13.28 41.21
CA LEU B 877 -21.10 -12.20 40.30
C LEU B 877 -21.32 -10.88 41.02
N GLU B 878 -21.40 -10.91 42.34
CA GLU B 878 -21.75 -9.71 43.09
C GLU B 878 -20.59 -8.72 43.10
N PRO B 879 -20.87 -7.41 43.05
CA PRO B 879 -19.81 -6.39 43.13
C PRO B 879 -19.51 -5.95 44.56
N VAL B 880 -19.23 -6.92 45.43
CA VAL B 880 -18.97 -6.62 46.83
C VAL B 880 -17.75 -7.40 47.31
N ALA B 889 -16.59 -4.42 45.69
CA ALA B 889 -16.26 -3.37 44.73
C ALA B 889 -16.81 -3.72 43.35
N ARG B 890 -16.05 -4.52 42.60
CA ARG B 890 -16.45 -5.00 41.29
C ARG B 890 -16.85 -6.46 41.38
N SER B 891 -17.41 -6.97 40.28
CA SER B 891 -17.88 -8.34 40.25
C SER B 891 -16.70 -9.30 40.38
N ALA B 892 -16.82 -10.26 41.30
CA ALA B 892 -15.66 -11.08 41.64
C ALA B 892 -15.31 -12.06 40.53
N ILE B 893 -16.31 -12.55 39.79
CA ILE B 893 -16.02 -13.33 38.59
C ILE B 893 -15.30 -12.47 37.56
N GLU B 894 -15.71 -11.21 37.43
CA GLU B 894 -15.04 -10.26 36.55
C GLU B 894 -13.60 -10.01 36.98
N ASP B 895 -13.36 -9.88 38.28
CA ASP B 895 -12.00 -9.68 38.76
C ASP B 895 -11.14 -10.92 38.53
N LEU B 896 -11.68 -12.11 38.76
CA LEU B 896 -10.85 -13.30 38.59
C LEU B 896 -10.64 -13.64 37.13
N LEU B 897 -11.57 -13.26 36.24
CA LEU B 897 -11.27 -13.43 34.83
C LEU B 897 -10.29 -12.37 34.35
N PHE B 898 -10.27 -11.19 34.98
CA PHE B 898 -9.20 -10.23 34.71
C PHE B 898 -7.85 -10.79 35.12
N ASP B 899 -7.78 -11.49 36.25
CA ASP B 899 -6.55 -12.15 36.64
C ASP B 899 -6.22 -13.31 35.70
N LYS B 900 -7.25 -14.04 35.27
CA LYS B 900 -7.07 -15.24 34.44
C LYS B 900 -6.61 -14.90 33.03
N VAL B 901 -6.88 -13.69 32.55
CA VAL B 901 -6.51 -13.26 31.21
C VAL B 901 -5.26 -12.39 31.35
N THR B 902 -4.28 -12.63 30.49
CA THR B 902 -3.03 -11.88 30.51
C THR B 902 -3.32 -10.45 30.07
N ILE B 903 -3.58 -9.58 31.02
CA ILE B 903 -3.91 -8.19 30.78
C ILE B 903 -2.83 -7.32 31.39
N ALA B 904 -2.28 -6.41 30.60
CA ALA B 904 -1.42 -5.37 31.16
C ALA B 904 -2.28 -4.34 31.88
N ASP B 905 -1.79 -3.85 33.01
CA ASP B 905 -2.46 -2.77 33.71
C ASP B 905 -2.37 -1.51 32.86
N PRO B 906 -3.49 -0.92 32.46
CA PRO B 906 -3.43 0.14 31.45
C PRO B 906 -3.06 1.52 31.98
N GLY B 907 -2.11 1.58 32.91
CA GLY B 907 -1.39 2.76 33.33
C GLY B 907 -2.13 4.07 33.54
N TYR B 908 -3.43 4.01 33.85
CA TYR B 908 -4.24 5.22 33.90
C TYR B 908 -4.27 5.86 35.29
N MET B 909 -3.23 5.67 36.09
CA MET B 909 -3.17 6.39 37.35
C MET B 909 -1.85 7.12 37.57
N GLN B 910 -0.73 6.53 37.16
CA GLN B 910 0.60 7.13 37.33
C GLN B 910 1.45 6.89 36.08
N GLY B 911 0.88 7.17 34.91
CA GLY B 911 1.39 6.73 33.62
C GLY B 911 2.87 6.81 33.32
N TYR B 912 3.44 8.02 33.23
CA TYR B 912 4.87 8.11 32.96
C TYR B 912 5.68 7.70 34.20
N ASP B 913 5.12 7.89 35.39
CA ASP B 913 5.73 7.34 36.59
C ASP B 913 5.69 5.81 36.58
N ASP B 914 4.61 5.23 36.06
CA ASP B 914 4.54 3.78 35.94
C ASP B 914 5.53 3.23 34.93
N CYS B 915 5.75 3.94 33.82
CA CYS B 915 6.82 3.54 32.91
C CYS B 915 8.19 3.74 33.55
N MET B 916 8.31 4.74 34.44
CA MET B 916 9.54 4.93 35.20
C MET B 916 9.79 3.76 36.13
N GLN B 917 8.74 3.17 36.70
CA GLN B 917 8.91 1.95 37.48
C GLN B 917 9.40 0.81 36.60
N GLN B 918 8.71 0.56 35.49
CA GLN B 918 9.10 -0.46 34.52
C GLN B 918 8.42 -0.20 33.18
N LEU B 926 6.03 -1.75 28.44
CA LEU B 926 5.54 -2.32 27.18
C LEU B 926 4.51 -1.41 26.53
N ILE B 927 3.32 -1.37 27.14
CA ILE B 927 2.17 -0.66 26.55
C ILE B 927 2.14 0.82 26.92
N CYS B 928 2.56 1.19 28.15
CA CYS B 928 2.51 2.61 28.49
C CYS B 928 3.53 3.43 27.72
N ALA B 929 4.49 2.77 27.08
CA ALA B 929 5.50 3.37 26.21
C ALA B 929 4.95 3.73 24.83
N GLN B 930 3.62 3.75 24.69
CA GLN B 930 2.98 4.27 23.49
C GLN B 930 3.41 5.71 23.23
N TYR B 931 3.50 6.51 24.29
CA TYR B 931 4.06 7.85 24.18
C TYR B 931 5.53 7.79 23.76
N VAL B 932 6.26 6.80 24.27
CA VAL B 932 7.57 6.49 23.72
C VAL B 932 7.44 6.09 22.26
N ALA B 933 6.44 5.27 21.95
CA ALA B 933 6.18 4.92 20.57
C ALA B 933 5.53 6.06 19.80
N GLY B 934 5.04 7.09 20.47
CA GLY B 934 4.56 8.29 19.81
C GLY B 934 3.08 8.33 19.53
N TYR B 935 2.27 7.67 20.35
CA TYR B 935 0.83 7.71 20.17
C TYR B 935 0.18 7.55 21.54
N LYS B 936 -1.15 7.73 21.58
CA LYS B 936 -1.89 7.65 22.83
C LYS B 936 -3.15 6.83 22.61
N VAL B 937 -3.24 5.70 23.32
CA VAL B 937 -4.51 4.99 23.34
C VAL B 937 -5.51 5.80 24.17
N LEU B 938 -6.75 5.75 23.79
CA LEU B 938 -7.67 6.57 24.55
C LEU B 938 -8.23 5.77 25.72
N PRO B 939 -8.29 6.39 26.91
CA PRO B 939 -8.75 5.66 28.08
C PRO B 939 -10.25 5.47 28.03
N PRO B 940 -10.78 4.56 28.85
CA PRO B 940 -12.24 4.50 29.04
C PRO B 940 -12.80 5.84 29.49
N LEU B 941 -13.68 6.42 28.69
CA LEU B 941 -14.32 7.68 29.04
C LEU B 941 -15.35 7.53 30.15
N MET B 942 -15.62 6.30 30.60
CA MET B 942 -16.53 6.03 31.69
C MET B 942 -15.92 4.96 32.59
N ASP B 943 -16.22 5.05 33.88
CA ASP B 943 -15.45 4.35 34.90
C ASP B 943 -15.89 2.88 35.01
N VAL B 944 -15.03 2.07 35.64
CA VAL B 944 -15.28 0.64 35.75
C VAL B 944 -16.44 0.33 36.70
N ASN B 945 -16.52 1.03 37.83
CA ASN B 945 -17.57 0.77 38.80
C ASN B 945 -18.94 1.15 38.27
N MET B 946 -19.01 2.08 37.31
CA MET B 946 -20.30 2.45 36.78
C MET B 946 -20.78 1.54 35.66
N GLU B 947 -19.89 0.91 34.87
CA GLU B 947 -20.40 -0.20 34.05
C GLU B 947 -20.76 -1.38 34.92
N ALA B 948 -20.07 -1.55 36.05
CA ALA B 948 -20.49 -2.54 37.03
C ALA B 948 -21.91 -2.22 37.53
N ALA B 949 -22.20 -0.93 37.72
CA ALA B 949 -23.54 -0.52 38.11
C ALA B 949 -24.56 -0.83 37.01
N TYR B 950 -24.19 -0.60 35.74
CA TYR B 950 -25.09 -1.03 34.65
C TYR B 950 -25.33 -2.53 34.66
N THR B 951 -24.28 -3.33 34.84
CA THR B 951 -24.46 -4.77 34.80
C THR B 951 -25.30 -5.26 35.97
N SER B 952 -25.12 -4.65 37.15
CA SER B 952 -25.97 -4.96 38.29
C SER B 952 -27.42 -4.56 38.02
N SER B 953 -27.61 -3.40 37.39
CA SER B 953 -28.95 -2.96 37.04
C SER B 953 -29.59 -3.92 36.04
N LEU B 954 -28.81 -4.42 35.10
CA LEU B 954 -29.32 -5.40 34.15
C LEU B 954 -29.69 -6.71 34.83
N LEU B 955 -28.86 -7.14 35.79
CA LEU B 955 -29.16 -8.35 36.53
C LEU B 955 -30.46 -8.21 37.30
N GLY B 956 -30.69 -7.03 37.89
CA GLY B 956 -31.99 -6.77 38.49
C GLY B 956 -33.11 -6.68 37.47
N SER B 957 -32.81 -6.13 36.29
CA SER B 957 -33.85 -5.77 35.33
C SER B 957 -34.42 -7.00 34.64
N ILE B 958 -33.55 -7.95 34.28
CA ILE B 958 -33.97 -9.12 33.51
C ILE B 958 -34.97 -9.99 34.25
N ALA B 959 -35.01 -9.91 35.58
CA ALA B 959 -36.11 -10.53 36.31
C ALA B 959 -37.42 -9.78 36.06
N GLY B 960 -37.38 -8.46 36.11
CA GLY B 960 -38.57 -7.65 35.94
C GLY B 960 -39.19 -7.72 34.55
N VAL B 961 -38.37 -7.57 33.52
CA VAL B 961 -38.89 -7.59 32.16
C VAL B 961 -39.14 -9.02 31.71
N GLY B 962 -38.36 -9.98 32.23
CA GLY B 962 -38.42 -11.35 31.76
C GLY B 962 -39.55 -12.19 32.33
N TRP B 963 -40.69 -11.57 32.61
CA TRP B 963 -41.89 -12.30 33.01
C TRP B 963 -43.09 -11.94 32.17
N THR B 964 -43.23 -10.67 31.79
CA THR B 964 -44.33 -10.22 30.95
C THR B 964 -43.78 -9.12 30.04
N ALA B 965 -44.29 -9.07 28.80
CA ALA B 965 -43.78 -8.12 27.82
C ALA B 965 -44.09 -6.69 28.23
N GLY B 966 -43.11 -5.82 28.06
CA GLY B 966 -43.21 -4.42 28.47
C GLY B 966 -41.87 -3.97 29.03
N LEU B 967 -41.57 -2.69 28.84
CA LEU B 967 -40.29 -2.12 29.25
C LEU B 967 -40.45 -0.95 30.20
N SER B 968 -41.66 -0.70 30.71
CA SER B 968 -41.91 0.53 31.46
C SER B 968 -41.49 0.39 32.92
N SER B 969 -42.09 -0.54 33.64
CA SER B 969 -41.95 -0.62 35.09
C SER B 969 -40.85 -1.60 35.48
N PHE B 970 -40.87 -2.02 36.74
CA PHE B 970 -39.90 -2.96 37.29
C PHE B 970 -40.63 -3.99 38.14
N ALA B 971 -40.29 -5.27 37.94
CA ALA B 971 -41.09 -6.39 38.41
C ALA B 971 -40.19 -7.45 39.06
N ALA B 972 -39.38 -7.03 40.04
CA ALA B 972 -38.33 -7.89 40.59
C ALA B 972 -38.86 -9.08 41.34
N ILE B 973 -38.97 -10.21 40.64
CA ILE B 973 -39.28 -11.51 41.25
C ILE B 973 -38.04 -11.89 42.07
N PRO B 974 -38.18 -12.62 43.18
CA PRO B 974 -37.02 -13.30 43.74
C PRO B 974 -36.43 -14.24 42.70
N PHE B 975 -35.09 -14.23 42.60
CA PHE B 975 -34.42 -14.88 41.49
C PHE B 975 -34.61 -16.39 41.48
N ALA B 976 -34.88 -17.01 42.64
CA ALA B 976 -35.28 -18.41 42.66
C ALA B 976 -36.51 -18.58 41.79
N GLN B 977 -37.62 -17.95 42.20
CA GLN B 977 -38.87 -18.03 41.46
C GLN B 977 -38.73 -17.46 40.05
N SER B 978 -37.87 -16.44 39.87
CA SER B 978 -37.70 -15.81 38.57
C SER B 978 -37.14 -16.77 37.54
N ILE B 979 -36.00 -17.39 37.85
CA ILE B 979 -35.45 -18.35 36.93
C ILE B 979 -36.25 -19.65 36.89
N PHE B 980 -36.99 -20.02 37.97
CA PHE B 980 -37.90 -21.15 37.83
C PHE B 980 -38.99 -20.88 36.79
N TYR B 981 -39.57 -19.68 36.82
CA TYR B 981 -40.60 -19.34 35.84
C TYR B 981 -40.03 -19.23 34.44
N ARG B 982 -38.83 -18.66 34.30
CA ARG B 982 -38.27 -18.51 32.96
C ARG B 982 -37.76 -19.83 32.39
N LEU B 983 -37.48 -20.84 33.23
CA LEU B 983 -37.19 -22.15 32.67
C LEU B 983 -38.47 -22.90 32.34
N ASN B 984 -39.51 -22.73 33.17
CA ASN B 984 -40.79 -23.38 32.89
C ASN B 984 -41.48 -22.81 31.66
N GLY B 985 -41.15 -21.59 31.27
CA GLY B 985 -41.80 -21.03 30.11
C GLY B 985 -41.37 -21.60 28.78
N VAL B 986 -40.30 -22.39 28.73
CA VAL B 986 -39.81 -22.91 27.46
C VAL B 986 -39.86 -24.43 27.42
N GLY B 987 -40.77 -25.03 28.18
CA GLY B 987 -41.01 -26.45 28.06
C GLY B 987 -40.55 -27.34 29.21
N ILE B 988 -40.74 -26.89 30.44
CA ILE B 988 -40.57 -27.73 31.63
C ILE B 988 -41.77 -27.50 32.53
N THR B 989 -42.34 -28.60 33.06
CA THR B 989 -43.57 -28.54 33.83
C THR B 989 -43.33 -27.91 35.21
N GLN B 990 -44.39 -27.83 36.00
CA GLN B 990 -44.39 -27.04 37.21
C GLN B 990 -44.18 -27.87 38.47
N GLN B 991 -44.78 -29.06 38.55
CA GLN B 991 -44.74 -29.79 39.82
C GLN B 991 -43.36 -30.37 40.10
N VAL B 992 -42.61 -30.73 39.05
CA VAL B 992 -41.25 -31.19 39.30
C VAL B 992 -40.41 -30.05 39.87
N LEU B 993 -40.74 -28.81 39.51
CA LEU B 993 -40.11 -27.66 40.14
C LEU B 993 -40.56 -27.51 41.59
N SER B 994 -41.72 -28.07 41.93
CA SER B 994 -42.10 -28.10 43.34
C SER B 994 -41.35 -29.19 44.10
N GLU B 995 -40.84 -30.22 43.43
CA GLU B 995 -39.94 -31.16 44.10
C GLU B 995 -38.63 -31.45 43.35
N ASN B 996 -38.02 -30.44 42.72
CA ASN B 996 -36.61 -30.60 42.33
C ASN B 996 -35.77 -29.34 42.52
N GLN B 997 -36.28 -28.35 43.26
CA GLN B 997 -35.64 -27.04 43.28
C GLN B 997 -34.26 -27.08 43.93
N LYS B 998 -34.09 -27.93 44.96
CA LYS B 998 -32.86 -27.94 45.72
C LYS B 998 -31.68 -28.44 44.89
N LEU B 999 -31.84 -29.59 44.24
CA LEU B 999 -30.72 -30.15 43.50
C LEU B 999 -30.46 -29.41 42.20
N ILE B 1000 -31.50 -28.84 41.56
CA ILE B 1000 -31.23 -28.05 40.37
C ILE B 1000 -30.54 -26.75 40.73
N ALA B 1001 -30.85 -26.17 41.90
CA ALA B 1001 -30.10 -25.01 42.36
C ALA B 1001 -28.66 -25.39 42.69
N ASN B 1002 -28.47 -26.58 43.28
CA ASN B 1002 -27.14 -27.06 43.61
C ASN B 1002 -26.29 -27.27 42.35
N LYS B 1003 -26.87 -27.89 41.33
CA LYS B 1003 -26.11 -28.10 40.11
C LYS B 1003 -26.02 -26.84 39.27
N PHE B 1004 -26.93 -25.88 39.46
CA PHE B 1004 -26.74 -24.56 38.86
C PHE B 1004 -25.53 -23.87 39.44
N ASN B 1005 -25.40 -23.92 40.77
CA ASN B 1005 -24.21 -23.39 41.43
C ASN B 1005 -22.96 -24.14 41.00
N GLN B 1006 -23.08 -25.46 40.80
CA GLN B 1006 -21.95 -26.25 40.33
C GLN B 1006 -21.56 -25.88 38.91
N ALA B 1007 -22.54 -25.59 38.04
CA ALA B 1007 -22.25 -25.13 36.70
C ALA B 1007 -21.56 -23.79 36.73
N LEU B 1008 -21.99 -22.90 37.64
CA LEU B 1008 -21.32 -21.62 37.82
C LEU B 1008 -19.87 -21.83 38.27
N GLY B 1009 -19.66 -22.74 39.23
CA GLY B 1009 -18.31 -23.01 39.70
C GLY B 1009 -17.44 -23.68 38.64
N ALA B 1010 -18.05 -24.51 37.80
CA ALA B 1010 -17.32 -25.13 36.70
C ALA B 1010 -16.94 -24.10 35.66
N MET B 1011 -17.81 -23.12 35.42
CA MET B 1011 -17.47 -21.99 34.58
C MET B 1011 -16.30 -21.21 35.18
N GLN B 1012 -16.30 -21.05 36.50
CA GLN B 1012 -15.19 -20.40 37.19
C GLN B 1012 -13.90 -21.17 36.98
N THR B 1013 -13.91 -22.48 37.25
CA THR B 1013 -12.69 -23.28 37.16
C THR B 1013 -12.41 -23.74 35.73
N GLY B 1014 -13.31 -23.49 34.79
CA GLY B 1014 -13.09 -23.84 33.40
C GLY B 1014 -12.32 -22.81 32.62
N PHE B 1015 -11.80 -21.77 33.29
CA PHE B 1015 -11.08 -20.69 32.62
C PHE B 1015 -9.69 -21.20 32.24
N THR B 1016 -9.66 -21.93 31.14
CA THR B 1016 -8.44 -22.56 30.66
C THR B 1016 -8.46 -22.57 29.13
N THR B 1017 -7.43 -23.18 28.54
CA THR B 1017 -7.28 -23.18 27.09
C THR B 1017 -8.30 -24.09 26.40
N THR B 1018 -8.94 -24.99 27.14
CA THR B 1018 -9.95 -25.85 26.52
C THR B 1018 -11.18 -25.07 26.09
N ASN B 1019 -11.47 -23.95 26.77
CA ASN B 1019 -12.57 -23.11 26.35
C ASN B 1019 -12.22 -22.36 25.08
N GLU B 1020 -13.12 -22.43 24.09
CA GLU B 1020 -12.94 -21.63 22.88
C GLU B 1020 -13.23 -20.16 23.13
N ALA B 1021 -14.14 -19.87 24.07
CA ALA B 1021 -14.49 -18.47 24.33
C ALA B 1021 -13.39 -17.76 25.10
N PHE B 1022 -12.76 -18.45 26.06
CA PHE B 1022 -11.58 -17.89 26.72
C PHE B 1022 -10.48 -17.66 25.70
N GLN B 1023 -10.34 -18.59 24.75
CA GLN B 1023 -9.38 -18.42 23.66
C GLN B 1023 -9.69 -17.22 22.77
N LYS B 1024 -10.95 -16.96 22.45
CA LYS B 1024 -11.24 -15.80 21.61
C LYS B 1024 -11.19 -14.50 22.40
N VAL B 1025 -11.35 -14.57 23.73
CA VAL B 1025 -11.02 -13.41 24.56
C VAL B 1025 -9.54 -13.10 24.47
N GLN B 1026 -8.71 -14.13 24.56
CA GLN B 1026 -7.28 -13.98 24.30
C GLN B 1026 -7.04 -13.44 22.89
N ASP B 1027 -7.84 -13.90 21.93
CA ASP B 1027 -7.70 -13.46 20.55
C ASP B 1027 -8.00 -11.98 20.40
N ALA B 1028 -9.02 -11.50 21.10
CA ALA B 1028 -9.34 -10.07 21.04
C ALA B 1028 -8.23 -9.24 21.67
N VAL B 1029 -7.76 -9.66 22.85
CA VAL B 1029 -6.78 -8.82 23.54
C VAL B 1029 -5.43 -8.86 22.83
N ASN B 1030 -5.00 -10.02 22.34
CA ASN B 1030 -3.75 -9.98 21.62
C ASN B 1030 -3.92 -9.45 20.20
N ASN B 1031 -5.14 -9.44 19.67
CA ASN B 1031 -5.39 -8.74 18.42
C ASN B 1031 -5.13 -7.25 18.59
N ASN B 1032 -5.56 -6.70 19.73
CA ASN B 1032 -5.14 -5.35 20.10
C ASN B 1032 -3.62 -5.28 20.25
N ALA B 1033 -2.99 -6.35 20.75
CA ALA B 1033 -1.54 -6.34 20.93
C ALA B 1033 -0.80 -6.29 19.59
N GLN B 1034 -1.18 -7.10 18.60
CA GLN B 1034 -0.52 -6.91 17.30
C GLN B 1034 -0.99 -5.64 16.61
N ALA B 1035 -2.18 -5.13 16.94
CA ALA B 1035 -2.58 -3.84 16.41
C ALA B 1035 -1.61 -2.74 16.83
N LEU B 1036 -1.25 -2.72 18.10
CA LEU B 1036 -0.24 -1.75 18.55
C LEU B 1036 1.18 -2.17 18.15
N SER B 1037 1.42 -3.46 17.92
CA SER B 1037 2.73 -3.87 17.45
C SER B 1037 3.00 -3.44 16.02
N LYS B 1038 1.95 -3.32 15.20
CA LYS B 1038 2.13 -2.72 13.89
C LYS B 1038 2.59 -1.28 14.01
N LEU B 1039 2.11 -0.57 15.04
CA LEU B 1039 2.60 0.78 15.29
C LEU B 1039 4.07 0.75 15.71
N ALA B 1040 4.38 -0.09 16.69
CA ALA B 1040 5.69 -0.03 17.33
C ALA B 1040 6.77 -0.77 16.55
N SER B 1041 6.42 -1.54 15.53
CA SER B 1041 7.35 -2.49 14.96
C SER B 1041 8.19 -1.90 13.85
N GLU B 1042 7.61 -1.04 13.03
CA GLU B 1042 8.25 -0.61 11.79
C GLU B 1042 9.17 0.59 11.99
N LEU B 1043 9.37 1.04 13.23
CA LEU B 1043 10.36 2.08 13.48
C LEU B 1043 11.77 1.62 13.15
N SER B 1044 12.09 0.37 13.50
CA SER B 1044 13.38 -0.20 13.14
C SER B 1044 13.44 -0.62 11.68
N ASN B 1045 12.30 -0.72 11.02
CA ASN B 1045 12.27 -1.10 9.61
C ASN B 1045 12.82 0.04 8.75
N THR B 1046 13.25 -0.33 7.55
CA THR B 1046 13.94 0.59 6.66
C THR B 1046 13.11 0.97 5.44
N PHE B 1047 12.61 -0.03 4.70
CA PHE B 1047 11.98 0.17 3.38
C PHE B 1047 12.91 0.94 2.45
N GLY B 1048 14.18 0.57 2.44
CA GLY B 1048 15.19 1.26 1.67
C GLY B 1048 16.06 2.21 2.46
N ALA B 1049 15.83 2.34 3.76
CA ALA B 1049 16.64 3.21 4.60
C ALA B 1049 17.94 2.52 5.00
N ILE B 1050 18.88 3.31 5.50
CA ILE B 1050 20.15 2.81 6.02
C ILE B 1050 20.13 2.76 7.54
N SER B 1051 19.76 3.86 8.18
CA SER B 1051 19.70 3.94 9.63
C SER B 1051 18.27 4.18 10.06
N ALA B 1052 17.77 3.34 10.97
CA ALA B 1052 16.39 3.46 11.43
C ALA B 1052 16.20 4.71 12.29
N SER B 1053 17.21 5.10 13.06
CA SER B 1053 17.12 6.33 13.82
C SER B 1053 17.21 7.52 12.90
N ILE B 1054 16.25 8.43 13.03
CA ILE B 1054 16.27 9.65 12.23
C ILE B 1054 17.43 10.53 12.69
N GLY B 1055 17.76 10.48 13.97
CA GLY B 1055 18.97 11.15 14.45
C GLY B 1055 20.22 10.58 13.81
N ASP B 1056 20.26 9.27 13.61
CA ASP B 1056 21.38 8.66 12.89
C ASP B 1056 21.38 9.08 11.43
N ILE B 1057 20.20 9.37 10.87
CA ILE B 1057 20.13 9.83 9.49
C ILE B 1057 20.70 11.24 9.38
N ILE B 1058 20.28 12.15 10.26
CA ILE B 1058 20.71 13.54 10.15
C ILE B 1058 22.18 13.68 10.50
N GLN B 1059 22.66 12.95 11.52
CA GLN B 1059 24.02 13.15 11.98
C GLN B 1059 25.06 12.42 11.14
N ARG B 1060 24.66 11.46 10.30
CA ARG B 1060 25.64 10.62 9.60
C ARG B 1060 25.39 10.55 8.10
N LEU B 1061 24.76 11.56 7.51
CA LEU B 1061 24.46 11.49 6.07
C LEU B 1061 24.34 12.91 5.52
N ASP B 1062 24.59 13.04 4.22
CA ASP B 1062 24.64 14.34 3.57
C ASP B 1062 23.24 14.90 3.33
N PRO B 1063 23.06 16.22 3.46
CA PRO B 1063 21.72 16.83 3.30
C PRO B 1063 21.06 16.57 1.95
N PRO B 1064 21.73 16.73 0.79
CA PRO B 1064 21.00 16.52 -0.48
C PRO B 1064 20.53 15.08 -0.68
N GLU B 1065 21.15 14.13 -0.01
CA GLU B 1065 20.72 12.74 -0.07
C GLU B 1065 19.96 12.27 1.16
N GLN B 1066 20.24 12.81 2.34
CA GLN B 1066 19.39 12.50 3.49
C GLN B 1066 18.01 13.12 3.36
N ASP B 1067 17.87 14.17 2.53
CA ASP B 1067 16.55 14.70 2.24
C ASP B 1067 15.69 13.63 1.56
N ALA B 1068 16.21 13.03 0.49
CA ALA B 1068 15.48 11.96 -0.18
C ALA B 1068 15.35 10.71 0.69
N GLN B 1069 16.34 10.48 1.57
CA GLN B 1069 16.25 9.36 2.49
C GLN B 1069 15.09 9.53 3.46
N ILE B 1070 14.95 10.71 4.05
CA ILE B 1070 13.85 10.90 4.99
C ILE B 1070 12.53 10.97 4.23
N ASP B 1071 12.56 11.45 2.98
CA ASP B 1071 11.37 11.40 2.13
C ASP B 1071 10.88 9.97 1.94
N ARG B 1072 11.78 9.07 1.55
CA ARG B 1072 11.33 7.70 1.29
C ARG B 1072 10.95 6.99 2.58
N LEU B 1073 11.60 7.28 3.70
CA LEU B 1073 11.20 6.60 4.93
C LEU B 1073 9.86 7.12 5.44
N ILE B 1074 9.58 8.42 5.30
CA ILE B 1074 8.27 8.87 5.72
C ILE B 1074 7.21 8.46 4.73
N ASN B 1075 7.57 8.22 3.46
CA ASN B 1075 6.61 7.66 2.52
C ASN B 1075 6.23 6.24 2.92
N GLY B 1076 7.23 5.41 3.26
CA GLY B 1076 6.92 4.07 3.77
C GLY B 1076 6.12 4.13 5.05
N ARG B 1077 6.44 5.07 5.93
CA ARG B 1077 5.70 5.25 7.17
C ARG B 1077 4.26 5.64 6.90
N LEU B 1078 4.02 6.54 5.95
CA LEU B 1078 2.67 6.98 5.71
C LEU B 1078 1.84 5.93 4.99
N THR B 1079 2.46 5.12 4.13
CA THR B 1079 1.73 4.01 3.53
C THR B 1079 1.34 2.98 4.59
N THR B 1080 2.28 2.65 5.49
CA THR B 1080 1.95 1.73 6.58
C THR B 1080 0.89 2.32 7.49
N LEU B 1081 0.93 3.62 7.73
CA LEU B 1081 -0.06 4.27 8.58
C LEU B 1081 -1.40 4.41 7.90
N ASN B 1082 -1.43 4.56 6.58
CA ASN B 1082 -2.69 4.55 5.85
C ASN B 1082 -3.32 3.17 5.92
N ALA B 1083 -2.50 2.12 5.83
CA ALA B 1083 -2.99 0.77 6.05
C ALA B 1083 -3.50 0.60 7.47
N PHE B 1084 -2.80 1.21 8.43
CA PHE B 1084 -3.24 1.22 9.82
C PHE B 1084 -4.64 1.83 9.96
N VAL B 1085 -4.85 3.01 9.36
CA VAL B 1085 -6.16 3.66 9.44
C VAL B 1085 -7.22 2.83 8.74
N ALA B 1086 -6.87 2.21 7.60
CA ALA B 1086 -7.83 1.38 6.88
C ALA B 1086 -8.26 0.19 7.71
N GLN B 1087 -7.30 -0.48 8.35
CA GLN B 1087 -7.68 -1.63 9.17
C GLN B 1087 -8.41 -1.18 10.43
N GLN B 1088 -8.06 -0.02 10.98
CA GLN B 1088 -8.81 0.51 12.11
C GLN B 1088 -10.24 0.83 11.74
N LEU B 1089 -10.48 1.39 10.56
CA LEU B 1089 -11.84 1.75 10.21
C LEU B 1089 -12.67 0.52 9.86
N VAL B 1090 -12.08 -0.46 9.17
CA VAL B 1090 -12.88 -1.66 8.90
C VAL B 1090 -13.16 -2.42 10.19
N ARG B 1091 -12.21 -2.39 11.13
CA ARG B 1091 -12.50 -2.90 12.47
C ARG B 1091 -13.52 -2.02 13.18
N SER B 1092 -13.61 -0.74 12.82
CA SER B 1092 -14.56 0.15 13.47
C SER B 1092 -16.00 -0.17 13.10
N GLU B 1093 -16.29 -0.32 11.80
CA GLU B 1093 -17.63 -0.81 11.50
C GLU B 1093 -17.84 -2.27 11.88
N SER B 1094 -16.78 -3.08 11.94
CA SER B 1094 -16.95 -4.44 12.47
C SER B 1094 -17.39 -4.41 13.92
N ALA B 1095 -16.75 -3.57 14.73
CA ALA B 1095 -17.13 -3.42 16.13
C ALA B 1095 -18.47 -2.74 16.27
N ALA B 1096 -18.83 -1.86 15.34
CA ALA B 1096 -20.15 -1.23 15.37
C ALA B 1096 -21.24 -2.27 15.14
N LEU B 1097 -21.07 -3.11 14.12
CA LEU B 1097 -22.03 -4.18 13.87
C LEU B 1097 -22.05 -5.18 15.02
N SER B 1098 -20.89 -5.47 15.60
CA SER B 1098 -20.83 -6.40 16.73
C SER B 1098 -21.49 -5.81 17.96
N ALA B 1099 -21.39 -4.50 18.16
CA ALA B 1099 -22.06 -3.86 19.27
C ALA B 1099 -23.57 -3.85 19.06
N GLN B 1100 -24.00 -3.67 17.81
CA GLN B 1100 -25.42 -3.82 17.49
C GLN B 1100 -25.90 -5.22 17.81
N LEU B 1101 -25.10 -6.24 17.45
CA LEU B 1101 -25.45 -7.62 17.75
C LEU B 1101 -25.47 -7.87 19.25
N ALA B 1102 -24.55 -7.26 19.99
CA ALA B 1102 -24.53 -7.41 21.44
C ALA B 1102 -25.74 -6.77 22.09
N LYS B 1103 -26.14 -5.59 21.59
CA LYS B 1103 -27.36 -4.96 22.07
C LYS B 1103 -28.57 -5.82 21.76
N ASP B 1104 -28.60 -6.42 20.56
CA ASP B 1104 -29.68 -7.30 20.19
C ASP B 1104 -29.72 -8.53 21.09
N LYS B 1105 -28.56 -9.06 21.45
CA LYS B 1105 -28.53 -10.26 22.27
C LYS B 1105 -28.91 -9.95 23.71
N VAL B 1106 -28.49 -8.80 24.24
CA VAL B 1106 -28.88 -8.49 25.61
C VAL B 1106 -30.35 -8.15 25.69
N ASN B 1107 -30.91 -7.50 24.67
CA ASN B 1107 -32.34 -7.23 24.71
C ASN B 1107 -33.16 -8.47 24.37
N GLU B 1108 -32.57 -9.43 23.65
CA GLU B 1108 -33.29 -10.56 23.08
C GLU B 1108 -33.14 -11.86 23.87
N CYS B 1109 -31.96 -12.13 24.44
CA CYS B 1109 -31.78 -13.34 25.21
C CYS B 1109 -31.21 -13.06 26.60
N VAL B 1110 -31.17 -11.80 27.03
CA VAL B 1110 -30.87 -11.49 28.42
C VAL B 1110 -32.08 -10.80 29.05
N LYS B 1111 -32.44 -9.60 28.55
CA LYS B 1111 -33.71 -9.01 28.99
C LYS B 1111 -34.92 -9.77 28.47
N ALA B 1112 -34.78 -10.53 27.40
CA ALA B 1112 -35.83 -11.43 26.97
C ALA B 1112 -35.25 -12.84 26.96
N GLN B 1113 -36.01 -13.79 26.43
CA GLN B 1113 -35.56 -15.17 26.35
C GLN B 1113 -35.74 -15.65 24.91
N SER B 1114 -34.72 -16.34 24.40
CA SER B 1114 -34.61 -16.60 22.97
C SER B 1114 -35.70 -17.52 22.46
N LYS B 1115 -36.30 -17.13 21.34
CA LYS B 1115 -37.30 -17.93 20.65
C LYS B 1115 -36.72 -18.63 19.41
N ARG B 1116 -35.40 -18.61 19.25
CA ARG B 1116 -34.76 -19.12 18.06
C ARG B 1116 -34.15 -20.48 18.33
N SER B 1117 -33.61 -21.08 17.27
CA SER B 1117 -32.93 -22.37 17.37
C SER B 1117 -31.47 -22.13 17.76
N GLY B 1118 -31.30 -21.70 19.01
CA GLY B 1118 -29.99 -21.44 19.55
C GLY B 1118 -29.23 -20.30 18.90
N PHE B 1119 -29.90 -19.17 18.70
CA PHE B 1119 -29.23 -17.98 18.15
C PHE B 1119 -28.14 -17.48 19.10
N CYS B 1120 -28.42 -17.45 20.40
CA CYS B 1120 -27.46 -16.95 21.37
C CYS B 1120 -26.51 -18.06 21.83
N GLY B 1121 -27.05 -19.13 22.40
CA GLY B 1121 -26.23 -20.20 22.92
C GLY B 1121 -26.49 -21.53 22.26
N GLN B 1122 -25.61 -22.51 22.52
CA GLN B 1122 -25.78 -23.83 21.93
C GLN B 1122 -27.00 -24.54 22.52
N GLY B 1123 -27.77 -25.20 21.65
CA GLY B 1123 -28.96 -25.87 22.08
C GLY B 1123 -30.02 -24.88 22.54
N THR B 1124 -30.83 -25.32 23.51
CA THR B 1124 -31.85 -24.45 24.12
C THR B 1124 -31.18 -23.60 25.18
N HIS B 1125 -30.78 -22.39 24.78
CA HIS B 1125 -30.41 -21.38 25.75
C HIS B 1125 -31.63 -20.99 26.58
N ILE B 1126 -31.43 -20.77 27.88
CA ILE B 1126 -32.48 -20.35 28.79
C ILE B 1126 -32.26 -18.93 29.29
N VAL B 1127 -31.16 -18.68 29.99
CA VAL B 1127 -30.91 -17.39 30.61
C VAL B 1127 -29.46 -17.03 30.32
N SER B 1128 -29.12 -15.75 30.45
CA SER B 1128 -27.74 -15.33 30.22
C SER B 1128 -27.34 -14.29 31.25
N PHE B 1129 -26.04 -14.27 31.53
CA PHE B 1129 -25.39 -13.26 32.34
C PHE B 1129 -24.46 -12.46 31.45
N VAL B 1130 -24.27 -11.19 31.79
CA VAL B 1130 -23.53 -10.27 30.96
C VAL B 1130 -22.42 -9.66 31.81
N VAL B 1131 -21.17 -9.87 31.40
CA VAL B 1131 -20.01 -9.39 32.13
C VAL B 1131 -19.11 -8.60 31.19
N ASN B 1132 -18.63 -7.46 31.67
CA ASN B 1132 -17.80 -6.61 30.84
C ASN B 1132 -16.42 -7.22 30.63
N ALA B 1133 -15.93 -7.11 29.40
CA ALA B 1133 -14.60 -7.53 29.02
C ALA B 1133 -13.69 -6.33 29.03
N PRO B 1134 -12.36 -6.52 29.07
CA PRO B 1134 -11.45 -5.37 29.00
C PRO B 1134 -11.58 -4.56 27.73
N ASN B 1135 -12.08 -5.15 26.65
CA ASN B 1135 -12.24 -4.46 25.39
C ASN B 1135 -13.66 -4.55 24.85
N GLY B 1136 -14.34 -5.68 25.04
CA GLY B 1136 -15.71 -5.85 24.58
C GLY B 1136 -16.70 -6.25 25.65
N LEU B 1137 -17.37 -7.38 25.47
CA LEU B 1137 -18.38 -7.84 26.43
C LEU B 1137 -18.48 -9.35 26.31
N TYR B 1138 -19.00 -10.02 27.34
CA TYR B 1138 -18.85 -11.45 27.45
C TYR B 1138 -20.09 -12.04 28.08
N PHE B 1139 -20.60 -13.13 27.51
CA PHE B 1139 -21.93 -13.64 27.80
C PHE B 1139 -21.85 -15.05 28.36
N MET B 1140 -22.63 -15.30 29.41
CA MET B 1140 -22.79 -16.60 30.05
C MET B 1140 -24.18 -17.10 29.69
N HIS B 1141 -24.27 -18.00 28.73
CA HIS B 1141 -25.57 -18.51 28.27
C HIS B 1141 -25.83 -19.83 28.99
N VAL B 1142 -26.55 -19.76 30.11
CA VAL B 1142 -26.97 -20.97 30.81
C VAL B 1142 -28.15 -21.55 30.05
N GLY B 1143 -28.01 -22.83 29.65
CA GLY B 1143 -29.04 -23.49 28.88
C GLY B 1143 -29.01 -24.99 29.10
N TYR B 1144 -30.05 -25.64 28.59
CA TYR B 1144 -30.22 -27.08 28.71
C TYR B 1144 -29.38 -27.78 27.64
N TYR B 1145 -28.15 -28.12 28.00
CA TYR B 1145 -27.42 -29.08 27.19
C TYR B 1145 -28.03 -30.46 27.40
N PRO B 1146 -28.07 -31.31 26.39
CA PRO B 1146 -28.83 -32.56 26.47
C PRO B 1146 -28.15 -33.60 27.36
N SER B 1147 -28.86 -34.70 27.54
CA SER B 1147 -28.37 -35.84 28.31
C SER B 1147 -28.80 -37.09 27.57
N ASN B 1148 -28.78 -38.24 28.27
CA ASN B 1148 -29.05 -39.53 27.65
C ASN B 1148 -30.46 -39.63 27.08
N HIS B 1149 -30.55 -39.58 25.76
CA HIS B 1149 -31.84 -39.64 25.08
C HIS B 1149 -32.39 -41.05 25.10
N ILE B 1150 -33.66 -41.18 25.47
CA ILE B 1150 -34.37 -42.44 25.38
C ILE B 1150 -35.45 -42.31 24.31
N GLU B 1151 -35.89 -43.45 23.79
CA GLU B 1151 -36.90 -43.51 22.76
C GLU B 1151 -38.27 -43.66 23.41
N VAL B 1152 -39.25 -42.93 22.89
CA VAL B 1152 -40.62 -42.95 23.38
C VAL B 1152 -41.55 -43.00 22.18
N VAL B 1153 -42.79 -43.43 22.39
CA VAL B 1153 -43.77 -43.59 21.32
C VAL B 1153 -45.03 -42.83 21.69
N SER B 1154 -45.55 -42.03 20.76
CA SER B 1154 -46.76 -41.26 21.01
C SER B 1154 -47.42 -40.92 19.68
N ALA B 1155 -48.38 -40.00 19.71
CA ALA B 1155 -49.15 -39.61 18.53
C ALA B 1155 -49.10 -38.10 18.32
N TYR B 1156 -49.96 -37.58 17.45
CA TYR B 1156 -49.93 -36.17 17.07
C TYR B 1156 -51.05 -35.37 17.72
N GLY B 1157 -52.27 -35.88 17.66
CA GLY B 1157 -53.40 -35.24 18.29
C GLY B 1157 -54.48 -36.25 18.57
N LEU B 1158 -55.26 -36.04 19.62
CA LEU B 1158 -56.31 -36.97 20.00
C LEU B 1158 -57.65 -36.28 19.94
N CYS B 1159 -58.67 -37.03 19.52
CA CYS B 1159 -60.00 -36.49 19.35
C CYS B 1159 -60.95 -37.37 20.16
N ASP B 1160 -62.25 -37.19 20.00
CA ASP B 1160 -63.23 -38.06 20.65
C ASP B 1160 -63.89 -38.95 19.62
N ALA B 1161 -64.11 -40.22 19.98
CA ALA B 1161 -64.82 -41.13 19.09
C ALA B 1161 -66.25 -40.68 18.87
N ALA B 1162 -66.93 -40.26 19.93
CA ALA B 1162 -68.28 -39.74 19.81
C ALA B 1162 -68.30 -38.33 19.24
N ASN B 1163 -67.28 -37.53 19.54
CA ASN B 1163 -67.22 -36.12 19.13
C ASN B 1163 -65.90 -35.84 18.44
N PRO B 1164 -65.77 -36.24 17.16
CA PRO B 1164 -64.49 -36.04 16.46
C PRO B 1164 -64.15 -34.60 16.19
N THR B 1165 -65.09 -33.66 16.33
CA THR B 1165 -64.75 -32.25 16.19
C THR B 1165 -63.85 -31.79 17.33
N ASN B 1166 -64.11 -32.25 18.55
CA ASN B 1166 -63.35 -31.83 19.71
C ASN B 1166 -62.01 -32.57 19.73
N CYS B 1167 -60.93 -31.85 19.43
CA CYS B 1167 -59.59 -32.39 19.48
C CYS B 1167 -58.70 -31.42 20.23
N ILE B 1168 -57.59 -31.94 20.76
CA ILE B 1168 -56.77 -31.19 21.70
C ILE B 1168 -55.35 -31.09 21.13
N ALA B 1169 -54.66 -29.99 21.45
CA ALA B 1169 -53.31 -29.75 20.98
C ALA B 1169 -52.55 -28.99 22.06
N PRO B 1170 -51.35 -29.43 22.41
CA PRO B 1170 -50.61 -28.78 23.50
C PRO B 1170 -49.88 -27.54 23.03
N VAL B 1171 -49.51 -26.70 24.00
CA VAL B 1171 -48.59 -25.59 23.79
C VAL B 1171 -47.38 -25.79 24.68
N ASN B 1172 -46.19 -25.73 24.06
CA ASN B 1172 -44.90 -25.94 24.73
C ASN B 1172 -44.86 -27.29 25.46
N GLY B 1173 -45.47 -28.30 24.86
CA GLY B 1173 -45.60 -29.60 25.49
C GLY B 1173 -45.81 -30.69 24.48
N TYR B 1174 -45.97 -31.91 24.99
CA TYR B 1174 -46.10 -33.10 24.16
C TYR B 1174 -46.98 -34.12 24.86
N PHE B 1175 -47.66 -34.93 24.05
CA PHE B 1175 -48.38 -36.11 24.53
C PHE B 1175 -47.40 -37.28 24.64
N ILE B 1176 -47.49 -38.06 25.73
CA ILE B 1176 -46.78 -39.33 25.68
C ILE B 1176 -47.61 -40.56 26.08
N LYS B 1177 -47.90 -40.74 27.37
CA LYS B 1177 -48.38 -41.97 28.02
C LYS B 1177 -48.96 -41.70 29.41
N THR B 1178 -50.28 -41.78 29.57
CA THR B 1178 -50.89 -41.87 30.89
C THR B 1178 -51.26 -43.33 31.13
N ASN B 1179 -50.26 -44.21 31.17
CA ASN B 1179 -50.58 -45.63 31.20
C ASN B 1179 -50.22 -46.30 32.52
N ASN B 1180 -48.94 -46.20 32.91
CA ASN B 1180 -48.39 -46.90 34.08
C ASN B 1180 -48.67 -48.39 34.09
N GLU B 1186 -51.21 -43.48 27.18
CA GLU B 1186 -52.42 -42.68 27.07
C GLU B 1186 -52.12 -41.18 27.08
N TRP B 1187 -51.17 -40.76 26.24
CA TRP B 1187 -50.87 -39.37 25.88
C TRP B 1187 -50.78 -38.39 27.05
N SER B 1188 -49.80 -38.57 27.95
CA SER B 1188 -49.62 -37.65 29.07
C SER B 1188 -48.88 -36.38 28.63
N TYR B 1189 -49.14 -35.30 29.38
CA TYR B 1189 -48.56 -34.00 29.07
C TYR B 1189 -47.15 -33.91 29.63
N THR B 1190 -46.21 -33.49 28.79
CA THR B 1190 -44.81 -33.40 29.18
C THR B 1190 -44.21 -32.15 28.57
N GLY B 1191 -43.37 -31.47 29.35
CA GLY B 1191 -42.69 -30.29 28.84
C GLY B 1191 -41.79 -30.60 27.66
N SER B 1192 -41.60 -29.60 26.81
CA SER B 1192 -40.93 -29.76 25.53
C SER B 1192 -39.41 -29.69 25.64
N SER B 1193 -38.85 -29.86 26.83
CA SER B 1193 -37.40 -29.86 26.97
C SER B 1193 -36.85 -30.95 27.86
N PHE B 1194 -37.69 -31.73 28.56
CA PHE B 1194 -37.19 -32.73 29.48
C PHE B 1194 -38.27 -33.79 29.67
N TYR B 1195 -37.81 -35.03 29.92
CA TYR B 1195 -38.72 -36.14 30.19
C TYR B 1195 -39.31 -35.96 31.58
N ALA B 1196 -40.38 -35.18 31.63
CA ALA B 1196 -41.04 -34.83 32.89
C ALA B 1196 -42.43 -35.44 32.93
N PRO B 1197 -42.62 -36.58 33.60
CA PRO B 1197 -43.95 -37.19 33.65
C PRO B 1197 -44.91 -36.46 34.58
N GLU B 1198 -46.03 -36.00 34.03
CA GLU B 1198 -47.05 -35.31 34.80
C GLU B 1198 -48.37 -35.42 34.04
N PRO B 1199 -49.52 -35.41 34.74
CA PRO B 1199 -50.79 -35.68 34.07
C PRO B 1199 -51.24 -34.55 33.15
N ILE B 1200 -52.25 -34.86 32.34
CA ILE B 1200 -52.81 -33.88 31.41
C ILE B 1200 -53.80 -32.98 32.13
N THR B 1201 -53.97 -31.78 31.59
CA THR B 1201 -54.98 -30.84 32.06
C THR B 1201 -55.31 -29.90 30.92
N SER B 1202 -56.41 -29.17 31.08
CA SER B 1202 -56.79 -28.16 30.11
C SER B 1202 -56.06 -26.84 30.29
N LEU B 1203 -55.23 -26.73 31.33
CA LEU B 1203 -54.62 -25.45 31.69
C LEU B 1203 -53.33 -25.16 30.94
N ASN B 1204 -52.89 -26.06 30.05
CA ASN B 1204 -51.62 -25.88 29.36
C ASN B 1204 -51.73 -26.25 27.89
N THR B 1205 -52.92 -26.12 27.31
CA THR B 1205 -53.22 -26.68 26.01
C THR B 1205 -54.35 -25.88 25.38
N LYS B 1206 -54.81 -26.31 24.21
CA LYS B 1206 -55.90 -25.62 23.53
C LYS B 1206 -56.63 -26.60 22.61
N TYR B 1207 -57.93 -26.35 22.45
CA TYR B 1207 -58.70 -27.12 21.48
C TYR B 1207 -58.30 -26.72 20.07
N VAL B 1208 -58.42 -27.68 19.14
CA VAL B 1208 -57.91 -27.52 17.79
C VAL B 1208 -58.97 -28.04 16.82
N ALA B 1209 -58.83 -27.62 15.56
CA ALA B 1209 -59.73 -28.07 14.51
C ALA B 1209 -59.57 -29.58 14.28
N PRO B 1210 -60.66 -30.27 13.96
CA PRO B 1210 -60.57 -31.72 13.75
C PRO B 1210 -59.79 -32.09 12.50
N GLN B 1211 -59.20 -33.29 12.53
CA GLN B 1211 -58.54 -33.90 11.39
C GLN B 1211 -59.02 -35.34 11.25
N VAL B 1212 -59.15 -35.80 10.01
CA VAL B 1212 -59.63 -37.15 9.78
C VAL B 1212 -58.56 -38.17 10.17
N THR B 1213 -57.29 -37.78 10.14
CA THR B 1213 -56.19 -38.71 10.36
C THR B 1213 -56.02 -39.13 11.82
N TYR B 1214 -56.42 -38.28 12.77
CA TYR B 1214 -56.06 -38.51 14.17
C TYR B 1214 -56.88 -39.65 14.78
N GLN B 1215 -56.49 -40.02 16.00
CA GLN B 1215 -57.09 -41.11 16.74
C GLN B 1215 -58.05 -40.55 17.79
N ASN B 1216 -58.71 -41.47 18.50
CA ASN B 1216 -59.76 -41.12 19.45
C ASN B 1216 -59.58 -41.92 20.73
N ILE B 1217 -60.52 -41.74 21.66
CA ILE B 1217 -60.62 -42.57 22.85
C ILE B 1217 -62.05 -42.46 23.36
N SER B 1218 -62.48 -43.46 24.13
CA SER B 1218 -63.83 -43.47 24.69
C SER B 1218 -63.90 -43.89 26.15
N THR B 1219 -62.85 -44.47 26.73
CA THR B 1219 -62.92 -44.93 28.11
C THR B 1219 -62.38 -43.88 29.08
N ASN B 1220 -61.12 -43.50 28.92
CA ASN B 1220 -60.49 -42.50 29.78
C ASN B 1220 -60.66 -41.13 29.11
N LEU B 1221 -61.73 -40.44 29.49
CA LEU B 1221 -62.01 -39.14 28.88
C LEU B 1221 -61.04 -38.10 29.42
N PRO B 1222 -60.41 -37.29 28.58
CA PRO B 1222 -59.41 -36.34 29.07
C PRO B 1222 -60.07 -35.19 29.80
N PRO B 1223 -59.37 -34.61 30.77
CA PRO B 1223 -59.89 -33.41 31.48
C PRO B 1223 -60.16 -32.22 30.56
N PRO B 1224 -59.40 -31.99 29.47
CA PRO B 1224 -59.85 -30.96 28.52
C PRO B 1224 -61.21 -31.21 27.90
N LEU B 1225 -61.59 -32.46 27.67
CA LEU B 1225 -62.88 -32.73 27.04
C LEU B 1225 -64.03 -32.48 28.01
N LEU B 1226 -63.90 -32.94 29.24
CA LEU B 1226 -64.98 -32.85 30.21
C LEU B 1226 -65.10 -31.44 30.78
N VAL C 22 25.75 -6.36 -57.71
CA VAL C 22 26.97 -7.14 -57.62
C VAL C 22 26.85 -8.42 -58.45
N ASP C 23 25.74 -8.54 -59.17
CA ASP C 23 25.46 -9.78 -59.89
C ASP C 23 25.09 -9.52 -61.36
N VAL C 24 24.60 -10.55 -62.04
CA VAL C 24 24.37 -10.49 -63.46
C VAL C 24 22.93 -10.04 -63.73
N GLY C 25 22.68 -9.57 -64.95
CA GLY C 25 21.36 -9.18 -65.36
C GLY C 25 21.16 -9.39 -66.86
N PRO C 26 20.10 -10.12 -67.22
CA PRO C 26 19.90 -10.47 -68.63
C PRO C 26 19.21 -9.34 -69.40
N ASP C 27 19.87 -8.85 -70.44
CA ASP C 27 19.32 -7.81 -71.31
C ASP C 27 18.89 -8.47 -72.62
N SER C 28 17.63 -8.25 -73.01
CA SER C 28 17.00 -9.00 -74.07
C SER C 28 16.90 -8.25 -75.40
N VAL C 29 16.18 -7.13 -75.41
CA VAL C 29 15.66 -6.57 -76.65
C VAL C 29 16.02 -5.10 -76.81
N LYS C 30 15.50 -4.48 -77.87
CA LYS C 30 15.80 -3.10 -78.23
C LYS C 30 15.21 -2.13 -77.21
N SER C 31 15.80 -0.94 -77.16
CA SER C 31 15.27 0.16 -76.34
C SER C 31 14.36 1.07 -77.14
N ALA C 32 13.36 0.49 -77.81
CA ALA C 32 12.35 1.26 -78.52
C ALA C 32 11.02 0.96 -77.85
N CYS C 33 10.64 1.81 -76.90
CA CYS C 33 9.48 1.57 -76.07
C CYS C 33 8.20 1.90 -76.84
N ILE C 34 7.14 1.21 -76.48
CA ILE C 34 5.86 1.31 -77.18
C ILE C 34 5.05 2.42 -76.54
N GLU C 35 4.14 3.01 -77.32
CA GLU C 35 3.38 4.18 -76.89
C GLU C 35 2.50 3.86 -75.70
N VAL C 36 2.46 4.80 -74.75
CA VAL C 36 1.77 4.63 -73.47
C VAL C 36 0.72 5.72 -73.35
N ASP C 37 -0.51 5.34 -73.02
CA ASP C 37 -1.66 6.22 -73.06
C ASP C 37 -2.21 6.51 -71.66
N ILE C 38 -3.04 7.54 -71.59
CA ILE C 38 -3.71 7.98 -70.36
C ILE C 38 -5.21 7.94 -70.67
N GLN C 39 -5.85 6.79 -70.44
CA GLN C 39 -7.22 6.57 -70.87
C GLN C 39 -8.03 5.86 -69.78
N GLN C 40 -8.02 6.41 -68.57
CA GLN C 40 -8.69 5.81 -67.41
C GLN C 40 -10.24 5.87 -67.47
N THR C 41 -10.86 6.26 -68.58
CA THR C 41 -12.32 6.36 -68.63
C THR C 41 -12.97 4.98 -68.51
N PHE C 42 -12.40 3.98 -69.15
CA PHE C 42 -12.91 2.62 -68.98
C PHE C 42 -12.52 2.04 -67.63
N PHE C 43 -11.46 2.57 -67.03
CA PHE C 43 -10.95 2.02 -65.77
C PHE C 43 -11.89 2.27 -64.61
N ASP C 44 -12.34 3.51 -64.44
CA ASP C 44 -13.02 3.94 -63.22
C ASP C 44 -14.48 3.50 -63.19
N LYS C 45 -14.70 2.25 -62.81
CA LYS C 45 -16.05 1.76 -62.55
C LYS C 45 -15.96 0.77 -61.41
N THR C 46 -16.61 1.09 -60.30
CA THR C 46 -16.38 0.42 -59.03
C THR C 46 -17.07 -0.95 -58.96
N TRP C 47 -16.67 -1.71 -57.95
CA TRP C 47 -17.27 -2.98 -57.57
C TRP C 47 -17.51 -2.96 -56.07
N PRO C 48 -18.72 -3.27 -55.61
CA PRO C 48 -18.97 -3.36 -54.17
C PRO C 48 -18.42 -4.65 -53.57
N ARG C 49 -17.13 -4.66 -53.22
CA ARG C 49 -16.46 -5.86 -52.73
C ARG C 49 -15.78 -5.55 -51.39
N PRO C 50 -16.52 -5.59 -50.29
CA PRO C 50 -15.91 -5.37 -48.98
C PRO C 50 -15.39 -6.64 -48.34
N ILE C 51 -14.93 -6.56 -47.10
CA ILE C 51 -14.40 -7.70 -46.38
C ILE C 51 -15.34 -8.04 -45.23
N ASP C 52 -14.99 -9.10 -44.50
CA ASP C 52 -15.74 -9.51 -43.31
C ASP C 52 -14.76 -9.96 -42.22
N VAL C 53 -15.08 -9.59 -40.98
CA VAL C 53 -14.30 -10.08 -39.84
C VAL C 53 -14.94 -11.33 -39.25
N SER C 54 -16.25 -11.51 -39.40
CA SER C 54 -16.89 -12.75 -38.97
C SER C 54 -16.42 -13.93 -39.82
N LYS C 55 -16.26 -13.71 -41.11
CA LYS C 55 -15.65 -14.71 -41.98
C LYS C 55 -14.13 -14.61 -41.99
N ALA C 56 -13.56 -13.65 -41.27
CA ALA C 56 -12.12 -13.50 -41.03
C ALA C 56 -11.35 -13.33 -42.35
N ASP C 57 -11.63 -12.20 -43.01
CA ASP C 57 -10.98 -11.85 -44.26
C ASP C 57 -9.81 -10.92 -43.99
N GLY C 58 -8.61 -11.35 -44.38
CA GLY C 58 -7.44 -10.50 -44.33
C GLY C 58 -6.87 -10.25 -42.94
N ILE C 59 -6.49 -11.32 -42.25
CA ILE C 59 -5.87 -11.22 -40.93
C ILE C 59 -4.59 -12.05 -40.94
N ILE C 60 -3.49 -11.45 -40.48
CA ILE C 60 -2.21 -12.13 -40.44
C ILE C 60 -2.24 -13.21 -39.36
N TYR C 61 -1.74 -14.39 -39.70
CA TYR C 61 -1.59 -15.45 -38.73
C TYR C 61 -0.50 -15.06 -37.73
N PRO C 62 -0.63 -15.46 -36.46
CA PRO C 62 0.39 -15.10 -35.47
C PRO C 62 1.77 -15.62 -35.83
N GLN C 63 2.77 -14.77 -35.64
CA GLN C 63 4.09 -14.99 -36.22
C GLN C 63 5.04 -15.73 -35.28
N GLY C 64 4.65 -15.99 -34.04
CA GLY C 64 5.56 -16.67 -33.14
C GLY C 64 4.95 -17.70 -32.22
N ARG C 65 3.64 -17.93 -32.33
CA ARG C 65 2.98 -18.87 -31.43
C ARG C 65 1.68 -19.34 -32.05
N THR C 66 1.30 -20.58 -31.76
CA THR C 66 0.04 -21.15 -32.19
C THR C 66 -0.70 -21.74 -31.00
N TYR C 67 -2.01 -21.87 -31.14
CA TYR C 67 -2.90 -22.12 -30.01
C TYR C 67 -3.98 -23.11 -30.45
N SER C 68 -4.88 -23.47 -29.53
CA SER C 68 -5.91 -24.44 -29.85
C SER C 68 -7.14 -24.25 -29.00
N ASN C 69 -8.29 -24.06 -29.67
CA ASN C 69 -9.63 -23.95 -29.08
C ASN C 69 -9.71 -22.95 -27.95
N ILE C 70 -9.00 -21.83 -28.07
CA ILE C 70 -8.98 -20.79 -27.05
C ILE C 70 -9.06 -19.43 -27.74
N THR C 71 -9.44 -18.43 -26.96
CA THR C 71 -9.46 -17.05 -27.40
C THR C 71 -8.17 -16.34 -26.98
N ILE C 72 -7.60 -15.57 -27.90
CA ILE C 72 -6.27 -15.00 -27.73
C ILE C 72 -6.34 -13.52 -28.09
N THR C 73 -5.98 -12.66 -27.15
CA THR C 73 -5.75 -11.26 -27.49
C THR C 73 -4.39 -11.14 -28.17
N TYR C 74 -4.30 -10.22 -29.13
CA TYR C 74 -3.06 -10.11 -29.88
C TYR C 74 -2.89 -8.69 -30.37
N GLN C 75 -1.63 -8.29 -30.55
CA GLN C 75 -1.26 -6.95 -30.99
C GLN C 75 -0.47 -7.08 -32.30
N GLY C 76 -0.90 -6.38 -33.34
CA GLY C 76 -0.23 -6.55 -34.61
C GLY C 76 -0.58 -5.46 -35.60
N LEU C 77 -0.17 -5.70 -36.84
CA LEU C 77 -0.43 -4.78 -37.95
C LEU C 77 -1.67 -5.28 -38.68
N PHE C 78 -2.73 -4.52 -38.60
CA PHE C 78 -4.11 -4.92 -38.83
C PHE C 78 -4.78 -3.94 -39.77
N PRO C 79 -5.71 -4.40 -40.60
CA PRO C 79 -6.51 -3.47 -41.40
C PRO C 79 -7.75 -3.01 -40.65
N TYR C 80 -8.58 -2.19 -41.29
CA TYR C 80 -9.90 -1.86 -40.76
C TYR C 80 -10.91 -2.86 -41.32
N GLN C 81 -12.19 -2.59 -41.10
CA GLN C 81 -13.25 -3.51 -41.50
C GLN C 81 -14.18 -2.83 -42.50
N GLY C 82 -14.49 -3.54 -43.57
CA GLY C 82 -15.31 -2.99 -44.64
C GLY C 82 -14.61 -1.87 -45.39
N ASP C 83 -13.31 -1.99 -45.59
CA ASP C 83 -12.53 -0.93 -46.20
C ASP C 83 -12.84 -0.82 -47.69
N HIS C 84 -12.73 0.41 -48.21
CA HIS C 84 -12.90 0.66 -49.64
C HIS C 84 -11.83 -0.05 -50.45
N GLY C 85 -10.60 -0.04 -49.98
CA GLY C 85 -9.52 -0.69 -50.68
C GLY C 85 -8.86 0.20 -51.72
N ASP C 86 -7.95 -0.42 -52.47
CA ASP C 86 -7.23 0.25 -53.54
C ASP C 86 -7.43 -0.54 -54.84
N MET C 87 -8.69 -0.84 -55.14
CA MET C 87 -9.09 -1.66 -56.27
C MET C 87 -8.60 -1.15 -57.64
N TYR C 88 -7.72 -1.95 -58.26
CA TYR C 88 -7.27 -1.71 -59.62
C TYR C 88 -7.42 -3.00 -60.42
N VAL C 89 -7.27 -2.88 -61.74
CA VAL C 89 -7.25 -4.05 -62.63
C VAL C 89 -6.34 -3.72 -63.80
N TYR C 90 -5.63 -4.73 -64.28
CA TYR C 90 -4.72 -4.57 -65.41
C TYR C 90 -5.51 -4.50 -66.71
N SER C 91 -5.20 -3.49 -67.53
CA SER C 91 -5.90 -3.26 -68.78
C SER C 91 -5.01 -3.66 -69.95
N ALA C 92 -5.54 -4.52 -70.81
CA ALA C 92 -4.84 -4.94 -72.02
C ALA C 92 -4.70 -3.77 -73.00
N GLY C 93 -3.67 -3.86 -73.83
CA GLY C 93 -3.37 -2.80 -74.79
C GLY C 93 -4.22 -2.88 -76.03
N HIS C 94 -3.99 -1.91 -76.92
CA HIS C 94 -4.65 -1.91 -78.22
C HIS C 94 -4.14 -3.05 -79.08
N ALA C 95 -5.06 -3.72 -79.76
CA ALA C 95 -4.70 -4.81 -80.68
C ALA C 95 -5.79 -4.89 -81.73
N THR C 96 -5.53 -4.30 -82.90
CA THR C 96 -6.47 -4.36 -84.01
C THR C 96 -6.28 -5.68 -84.74
N GLY C 97 -7.24 -6.59 -84.61
CA GLY C 97 -7.10 -7.92 -85.13
C GLY C 97 -6.03 -8.70 -84.39
N THR C 98 -4.90 -8.94 -85.06
CA THR C 98 -3.77 -9.62 -84.44
C THR C 98 -2.47 -8.83 -84.50
N THR C 99 -2.44 -7.70 -85.19
CA THR C 99 -1.21 -6.91 -85.30
C THR C 99 -0.91 -6.23 -83.97
N PRO C 100 0.37 -6.16 -83.57
CA PRO C 100 0.71 -5.52 -82.29
C PRO C 100 0.58 -4.00 -82.34
N GLN C 101 -0.43 -3.47 -81.66
CA GLN C 101 -0.64 -2.04 -81.59
C GLN C 101 -0.16 -1.51 -80.24
N LYS C 102 -0.44 -0.24 -79.96
CA LYS C 102 0.08 0.44 -78.80
C LYS C 102 -0.66 0.01 -77.54
N LEU C 103 -0.39 0.67 -76.42
CA LEU C 103 -0.90 0.26 -75.12
C LEU C 103 -2.19 1.02 -74.78
N PHE C 104 -3.02 0.37 -73.97
CA PHE C 104 -4.24 0.96 -73.42
C PHE C 104 -4.13 0.81 -71.91
N VAL C 105 -3.48 1.77 -71.27
CA VAL C 105 -3.15 1.70 -69.84
C VAL C 105 -3.49 3.01 -69.15
N ALA C 106 -3.13 3.11 -67.86
CA ALA C 106 -3.52 4.20 -66.99
C ALA C 106 -2.32 5.12 -66.68
N ASN C 107 -2.53 6.06 -65.77
CA ASN C 107 -1.56 7.09 -65.42
C ASN C 107 -0.99 6.90 -64.02
N TYR C 108 -0.92 5.65 -63.54
CA TYR C 108 -0.56 5.40 -62.15
C TYR C 108 0.92 5.63 -61.85
N SER C 109 1.75 5.86 -62.87
CA SER C 109 3.11 6.32 -62.61
C SER C 109 3.10 7.71 -62.00
N GLN C 110 2.12 8.54 -62.35
CA GLN C 110 1.94 9.86 -61.78
C GLN C 110 1.25 9.82 -60.42
N ASP C 111 0.81 8.64 -59.97
CA ASP C 111 0.14 8.48 -58.70
C ASP C 111 1.13 8.01 -57.64
N VAL C 112 0.67 7.97 -56.39
CA VAL C 112 1.51 7.54 -55.27
C VAL C 112 0.60 7.04 -54.14
N LYS C 113 1.06 5.99 -53.46
CA LYS C 113 0.42 5.46 -52.26
C LYS C 113 1.48 5.25 -51.19
N GLN C 114 1.03 5.00 -49.96
CA GLN C 114 1.89 4.87 -48.79
C GLN C 114 1.88 3.45 -48.26
N PHE C 115 3.07 2.89 -48.07
CA PHE C 115 3.21 1.53 -47.53
C PHE C 115 2.97 1.51 -46.03
N ALA C 116 3.80 2.23 -45.27
CA ALA C 116 3.80 2.29 -43.81
C ALA C 116 3.84 0.91 -43.19
N ASN C 117 2.69 0.43 -42.71
CA ASN C 117 2.60 -0.86 -42.02
C ASN C 117 2.16 -1.98 -42.94
N GLY C 118 2.49 -1.90 -44.23
CA GLY C 118 2.18 -2.97 -45.14
C GLY C 118 0.78 -2.89 -45.72
N PHE C 119 0.51 -3.83 -46.62
CA PHE C 119 -0.82 -3.91 -47.24
C PHE C 119 -1.07 -5.34 -47.70
N VAL C 120 -2.33 -5.62 -47.97
CA VAL C 120 -2.74 -6.94 -48.43
C VAL C 120 -3.43 -6.84 -49.78
N VAL C 121 -3.26 -7.88 -50.59
CA VAL C 121 -3.76 -7.96 -51.95
C VAL C 121 -4.64 -9.19 -52.06
N ARG C 122 -5.85 -9.02 -52.59
CA ARG C 122 -6.79 -10.13 -52.79
C ARG C 122 -6.82 -10.47 -54.28
N ILE C 123 -6.28 -11.63 -54.63
CA ILE C 123 -6.11 -12.02 -56.03
C ILE C 123 -7.06 -13.16 -56.33
N GLY C 124 -7.85 -13.02 -57.40
CA GLY C 124 -8.69 -14.08 -57.89
C GLY C 124 -10.14 -14.04 -57.46
N ALA C 125 -10.54 -13.07 -56.64
CA ALA C 125 -11.93 -12.98 -56.22
C ALA C 125 -12.84 -12.57 -57.37
N ALA C 126 -12.35 -11.68 -58.24
CA ALA C 126 -13.13 -11.30 -59.42
C ALA C 126 -13.09 -12.39 -60.49
N ALA C 127 -12.11 -13.29 -60.45
CA ALA C 127 -12.03 -14.36 -61.42
C ALA C 127 -13.07 -15.44 -61.10
N ASN C 128 -13.00 -16.54 -61.88
CA ASN C 128 -13.94 -17.66 -61.79
C ASN C 128 -15.39 -17.20 -61.99
N SER C 129 -15.59 -16.25 -62.89
CA SER C 129 -16.92 -15.73 -63.20
C SER C 129 -16.88 -15.16 -64.61
N THR C 130 -17.93 -14.44 -64.97
CA THR C 130 -18.06 -13.82 -66.28
C THR C 130 -18.30 -12.34 -66.11
N GLY C 131 -17.57 -11.52 -66.84
CA GLY C 131 -17.70 -10.08 -66.75
C GLY C 131 -17.36 -9.41 -68.06
N THR C 132 -17.78 -8.15 -68.16
CA THR C 132 -17.53 -7.37 -69.36
C THR C 132 -16.07 -6.93 -69.42
N VAL C 133 -15.50 -6.95 -70.63
CA VAL C 133 -14.13 -6.50 -70.82
C VAL C 133 -14.04 -5.00 -70.57
N ILE C 134 -13.00 -4.60 -69.83
CA ILE C 134 -12.75 -3.18 -69.59
C ILE C 134 -12.47 -2.46 -70.90
N ILE C 135 -11.67 -3.08 -71.78
CA ILE C 135 -11.34 -2.47 -73.06
C ILE C 135 -12.55 -2.44 -73.97
N SER C 136 -13.27 -3.56 -74.05
CA SER C 136 -14.41 -3.69 -74.96
C SER C 136 -15.70 -3.81 -74.16
N PRO C 137 -16.50 -2.74 -74.06
CA PRO C 137 -17.86 -2.89 -73.50
C PRO C 137 -18.75 -3.79 -74.33
N SER C 138 -18.45 -3.97 -75.61
CA SER C 138 -19.21 -4.86 -76.48
C SER C 138 -18.84 -6.32 -76.29
N THR C 139 -17.86 -6.64 -75.44
CA THR C 139 -17.42 -8.00 -75.23
C THR C 139 -17.47 -8.32 -73.74
N SER C 140 -18.08 -9.47 -73.40
CA SER C 140 -18.08 -9.99 -72.04
C SER C 140 -17.60 -11.43 -72.09
N ALA C 141 -16.64 -11.78 -71.23
CA ALA C 141 -16.03 -13.10 -71.27
C ALA C 141 -15.65 -13.53 -69.86
N THR C 142 -14.99 -14.69 -69.78
CA THR C 142 -14.58 -15.26 -68.51
C THR C 142 -13.48 -14.41 -67.88
N ILE C 143 -13.62 -14.17 -66.58
CA ILE C 143 -12.65 -13.35 -65.84
C ILE C 143 -11.53 -14.24 -65.35
N ARG C 144 -10.30 -13.88 -65.68
CA ARG C 144 -9.11 -14.65 -65.34
C ARG C 144 -8.27 -13.88 -64.33
N LYS C 145 -7.79 -14.60 -63.31
CA LYS C 145 -6.98 -13.96 -62.27
C LYS C 145 -5.61 -13.56 -62.83
N ILE C 146 -5.10 -12.44 -62.32
CA ILE C 146 -3.79 -11.93 -62.70
C ILE C 146 -3.01 -11.64 -61.42
N TYR C 147 -1.70 -11.57 -61.56
CA TYR C 147 -0.85 -11.30 -60.41
C TYR C 147 -0.16 -9.95 -60.57
N PRO C 148 -0.17 -9.12 -59.53
CA PRO C 148 0.32 -7.74 -59.68
C PRO C 148 1.79 -7.59 -59.28
N ALA C 149 2.37 -6.50 -59.79
CA ALA C 149 3.76 -6.15 -59.56
C ALA C 149 3.84 -4.93 -58.66
N PHE C 150 4.88 -4.87 -57.83
CA PHE C 150 4.96 -3.87 -56.77
C PHE C 150 6.33 -3.21 -56.78
N MET C 151 6.38 -1.89 -56.84
CA MET C 151 7.65 -1.17 -56.73
C MET C 151 7.62 -0.30 -55.48
N LEU C 152 8.72 -0.33 -54.73
CA LEU C 152 8.76 0.13 -53.35
C LEU C 152 10.01 0.95 -53.10
N GLY C 153 9.83 2.06 -52.39
CA GLY C 153 10.94 2.85 -51.90
C GLY C 153 10.43 3.93 -50.98
N SER C 154 11.33 4.41 -50.13
CA SER C 154 11.03 5.54 -49.26
C SER C 154 11.35 6.88 -49.89
N SER C 155 11.80 6.87 -51.15
CA SER C 155 12.19 8.08 -51.85
C SER C 155 11.21 8.34 -52.99
N VAL C 156 10.74 9.58 -53.10
CA VAL C 156 9.81 9.97 -54.15
C VAL C 156 10.29 11.31 -54.74
N GLY C 157 10.44 11.36 -56.05
CA GLY C 157 10.82 12.58 -56.72
C GLY C 157 10.06 12.76 -58.01
N ASN C 158 10.06 14.01 -58.50
CA ASN C 158 9.40 14.30 -59.76
C ASN C 158 10.39 14.23 -60.92
N PHE C 159 9.88 13.89 -62.09
CA PHE C 159 10.70 13.88 -63.28
C PHE C 159 10.86 15.31 -63.82
N SER C 160 11.77 15.46 -64.78
CA SER C 160 12.08 16.78 -65.32
C SER C 160 10.91 17.36 -66.10
N ASP C 161 10.13 16.51 -66.76
CA ASP C 161 9.01 17.00 -67.57
C ASP C 161 7.87 17.54 -66.73
N GLY C 162 7.84 17.22 -65.44
CA GLY C 162 6.73 17.57 -64.57
C GLY C 162 6.03 16.38 -63.95
N LYS C 163 6.20 15.19 -64.53
CA LYS C 163 5.63 13.98 -63.95
C LYS C 163 6.43 13.57 -62.73
N MET C 164 5.87 12.63 -61.96
CA MET C 164 6.52 12.14 -60.76
C MET C 164 6.63 10.62 -60.83
N GLY C 165 7.27 10.04 -59.82
CA GLY C 165 7.44 8.61 -59.75
C GLY C 165 8.91 8.22 -59.65
N ARG C 166 9.79 9.22 -59.59
CA ARG C 166 11.22 8.95 -59.50
C ARG C 166 11.57 8.49 -58.09
N PHE C 167 12.30 7.38 -58.00
CA PHE C 167 12.69 6.78 -56.73
C PHE C 167 14.21 6.71 -56.70
N PHE C 168 14.83 7.60 -55.92
CA PHE C 168 16.28 7.63 -55.84
C PHE C 168 16.82 6.42 -55.08
N ASN C 169 18.13 6.21 -55.22
CA ASN C 169 18.89 5.13 -54.59
C ASN C 169 18.34 3.76 -54.95
N HIS C 170 18.59 2.77 -54.10
CA HIS C 170 18.14 1.41 -54.37
C HIS C 170 16.63 1.31 -54.18
N THR C 171 16.00 0.48 -55.02
CA THR C 171 14.55 0.40 -55.10
C THR C 171 14.14 -1.06 -55.20
N LEU C 172 13.03 -1.41 -54.57
CA LEU C 172 12.53 -2.78 -54.55
C LEU C 172 11.47 -2.98 -55.64
N VAL C 173 11.57 -4.11 -56.34
CA VAL C 173 10.61 -4.48 -57.38
C VAL C 173 10.27 -5.95 -57.22
N LEU C 174 8.98 -6.25 -57.13
CA LEU C 174 8.44 -7.61 -57.15
C LEU C 174 7.64 -7.79 -58.44
N LEU C 175 7.94 -8.88 -59.16
CA LEU C 175 7.46 -9.10 -60.51
C LEU C 175 6.96 -10.53 -60.68
N PRO C 176 5.71 -10.71 -61.14
CA PRO C 176 5.25 -12.03 -61.58
C PRO C 176 5.66 -12.28 -63.02
N ASP C 177 6.13 -13.50 -63.28
CA ASP C 177 6.69 -13.86 -64.57
C ASP C 177 6.13 -15.21 -65.00
N GLY C 178 6.20 -15.47 -66.31
CA GLY C 178 5.79 -16.75 -66.86
C GLY C 178 4.30 -17.01 -66.69
N CYS C 179 3.50 -16.00 -67.05
CA CYS C 179 2.06 -15.96 -66.77
C CYS C 179 1.79 -16.15 -65.28
N GLY C 180 2.58 -15.45 -64.45
CA GLY C 180 2.42 -15.51 -63.02
C GLY C 180 2.93 -16.77 -62.35
N THR C 181 4.01 -17.36 -62.86
CA THR C 181 4.57 -18.55 -62.25
C THR C 181 5.85 -18.28 -61.47
N LEU C 182 6.53 -17.18 -61.77
CA LEU C 182 7.79 -16.82 -61.15
C LEU C 182 7.61 -15.55 -60.32
N LEU C 183 8.33 -15.49 -59.20
CA LEU C 183 8.09 -14.49 -58.16
C LEU C 183 9.30 -13.59 -57.97
N ARG C 184 9.83 -13.04 -59.06
CA ARG C 184 11.16 -12.44 -59.02
C ARG C 184 11.12 -11.14 -58.22
N ALA C 185 12.20 -10.83 -57.51
CA ALA C 185 12.22 -9.63 -56.68
C ALA C 185 13.65 -9.16 -56.48
N PHE C 186 13.85 -7.85 -56.53
CA PHE C 186 15.18 -7.28 -56.32
C PHE C 186 15.06 -5.90 -55.68
N TYR C 187 15.96 -5.63 -54.74
CA TYR C 187 16.15 -4.30 -54.17
C TYR C 187 17.48 -3.78 -54.73
N CYS C 188 17.42 -3.22 -55.93
CA CYS C 188 18.62 -2.88 -56.69
C CYS C 188 18.39 -1.54 -57.38
N ILE C 189 19.37 -1.14 -58.21
CA ILE C 189 19.36 0.15 -58.87
C ILE C 189 18.73 0.01 -60.25
N LEU C 190 17.72 0.84 -60.53
CA LEU C 190 17.01 0.85 -61.80
C LEU C 190 17.38 2.10 -62.60
N GLU C 191 17.47 1.94 -63.91
CA GLU C 191 17.91 3.02 -64.79
C GLU C 191 17.00 3.14 -66.00
N PRO C 192 16.64 4.36 -66.41
CA PRO C 192 15.89 4.55 -67.65
C PRO C 192 16.84 4.76 -68.82
N ARG C 193 16.24 4.85 -70.01
CA ARG C 193 16.95 5.23 -71.22
C ARG C 193 16.06 6.20 -71.99
N SER C 194 16.66 7.00 -72.88
CA SER C 194 16.02 8.15 -73.48
C SER C 194 15.43 7.86 -74.87
N GLY C 195 14.89 6.65 -75.07
CA GLY C 195 14.25 6.33 -76.33
C GLY C 195 12.81 6.84 -76.39
N ASN C 196 12.16 6.51 -77.52
CA ASN C 196 10.77 6.92 -77.73
C ASN C 196 9.85 6.14 -76.80
N HIS C 197 9.05 6.87 -76.01
CA HIS C 197 8.15 6.38 -74.97
C HIS C 197 8.90 5.69 -73.83
N CYS C 198 10.22 5.70 -73.87
CA CYS C 198 11.09 5.22 -72.82
C CYS C 198 11.21 6.30 -71.73
N PRO C 199 11.42 5.90 -70.46
CA PRO C 199 11.19 6.84 -69.35
C PRO C 199 12.07 8.09 -69.35
N ALA C 200 13.30 8.00 -69.86
CA ALA C 200 14.20 9.16 -69.83
C ALA C 200 14.16 9.98 -71.13
N GLY C 201 13.18 9.77 -72.00
CA GLY C 201 13.17 10.40 -73.31
C GLY C 201 11.87 11.10 -73.64
N ASN C 202 11.83 11.62 -74.85
CA ASN C 202 10.68 12.37 -75.35
C ASN C 202 9.52 11.42 -75.66
N SER C 203 8.31 12.01 -75.70
CA SER C 203 7.06 11.30 -75.98
C SER C 203 6.81 10.16 -74.99
N TYR C 204 7.19 10.40 -73.74
CA TYR C 204 7.02 9.43 -72.66
C TYR C 204 5.91 9.90 -71.73
N THR C 205 4.97 9.01 -71.43
CA THR C 205 3.89 9.32 -70.50
C THR C 205 3.93 8.47 -69.24
N SER C 206 3.93 7.15 -69.38
CA SER C 206 3.97 6.25 -68.24
C SER C 206 4.64 4.94 -68.66
N PHE C 207 4.57 3.93 -67.80
CA PHE C 207 5.20 2.65 -68.08
C PHE C 207 4.28 1.52 -67.65
N ALA C 208 4.45 0.36 -68.29
CA ALA C 208 3.59 -0.80 -68.06
C ALA C 208 4.39 -2.06 -68.34
N THR C 209 3.69 -3.18 -68.50
CA THR C 209 4.30 -4.46 -68.81
C THR C 209 3.37 -5.25 -69.72
N TYR C 210 3.85 -5.61 -70.91
CA TYR C 210 3.00 -6.34 -71.84
C TYR C 210 2.94 -7.82 -71.49
N HIS C 211 2.12 -8.55 -72.23
CA HIS C 211 1.93 -9.98 -72.02
C HIS C 211 1.62 -10.64 -73.36
N THR C 212 2.47 -11.56 -73.80
CA THR C 212 2.28 -12.25 -75.06
C THR C 212 1.99 -13.73 -74.79
N PRO C 213 0.73 -14.15 -74.78
CA PRO C 213 0.43 -15.57 -74.52
C PRO C 213 0.80 -16.50 -75.66
N ALA C 214 1.01 -15.97 -76.87
CA ALA C 214 1.45 -16.81 -77.98
C ALA C 214 2.90 -17.24 -77.85
N THR C 215 3.68 -16.56 -77.01
CA THR C 215 5.08 -16.89 -76.80
C THR C 215 5.39 -17.37 -75.39
N ASP C 216 4.52 -17.09 -74.42
CA ASP C 216 4.79 -17.43 -73.02
C ASP C 216 3.80 -18.41 -72.44
N CYS C 217 2.49 -18.13 -72.55
CA CYS C 217 1.46 -18.86 -71.81
C CYS C 217 1.16 -20.24 -72.36
N SER C 218 1.87 -20.69 -73.39
CA SER C 218 1.78 -22.09 -73.79
C SER C 218 2.49 -22.96 -72.76
N ASP C 219 2.17 -24.25 -72.78
CA ASP C 219 2.74 -25.19 -71.83
C ASP C 219 4.24 -25.34 -72.06
N GLY C 220 5.01 -25.32 -70.96
CA GLY C 220 6.45 -25.22 -71.06
C GLY C 220 6.87 -23.79 -71.35
N ASN C 221 7.96 -23.66 -72.10
CA ASN C 221 8.43 -22.39 -72.65
C ASN C 221 8.73 -21.34 -71.58
N TYR C 222 7.74 -20.49 -71.30
CA TYR C 222 7.79 -19.31 -70.42
C TYR C 222 8.68 -18.21 -70.95
N ASN C 223 9.16 -18.33 -72.19
CA ASN C 223 9.79 -17.25 -72.95
C ASN C 223 10.99 -16.62 -72.23
N ARG C 224 11.77 -17.47 -71.55
CA ARG C 224 12.99 -17.15 -70.80
C ARG C 224 12.89 -15.82 -70.02
N ASN C 225 11.87 -15.78 -69.14
CA ASN C 225 11.53 -14.64 -68.29
C ASN C 225 11.20 -13.41 -69.13
N ALA C 226 10.07 -13.53 -69.85
CA ALA C 226 9.63 -12.48 -70.77
C ALA C 226 9.17 -11.22 -70.02
N SER C 227 8.54 -11.38 -68.86
CA SER C 227 8.14 -10.21 -68.08
C SER C 227 9.36 -9.48 -67.52
N LEU C 228 10.41 -10.23 -67.18
CA LEU C 228 11.70 -9.63 -66.86
C LEU C 228 12.22 -8.81 -68.03
N ASN C 229 12.08 -9.34 -69.25
CA ASN C 229 12.47 -8.60 -70.44
C ASN C 229 11.62 -7.35 -70.63
N SER C 230 10.32 -7.46 -70.36
CA SER C 230 9.41 -6.34 -70.56
C SER C 230 9.69 -5.21 -69.59
N PHE C 231 9.87 -5.52 -68.32
CA PHE C 231 10.20 -4.49 -67.34
C PHE C 231 11.63 -3.99 -67.53
N LYS C 232 12.53 -4.85 -67.99
CA LYS C 232 13.88 -4.44 -68.30
C LYS C 232 13.99 -3.74 -69.64
N GLU C 233 12.92 -3.74 -70.44
CA GLU C 233 12.88 -2.94 -71.66
C GLU C 233 12.68 -1.47 -71.34
N TYR C 234 12.38 -1.14 -70.09
CA TYR C 234 12.28 0.22 -69.58
C TYR C 234 13.43 0.59 -68.65
N PHE C 235 13.81 -0.29 -67.73
CA PHE C 235 14.81 0.02 -66.73
C PHE C 235 15.84 -1.08 -66.64
N ASN C 236 17.12 -0.70 -66.70
CA ASN C 236 18.21 -1.64 -66.51
C ASN C 236 18.59 -1.71 -65.04
N LEU C 237 19.28 -2.79 -64.69
CA LEU C 237 19.63 -3.07 -63.30
C LEU C 237 21.13 -2.89 -63.09
N ARG C 238 21.48 -2.24 -61.97
CA ARG C 238 22.86 -1.98 -61.62
C ARG C 238 22.99 -1.94 -60.11
N ASN C 239 24.21 -2.24 -59.63
CA ASN C 239 24.56 -2.24 -58.20
C ASN C 239 23.63 -3.14 -57.40
N CYS C 240 23.38 -4.34 -57.93
CA CYS C 240 22.34 -5.22 -57.42
C CYS C 240 22.85 -6.04 -56.25
N THR C 241 21.90 -6.59 -55.48
CA THR C 241 22.21 -7.30 -54.25
C THR C 241 21.84 -8.77 -54.28
N PHE C 242 20.59 -9.11 -54.57
CA PHE C 242 20.09 -10.47 -54.39
C PHE C 242 19.12 -10.80 -55.51
N MET C 243 18.62 -12.04 -55.47
CA MET C 243 17.57 -12.48 -56.39
C MET C 243 16.78 -13.55 -55.67
N TYR C 244 15.49 -13.28 -55.43
CA TYR C 244 14.54 -14.27 -54.94
C TYR C 244 13.49 -14.51 -56.00
N THR C 245 13.22 -15.79 -56.31
CA THR C 245 12.16 -16.17 -57.23
C THR C 245 11.61 -17.51 -56.79
N TYR C 246 10.31 -17.58 -56.58
CA TYR C 246 9.65 -18.78 -56.07
C TYR C 246 8.84 -19.42 -57.19
N ASN C 247 8.34 -20.62 -56.92
CA ASN C 247 7.44 -21.33 -57.82
C ASN C 247 6.06 -21.43 -57.18
N ILE C 248 5.05 -21.43 -58.05
CA ILE C 248 3.64 -21.37 -57.67
C ILE C 248 2.82 -22.12 -58.71
N THR C 249 1.79 -22.83 -58.26
CA THR C 249 0.88 -23.49 -59.18
C THR C 249 -0.30 -22.58 -59.48
N GLU C 250 -0.56 -22.36 -60.77
CA GLU C 250 -1.70 -21.56 -61.17
C GLU C 250 -3.00 -22.32 -60.92
N ASP C 251 -3.98 -21.64 -60.33
CA ASP C 251 -5.21 -22.29 -59.91
C ASP C 251 -6.39 -21.39 -60.25
N GLU C 252 -7.59 -21.84 -59.85
CA GLU C 252 -8.81 -21.08 -60.01
C GLU C 252 -9.37 -20.57 -58.70
N ILE C 253 -8.87 -21.05 -57.58
CA ILE C 253 -9.40 -20.73 -56.27
C ILE C 253 -8.78 -19.41 -55.80
N LEU C 254 -9.54 -18.68 -54.98
CA LEU C 254 -9.12 -17.37 -54.50
C LEU C 254 -7.84 -17.45 -53.68
N GLU C 255 -6.97 -16.46 -53.84
CA GLU C 255 -5.73 -16.39 -53.08
C GLU C 255 -5.54 -14.99 -52.49
N TRP C 256 -4.68 -14.94 -51.48
CA TRP C 256 -4.41 -13.72 -50.72
C TRP C 256 -2.91 -13.54 -50.60
N PHE C 257 -2.49 -12.28 -50.47
CA PHE C 257 -1.09 -11.97 -50.22
C PHE C 257 -1.00 -10.84 -49.22
N GLY C 258 0.02 -10.88 -48.38
CA GLY C 258 0.28 -9.79 -47.45
C GLY C 258 1.74 -9.39 -47.49
N ILE C 259 1.99 -8.10 -47.33
CA ILE C 259 3.34 -7.56 -47.32
C ILE C 259 3.48 -6.59 -46.15
N THR C 260 4.58 -6.72 -45.41
CA THR C 260 4.86 -5.80 -44.32
C THR C 260 6.36 -5.66 -44.15
N GLN C 261 6.77 -4.78 -43.26
CA GLN C 261 8.18 -4.54 -42.97
C GLN C 261 8.33 -4.39 -41.46
N THR C 262 9.18 -5.23 -40.86
CA THR C 262 9.57 -5.05 -39.47
C THR C 262 11.09 -4.99 -39.36
N ALA C 263 11.60 -4.95 -38.12
CA ALA C 263 13.03 -4.78 -37.90
C ALA C 263 13.83 -5.99 -38.37
N GLN C 264 13.21 -7.17 -38.44
CA GLN C 264 13.88 -8.35 -38.96
C GLN C 264 13.68 -8.52 -40.47
N GLY C 265 13.03 -7.56 -41.13
CA GLY C 265 13.08 -7.51 -42.57
C GLY C 265 11.73 -7.33 -43.20
N VAL C 266 11.70 -7.49 -44.52
CA VAL C 266 10.46 -7.49 -45.29
C VAL C 266 9.82 -8.87 -45.17
N HIS C 267 8.51 -8.89 -44.94
CA HIS C 267 7.79 -10.13 -44.69
C HIS C 267 6.66 -10.29 -45.68
N LEU C 268 6.68 -11.41 -46.41
CA LEU C 268 5.69 -11.76 -47.41
C LEU C 268 4.93 -12.97 -46.91
N PHE C 269 3.60 -12.88 -46.95
CA PHE C 269 2.70 -13.89 -46.43
C PHE C 269 1.76 -14.34 -47.53
N SER C 270 1.55 -15.65 -47.64
CA SER C 270 0.62 -16.21 -48.61
C SER C 270 -0.01 -17.47 -48.03
N SER C 271 -1.15 -17.84 -48.61
CA SER C 271 -1.86 -19.05 -48.21
C SER C 271 -1.63 -20.22 -49.15
N ARG C 272 -1.09 -19.98 -50.35
CA ARG C 272 -0.92 -21.04 -51.33
C ARG C 272 0.00 -22.14 -50.81
N TYR C 273 1.08 -21.75 -50.14
CA TYR C 273 2.07 -22.71 -49.70
C TYR C 273 1.61 -23.52 -48.50
N VAL C 274 0.57 -23.06 -47.81
CA VAL C 274 0.12 -23.71 -46.58
C VAL C 274 -1.36 -24.12 -46.64
N ASP C 275 -2.23 -23.28 -47.19
CA ASP C 275 -3.68 -23.49 -47.10
C ASP C 275 -4.33 -23.15 -48.44
N LEU C 276 -4.42 -24.15 -49.32
CA LEU C 276 -4.99 -23.93 -50.65
C LEU C 276 -6.49 -23.66 -50.58
N TYR C 277 -7.22 -24.54 -49.88
CA TYR C 277 -8.67 -24.47 -49.83
C TYR C 277 -9.20 -23.71 -48.62
N GLY C 278 -8.32 -23.18 -47.77
CA GLY C 278 -8.74 -22.40 -46.63
C GLY C 278 -8.33 -20.94 -46.74
N GLY C 279 -7.24 -20.57 -46.09
CA GLY C 279 -6.72 -19.23 -46.18
C GLY C 279 -6.20 -18.68 -44.86
N ASN C 280 -4.94 -18.23 -44.88
CA ASN C 280 -4.27 -17.66 -43.71
C ASN C 280 -2.97 -17.03 -44.19
N MET C 281 -2.57 -15.93 -43.54
CA MET C 281 -1.35 -15.22 -43.91
C MET C 281 -0.18 -15.83 -43.14
N PHE C 282 0.39 -16.90 -43.68
CA PHE C 282 1.58 -17.50 -43.09
C PHE C 282 2.82 -16.99 -43.80
N GLN C 283 3.90 -16.82 -43.03
CA GLN C 283 5.16 -16.29 -43.53
C GLN C 283 5.79 -17.27 -44.50
N PHE C 284 5.68 -17.00 -45.79
CA PHE C 284 6.37 -17.80 -46.78
C PHE C 284 7.64 -17.14 -47.28
N ALA C 285 7.84 -15.85 -47.03
CA ALA C 285 9.09 -15.23 -47.43
C ALA C 285 9.48 -14.15 -46.44
N THR C 286 10.79 -14.01 -46.23
CA THR C 286 11.32 -12.93 -45.39
C THR C 286 12.60 -12.44 -46.05
N LEU C 287 12.52 -11.28 -46.68
CA LEU C 287 13.70 -10.60 -47.15
C LEU C 287 14.48 -10.01 -45.98
N PRO C 288 15.74 -10.35 -45.80
CA PRO C 288 16.57 -9.61 -44.84
C PRO C 288 16.94 -8.26 -45.40
N VAL C 289 16.00 -7.32 -45.36
CA VAL C 289 16.15 -6.06 -46.05
C VAL C 289 17.12 -5.16 -45.29
N TYR C 290 17.67 -4.17 -45.99
CA TYR C 290 18.55 -3.19 -45.37
C TYR C 290 17.81 -2.01 -44.76
N ASP C 291 16.62 -1.67 -45.27
CA ASP C 291 15.94 -0.45 -44.87
C ASP C 291 14.44 -0.68 -44.79
N THR C 292 13.75 0.27 -44.16
CA THR C 292 12.30 0.27 -44.05
C THR C 292 11.73 1.19 -45.13
N ILE C 293 10.77 0.68 -45.89
CA ILE C 293 10.23 1.38 -47.05
C ILE C 293 8.86 1.98 -46.70
N LYS C 294 8.66 3.24 -47.09
CA LYS C 294 7.42 3.95 -46.78
C LYS C 294 6.48 4.09 -47.98
N TYR C 295 7.00 4.11 -49.20
CA TYR C 295 6.17 4.30 -50.39
C TYR C 295 6.08 3.01 -51.20
N TYR C 296 4.86 2.67 -51.61
CA TYR C 296 4.63 1.58 -52.56
C TYR C 296 3.79 2.09 -53.72
N SER C 297 3.91 1.38 -54.84
CA SER C 297 3.02 1.60 -55.98
C SER C 297 2.93 0.33 -56.79
N ILE C 298 1.89 0.25 -57.61
CA ILE C 298 1.62 -0.92 -58.43
C ILE C 298 2.00 -0.57 -59.86
N ILE C 299 2.88 -1.37 -60.44
CA ILE C 299 3.25 -1.16 -61.86
C ILE C 299 2.07 -1.57 -62.72
N PRO C 300 1.66 -0.76 -63.70
CA PRO C 300 0.63 -1.19 -64.64
C PRO C 300 1.13 -2.35 -65.50
N HIS C 301 0.18 -3.11 -66.02
CA HIS C 301 0.52 -4.24 -66.86
C HIS C 301 -0.54 -4.41 -67.93
N SER C 302 -0.09 -4.68 -69.15
CA SER C 302 -0.96 -4.84 -70.30
C SER C 302 -0.86 -6.26 -70.85
N ILE C 303 -1.81 -6.61 -71.70
CA ILE C 303 -1.89 -7.92 -72.31
C ILE C 303 -2.03 -7.73 -73.82
N ARG C 304 -1.17 -8.41 -74.58
CA ARG C 304 -1.23 -8.35 -76.04
C ARG C 304 -2.16 -9.41 -76.61
N SER C 305 -3.39 -9.45 -76.11
CA SER C 305 -4.38 -10.40 -76.59
C SER C 305 -5.00 -9.90 -77.89
N ILE C 306 -5.21 -10.81 -78.83
CA ILE C 306 -5.74 -10.43 -80.13
C ILE C 306 -7.22 -10.05 -80.00
N GLN C 307 -7.72 -9.36 -81.03
CA GLN C 307 -9.06 -8.77 -80.97
C GLN C 307 -10.15 -9.83 -80.93
N SER C 308 -9.96 -10.93 -81.65
CA SER C 308 -10.95 -12.00 -81.63
C SER C 308 -10.93 -12.79 -80.33
N ASP C 309 -9.82 -12.74 -79.59
CA ASP C 309 -9.66 -13.52 -78.37
C ASP C 309 -9.25 -12.62 -77.21
N ARG C 310 -9.96 -11.50 -77.05
CA ARG C 310 -9.73 -10.63 -75.91
C ARG C 310 -10.15 -11.34 -74.61
N LYS C 311 -9.32 -11.21 -73.58
CA LYS C 311 -9.50 -11.94 -72.33
C LYS C 311 -9.71 -10.95 -71.19
N ALA C 312 -10.72 -11.21 -70.37
CA ALA C 312 -10.98 -10.40 -69.19
C ALA C 312 -9.98 -10.74 -68.09
N TRP C 313 -9.85 -9.82 -67.14
CA TRP C 313 -8.87 -9.98 -66.06
C TRP C 313 -9.48 -9.54 -64.75
N ALA C 314 -9.05 -10.19 -63.67
CA ALA C 314 -9.67 -10.00 -62.36
C ALA C 314 -9.22 -8.69 -61.71
N ALA C 315 -10.17 -7.99 -61.11
CA ALA C 315 -9.89 -6.77 -60.38
C ALA C 315 -9.60 -7.10 -58.92
N PHE C 316 -8.39 -6.79 -58.48
CA PHE C 316 -7.96 -7.07 -57.12
C PHE C 316 -8.36 -5.94 -56.18
N TYR C 317 -8.11 -6.16 -54.89
CA TYR C 317 -8.28 -5.14 -53.87
C TYR C 317 -7.04 -5.12 -52.98
N VAL C 318 -6.60 -3.91 -52.65
CA VAL C 318 -5.44 -3.69 -51.79
C VAL C 318 -5.92 -2.93 -50.55
N TYR C 319 -5.64 -3.48 -49.39
CA TYR C 319 -6.08 -2.90 -48.12
C TYR C 319 -4.89 -2.53 -47.25
N LYS C 320 -4.99 -1.35 -46.64
CA LYS C 320 -3.95 -0.77 -45.80
C LYS C 320 -3.96 -1.38 -44.41
N LEU C 321 -2.77 -1.53 -43.83
CA LEU C 321 -2.60 -2.04 -42.48
C LEU C 321 -1.90 -1.00 -41.61
N GLN C 322 -2.13 -1.11 -40.30
CA GLN C 322 -1.69 -0.16 -39.28
C GLN C 322 -1.81 -0.85 -37.91
N PRO C 323 -1.10 -0.42 -36.88
CA PRO C 323 -1.07 -1.21 -35.63
C PRO C 323 -2.37 -1.13 -34.84
N LEU C 324 -2.96 -2.29 -34.57
CA LEU C 324 -4.10 -2.39 -33.65
C LEU C 324 -3.97 -3.65 -32.80
N THR C 325 -5.09 -3.99 -32.14
CA THR C 325 -5.24 -5.17 -31.29
C THR C 325 -6.45 -5.95 -31.77
N PHE C 326 -6.33 -7.25 -31.89
CA PHE C 326 -7.42 -8.13 -32.27
C PHE C 326 -7.67 -9.18 -31.20
N LEU C 327 -8.81 -9.85 -31.33
CA LEU C 327 -9.11 -11.06 -30.58
C LEU C 327 -9.28 -12.18 -31.59
N LEU C 328 -8.62 -13.31 -31.34
CA LEU C 328 -8.63 -14.46 -32.22
C LEU C 328 -9.27 -15.63 -31.49
N ASP C 329 -9.83 -16.57 -32.25
CA ASP C 329 -10.31 -17.82 -31.68
C ASP C 329 -9.66 -18.97 -32.43
N PHE C 330 -8.64 -19.57 -31.83
CA PHE C 330 -7.97 -20.71 -32.42
C PHE C 330 -8.78 -21.96 -32.10
N SER C 331 -9.18 -22.68 -33.14
CA SER C 331 -10.05 -23.83 -32.98
C SER C 331 -9.22 -25.07 -32.63
N VAL C 332 -9.86 -26.24 -32.69
CA VAL C 332 -9.17 -27.49 -32.38
C VAL C 332 -8.06 -27.75 -33.39
N ASP C 333 -8.34 -27.49 -34.68
CA ASP C 333 -7.28 -27.54 -35.68
C ASP C 333 -6.29 -26.39 -35.53
N GLY C 334 -6.70 -25.31 -34.87
CA GLY C 334 -5.86 -24.14 -34.71
C GLY C 334 -5.89 -23.17 -35.87
N TYR C 335 -6.66 -23.45 -36.91
CA TYR C 335 -6.74 -22.55 -38.04
C TYR C 335 -7.59 -21.33 -37.70
N ILE C 336 -7.19 -20.16 -38.23
CA ILE C 336 -7.90 -18.92 -37.96
C ILE C 336 -9.19 -18.92 -38.76
N ARG C 337 -10.32 -19.00 -38.06
CA ARG C 337 -11.61 -19.00 -38.74
C ARG C 337 -12.54 -17.95 -38.13
N ARG C 338 -12.34 -17.62 -36.86
CA ARG C 338 -13.16 -16.61 -36.20
C ARG C 338 -12.27 -15.64 -35.43
N ALA C 339 -12.55 -14.35 -35.61
CA ALA C 339 -11.78 -13.29 -34.97
C ALA C 339 -12.63 -12.03 -34.94
N ILE C 340 -12.31 -11.13 -34.02
CA ILE C 340 -12.94 -9.83 -33.96
C ILE C 340 -11.88 -8.74 -33.85
N ASP C 341 -12.29 -7.55 -34.27
CA ASP C 341 -11.44 -6.37 -34.37
C ASP C 341 -11.22 -5.77 -32.98
N CYS C 342 -10.46 -4.67 -32.95
CA CYS C 342 -10.51 -3.77 -31.80
C CYS C 342 -11.86 -3.06 -31.76
N GLY C 343 -12.15 -2.43 -30.63
CA GLY C 343 -13.40 -1.71 -30.53
C GLY C 343 -13.44 -0.49 -31.40
N PHE C 344 -14.17 -0.55 -32.52
CA PHE C 344 -13.98 0.56 -33.44
C PHE C 344 -15.26 1.26 -33.88
N ASN C 345 -16.34 0.52 -34.19
CA ASN C 345 -17.44 1.17 -34.91
C ASN C 345 -18.53 1.70 -33.98
N ASP C 346 -19.35 0.82 -33.41
CA ASP C 346 -20.08 1.10 -32.18
C ASP C 346 -20.20 -0.18 -31.36
N LEU C 347 -20.22 -1.32 -32.04
CA LEU C 347 -20.56 -2.60 -31.43
C LEU C 347 -19.34 -3.39 -31.03
N SER C 348 -18.28 -3.33 -31.82
CA SER C 348 -16.97 -3.78 -31.38
C SER C 348 -16.52 -3.01 -30.16
N GLN C 349 -16.91 -1.72 -30.08
CA GLN C 349 -16.60 -0.92 -28.90
C GLN C 349 -17.23 -1.50 -27.65
N LEU C 350 -18.43 -2.07 -27.76
CA LEU C 350 -18.98 -2.86 -26.68
C LEU C 350 -18.15 -4.12 -26.44
N HIS C 351 -17.88 -4.87 -27.50
CA HIS C 351 -17.17 -6.14 -27.36
C HIS C 351 -15.66 -5.96 -27.53
N CYS C 352 -15.11 -5.01 -26.78
CA CYS C 352 -13.69 -4.70 -26.83
C CYS C 352 -12.91 -5.44 -25.76
N SER C 353 -13.54 -6.34 -25.03
CA SER C 353 -12.89 -7.09 -23.97
C SER C 353 -13.11 -8.59 -24.04
N TYR C 354 -14.19 -9.05 -24.68
CA TYR C 354 -14.47 -10.48 -24.77
C TYR C 354 -15.21 -10.74 -26.08
N GLU C 355 -15.82 -11.91 -26.20
CA GLU C 355 -16.56 -12.31 -27.38
C GLU C 355 -18.00 -12.62 -26.99
N SER C 356 -18.93 -12.33 -27.90
CA SER C 356 -20.35 -12.51 -27.62
C SER C 356 -21.04 -13.38 -28.66
N PHE C 357 -22.37 -13.42 -28.60
CA PHE C 357 -23.18 -14.46 -29.24
C PHE C 357 -24.51 -13.90 -29.71
N ASP C 358 -25.53 -14.74 -29.86
CA ASP C 358 -26.83 -14.31 -30.39
C ASP C 358 -27.92 -14.41 -29.34
N VAL C 359 -28.64 -13.30 -29.15
CA VAL C 359 -29.90 -13.17 -28.41
C VAL C 359 -29.79 -13.47 -26.91
N GLU C 360 -29.86 -12.41 -26.10
CA GLU C 360 -30.09 -12.48 -24.65
C GLU C 360 -30.53 -11.10 -24.19
N SER C 361 -30.78 -10.97 -22.88
CA SER C 361 -31.07 -9.68 -22.26
C SER C 361 -29.94 -9.31 -21.31
N GLY C 362 -29.50 -8.06 -21.37
CA GLY C 362 -28.43 -7.59 -20.51
C GLY C 362 -28.02 -6.15 -20.74
N VAL C 363 -27.79 -5.41 -19.65
CA VAL C 363 -27.47 -4.00 -19.70
C VAL C 363 -25.96 -3.82 -19.77
N TYR C 364 -25.49 -3.06 -20.75
CA TYR C 364 -24.10 -2.65 -20.84
C TYR C 364 -24.10 -1.15 -21.12
N SER C 365 -24.17 -0.37 -20.05
CA SER C 365 -24.23 1.09 -20.14
C SER C 365 -22.85 1.71 -20.26
N VAL C 366 -21.80 0.90 -20.33
CA VAL C 366 -20.46 1.42 -20.58
C VAL C 366 -20.43 2.09 -21.94
N SER C 367 -19.62 3.14 -22.05
CA SER C 367 -19.67 3.99 -23.23
C SER C 367 -18.33 4.65 -23.47
N SER C 368 -18.13 5.13 -24.70
CA SER C 368 -16.94 5.89 -25.05
C SER C 368 -17.27 6.81 -26.21
N PHE C 369 -17.59 8.07 -25.91
CA PHE C 369 -17.57 9.17 -26.86
C PHE C 369 -17.48 10.47 -26.08
N GLU C 370 -17.60 11.62 -26.76
CA GLU C 370 -17.47 12.92 -26.12
C GLU C 370 -17.92 13.98 -27.11
N ALA C 371 -18.38 15.12 -26.58
CA ALA C 371 -18.78 16.25 -27.41
C ALA C 371 -17.58 17.14 -27.66
N LYS C 372 -16.97 16.98 -28.81
CA LYS C 372 -15.69 17.49 -29.27
C LYS C 372 -15.71 19.01 -29.42
N PRO C 373 -14.60 19.66 -29.07
CA PRO C 373 -14.56 21.13 -29.11
C PRO C 373 -14.58 21.67 -30.52
N SER C 374 -15.16 22.86 -30.67
CA SER C 374 -15.22 23.55 -31.96
C SER C 374 -14.95 25.03 -31.78
N GLY C 375 -13.95 25.38 -30.98
CA GLY C 375 -13.64 26.78 -30.76
C GLY C 375 -12.39 27.01 -29.92
N SER C 376 -11.83 28.21 -30.01
CA SER C 376 -10.54 28.51 -29.39
C SER C 376 -10.45 29.98 -29.01
N VAL C 377 -9.91 30.25 -27.82
CA VAL C 377 -9.61 31.60 -27.36
C VAL C 377 -8.20 31.63 -26.77
N VAL C 378 -7.47 32.70 -27.09
CA VAL C 378 -6.04 32.76 -26.78
C VAL C 378 -5.63 34.04 -26.06
N GLU C 379 -6.55 34.63 -25.30
CA GLU C 379 -6.26 35.87 -24.59
C GLU C 379 -6.19 35.65 -23.09
N GLN C 380 -5.64 36.66 -22.41
CA GLN C 380 -5.88 36.84 -20.98
C GLN C 380 -6.27 38.30 -20.75
N ALA C 381 -5.80 39.16 -21.66
CA ALA C 381 -5.93 40.62 -21.64
C ALA C 381 -5.13 41.18 -22.80
N GLU C 382 -3.87 41.54 -22.55
CA GLU C 382 -2.97 42.01 -23.58
C GLU C 382 -1.54 41.58 -23.28
N GLY C 383 -0.56 42.11 -24.02
CA GLY C 383 0.82 41.80 -23.74
C GLY C 383 1.83 42.50 -24.64
N VAL C 384 2.87 43.04 -24.03
CA VAL C 384 4.00 43.61 -24.76
C VAL C 384 5.13 42.59 -24.69
N GLU C 385 6.14 42.76 -25.55
CA GLU C 385 7.23 41.80 -25.57
C GLU C 385 8.29 42.12 -24.53
N CYS C 386 8.60 41.13 -23.68
CA CYS C 386 9.77 41.25 -22.81
C CYS C 386 11.05 41.23 -23.64
N ASP C 387 11.92 42.19 -23.37
CA ASP C 387 13.18 42.28 -24.09
C ASP C 387 14.16 41.25 -23.55
N PHE C 388 14.52 40.28 -24.39
CA PHE C 388 15.55 39.31 -24.07
C PHE C 388 16.89 39.69 -24.66
N SER C 389 16.97 40.86 -25.28
CA SER C 389 18.24 41.46 -25.66
C SER C 389 19.23 41.64 -24.51
N PRO C 390 18.82 41.96 -23.26
CA PRO C 390 19.82 41.91 -22.17
C PRO C 390 20.48 40.55 -21.99
N LEU C 391 19.78 39.45 -22.26
CA LEU C 391 20.47 38.17 -22.38
C LEU C 391 21.33 38.13 -23.63
N LEU C 392 20.82 38.64 -24.75
CA LEU C 392 21.56 38.58 -26.01
C LEU C 392 22.74 39.52 -26.05
N SER C 393 22.76 40.55 -25.21
CA SER C 393 23.85 41.49 -25.14
C SER C 393 24.56 41.36 -23.79
N GLY C 394 25.55 42.22 -23.56
CA GLY C 394 26.29 42.23 -22.33
C GLY C 394 27.29 41.09 -22.25
N THR C 395 28.18 41.20 -21.27
CA THR C 395 29.19 40.18 -21.05
C THR C 395 28.56 38.98 -20.36
N PRO C 396 28.67 37.78 -20.91
CA PRO C 396 28.20 36.58 -20.20
C PRO C 396 29.06 36.32 -18.97
N PRO C 397 28.49 36.45 -17.78
CA PRO C 397 29.29 36.37 -16.55
C PRO C 397 29.65 34.93 -16.23
N GLN C 398 30.42 34.77 -15.16
CA GLN C 398 30.96 33.46 -14.81
C GLN C 398 29.87 32.56 -14.23
N VAL C 399 30.23 31.29 -14.06
CA VAL C 399 29.27 30.30 -13.56
C VAL C 399 28.94 30.53 -12.09
N TYR C 400 29.90 31.01 -11.29
CA TYR C 400 29.60 31.38 -9.91
C TYR C 400 28.88 32.71 -9.80
N ASN C 401 28.80 33.48 -10.87
CA ASN C 401 28.15 34.78 -10.90
C ASN C 401 27.13 34.83 -12.02
N PHE C 402 26.29 33.80 -12.11
CA PHE C 402 25.32 33.70 -13.20
C PHE C 402 24.26 34.80 -13.08
N LYS C 403 23.89 35.39 -14.21
CA LYS C 403 22.96 36.50 -14.22
C LYS C 403 21.59 36.01 -14.67
N ARG C 404 20.58 36.25 -13.86
CA ARG C 404 19.24 35.75 -14.13
C ARG C 404 18.26 36.89 -14.38
N LEU C 405 17.31 36.62 -15.27
CA LEU C 405 16.25 37.55 -15.62
C LEU C 405 14.92 36.82 -15.52
N VAL C 406 13.91 37.53 -15.00
CA VAL C 406 12.58 36.97 -14.80
C VAL C 406 11.60 37.72 -15.69
N PHE C 407 10.62 36.99 -16.22
CA PHE C 407 9.65 37.54 -17.15
C PHE C 407 8.25 37.09 -16.75
N THR C 408 7.34 38.07 -16.64
CA THR C 408 5.94 37.87 -16.30
C THR C 408 5.16 39.04 -16.89
N ASN C 409 3.88 38.78 -17.24
CA ASN C 409 2.92 39.80 -17.67
C ASN C 409 3.38 40.49 -18.96
N CYS C 410 3.79 39.67 -19.93
CA CYS C 410 4.36 40.20 -21.16
C CYS C 410 4.23 39.12 -22.24
N ASN C 411 5.01 39.28 -23.32
CA ASN C 411 5.05 38.32 -24.41
C ASN C 411 6.49 37.84 -24.63
N TYR C 412 6.62 36.60 -25.10
CA TYR C 412 7.89 36.05 -25.51
C TYR C 412 7.77 35.45 -26.90
N ASN C 413 8.72 35.76 -27.77
CA ASN C 413 8.75 35.26 -29.14
C ASN C 413 10.06 34.51 -29.33
N LEU C 414 9.99 33.18 -29.28
CA LEU C 414 11.18 32.34 -29.42
C LEU C 414 11.67 32.25 -30.85
N THR C 415 10.87 32.70 -31.82
CA THR C 415 11.28 32.63 -33.22
C THR C 415 12.44 33.58 -33.52
N LYS C 416 12.52 34.68 -32.79
CA LYS C 416 13.60 35.65 -32.99
C LYS C 416 14.76 35.45 -32.02
N LEU C 417 14.75 34.39 -31.21
CA LEU C 417 15.75 34.18 -30.18
C LEU C 417 16.69 33.03 -30.49
N LEU C 418 16.17 31.84 -30.77
CA LEU C 418 17.01 30.72 -31.15
C LEU C 418 17.61 30.88 -32.54
N SER C 419 17.07 31.77 -33.36
CA SER C 419 17.69 32.07 -34.65
C SER C 419 19.02 32.77 -34.47
N LEU C 420 19.22 33.45 -33.34
CA LEU C 420 20.49 34.07 -33.00
C LEU C 420 21.32 33.23 -32.05
N PHE C 421 21.05 31.92 -31.99
CA PHE C 421 21.76 30.99 -31.13
C PHE C 421 22.45 29.92 -31.96
N SER C 422 23.48 29.32 -31.36
CA SER C 422 24.13 28.11 -31.88
C SER C 422 24.22 27.13 -30.72
N VAL C 423 23.18 26.33 -30.55
CA VAL C 423 23.04 25.46 -29.38
C VAL C 423 23.80 24.16 -29.64
N ASN C 424 24.81 23.89 -28.81
CA ASN C 424 25.50 22.60 -28.90
C ASN C 424 24.64 21.48 -28.34
N ASP C 425 24.02 21.71 -27.18
CA ASP C 425 23.19 20.70 -26.54
C ASP C 425 22.10 21.41 -25.73
N PHE C 426 20.96 20.74 -25.59
CA PHE C 426 19.81 21.35 -24.95
C PHE C 426 19.04 20.22 -24.28
N THR C 427 19.27 20.02 -22.99
CA THR C 427 18.62 18.98 -22.23
C THR C 427 17.72 19.62 -21.17
N CYS C 428 16.72 18.88 -20.72
CA CYS C 428 15.76 19.43 -19.78
C CYS C 428 15.27 18.34 -18.83
N SER C 429 15.58 18.51 -17.54
CA SER C 429 15.09 17.61 -16.51
C SER C 429 13.64 17.95 -16.17
N GLN C 430 12.77 16.93 -16.29
CA GLN C 430 11.32 16.92 -16.09
C GLN C 430 10.61 18.16 -16.62
N ILE C 431 11.12 18.66 -17.74
CA ILE C 431 10.49 19.61 -18.63
C ILE C 431 11.08 19.27 -20.00
N SER C 432 10.67 19.95 -21.07
CA SER C 432 11.17 19.57 -22.36
C SER C 432 11.81 20.73 -23.10
N PRO C 433 12.81 20.47 -23.93
CA PRO C 433 13.33 21.51 -24.82
C PRO C 433 12.31 22.01 -25.84
N ALA C 434 11.36 21.17 -26.25
CA ALA C 434 10.40 21.55 -27.27
C ALA C 434 9.35 22.53 -26.77
N ALA C 435 9.28 22.78 -25.46
CA ALA C 435 8.26 23.65 -24.88
C ALA C 435 8.79 25.05 -24.62
N ILE C 436 9.64 25.57 -25.51
CA ILE C 436 10.17 26.91 -25.33
C ILE C 436 9.11 27.98 -25.54
N ALA C 437 8.19 27.79 -26.50
CA ALA C 437 7.19 28.81 -26.78
C ALA C 437 5.80 28.24 -27.09
N SER C 438 5.48 27.03 -26.63
CA SER C 438 4.17 26.44 -26.87
C SER C 438 3.28 26.51 -25.63
N ASN C 439 3.76 25.96 -24.52
CA ASN C 439 3.03 26.04 -23.27
C ASN C 439 3.49 27.26 -22.48
N CYS C 440 2.71 27.61 -21.46
CA CYS C 440 2.88 28.88 -20.78
C CYS C 440 2.83 28.68 -19.27
N TYR C 441 3.50 29.56 -18.55
CA TYR C 441 3.58 29.50 -17.09
C TYR C 441 3.46 30.91 -16.54
N SER C 442 3.55 31.06 -15.22
CA SER C 442 3.46 32.39 -14.63
C SER C 442 4.73 33.18 -14.85
N SER C 443 5.83 32.73 -14.27
CA SER C 443 7.09 33.45 -14.40
C SER C 443 8.14 32.55 -15.02
N LEU C 444 8.89 33.13 -15.95
CA LEU C 444 10.01 32.49 -16.62
C LEU C 444 11.29 33.07 -16.03
N ILE C 445 12.06 32.28 -15.31
CA ILE C 445 13.34 32.74 -14.76
C ILE C 445 14.45 32.01 -15.49
N LEU C 446 15.43 32.79 -15.96
CA LEU C 446 16.47 32.30 -16.85
C LEU C 446 17.81 32.90 -16.43
N ASP C 447 18.75 32.03 -16.04
CA ASP C 447 20.09 32.50 -15.69
C ASP C 447 21.07 32.07 -16.77
N TYR C 448 21.79 33.04 -17.31
CA TYR C 448 22.85 32.78 -18.28
C TYR C 448 24.20 33.01 -17.63
N PHE C 449 25.19 32.23 -18.08
CA PHE C 449 26.51 32.24 -17.48
C PHE C 449 27.51 31.75 -18.51
N SER C 450 28.79 32.02 -18.26
CA SER C 450 29.85 31.50 -19.10
C SER C 450 30.07 30.03 -18.76
N TYR C 451 29.95 29.16 -19.76
CA TYR C 451 30.03 27.73 -19.53
C TYR C 451 30.51 27.00 -20.77
N PRO C 452 31.74 26.49 -20.78
CA PRO C 452 32.23 25.70 -21.90
C PRO C 452 31.79 24.25 -21.79
N LEU C 453 32.18 23.45 -22.78
CA LEU C 453 31.84 22.04 -22.84
C LEU C 453 32.74 21.15 -22.00
N SER C 454 33.78 21.72 -21.38
CA SER C 454 34.77 20.89 -20.70
C SER C 454 34.25 20.33 -19.38
N MET C 455 33.32 21.03 -18.73
CA MET C 455 32.59 20.45 -17.59
C MET C 455 31.13 20.16 -17.95
N LYS C 456 30.90 19.68 -19.17
CA LYS C 456 29.55 19.28 -19.59
C LYS C 456 29.05 18.10 -18.76
N SER C 457 29.94 17.16 -18.42
CA SER C 457 29.56 16.04 -17.59
C SER C 457 29.19 16.46 -16.17
N ASP C 458 29.66 17.63 -15.73
CA ASP C 458 29.29 18.16 -14.44
C ASP C 458 27.90 18.78 -14.42
N LEU C 459 27.25 18.91 -15.57
CA LEU C 459 25.92 19.51 -15.66
C LEU C 459 24.81 18.53 -15.29
N SER C 460 25.13 17.27 -15.01
CA SER C 460 24.13 16.30 -14.61
C SER C 460 23.54 16.66 -13.26
N VAL C 461 22.30 16.21 -13.04
CA VAL C 461 21.60 16.50 -11.79
C VAL C 461 22.28 15.80 -10.63
N SER C 462 22.69 14.55 -10.82
CA SER C 462 23.33 13.77 -9.76
C SER C 462 24.83 14.01 -9.68
N SER C 463 25.38 14.92 -10.48
CA SER C 463 26.80 15.19 -10.47
C SER C 463 27.22 15.86 -9.16
N ALA C 464 28.48 15.66 -8.79
CA ALA C 464 29.02 16.21 -7.54
C ALA C 464 30.39 16.84 -7.76
N GLY C 465 30.60 17.44 -8.94
CA GLY C 465 31.83 18.13 -9.23
C GLY C 465 31.90 19.49 -8.56
N PRO C 466 32.99 20.22 -8.76
CA PRO C 466 33.14 21.54 -8.10
C PRO C 466 32.06 22.53 -8.46
N ILE C 467 31.51 22.45 -9.67
CA ILE C 467 30.37 23.28 -10.03
C ILE C 467 29.15 22.91 -9.20
N SER C 468 28.99 21.62 -8.88
CA SER C 468 27.80 21.13 -8.20
C SER C 468 27.71 21.54 -6.74
N GLN C 469 28.84 21.75 -6.06
CA GLN C 469 28.81 22.18 -4.67
C GLN C 469 29.42 23.56 -4.42
N PHE C 470 30.01 24.20 -5.44
CA PHE C 470 30.68 25.47 -5.24
C PHE C 470 30.11 26.61 -6.07
N ASN C 471 29.29 26.33 -7.08
CA ASN C 471 28.80 27.37 -7.96
C ASN C 471 27.27 27.49 -7.95
N TYR C 472 26.56 26.39 -8.21
CA TYR C 472 25.10 26.42 -8.31
C TYR C 472 24.59 24.99 -8.22
N LYS C 473 23.40 24.83 -7.63
CA LYS C 473 22.70 23.55 -7.58
C LYS C 473 21.33 23.73 -8.22
N GLN C 474 20.97 22.80 -9.10
CA GLN C 474 19.66 22.84 -9.75
C GLN C 474 18.58 22.48 -8.74
N SER C 475 17.41 23.10 -8.92
CA SER C 475 16.30 22.89 -8.00
C SER C 475 15.68 21.51 -8.19
N PHE C 476 15.11 20.98 -7.11
CA PHE C 476 14.50 19.66 -7.16
C PHE C 476 13.11 19.71 -7.79
N SER C 477 12.20 20.49 -7.22
CA SER C 477 10.80 20.50 -7.60
C SER C 477 10.47 21.62 -8.57
N ASN C 478 11.40 21.95 -9.47
CA ASN C 478 11.18 22.99 -10.46
C ASN C 478 11.62 22.49 -11.83
N PRO C 479 10.82 22.71 -12.86
CA PRO C 479 11.14 22.19 -14.21
C PRO C 479 12.36 22.88 -14.79
N THR C 480 13.40 22.11 -15.11
CA THR C 480 14.71 22.72 -15.35
C THR C 480 15.21 22.40 -16.75
N CYS C 481 15.60 23.44 -17.48
CA CYS C 481 16.25 23.28 -18.79
C CYS C 481 17.67 23.82 -18.73
N LEU C 482 18.60 23.03 -19.27
CA LEU C 482 20.00 23.41 -19.38
C LEU C 482 20.39 23.46 -20.85
N ILE C 483 20.94 24.59 -21.27
CA ILE C 483 21.42 24.80 -22.63
C ILE C 483 22.94 25.01 -22.57
N LEU C 484 23.67 24.25 -23.36
CA LEU C 484 25.08 24.52 -23.65
C LEU C 484 25.12 25.02 -25.10
N ALA C 485 25.36 26.31 -25.26
CA ALA C 485 25.24 26.94 -26.57
C ALA C 485 26.52 27.67 -26.92
N THR C 486 26.57 28.18 -28.15
CA THR C 486 27.74 28.84 -28.70
C THR C 486 27.29 30.12 -29.40
N VAL C 487 28.16 31.13 -29.41
CA VAL C 487 27.92 32.32 -30.23
C VAL C 487 27.87 31.90 -31.69
N PRO C 488 26.86 32.32 -32.46
CA PRO C 488 26.86 32.05 -33.90
C PRO C 488 28.00 32.78 -34.60
N HIS C 489 28.46 32.19 -35.70
CA HIS C 489 29.63 32.72 -36.42
C HIS C 489 29.35 34.09 -37.00
N ASN C 490 28.14 34.30 -37.56
CA ASN C 490 27.75 35.62 -38.05
C ASN C 490 27.03 36.43 -36.97
N LEU C 491 27.68 36.56 -35.82
CA LEU C 491 27.09 37.27 -34.69
C LEU C 491 28.21 37.87 -33.86
N THR C 492 28.28 39.20 -33.85
CA THR C 492 29.25 39.93 -33.02
C THR C 492 28.55 40.88 -32.05
N THR C 493 27.23 40.71 -31.86
CA THR C 493 26.49 41.59 -30.95
C THR C 493 26.89 41.35 -29.50
N ILE C 494 26.93 40.10 -29.07
CA ILE C 494 27.39 39.78 -27.73
C ILE C 494 28.91 39.84 -27.71
N THR C 495 29.47 40.05 -26.53
CA THR C 495 30.91 40.13 -26.35
C THR C 495 31.39 38.88 -25.62
N LYS C 496 32.70 38.82 -25.38
CA LYS C 496 33.27 37.68 -24.70
C LYS C 496 33.71 38.05 -23.29
N PRO C 497 33.58 37.14 -22.32
CA PRO C 497 34.15 37.38 -20.99
C PRO C 497 35.66 37.28 -21.03
N LEU C 498 36.31 37.58 -19.89
CA LEU C 498 37.78 37.53 -19.85
C LEU C 498 38.28 36.10 -20.00
N LYS C 499 37.76 35.18 -19.20
CA LYS C 499 38.05 33.76 -19.33
C LYS C 499 36.99 33.00 -18.54
N TYR C 500 36.88 31.70 -18.83
CA TYR C 500 36.06 30.84 -17.99
C TYR C 500 36.76 30.65 -16.65
N SER C 501 35.98 30.64 -15.57
CA SER C 501 36.57 30.42 -14.25
C SER C 501 35.53 29.80 -13.33
N TYR C 502 36.03 29.16 -12.28
CA TYR C 502 35.18 28.54 -11.27
C TYR C 502 35.97 28.44 -9.98
N ILE C 503 35.31 27.94 -8.94
CA ILE C 503 35.87 27.86 -7.59
C ILE C 503 35.99 26.39 -7.22
N ASN C 504 37.19 25.97 -6.81
CA ASN C 504 37.38 24.58 -6.40
C ASN C 504 37.51 24.43 -4.89
N LYS C 505 37.26 25.51 -4.13
CA LYS C 505 37.36 25.43 -2.67
C LYS C 505 36.48 26.51 -2.07
N CYS C 506 35.40 26.08 -1.40
CA CYS C 506 34.55 26.96 -0.62
C CYS C 506 34.33 26.33 0.75
N SER C 507 34.93 26.92 1.77
CA SER C 507 34.83 26.37 3.12
C SER C 507 35.09 27.50 4.11
N ARG C 508 34.62 27.30 5.35
CA ARG C 508 34.79 28.26 6.42
C ARG C 508 35.86 27.74 7.37
N LEU C 509 36.89 28.55 7.59
CA LEU C 509 37.93 28.28 8.58
C LEU C 509 37.63 29.14 9.80
N LEU C 510 37.19 28.50 10.88
CA LEU C 510 36.81 29.22 12.09
C LEU C 510 38.04 29.72 12.82
N SER C 511 37.81 30.37 13.96
CA SER C 511 38.90 30.96 14.72
C SER C 511 39.78 29.91 15.38
N ASP C 512 39.22 28.74 15.69
CA ASP C 512 40.05 27.65 16.21
C ASP C 512 40.97 27.09 15.14
N ASP C 513 40.55 27.17 13.87
CA ASP C 513 41.33 26.81 12.69
C ASP C 513 41.74 25.33 12.67
N ARG C 514 41.04 24.50 13.43
CA ARG C 514 41.24 23.06 13.40
C ARG C 514 39.98 22.29 12.97
N THR C 515 38.84 22.96 12.89
CA THR C 515 37.61 22.37 12.38
C THR C 515 37.09 23.24 11.25
N GLU C 516 36.76 22.61 10.12
CA GLU C 516 36.36 23.31 8.91
C GLU C 516 34.85 23.14 8.71
N VAL C 517 34.16 24.26 8.50
CA VAL C 517 32.72 24.26 8.26
C VAL C 517 32.50 24.11 6.76
N PRO C 518 31.85 23.05 6.30
CA PRO C 518 31.58 22.92 4.86
C PRO C 518 30.35 23.71 4.45
N GLN C 519 30.37 24.15 3.19
CA GLN C 519 29.27 24.90 2.61
C GLN C 519 28.63 24.09 1.49
N LEU C 520 27.33 23.87 1.61
CA LEU C 520 26.56 23.14 0.60
C LEU C 520 25.59 24.12 -0.05
N VAL C 521 25.67 24.24 -1.38
CA VAL C 521 24.80 25.16 -2.10
C VAL C 521 23.38 24.60 -2.14
N ASN C 522 22.41 25.44 -1.82
CA ASN C 522 21.03 25.04 -1.68
C ASN C 522 20.28 25.26 -2.99
N ALA C 523 18.95 25.17 -2.94
CA ALA C 523 18.12 25.33 -4.13
C ALA C 523 18.06 26.81 -4.50
N ASN C 524 18.73 27.17 -5.60
CA ASN C 524 18.75 28.53 -6.16
C ASN C 524 19.23 29.57 -5.14
N GLN C 525 20.27 29.20 -4.38
CA GLN C 525 20.79 30.05 -3.31
C GLN C 525 22.23 30.45 -3.60
N TYR C 526 22.76 31.31 -2.74
CA TYR C 526 24.10 31.85 -2.86
C TYR C 526 24.89 31.55 -1.59
N SER C 527 26.22 31.36 -1.75
CA SER C 527 27.12 31.06 -0.65
C SER C 527 27.96 32.27 -0.27
N PRO C 528 28.36 32.38 1.00
CA PRO C 528 29.24 33.49 1.41
C PRO C 528 30.60 33.49 0.73
N CYS C 529 31.05 32.36 0.17
CA CYS C 529 32.33 32.33 -0.52
C CYS C 529 32.32 33.22 -1.76
N VAL C 530 31.19 33.29 -2.47
CA VAL C 530 31.08 34.11 -3.67
C VAL C 530 31.22 35.59 -3.33
N SER C 531 30.84 36.00 -2.11
CA SER C 531 30.90 37.39 -1.69
C SER C 531 32.33 37.93 -1.62
N ILE C 532 33.35 37.07 -1.56
CA ILE C 532 34.74 37.50 -1.59
C ILE C 532 35.42 37.16 -2.90
N VAL C 533 34.81 36.35 -3.75
CA VAL C 533 35.36 36.08 -5.09
C VAL C 533 35.27 37.34 -5.94
N PRO C 534 36.35 37.76 -6.61
CA PRO C 534 36.28 38.97 -7.45
C PRO C 534 35.49 38.74 -8.73
N SER C 535 35.50 39.75 -9.60
CA SER C 535 34.77 39.65 -10.87
C SER C 535 35.33 38.55 -11.75
N THR C 536 36.66 38.43 -11.82
CA THR C 536 37.30 37.40 -12.63
C THR C 536 38.54 36.92 -11.90
N VAL C 537 38.74 35.60 -11.86
CA VAL C 537 39.91 35.02 -11.23
C VAL C 537 41.12 35.26 -12.13
N TRP C 538 42.16 35.87 -11.57
CA TRP C 538 43.29 36.32 -12.39
C TRP C 538 44.13 35.15 -12.90
N GLU C 539 44.51 34.23 -12.03
CA GLU C 539 45.31 33.07 -12.44
C GLU C 539 44.65 31.78 -11.99
N ASP C 540 45.27 30.67 -12.38
CA ASP C 540 44.83 29.35 -11.96
C ASP C 540 45.15 29.13 -10.49
N GLY C 541 44.15 28.68 -9.73
CA GLY C 541 44.34 28.41 -8.32
C GLY C 541 44.63 29.63 -7.47
N ASP C 542 43.96 30.75 -7.75
CA ASP C 542 44.17 31.96 -6.97
C ASP C 542 43.58 31.79 -5.58
N TYR C 543 44.35 32.18 -4.56
CA TYR C 543 43.94 32.09 -3.17
C TYR C 543 43.40 33.45 -2.72
N TYR C 544 42.24 33.43 -2.09
CA TYR C 544 41.66 34.65 -1.55
C TYR C 544 41.12 34.37 -0.15
N ARG C 545 41.09 35.42 0.67
CA ARG C 545 40.66 35.27 2.05
C ARG C 545 40.11 36.60 2.56
N LYS C 546 39.18 36.50 3.50
CA LYS C 546 38.64 37.66 4.20
C LYS C 546 38.45 37.32 5.67
N GLN C 547 38.45 38.36 6.51
CA GLN C 547 38.30 38.17 7.94
C GLN C 547 36.83 38.07 8.32
N LEU C 548 36.47 37.00 9.04
CA LEU C 548 35.14 36.83 9.60
C LEU C 548 35.22 37.17 11.08
N SER C 549 34.57 38.26 11.48
CA SER C 549 34.58 38.68 12.87
C SER C 549 33.79 37.69 13.72
N PRO C 550 34.10 37.60 15.03
CA PRO C 550 33.33 36.69 15.90
C PRO C 550 31.84 37.02 15.99
N LEU C 551 31.46 38.28 15.75
CA LEU C 551 30.05 38.62 15.64
C LEU C 551 29.51 38.40 14.23
N GLU C 552 30.33 37.95 13.29
CA GLU C 552 29.90 37.64 11.93
C GLU C 552 30.51 36.32 11.46
N GLY C 553 30.69 35.38 12.37
CA GLY C 553 31.17 34.06 12.02
C GLY C 553 32.48 33.67 12.64
N GLY C 554 33.45 34.59 12.66
CA GLY C 554 34.74 34.30 13.25
C GLY C 554 35.69 33.55 12.34
N GLY C 555 36.99 33.84 12.47
CA GLY C 555 38.01 33.16 11.71
C GLY C 555 38.31 33.80 10.37
N TRP C 556 38.71 32.98 9.39
CA TRP C 556 39.03 33.47 8.06
C TRP C 556 38.23 32.67 7.03
N LEU C 557 37.60 33.38 6.11
CA LEU C 557 36.91 32.76 4.98
C LEU C 557 37.89 32.70 3.81
N VAL C 558 38.25 31.49 3.40
CA VAL C 558 39.25 31.29 2.36
C VAL C 558 38.61 30.59 1.18
N ALA C 559 39.20 30.81 0.00
CA ALA C 559 38.68 30.24 -1.23
C ALA C 559 39.81 30.11 -2.24
N SER C 560 39.68 29.13 -3.12
CA SER C 560 40.64 28.89 -4.20
C SER C 560 39.91 28.81 -5.53
N GLY C 561 40.37 29.60 -6.49
CA GLY C 561 39.76 29.69 -7.80
C GLY C 561 40.64 29.08 -8.88
N SER C 562 40.01 28.64 -9.96
CA SER C 562 40.70 28.04 -11.09
C SER C 562 40.03 28.52 -12.37
N THR C 563 40.74 28.37 -13.48
CA THR C 563 40.32 28.94 -14.76
C THR C 563 40.28 27.88 -15.84
N VAL C 564 39.29 28.01 -16.71
CA VAL C 564 39.20 27.27 -17.97
C VAL C 564 39.30 28.29 -19.09
N ALA C 565 40.27 28.10 -19.98
CA ALA C 565 40.61 29.10 -20.98
C ALA C 565 39.51 29.23 -22.03
N MET C 566 39.50 30.38 -22.69
CA MET C 566 38.48 30.69 -23.69
C MET C 566 38.57 29.76 -24.89
N THR C 567 37.42 29.33 -25.38
CA THR C 567 37.36 28.54 -26.61
C THR C 567 37.54 29.46 -27.82
N GLU C 568 37.61 28.84 -29.01
CA GLU C 568 37.71 29.63 -30.24
C GLU C 568 36.45 30.45 -30.48
N GLN C 569 35.28 29.86 -30.23
CA GLN C 569 34.02 30.58 -30.17
C GLN C 569 33.43 30.39 -28.79
N LEU C 570 32.87 31.46 -28.24
CA LEU C 570 32.46 31.47 -26.83
C LEU C 570 31.28 30.54 -26.61
N GLN C 571 31.40 29.66 -25.62
CA GLN C 571 30.34 28.78 -25.19
C GLN C 571 29.74 29.27 -23.88
N MET C 572 28.42 29.22 -23.77
CA MET C 572 27.73 29.68 -22.58
C MET C 572 26.67 28.68 -22.17
N GLY C 573 26.13 28.88 -20.99
CA GLY C 573 25.10 28.02 -20.44
C GLY C 573 23.88 28.80 -20.00
N PHE C 574 22.71 28.24 -20.30
CA PHE C 574 21.43 28.82 -19.96
C PHE C 574 20.66 27.87 -19.04
N GLY C 575 19.98 28.44 -18.05
CA GLY C 575 19.12 27.67 -17.17
C GLY C 575 17.72 28.25 -17.11
N ILE C 576 16.74 27.44 -17.51
CA ILE C 576 15.33 27.82 -17.60
C ILE C 576 14.58 27.16 -16.46
N THR C 577 13.86 27.95 -15.68
CA THR C 577 12.90 27.43 -14.72
C THR C 577 11.58 28.15 -14.94
N VAL C 578 10.51 27.38 -15.06
CA VAL C 578 9.18 27.92 -15.16
C VAL C 578 8.52 27.81 -13.80
N GLN C 579 7.54 28.66 -13.55
CA GLN C 579 6.58 28.35 -12.50
C GLN C 579 5.24 28.95 -12.87
N TYR C 580 4.17 28.35 -12.34
CA TYR C 580 2.80 28.78 -12.60
C TYR C 580 2.10 29.32 -11.37
N GLY C 581 2.65 29.13 -10.18
CA GLY C 581 1.91 29.38 -8.95
C GLY C 581 2.11 30.71 -8.28
N THR C 582 3.36 31.14 -8.11
CA THR C 582 3.65 32.29 -7.25
C THR C 582 3.50 33.63 -7.96
N ASP C 583 3.10 33.65 -9.22
CA ASP C 583 2.98 34.92 -9.94
C ASP C 583 1.87 34.72 -10.99
N THR C 584 1.78 35.62 -11.96
CA THR C 584 0.62 35.72 -12.85
C THR C 584 0.87 34.94 -14.14
N ASN C 585 -0.03 34.01 -14.46
CA ASN C 585 0.02 33.25 -15.72
C ASN C 585 -0.41 34.18 -16.84
N SER C 586 0.54 34.99 -17.30
CA SER C 586 0.22 36.05 -18.24
C SER C 586 1.31 36.24 -19.30
N VAL C 587 1.99 35.18 -19.70
CA VAL C 587 2.96 35.23 -20.79
C VAL C 587 2.71 34.10 -21.78
N CYS C 588 2.44 34.46 -23.04
CA CYS C 588 2.40 33.55 -24.18
C CYS C 588 2.80 34.32 -25.43
N PRO C 589 3.23 33.62 -26.49
CA PRO C 589 3.54 34.31 -27.74
C PRO C 589 2.30 34.87 -28.42
N LYS C 590 2.55 35.76 -29.38
CA LYS C 590 1.48 36.45 -30.10
C LYS C 590 0.86 35.54 -31.15
N LEU C 591 -0.22 36.03 -31.76
CA LEU C 591 -0.97 35.28 -32.76
C LEU C 591 -1.81 36.27 -33.55
N GLU C 592 -2.27 35.84 -34.73
CA GLU C 592 -3.28 36.58 -35.47
C GLU C 592 -4.63 36.36 -34.80
N PHE C 593 -5.33 37.46 -34.53
CA PHE C 593 -6.54 37.41 -33.71
C PHE C 593 -7.82 37.35 -34.54
N ALA C 594 -8.03 38.34 -35.40
CA ALA C 594 -9.25 38.55 -36.19
C ALA C 594 -10.44 38.67 -35.22
N ASN C 595 -11.63 38.27 -35.66
CA ASN C 595 -12.82 38.44 -34.82
C ASN C 595 -13.08 37.22 -33.94
N ASP C 596 -12.84 36.01 -34.47
CA ASP C 596 -13.23 34.80 -33.77
C ASP C 596 -12.22 34.39 -32.70
N THR C 597 -11.91 35.31 -31.79
CA THR C 597 -11.10 35.01 -30.61
C THR C 597 -11.68 35.63 -29.35
N LYS C 598 -12.78 36.36 -29.45
CA LYS C 598 -13.39 37.00 -28.29
C LYS C 598 -14.25 36.03 -27.51
N ILE C 599 -14.54 36.41 -26.26
CA ILE C 599 -15.55 35.72 -25.47
C ILE C 599 -16.91 35.82 -26.15
N ALA C 600 -17.25 37.00 -26.65
CA ALA C 600 -18.48 37.17 -27.42
C ALA C 600 -18.42 36.41 -28.73
N SER C 601 -17.22 36.21 -29.28
CA SER C 601 -17.09 35.46 -30.52
C SER C 601 -17.42 33.98 -30.34
N GLN C 602 -17.34 33.46 -29.12
CA GLN C 602 -17.67 32.07 -28.83
C GLN C 602 -18.50 31.97 -27.57
N LEU C 603 -19.46 32.88 -27.41
CA LEU C 603 -20.37 32.82 -26.28
C LEU C 603 -21.32 31.64 -26.44
N GLY C 604 -21.63 30.97 -25.32
CA GLY C 604 -22.56 29.85 -25.35
C GLY C 604 -22.06 28.65 -26.10
N ASN C 605 -20.74 28.51 -26.21
CA ASN C 605 -20.17 27.41 -26.98
C ASN C 605 -19.19 26.57 -26.17
N CYS C 606 -19.17 25.26 -26.41
CA CYS C 606 -18.19 24.41 -25.74
C CYS C 606 -16.90 24.58 -26.49
N VAL C 607 -16.00 25.40 -25.98
CA VAL C 607 -14.78 25.68 -26.69
C VAL C 607 -13.55 25.34 -25.86
N GLU C 608 -12.38 25.72 -26.35
CA GLU C 608 -11.18 25.53 -25.54
C GLU C 608 -10.76 26.90 -25.06
N TYR C 609 -9.99 26.95 -23.97
CA TYR C 609 -9.50 28.23 -23.47
C TYR C 609 -8.00 28.13 -23.25
N SER C 610 -7.32 29.24 -23.47
CA SER C 610 -5.93 29.40 -23.08
C SER C 610 -5.81 30.81 -22.50
N LEU C 611 -6.06 30.92 -21.20
CA LEU C 611 -5.85 32.15 -20.43
C LEU C 611 -4.38 32.20 -20.01
N TYR C 612 -3.54 32.38 -21.03
CA TYR C 612 -2.09 32.62 -20.94
C TYR C 612 -1.38 31.68 -19.95
N GLY C 613 -1.69 30.40 -20.07
CA GLY C 613 -1.14 29.41 -19.16
C GLY C 613 -2.21 28.60 -18.49
N VAL C 614 -3.31 29.26 -18.09
CA VAL C 614 -4.46 28.52 -17.59
C VAL C 614 -5.19 28.00 -18.82
N SER C 615 -4.94 26.76 -19.19
CA SER C 615 -5.44 26.24 -20.45
C SER C 615 -6.27 24.99 -20.22
N GLY C 616 -7.13 24.70 -21.17
CA GLY C 616 -8.03 23.57 -21.10
C GLY C 616 -9.20 23.77 -22.03
N ARG C 617 -10.35 23.26 -21.64
CA ARG C 617 -11.58 23.46 -22.40
C ARG C 617 -12.65 24.04 -21.47
N GLY C 618 -13.31 25.11 -21.93
CA GLY C 618 -14.20 25.88 -21.09
C GLY C 618 -15.47 26.30 -21.81
N VAL C 619 -16.41 26.81 -21.00
CA VAL C 619 -17.59 27.51 -21.51
C VAL C 619 -17.63 28.89 -20.86
N PHE C 620 -18.33 29.79 -21.53
CA PHE C 620 -18.42 31.19 -21.14
C PHE C 620 -19.88 31.51 -20.88
N GLN C 621 -20.16 32.25 -19.81
CA GLN C 621 -21.51 32.83 -19.70
C GLN C 621 -21.41 34.22 -19.09
N ASN C 622 -22.20 35.15 -19.62
CA ASN C 622 -22.12 36.53 -19.17
C ASN C 622 -22.66 36.67 -17.75
N CYS C 623 -21.85 37.26 -16.88
CA CYS C 623 -22.18 37.39 -15.46
C CYS C 623 -21.68 38.73 -14.95
N THR C 624 -22.35 39.21 -13.89
CA THR C 624 -21.97 40.44 -13.21
C THR C 624 -20.74 40.20 -12.34
N ALA C 625 -20.21 41.29 -11.79
CA ALA C 625 -18.94 41.28 -11.06
C ALA C 625 -19.05 40.43 -9.79
N VAL C 626 -18.40 39.28 -9.80
CA VAL C 626 -18.37 38.36 -8.66
C VAL C 626 -16.92 38.16 -8.27
N GLY C 627 -16.62 38.36 -6.98
CA GLY C 627 -15.27 38.22 -6.50
C GLY C 627 -14.43 39.45 -6.79
N VAL C 628 -13.14 39.32 -6.50
CA VAL C 628 -12.21 40.43 -6.64
C VAL C 628 -11.94 40.69 -8.12
N ARG C 629 -12.11 41.95 -8.53
CA ARG C 629 -11.92 42.32 -9.93
C ARG C 629 -10.46 42.19 -10.35
N GLN C 630 -9.53 42.54 -9.44
CA GLN C 630 -8.13 42.65 -9.81
C GLN C 630 -7.48 41.29 -10.08
N GLN C 631 -8.04 40.20 -9.56
CA GLN C 631 -7.39 38.90 -9.72
C GLN C 631 -7.63 38.32 -11.11
N ARG C 632 -8.91 38.26 -11.53
CA ARG C 632 -9.44 37.72 -12.79
C ARG C 632 -9.29 36.20 -12.89
N PHE C 633 -8.62 35.57 -11.92
CA PHE C 633 -8.27 34.16 -11.93
C PHE C 633 -8.88 33.54 -10.67
N VAL C 634 -10.15 33.16 -10.74
CA VAL C 634 -10.87 32.67 -9.58
C VAL C 634 -11.13 31.17 -9.73
N TYR C 635 -10.72 30.41 -8.72
CA TYR C 635 -10.85 28.96 -8.75
C TYR C 635 -11.85 28.49 -7.71
N ASP C 636 -12.35 27.28 -7.93
CA ASP C 636 -13.30 26.66 -7.03
C ASP C 636 -12.55 25.98 -5.88
N ALA C 637 -13.28 25.18 -5.10
CA ALA C 637 -12.65 24.38 -4.04
C ALA C 637 -11.78 23.26 -4.59
N TYR C 638 -11.87 22.97 -5.88
CA TYR C 638 -11.14 21.85 -6.48
C TYR C 638 -10.30 22.32 -7.67
N GLN C 639 -9.79 23.55 -7.58
CA GLN C 639 -8.72 24.06 -8.46
C GLN C 639 -9.15 24.13 -9.93
N ASN C 640 -10.35 24.65 -10.16
CA ASN C 640 -10.87 24.82 -11.52
C ASN C 640 -11.40 26.25 -11.64
N LEU C 641 -11.05 26.92 -12.74
CA LEU C 641 -11.42 28.31 -12.94
C LEU C 641 -12.93 28.43 -13.08
N VAL C 642 -13.54 29.34 -12.32
CA VAL C 642 -14.98 29.51 -12.33
C VAL C 642 -15.41 30.84 -12.91
N GLY C 643 -14.48 31.73 -13.24
CA GLY C 643 -14.88 32.99 -13.84
C GLY C 643 -13.68 33.79 -14.28
N TYR C 644 -13.97 34.90 -14.95
CA TYR C 644 -12.96 35.78 -15.48
C TYR C 644 -13.55 37.16 -15.76
N TYR C 645 -12.83 38.20 -15.33
CA TYR C 645 -13.22 39.58 -15.61
C TYR C 645 -12.62 40.01 -16.94
N SER C 646 -13.48 40.29 -17.92
CA SER C 646 -13.00 40.69 -19.24
C SER C 646 -12.53 42.14 -19.22
N ASP C 647 -11.85 42.54 -20.29
CA ASP C 647 -11.26 43.88 -20.36
C ASP C 647 -12.32 44.96 -20.46
N ASP C 648 -13.46 44.66 -21.08
CA ASP C 648 -14.53 45.65 -21.17
C ASP C 648 -15.28 45.83 -19.87
N GLY C 649 -15.04 44.96 -18.88
CA GLY C 649 -15.74 45.02 -17.62
C GLY C 649 -16.86 44.04 -17.44
N ASN C 650 -17.11 43.19 -18.43
CA ASN C 650 -18.14 42.16 -18.32
C ASN C 650 -17.53 40.93 -17.67
N TYR C 651 -18.19 40.39 -16.65
CA TYR C 651 -17.67 39.20 -15.99
C TYR C 651 -18.18 37.99 -16.75
N TYR C 652 -17.45 36.88 -16.64
CA TYR C 652 -17.88 35.68 -17.33
C TYR C 652 -17.67 34.46 -16.45
N CYS C 653 -18.76 33.78 -16.14
CA CYS C 653 -18.73 32.53 -15.41
C CYS C 653 -18.16 31.42 -16.31
N LEU C 654 -17.20 30.69 -15.75
CA LEU C 654 -16.52 29.57 -16.40
C LEU C 654 -17.07 28.28 -15.78
N ARG C 655 -18.11 27.73 -16.39
CA ARG C 655 -18.65 26.45 -15.97
C ARG C 655 -17.97 25.29 -16.69
N ALA C 656 -16.95 25.59 -17.50
CA ALA C 656 -16.07 24.66 -18.20
C ALA C 656 -16.78 23.87 -19.30
N CYS C 657 -16.02 23.38 -20.26
CA CYS C 657 -16.57 22.68 -21.42
C CYS C 657 -16.96 21.26 -20.98
N VAL C 658 -18.04 21.21 -20.20
CA VAL C 658 -18.68 19.94 -19.90
C VAL C 658 -19.18 19.36 -21.22
N SER C 659 -18.88 18.09 -21.44
CA SER C 659 -19.25 17.46 -22.70
C SER C 659 -20.72 17.09 -22.67
N VAL C 660 -21.14 16.34 -23.68
CA VAL C 660 -22.36 15.58 -23.51
C VAL C 660 -22.16 14.57 -22.38
N PRO C 661 -23.11 14.41 -21.48
CA PRO C 661 -23.03 13.25 -20.57
C PRO C 661 -23.29 11.97 -21.33
N VAL C 662 -22.23 11.18 -21.37
CA VAL C 662 -22.01 10.16 -22.38
C VAL C 662 -22.64 8.85 -21.91
N SER C 663 -23.49 8.25 -22.74
CA SER C 663 -23.84 6.86 -22.51
C SER C 663 -24.21 6.21 -23.82
N VAL C 664 -23.99 4.90 -23.90
CA VAL C 664 -24.51 4.09 -24.99
C VAL C 664 -25.00 2.79 -24.39
N ILE C 665 -26.08 2.26 -24.95
CA ILE C 665 -26.64 1.01 -24.48
C ILE C 665 -26.67 0.03 -25.64
N TYR C 666 -26.47 -1.24 -25.31
CA TYR C 666 -26.62 -2.33 -26.26
C TYR C 666 -27.46 -3.39 -25.59
N ASP C 667 -28.60 -3.73 -26.20
CA ASP C 667 -29.32 -4.90 -25.77
C ASP C 667 -28.42 -6.10 -26.02
N LYS C 668 -28.06 -6.82 -24.95
CA LYS C 668 -26.90 -7.71 -24.99
C LYS C 668 -27.14 -8.85 -25.98
N GLU C 669 -26.34 -8.85 -27.04
CA GLU C 669 -26.24 -9.88 -28.07
C GLU C 669 -27.55 -10.07 -28.86
N THR C 670 -28.50 -9.14 -28.74
CA THR C 670 -29.49 -8.88 -29.78
C THR C 670 -29.09 -7.56 -30.42
N LYS C 671 -28.86 -7.57 -31.73
CA LYS C 671 -28.09 -6.50 -32.35
C LYS C 671 -28.83 -5.17 -32.40
N THR C 672 -29.01 -4.55 -31.24
CA THR C 672 -29.63 -3.23 -31.12
C THR C 672 -28.84 -2.42 -30.09
N HIS C 673 -27.98 -1.52 -30.58
CA HIS C 673 -27.23 -0.60 -29.75
C HIS C 673 -27.48 0.83 -30.21
N ALA C 674 -27.62 1.73 -29.24
CA ALA C 674 -27.94 3.12 -29.53
C ALA C 674 -27.49 3.99 -28.37
N THR C 675 -27.31 5.28 -28.66
CA THR C 675 -26.62 6.17 -27.74
C THR C 675 -27.58 7.13 -27.05
N LEU C 676 -27.27 7.45 -25.79
CA LEU C 676 -28.09 8.31 -24.94
C LEU C 676 -27.23 9.45 -24.40
N PHE C 677 -27.84 10.64 -24.39
CA PHE C 677 -27.20 11.90 -24.08
C PHE C 677 -27.91 12.45 -22.85
N GLY C 678 -27.18 12.57 -21.73
CA GLY C 678 -27.83 12.87 -20.47
C GLY C 678 -28.32 14.30 -20.38
N SER C 679 -29.64 14.48 -20.25
CA SER C 679 -30.26 15.75 -19.84
C SER C 679 -29.87 16.93 -20.73
N VAL C 680 -29.73 16.68 -22.03
CA VAL C 680 -29.32 17.70 -22.98
C VAL C 680 -30.25 17.66 -24.19
N ALA C 681 -30.35 18.80 -24.87
CA ALA C 681 -31.08 18.85 -26.12
C ALA C 681 -30.26 18.18 -27.22
N CYS C 682 -30.87 18.02 -28.39
CA CYS C 682 -30.18 17.45 -29.54
C CYS C 682 -29.53 18.56 -30.38
N GLU C 683 -28.78 19.42 -29.69
CA GLU C 683 -28.05 20.49 -30.37
C GLU C 683 -26.76 20.00 -31.02
N HIS C 684 -26.31 18.81 -30.66
CA HIS C 684 -25.19 18.16 -31.34
C HIS C 684 -25.70 16.95 -32.09
N ILE C 685 -25.13 16.71 -33.27
CA ILE C 685 -25.66 15.75 -34.21
C ILE C 685 -24.52 14.84 -34.67
N SER C 686 -24.79 13.94 -35.63
CA SER C 686 -23.82 12.96 -36.10
C SER C 686 -22.83 13.52 -37.10
N SER C 687 -22.56 14.83 -37.05
CA SER C 687 -21.52 15.42 -37.90
C SER C 687 -20.21 15.63 -37.15
N THR C 688 -20.23 16.44 -36.08
CA THR C 688 -18.99 16.96 -35.49
C THR C 688 -18.56 16.13 -34.28
N MET C 689 -18.09 14.91 -34.56
CA MET C 689 -17.48 14.10 -33.53
C MET C 689 -15.98 13.97 -33.81
N SER C 690 -15.32 13.12 -33.03
CA SER C 690 -13.95 12.70 -33.28
C SER C 690 -13.76 11.28 -32.79
N GLN C 691 -13.07 11.12 -31.65
CA GLN C 691 -12.72 9.82 -31.07
C GLN C 691 -12.03 8.96 -32.11
N TYR C 692 -12.70 7.90 -32.57
CA TYR C 692 -12.31 7.25 -33.81
C TYR C 692 -13.42 7.29 -34.85
N SER C 693 -14.61 6.75 -34.53
CA SER C 693 -15.72 6.69 -35.48
C SER C 693 -16.98 6.33 -34.71
N ARG C 694 -18.11 6.38 -35.43
CA ARG C 694 -19.41 5.98 -34.90
C ARG C 694 -20.20 5.34 -36.03
N SER C 695 -20.94 4.27 -35.72
CA SER C 695 -21.62 3.47 -36.73
C SER C 695 -23.12 3.71 -36.65
N THR C 696 -23.67 4.41 -37.64
CA THR C 696 -25.10 4.66 -37.68
C THR C 696 -25.90 3.47 -38.20
N ARG C 697 -25.22 2.42 -38.69
CA ARG C 697 -25.83 1.23 -39.27
C ARG C 697 -26.78 1.57 -40.39
N SER C 698 -28.08 1.56 -40.09
CA SER C 698 -29.10 1.88 -41.08
C SER C 698 -29.40 3.38 -41.07
N MET C 699 -29.37 3.98 -42.25
CA MET C 699 -29.67 5.40 -42.48
C MET C 699 -28.74 6.33 -41.69
N TYR C 707 -27.61 11.77 -35.43
CA TYR C 707 -28.51 12.06 -36.54
C TYR C 707 -29.92 11.59 -36.21
N GLY C 708 -30.84 12.55 -36.10
CA GLY C 708 -32.21 12.24 -35.76
C GLY C 708 -32.48 12.43 -34.28
N PRO C 709 -33.19 13.50 -33.93
CA PRO C 709 -33.41 13.80 -32.51
C PRO C 709 -34.40 12.84 -31.88
N LEU C 710 -34.03 12.31 -30.70
CA LEU C 710 -34.92 11.51 -29.86
C LEU C 710 -34.97 12.15 -28.47
N GLN C 711 -35.37 13.41 -28.44
CA GLN C 711 -35.50 14.14 -27.18
C GLN C 711 -36.45 13.42 -26.23
N THR C 712 -35.97 13.20 -25.01
CA THR C 712 -36.58 12.37 -23.98
C THR C 712 -36.30 13.02 -22.64
N PRO C 713 -37.02 12.61 -21.57
CA PRO C 713 -36.68 13.12 -20.23
C PRO C 713 -35.25 12.84 -19.78
N VAL C 714 -34.64 11.73 -20.22
CA VAL C 714 -33.24 11.51 -19.89
C VAL C 714 -32.31 12.39 -20.70
N GLY C 715 -32.82 13.07 -21.73
CA GLY C 715 -31.98 13.93 -22.54
C GLY C 715 -32.24 13.83 -24.03
N CYS C 716 -31.22 13.44 -24.78
CA CYS C 716 -31.30 13.32 -26.23
C CYS C 716 -30.79 11.95 -26.63
N VAL C 717 -31.64 11.14 -27.23
CA VAL C 717 -31.29 9.77 -27.61
C VAL C 717 -31.18 9.71 -29.13
N LEU C 718 -30.15 9.01 -29.61
CA LEU C 718 -30.02 8.70 -31.02
C LEU C 718 -30.02 7.18 -31.19
N GLY C 719 -30.74 6.71 -32.20
CA GLY C 719 -30.88 5.31 -32.48
C GLY C 719 -32.16 4.67 -32.01
N LEU C 720 -33.11 5.45 -31.50
CA LEU C 720 -34.39 4.94 -31.04
C LEU C 720 -35.52 5.51 -31.89
N VAL C 721 -36.74 5.11 -31.57
CA VAL C 721 -37.95 5.68 -32.14
C VAL C 721 -38.99 5.76 -31.03
N ASN C 722 -39.73 6.86 -30.99
CA ASN C 722 -40.69 7.08 -29.91
C ASN C 722 -41.83 6.09 -29.99
N SER C 723 -42.15 5.48 -28.84
CA SER C 723 -43.24 4.51 -28.76
C SER C 723 -43.68 4.45 -27.32
N SER C 724 -44.92 4.86 -27.04
CA SER C 724 -45.44 4.88 -25.67
C SER C 724 -45.75 3.44 -25.26
N LEU C 725 -44.70 2.75 -24.81
CA LEU C 725 -44.81 1.36 -24.40
C LEU C 725 -44.57 1.26 -22.90
N PHE C 726 -45.33 0.36 -22.27
CA PHE C 726 -45.35 0.25 -20.81
C PHE C 726 -45.05 -1.20 -20.44
N VAL C 727 -43.81 -1.47 -20.05
CA VAL C 727 -43.39 -2.80 -19.64
C VAL C 727 -42.92 -2.72 -18.19
N GLU C 728 -43.54 -3.53 -17.32
CA GLU C 728 -43.24 -3.47 -15.90
C GLU C 728 -42.04 -4.32 -15.52
N ASP C 729 -41.85 -5.46 -16.15
CA ASP C 729 -40.85 -6.43 -15.75
C ASP C 729 -39.59 -6.37 -16.62
N CYS C 730 -39.36 -5.25 -17.28
CA CYS C 730 -38.20 -5.13 -18.17
C CYS C 730 -36.91 -5.01 -17.36
N LYS C 731 -35.86 -5.64 -17.87
CA LYS C 731 -34.56 -5.66 -17.22
C LYS C 731 -33.51 -4.87 -18.01
N LEU C 732 -33.95 -3.90 -18.81
CA LEU C 732 -33.05 -3.08 -19.62
C LEU C 732 -33.36 -1.60 -19.39
N PRO C 733 -33.11 -1.09 -18.17
CA PRO C 733 -33.49 0.29 -17.88
C PRO C 733 -32.62 1.30 -18.59
N LEU C 734 -33.18 2.47 -18.82
CA LEU C 734 -32.51 3.55 -19.53
C LEU C 734 -32.48 4.83 -18.70
N GLY C 735 -32.57 4.68 -17.38
CA GLY C 735 -32.55 5.84 -16.50
C GLY C 735 -33.94 6.36 -16.21
N GLN C 736 -34.09 6.92 -15.00
CA GLN C 736 -35.35 7.45 -14.47
C GLN C 736 -36.46 6.41 -14.55
N SER C 737 -37.28 6.50 -15.58
CA SER C 737 -38.32 5.50 -15.83
C SER C 737 -38.37 5.17 -17.32
N LEU C 738 -37.19 4.99 -17.93
CA LEU C 738 -37.08 4.71 -19.35
C LEU C 738 -36.51 3.31 -19.54
N CYS C 739 -37.02 2.61 -20.55
CA CYS C 739 -36.67 1.21 -20.76
C CYS C 739 -36.83 0.88 -22.23
N ALA C 740 -36.72 -0.41 -22.55
CA ALA C 740 -36.81 -0.91 -23.91
C ALA C 740 -37.45 -2.29 -23.90
N LEU C 741 -38.13 -2.63 -25.02
CA LEU C 741 -38.86 -3.89 -25.15
C LEU C 741 -38.01 -4.95 -25.82
N PRO C 742 -37.85 -6.13 -25.20
CA PRO C 742 -37.07 -7.20 -25.84
C PRO C 742 -37.61 -7.64 -27.19
N ASP C 743 -38.93 -7.66 -27.37
CA ASP C 743 -39.62 -8.01 -28.61
C ASP C 743 -39.28 -9.42 -29.09
N THR C 744 -39.60 -9.73 -30.34
CA THR C 744 -39.29 -11.02 -30.92
C THR C 744 -39.11 -10.89 -32.44
N PRO C 757 -32.25 -6.35 -38.39
CA PRO C 757 -32.25 -5.63 -39.66
C PRO C 757 -33.15 -4.40 -39.65
N GLY C 758 -33.55 -3.97 -38.46
CA GLY C 758 -34.42 -2.82 -38.30
C GLY C 758 -33.82 -1.83 -37.32
N GLU C 759 -34.70 -1.27 -36.48
CA GLU C 759 -34.31 -0.29 -35.47
C GLU C 759 -34.94 -0.69 -34.14
N MET C 760 -34.61 0.07 -33.10
CA MET C 760 -34.98 -0.29 -31.74
C MET C 760 -35.97 0.75 -31.22
N ARG C 761 -36.97 0.30 -30.46
CA ARG C 761 -38.09 1.15 -30.06
C ARG C 761 -38.00 1.56 -28.60
N LEU C 762 -38.67 2.65 -28.27
CA LEU C 762 -38.64 3.20 -26.92
C LEU C 762 -39.74 2.59 -26.04
N ALA C 763 -39.50 2.64 -24.74
CA ALA C 763 -40.44 2.10 -23.76
C ALA C 763 -40.18 2.79 -22.42
N SER C 764 -41.09 2.54 -21.49
CA SER C 764 -41.03 3.16 -20.17
C SER C 764 -41.01 2.09 -19.08
N ILE C 765 -40.32 2.39 -17.98
CA ILE C 765 -40.33 1.52 -16.81
C ILE C 765 -41.68 1.67 -16.14
N ALA C 766 -42.55 0.69 -16.32
CA ALA C 766 -43.90 0.82 -15.81
C ALA C 766 -43.94 0.55 -14.31
N PHE C 767 -44.96 1.12 -13.66
CA PHE C 767 -45.24 0.90 -12.25
C PHE C 767 -46.43 -0.04 -12.14
N ASN C 768 -46.25 -1.14 -11.42
CA ASN C 768 -47.36 -2.03 -11.13
C ASN C 768 -48.25 -1.39 -10.07
N HIS C 769 -49.41 -0.91 -10.49
CA HIS C 769 -50.34 -0.30 -9.55
C HIS C 769 -50.93 -1.37 -8.64
N PRO C 770 -50.96 -1.14 -7.33
CA PRO C 770 -51.60 -2.10 -6.43
C PRO C 770 -53.11 -2.06 -6.60
N ILE C 771 -53.76 -3.12 -6.11
CA ILE C 771 -55.22 -3.18 -6.13
C ILE C 771 -55.75 -2.10 -5.18
N GLN C 772 -56.46 -1.13 -5.74
CA GLN C 772 -56.87 0.04 -4.98
C GLN C 772 -58.14 -0.26 -4.18
N VAL C 773 -58.11 0.06 -2.89
CA VAL C 773 -59.24 -0.13 -2.01
C VAL C 773 -59.56 1.22 -1.34
N ASP C 774 -60.82 1.62 -1.38
CA ASP C 774 -61.20 2.94 -0.90
C ASP C 774 -61.38 2.93 0.61
N GLN C 775 -60.70 3.86 1.29
CA GLN C 775 -60.82 3.98 2.74
C GLN C 775 -62.19 4.53 3.10
N LEU C 776 -62.85 3.90 4.07
CA LEU C 776 -64.22 4.24 4.45
C LEU C 776 -64.25 4.70 5.89
N ASN C 777 -64.80 5.89 6.13
CA ASN C 777 -64.96 6.38 7.49
C ASN C 777 -66.09 5.67 8.23
N SER C 778 -66.99 5.00 7.50
CA SER C 778 -68.08 4.28 8.11
C SER C 778 -67.58 2.97 8.73
N SER C 779 -68.44 2.36 9.55
CA SER C 779 -68.07 1.11 10.22
C SER C 779 -67.96 -0.06 9.24
N TYR C 780 -68.66 0.00 8.12
CA TYR C 780 -68.47 -0.99 7.07
C TYR C 780 -67.18 -0.71 6.30
N PHE C 781 -66.60 -1.76 5.73
CA PHE C 781 -65.38 -1.57 4.94
C PHE C 781 -65.28 -2.65 3.87
N LYS C 782 -64.58 -2.30 2.80
CA LYS C 782 -64.36 -3.20 1.67
C LYS C 782 -62.99 -3.87 1.77
N LEU C 783 -62.98 -5.18 1.60
CA LEU C 783 -61.79 -6.01 1.70
C LEU C 783 -61.30 -6.38 0.31
N SER C 784 -59.98 -6.39 0.13
CA SER C 784 -59.37 -6.92 -1.08
C SER C 784 -58.72 -8.26 -0.74
N ILE C 785 -59.16 -9.31 -1.42
CA ILE C 785 -58.76 -10.67 -1.07
C ILE C 785 -58.23 -11.41 -2.29
N PRO C 786 -57.11 -12.11 -2.19
CA PRO C 786 -56.70 -12.99 -3.29
C PRO C 786 -57.56 -14.24 -3.32
N THR C 787 -58.00 -14.60 -4.53
CA THR C 787 -58.81 -15.78 -4.72
C THR C 787 -58.08 -16.89 -5.47
N ASN C 788 -56.82 -16.70 -5.82
CA ASN C 788 -56.02 -17.75 -6.41
C ASN C 788 -54.63 -17.72 -5.80
N PHE C 789 -54.03 -18.89 -5.67
CA PHE C 789 -52.77 -19.03 -4.95
C PHE C 789 -51.76 -19.74 -5.83
N SER C 790 -50.49 -19.44 -5.56
CA SER C 790 -49.39 -20.09 -6.26
C SER C 790 -48.26 -20.29 -5.26
N PHE C 791 -47.19 -20.92 -5.72
CA PHE C 791 -46.04 -21.23 -4.88
C PHE C 791 -44.79 -20.70 -5.57
N GLY C 792 -44.48 -19.43 -5.34
CA GLY C 792 -43.26 -18.86 -5.85
C GLY C 792 -42.05 -19.44 -5.13
N VAL C 793 -40.98 -19.64 -5.89
CA VAL C 793 -39.75 -20.22 -5.37
C VAL C 793 -38.68 -19.14 -5.34
N THR C 794 -38.23 -18.81 -4.14
CA THR C 794 -37.15 -17.85 -3.93
C THR C 794 -35.89 -18.63 -3.57
N GLN C 795 -34.88 -18.54 -4.41
CA GLN C 795 -33.66 -19.30 -4.23
C GLN C 795 -32.51 -18.34 -4.00
N GLU C 796 -31.65 -18.69 -3.05
CA GLU C 796 -30.50 -17.84 -2.75
C GLU C 796 -29.28 -18.71 -2.53
N TYR C 797 -28.11 -18.09 -2.64
CA TYR C 797 -26.85 -18.74 -2.40
C TYR C 797 -25.96 -17.89 -1.52
N ILE C 798 -25.26 -18.55 -0.61
CA ILE C 798 -24.42 -17.88 0.37
C ILE C 798 -23.04 -18.55 0.31
N GLN C 799 -22.00 -17.74 0.12
CA GLN C 799 -20.63 -18.23 0.05
C GLN C 799 -20.10 -18.49 1.47
N THR C 800 -20.62 -19.55 2.07
CA THR C 800 -20.29 -19.87 3.45
C THR C 800 -18.84 -20.31 3.60
N THR C 801 -18.30 -21.03 2.62
CA THR C 801 -16.95 -21.56 2.71
C THR C 801 -16.18 -21.19 1.46
N ILE C 802 -15.01 -20.60 1.65
CA ILE C 802 -14.10 -20.36 0.53
C ILE C 802 -13.23 -21.60 0.32
N GLN C 803 -12.74 -21.76 -0.90
CA GLN C 803 -11.74 -22.80 -1.16
C GLN C 803 -10.48 -22.49 -0.36
N LYS C 804 -10.08 -23.44 0.48
CA LYS C 804 -8.99 -23.24 1.42
C LYS C 804 -7.67 -23.57 0.73
N VAL C 805 -7.12 -22.55 0.06
CA VAL C 805 -5.96 -22.70 -0.81
C VAL C 805 -4.75 -22.12 -0.12
N THR C 806 -3.64 -22.85 -0.18
CA THR C 806 -2.38 -22.45 0.43
C THR C 806 -1.25 -22.61 -0.58
N VAL C 807 -0.18 -21.86 -0.36
CA VAL C 807 1.04 -21.96 -1.15
C VAL C 807 2.20 -21.47 -0.30
N ASP C 808 3.39 -21.96 -0.59
CA ASP C 808 4.55 -21.62 0.21
C ASP C 808 5.48 -20.73 -0.64
N CYS C 809 6.54 -20.21 -0.02
CA CYS C 809 7.40 -19.21 -0.63
C CYS C 809 8.60 -19.82 -1.35
N LYS C 810 8.75 -21.15 -1.34
CA LYS C 810 9.94 -21.71 -1.95
C LYS C 810 9.67 -22.29 -3.33
N GLN C 811 8.40 -22.44 -3.71
CA GLN C 811 8.11 -22.91 -5.06
C GLN C 811 7.39 -21.86 -5.88
N TYR C 812 6.31 -21.28 -5.35
CA TYR C 812 5.66 -20.18 -6.04
C TYR C 812 6.59 -18.98 -6.16
N VAL C 813 7.30 -18.68 -5.08
CA VAL C 813 8.15 -17.49 -5.05
C VAL C 813 9.60 -17.82 -5.36
N CYS C 814 9.99 -19.09 -5.30
CA CYS C 814 11.41 -19.38 -5.49
C CYS C 814 11.68 -20.50 -6.48
N ASN C 815 10.73 -21.43 -6.63
CA ASN C 815 10.86 -22.61 -7.51
C ASN C 815 12.07 -23.47 -7.17
N GLY C 816 12.54 -23.40 -5.92
CA GLY C 816 13.61 -24.28 -5.46
C GLY C 816 14.97 -24.03 -6.05
N PHE C 817 15.23 -22.85 -6.61
CA PHE C 817 16.55 -22.51 -7.11
C PHE C 817 17.43 -22.06 -5.96
N GLN C 818 18.68 -22.49 -5.96
CA GLN C 818 19.54 -22.31 -4.79
C GLN C 818 20.00 -20.86 -4.63
N LYS C 819 20.32 -20.19 -5.75
CA LYS C 819 20.63 -18.76 -5.69
C LYS C 819 19.41 -17.98 -5.23
N CYS C 820 18.24 -18.34 -5.77
CA CYS C 820 16.97 -17.87 -5.23
C CYS C 820 16.81 -18.21 -3.76
N GLU C 821 17.20 -19.42 -3.35
CA GLU C 821 17.00 -19.84 -1.97
C GLU C 821 17.81 -19.00 -1.00
N GLN C 822 19.06 -18.68 -1.37
CA GLN C 822 19.87 -17.84 -0.49
C GLN C 822 19.46 -16.37 -0.56
N LEU C 823 19.03 -15.89 -1.73
CA LEU C 823 18.60 -14.50 -1.81
C LEU C 823 17.25 -14.25 -1.15
N LEU C 824 16.41 -15.27 -1.03
CA LEU C 824 15.09 -15.10 -0.42
C LEU C 824 15.18 -14.83 1.07
N ARG C 825 16.23 -15.31 1.73
CA ARG C 825 16.33 -15.15 3.17
C ARG C 825 16.66 -13.72 3.59
N GLU C 826 17.03 -12.85 2.65
CA GLU C 826 17.23 -11.45 2.97
C GLU C 826 15.92 -10.80 3.43
N TYR C 827 14.82 -11.10 2.74
CA TYR C 827 13.53 -10.70 3.25
C TYR C 827 13.01 -11.70 4.28
N GLY C 828 13.32 -12.98 4.08
CA GLY C 828 13.23 -13.97 5.14
C GLY C 828 11.84 -14.18 5.69
N GLN C 829 11.62 -13.63 6.88
CA GLN C 829 10.40 -13.82 7.65
C GLN C 829 9.16 -13.17 7.04
N PHE C 830 9.32 -12.51 5.88
CA PHE C 830 8.16 -11.97 5.16
C PHE C 830 7.21 -13.09 4.74
N CYS C 831 7.76 -14.10 4.06
CA CYS C 831 6.96 -15.25 3.65
C CYS C 831 6.43 -16.00 4.85
N SER C 832 7.21 -16.05 5.92
CA SER C 832 6.75 -16.72 7.14
C SER C 832 5.51 -16.04 7.70
N LYS C 833 5.58 -14.71 7.90
CA LYS C 833 4.47 -14.02 8.54
C LYS C 833 3.23 -14.01 7.66
N ILE C 834 3.40 -13.93 6.33
CA ILE C 834 2.20 -14.02 5.52
C ILE C 834 1.68 -15.46 5.50
N ASN C 835 2.57 -16.43 5.72
CA ASN C 835 2.11 -17.81 5.83
C ASN C 835 1.31 -18.03 7.11
N GLN C 836 1.76 -17.47 8.24
CA GLN C 836 0.91 -17.58 9.42
C GLN C 836 -0.35 -16.75 9.30
N ALA C 837 -0.31 -15.66 8.52
CA ALA C 837 -1.53 -14.88 8.29
C ALA C 837 -2.57 -15.70 7.55
N LEU C 838 -2.17 -16.31 6.43
CA LEU C 838 -3.10 -17.15 5.69
C LEU C 838 -3.49 -18.39 6.48
N HIS C 839 -2.56 -18.93 7.26
CA HIS C 839 -2.83 -20.11 8.08
C HIS C 839 -3.86 -19.80 9.16
N GLY C 840 -3.72 -18.65 9.82
CA GLY C 840 -4.69 -18.25 10.83
C GLY C 840 -6.04 -17.95 10.23
N ALA C 841 -6.07 -17.35 9.04
CA ALA C 841 -7.35 -17.15 8.35
C ALA C 841 -7.99 -18.49 7.99
N ASN C 842 -7.18 -19.44 7.54
CA ASN C 842 -7.68 -20.77 7.20
C ASN C 842 -8.26 -21.47 8.42
N LEU C 843 -7.57 -21.39 9.54
CA LEU C 843 -8.11 -22.00 10.75
C LEU C 843 -9.31 -21.24 11.28
N ARG C 844 -9.38 -19.93 11.05
CA ARG C 844 -10.55 -19.16 11.45
C ARG C 844 -11.78 -19.62 10.68
N GLN C 845 -11.65 -19.75 9.36
CA GLN C 845 -12.79 -20.24 8.58
C GLN C 845 -13.07 -21.71 8.84
N ASP C 846 -12.04 -22.50 9.18
CA ASP C 846 -12.25 -23.90 9.51
C ASP C 846 -13.04 -24.05 10.80
N ASP C 847 -12.68 -23.27 11.83
CA ASP C 847 -13.46 -23.27 13.05
C ASP C 847 -14.85 -22.68 12.81
N SER C 848 -14.98 -21.74 11.87
CA SER C 848 -16.29 -21.20 11.54
C SER C 848 -17.18 -22.26 10.90
N VAL C 849 -16.63 -23.06 9.99
CA VAL C 849 -17.47 -24.05 9.33
C VAL C 849 -17.73 -25.24 10.26
N ARG C 850 -16.80 -25.51 11.18
CA ARG C 850 -17.10 -26.46 12.24
C ARG C 850 -18.19 -25.94 13.16
N ASN C 851 -18.19 -24.63 13.42
CA ASN C 851 -19.25 -24.01 14.22
C ASN C 851 -20.60 -24.12 13.51
N LEU C 852 -20.63 -23.91 12.20
CA LEU C 852 -21.90 -24.04 11.50
C LEU C 852 -22.32 -25.50 11.41
N PHE C 853 -21.36 -26.42 11.36
CA PHE C 853 -21.70 -27.83 11.42
C PHE C 853 -22.33 -28.19 12.76
N ALA C 854 -21.78 -27.64 13.84
CA ALA C 854 -22.38 -27.82 15.16
C ALA C 854 -23.73 -27.12 15.24
N SER C 855 -23.89 -26.03 14.49
CA SER C 855 -25.19 -25.38 14.40
C SER C 855 -26.19 -26.26 13.67
N VAL C 856 -25.74 -27.02 12.68
CA VAL C 856 -26.63 -27.85 11.89
C VAL C 856 -26.58 -29.31 12.28
N LYS C 857 -25.75 -29.68 13.26
CA LYS C 857 -25.85 -31.05 13.77
C LYS C 857 -27.13 -31.16 14.58
N SER C 858 -27.78 -32.31 14.48
CA SER C 858 -29.08 -32.51 15.11
C SER C 858 -28.91 -33.18 16.46
N SER C 859 -29.93 -33.02 17.30
CA SER C 859 -30.04 -33.87 18.48
C SER C 859 -30.41 -35.30 18.09
N GLN C 860 -31.34 -35.43 17.15
CA GLN C 860 -31.84 -36.73 16.70
C GLN C 860 -31.91 -36.73 15.19
N SER C 861 -31.59 -37.86 14.58
CA SER C 861 -31.57 -37.99 13.14
C SER C 861 -32.53 -39.08 12.68
N SER C 862 -33.06 -38.91 11.48
CA SER C 862 -33.95 -39.86 10.84
C SER C 862 -33.41 -40.23 9.47
N PRO C 863 -33.47 -41.50 9.08
CA PRO C 863 -32.90 -41.89 7.79
C PRO C 863 -33.84 -41.63 6.64
N ILE C 864 -33.47 -42.10 5.46
CA ILE C 864 -34.24 -41.87 4.24
C ILE C 864 -34.75 -43.23 3.77
N ILE C 865 -36.03 -43.49 4.01
CA ILE C 865 -36.64 -44.79 3.80
C ILE C 865 -36.88 -45.05 2.31
N PRO C 866 -37.04 -46.30 1.89
CA PRO C 866 -37.58 -46.56 0.55
C PRO C 866 -38.98 -45.98 0.43
N GLY C 867 -39.29 -45.45 -0.75
CA GLY C 867 -40.54 -44.73 -0.93
C GLY C 867 -40.60 -43.46 -0.10
N PHE C 868 -39.50 -42.71 -0.07
CA PHE C 868 -39.41 -41.51 0.76
C PHE C 868 -40.24 -40.39 0.16
N GLY C 869 -41.56 -40.43 0.39
CA GLY C 869 -42.45 -39.47 -0.23
C GLY C 869 -43.91 -39.81 -0.05
N GLY C 870 -44.66 -39.81 -1.14
CA GLY C 870 -46.10 -40.06 -1.09
C GLY C 870 -46.83 -39.32 -2.19
N ASP C 871 -47.83 -38.53 -1.81
CA ASP C 871 -48.47 -37.62 -2.75
C ASP C 871 -47.48 -36.58 -3.27
N PHE C 872 -46.47 -36.26 -2.49
CA PHE C 872 -45.43 -35.31 -2.85
C PHE C 872 -44.20 -36.06 -3.34
N ASN C 873 -43.54 -35.50 -4.34
CA ASN C 873 -42.36 -36.11 -4.95
C ASN C 873 -41.14 -35.30 -4.52
N LEU C 874 -40.18 -35.97 -3.88
CA LEU C 874 -38.88 -35.37 -3.62
C LEU C 874 -37.93 -35.66 -4.78
N THR C 875 -38.33 -35.19 -5.96
CA THR C 875 -37.50 -35.28 -7.15
C THR C 875 -36.30 -34.34 -7.08
N LEU C 876 -36.26 -33.45 -6.09
CA LEU C 876 -35.11 -32.60 -5.85
C LEU C 876 -33.88 -33.45 -5.60
N LEU C 877 -33.85 -34.17 -4.48
CA LEU C 877 -32.66 -34.93 -4.15
C LEU C 877 -33.02 -36.09 -3.23
N GLU C 878 -32.43 -37.24 -3.52
CA GLU C 878 -32.59 -38.51 -2.82
C GLU C 878 -31.28 -39.26 -2.88
N PRO C 879 -30.85 -39.93 -1.81
CA PRO C 879 -29.48 -40.44 -1.74
C PRO C 879 -29.22 -41.58 -2.71
N VAL C 880 -28.08 -41.51 -3.39
CA VAL C 880 -27.63 -42.58 -4.28
C VAL C 880 -26.19 -42.94 -3.96
N ALA C 889 -22.58 -41.21 -1.78
CA ALA C 889 -22.00 -40.12 -2.55
C ALA C 889 -22.68 -38.80 -2.21
N ARG C 890 -23.74 -38.48 -2.97
CA ARG C 890 -24.51 -37.26 -2.78
C ARG C 890 -25.81 -37.44 -3.56
N SER C 891 -26.83 -36.67 -3.19
CA SER C 891 -28.16 -37.16 -3.52
C SER C 891 -28.63 -36.89 -4.95
N ALA C 892 -29.15 -35.69 -5.25
CA ALA C 892 -29.38 -35.36 -6.65
C ALA C 892 -29.16 -33.89 -7.01
N ILE C 893 -29.57 -32.98 -6.13
CA ILE C 893 -29.55 -31.54 -6.44
C ILE C 893 -28.11 -31.08 -6.65
N GLU C 894 -27.24 -31.44 -5.71
CA GLU C 894 -25.83 -31.14 -5.84
C GLU C 894 -25.21 -31.87 -7.03
N ASP C 895 -25.68 -33.09 -7.32
CA ASP C 895 -25.24 -33.79 -8.52
C ASP C 895 -25.63 -33.03 -9.79
N LEU C 896 -26.89 -32.58 -9.84
CA LEU C 896 -27.36 -31.91 -11.05
C LEU C 896 -26.67 -30.58 -11.24
N LEU C 897 -26.40 -29.84 -10.16
CA LEU C 897 -25.69 -28.59 -10.33
C LEU C 897 -24.20 -28.81 -10.59
N PHE C 898 -23.63 -29.91 -10.08
CA PHE C 898 -22.27 -30.27 -10.46
C PHE C 898 -22.19 -30.53 -11.96
N ASP C 899 -23.22 -31.18 -12.51
CA ASP C 899 -23.32 -31.32 -13.96
C ASP C 899 -23.47 -29.95 -14.62
N LYS C 900 -24.26 -29.05 -14.02
CA LYS C 900 -24.53 -27.76 -14.65
C LYS C 900 -23.39 -26.77 -14.45
N VAL C 901 -22.95 -26.58 -13.20
CA VAL C 901 -21.87 -25.65 -12.95
C VAL C 901 -20.57 -26.25 -13.46
N THR C 902 -19.83 -25.46 -14.24
CA THR C 902 -18.57 -25.90 -14.80
C THR C 902 -17.56 -26.00 -13.67
N ILE C 903 -17.36 -27.21 -13.16
CA ILE C 903 -16.52 -27.47 -12.01
C ILE C 903 -15.43 -28.45 -12.42
N ALA C 904 -14.17 -28.07 -12.16
CA ALA C 904 -13.05 -28.94 -12.45
C ALA C 904 -12.91 -29.99 -11.36
N ASP C 905 -12.63 -31.23 -11.76
CA ASP C 905 -12.46 -32.32 -10.81
C ASP C 905 -11.15 -32.11 -10.05
N PRO C 906 -11.18 -31.97 -8.72
CA PRO C 906 -9.99 -31.47 -8.00
C PRO C 906 -8.95 -32.53 -7.66
N GLY C 907 -8.62 -33.42 -8.60
CA GLY C 907 -7.52 -34.35 -8.47
C GLY C 907 -7.57 -35.28 -7.27
N TYR C 908 -8.73 -35.90 -7.03
CA TYR C 908 -8.92 -36.68 -5.80
C TYR C 908 -8.11 -37.98 -5.83
N MET C 909 -8.05 -38.66 -6.98
CA MET C 909 -7.33 -39.92 -7.08
C MET C 909 -6.04 -39.81 -7.90
N GLN C 910 -6.14 -39.40 -9.17
CA GLN C 910 -5.06 -39.64 -10.12
C GLN C 910 -4.78 -38.40 -10.98
N GLY C 911 -4.91 -37.22 -10.37
CA GLY C 911 -4.55 -35.99 -11.07
C GLY C 911 -3.09 -35.94 -11.48
N TYR C 912 -2.22 -36.55 -10.64
CA TYR C 912 -0.88 -36.96 -11.05
C TYR C 912 -0.91 -37.68 -12.39
N ASP C 913 -1.59 -38.82 -12.44
CA ASP C 913 -1.62 -39.64 -13.64
C ASP C 913 -2.48 -39.01 -14.74
N ASP C 914 -3.49 -38.23 -14.36
CA ASP C 914 -4.30 -37.53 -15.35
C ASP C 914 -3.47 -36.49 -16.11
N CYS C 915 -2.58 -35.77 -15.41
CA CYS C 915 -1.70 -34.83 -16.08
C CYS C 915 -0.62 -35.58 -16.87
N MET C 916 -0.01 -36.59 -16.26
CA MET C 916 1.18 -37.20 -16.83
C MET C 916 0.88 -38.23 -17.92
N GLN C 917 -0.37 -38.66 -18.07
CA GLN C 917 -0.70 -39.67 -19.06
C GLN C 917 -1.87 -39.33 -19.96
N GLN C 918 -2.52 -38.19 -19.76
CA GLN C 918 -3.67 -37.82 -20.61
C GLN C 918 -3.62 -36.36 -21.00
N LEU C 926 -6.34 -26.03 -15.02
CA LEU C 926 -6.84 -25.66 -13.69
C LEU C 926 -6.28 -26.60 -12.63
N ILE C 927 -6.97 -27.73 -12.42
CA ILE C 927 -6.47 -28.73 -11.48
C ILE C 927 -5.21 -29.39 -12.04
N CYS C 928 -5.16 -29.61 -13.36
CA CYS C 928 -3.94 -30.14 -13.94
C CYS C 928 -2.82 -29.10 -13.94
N ALA C 929 -3.17 -27.82 -13.84
CA ALA C 929 -2.20 -26.75 -13.67
C ALA C 929 -2.08 -26.29 -12.23
N GLN C 930 -2.69 -27.02 -11.28
CA GLN C 930 -2.68 -26.59 -9.89
C GLN C 930 -1.33 -26.75 -9.22
N TYR C 931 -0.44 -27.57 -9.78
CA TYR C 931 0.91 -27.71 -9.25
C TYR C 931 1.90 -26.79 -9.96
N VAL C 932 1.47 -26.16 -11.06
CA VAL C 932 2.34 -25.27 -11.84
C VAL C 932 2.76 -24.08 -10.98
N ALA C 933 1.80 -23.48 -10.28
CA ALA C 933 2.14 -22.45 -9.31
C ALA C 933 2.55 -23.05 -7.97
N GLY C 934 2.44 -24.37 -7.82
CA GLY C 934 2.86 -25.03 -6.60
C GLY C 934 1.96 -24.79 -5.41
N TYR C 935 0.67 -24.58 -5.64
CA TYR C 935 -0.29 -24.38 -4.57
C TYR C 935 -1.11 -25.64 -4.36
N LYS C 936 -1.95 -25.62 -3.33
CA LYS C 936 -2.88 -26.71 -3.10
C LYS C 936 -4.08 -26.18 -2.32
N VAL C 937 -5.27 -26.52 -2.79
CA VAL C 937 -6.47 -26.26 -2.02
C VAL C 937 -6.63 -27.37 -0.98
N LEU C 938 -6.89 -26.99 0.25
CA LEU C 938 -7.12 -27.98 1.29
C LEU C 938 -8.48 -28.65 1.06
N PRO C 939 -8.57 -29.96 1.25
CA PRO C 939 -9.87 -30.61 1.16
C PRO C 939 -10.76 -30.16 2.29
N PRO C 940 -12.09 -30.21 2.11
CA PRO C 940 -13.01 -29.76 3.16
C PRO C 940 -12.84 -30.57 4.44
N LEU C 941 -13.08 -29.90 5.58
CA LEU C 941 -12.82 -30.45 6.90
C LEU C 941 -13.54 -31.77 7.13
N MET C 942 -14.73 -31.94 6.57
CA MET C 942 -15.39 -33.22 6.52
C MET C 942 -15.27 -33.75 5.10
N ASP C 943 -15.20 -35.07 4.96
CA ASP C 943 -15.22 -35.69 3.65
C ASP C 943 -16.56 -35.42 2.97
N VAL C 944 -16.52 -35.27 1.64
CA VAL C 944 -17.57 -34.64 0.84
C VAL C 944 -18.92 -35.30 1.08
N ASN C 945 -18.95 -36.64 1.05
CA ASN C 945 -20.13 -37.46 1.32
C ASN C 945 -20.81 -37.08 2.63
N MET C 946 -20.05 -36.79 3.68
CA MET C 946 -20.66 -36.48 4.97
C MET C 946 -21.37 -35.14 4.99
N GLU C 947 -21.04 -34.19 4.11
CA GLU C 947 -21.92 -33.03 4.01
C GLU C 947 -23.31 -33.40 3.52
N ALA C 948 -23.41 -34.40 2.65
CA ALA C 948 -24.71 -34.99 2.33
C ALA C 948 -25.38 -35.50 3.60
N ALA C 949 -24.59 -36.08 4.51
CA ALA C 949 -25.06 -36.51 5.82
C ALA C 949 -25.68 -35.34 6.56
N TYR C 950 -25.01 -34.16 6.53
CA TYR C 950 -25.60 -32.98 7.15
C TYR C 950 -26.94 -32.65 6.52
N THR C 951 -27.03 -32.72 5.19
CA THR C 951 -28.32 -32.52 4.56
C THR C 951 -29.33 -33.55 5.02
N SER C 952 -28.90 -34.82 5.09
CA SER C 952 -29.76 -35.87 5.63
C SER C 952 -30.14 -35.55 7.06
N SER C 953 -29.18 -35.04 7.84
CA SER C 953 -29.47 -34.65 9.22
C SER C 953 -30.54 -33.57 9.25
N LEU C 954 -30.39 -32.55 8.40
CA LEU C 954 -31.40 -31.49 8.43
C LEU C 954 -32.70 -31.99 7.83
N LEU C 955 -32.61 -33.01 6.96
CA LEU C 955 -33.83 -33.62 6.43
C LEU C 955 -34.66 -34.23 7.54
N GLY C 956 -34.01 -34.73 8.59
CA GLY C 956 -34.75 -35.11 9.77
C GLY C 956 -35.34 -33.93 10.49
N SER C 957 -34.52 -32.91 10.76
CA SER C 957 -34.91 -31.87 11.71
C SER C 957 -35.84 -30.84 11.10
N ILE C 958 -35.93 -30.77 9.77
CA ILE C 958 -37.00 -29.95 9.20
C ILE C 958 -38.35 -30.57 9.51
N ALA C 959 -38.40 -31.90 9.64
CA ALA C 959 -39.55 -32.52 10.26
C ALA C 959 -39.47 -32.39 11.78
N GLY C 960 -38.25 -32.38 12.32
CA GLY C 960 -38.06 -32.52 13.76
C GLY C 960 -38.23 -31.27 14.58
N VAL C 961 -38.36 -30.09 13.96
CA VAL C 961 -38.51 -28.84 14.70
C VAL C 961 -39.82 -28.18 14.30
N GLY C 962 -40.33 -28.52 13.12
CA GLY C 962 -41.41 -27.76 12.51
C GLY C 962 -42.81 -27.86 13.10
N TRP C 963 -42.96 -28.35 14.33
CA TRP C 963 -44.27 -28.30 14.94
C TRP C 963 -44.27 -27.66 16.31
N THR C 964 -43.24 -27.89 17.12
CA THR C 964 -43.19 -27.38 18.49
C THR C 964 -41.79 -26.88 18.78
N ALA C 965 -41.72 -25.73 19.44
CA ALA C 965 -40.43 -25.14 19.79
C ALA C 965 -39.72 -25.97 20.86
N GLY C 966 -38.40 -25.84 20.89
CA GLY C 966 -37.58 -26.59 21.82
C GLY C 966 -36.66 -27.57 21.14
N LEU C 967 -35.37 -27.23 21.10
CA LEU C 967 -34.37 -28.07 20.44
C LEU C 967 -34.05 -29.33 21.23
N SER C 968 -34.43 -29.41 22.51
CA SER C 968 -34.08 -30.55 23.32
C SER C 968 -34.80 -31.82 22.87
N SER C 969 -36.02 -31.69 22.41
CA SER C 969 -36.84 -32.82 21.99
C SER C 969 -36.69 -33.06 20.49
N PHE C 970 -37.45 -34.02 19.99
CA PHE C 970 -37.50 -34.28 18.56
C PHE C 970 -38.84 -34.91 18.22
N ALA C 971 -39.58 -34.26 17.33
CA ALA C 971 -40.95 -34.61 17.02
C ALA C 971 -41.15 -34.63 15.51
N ALA C 972 -40.30 -35.38 14.80
CA ALA C 972 -40.37 -35.46 13.35
C ALA C 972 -41.69 -36.07 12.89
N ILE C 973 -42.17 -35.60 11.74
CA ILE C 973 -43.46 -35.99 11.18
C ILE C 973 -43.22 -36.46 9.74
N PRO C 974 -44.03 -37.35 9.18
CA PRO C 974 -44.12 -37.44 7.73
C PRO C 974 -44.53 -36.11 7.14
N PHE C 975 -43.94 -35.78 5.98
CA PHE C 975 -43.90 -34.40 5.50
C PHE C 975 -45.27 -33.86 5.10
N ALA C 976 -46.22 -34.71 4.73
CA ALA C 976 -47.55 -34.22 4.36
C ALA C 976 -48.17 -33.42 5.49
N GLN C 977 -48.24 -34.02 6.68
CA GLN C 977 -48.72 -33.30 7.85
C GLN C 977 -47.76 -32.18 8.25
N SER C 978 -46.49 -32.27 7.89
CA SER C 978 -45.53 -31.21 8.23
C SER C 978 -45.88 -29.91 7.51
N ILE C 979 -46.01 -29.96 6.18
CA ILE C 979 -46.44 -28.78 5.44
C ILE C 979 -47.90 -28.43 5.75
N PHE C 980 -48.74 -29.40 6.11
CA PHE C 980 -50.10 -29.06 6.54
C PHE C 980 -50.09 -28.22 7.82
N TYR C 981 -49.25 -28.60 8.79
CA TYR C 981 -49.10 -27.82 10.01
C TYR C 981 -48.47 -26.47 9.72
N ARG C 982 -47.53 -26.43 8.77
CA ARG C 982 -46.92 -25.16 8.38
C ARG C 982 -47.95 -24.21 7.76
N LEU C 983 -48.82 -24.74 6.91
CA LEU C 983 -49.89 -23.94 6.31
C LEU C 983 -50.89 -23.47 7.35
N ASN C 984 -51.21 -24.35 8.32
CA ASN C 984 -52.08 -23.95 9.42
C ASN C 984 -51.45 -22.84 10.25
N GLY C 985 -50.13 -22.87 10.40
CA GLY C 985 -49.45 -21.84 11.17
C GLY C 985 -49.48 -20.48 10.51
N VAL C 986 -49.28 -20.43 9.20
CA VAL C 986 -49.10 -19.16 8.50
C VAL C 986 -50.40 -18.65 7.88
N GLY C 987 -51.54 -19.18 8.32
CA GLY C 987 -52.81 -18.59 7.93
C GLY C 987 -53.49 -19.25 6.74
N ILE C 988 -53.46 -20.57 6.69
CA ILE C 988 -54.21 -21.35 5.72
C ILE C 988 -55.01 -22.38 6.47
N THR C 989 -56.33 -22.39 6.25
CA THR C 989 -57.25 -23.12 7.11
C THR C 989 -57.13 -24.63 6.92
N GLN C 990 -57.66 -25.35 7.90
CA GLN C 990 -57.72 -26.80 7.84
C GLN C 990 -58.76 -27.29 6.84
N GLN C 991 -59.71 -26.43 6.43
CA GLN C 991 -60.75 -26.85 5.50
C GLN C 991 -60.18 -27.17 4.13
N VAL C 992 -59.39 -26.24 3.58
CA VAL C 992 -58.83 -26.43 2.24
C VAL C 992 -57.85 -27.60 2.22
N LEU C 993 -57.17 -27.83 3.35
CA LEU C 993 -56.37 -29.05 3.47
C LEU C 993 -57.23 -30.28 3.56
N SER C 994 -58.44 -30.15 4.13
CA SER C 994 -59.31 -31.30 4.26
C SER C 994 -59.87 -31.75 2.92
N GLU C 995 -60.31 -30.83 2.07
CA GLU C 995 -60.72 -31.28 0.74
C GLU C 995 -59.51 -31.54 -0.16
N ASN C 996 -58.44 -30.77 -0.01
CA ASN C 996 -57.29 -30.90 -0.89
C ASN C 996 -56.07 -31.33 -0.09
N GLN C 997 -55.72 -32.61 -0.20
CA GLN C 997 -54.44 -33.12 0.27
C GLN C 997 -53.45 -33.35 -0.84
N LYS C 998 -53.92 -33.68 -2.05
CA LYS C 998 -53.06 -33.81 -3.22
C LYS C 998 -53.38 -32.81 -4.30
N LEU C 999 -54.55 -32.15 -4.28
CA LEU C 999 -54.89 -31.16 -5.28
C LEU C 999 -54.01 -29.92 -5.16
N ILE C 1000 -53.47 -29.68 -3.96
CA ILE C 1000 -52.54 -28.57 -3.74
C ILE C 1000 -51.09 -29.03 -3.88
N ALA C 1001 -50.75 -30.21 -3.36
CA ALA C 1001 -49.36 -30.65 -3.32
C ALA C 1001 -48.83 -30.96 -4.71
N ASN C 1002 -49.71 -31.23 -5.68
CA ASN C 1002 -49.25 -31.51 -7.03
C ASN C 1002 -48.61 -30.29 -7.70
N LYS C 1003 -49.27 -29.14 -7.64
CA LYS C 1003 -48.66 -27.92 -8.15
C LYS C 1003 -47.58 -27.39 -7.23
N PHE C 1004 -47.58 -27.80 -5.96
CA PHE C 1004 -46.41 -27.56 -5.11
C PHE C 1004 -45.18 -28.31 -5.65
N ASN C 1005 -45.38 -29.56 -6.05
CA ASN C 1005 -44.31 -30.33 -6.68
C ASN C 1005 -43.89 -29.71 -8.01
N GLN C 1006 -44.88 -29.21 -8.76
CA GLN C 1006 -44.57 -28.50 -10.01
C GLN C 1006 -43.73 -27.26 -9.73
N ALA C 1007 -44.04 -26.53 -8.67
CA ALA C 1007 -43.29 -25.34 -8.31
C ALA C 1007 -41.86 -25.70 -7.93
N LEU C 1008 -41.67 -26.76 -7.14
CA LEU C 1008 -40.31 -27.11 -6.74
C LEU C 1008 -39.55 -27.79 -7.87
N GLY C 1009 -40.26 -28.32 -8.88
CA GLY C 1009 -39.58 -28.90 -10.02
C GLY C 1009 -39.33 -27.94 -11.15
N ALA C 1010 -40.01 -26.80 -11.16
CA ALA C 1010 -39.77 -25.80 -12.20
C ALA C 1010 -38.37 -25.20 -12.09
N MET C 1011 -37.85 -25.08 -10.86
CA MET C 1011 -36.50 -24.58 -10.69
C MET C 1011 -35.45 -25.60 -11.10
N GLN C 1012 -35.82 -26.88 -11.18
CA GLN C 1012 -34.88 -27.90 -11.67
C GLN C 1012 -34.50 -27.65 -13.12
N THR C 1013 -35.49 -27.49 -13.99
CA THR C 1013 -35.21 -27.13 -15.38
C THR C 1013 -34.84 -25.67 -15.52
N GLY C 1014 -35.04 -24.87 -14.47
CA GLY C 1014 -34.61 -23.49 -14.44
C GLY C 1014 -33.16 -23.29 -14.11
N PHE C 1015 -32.37 -24.37 -14.01
CA PHE C 1015 -30.96 -24.25 -13.67
C PHE C 1015 -30.18 -23.69 -14.84
N THR C 1016 -30.35 -22.39 -15.05
CA THR C 1016 -29.77 -21.65 -16.17
C THR C 1016 -29.75 -20.17 -15.79
N THR C 1017 -29.58 -19.30 -16.77
CA THR C 1017 -29.43 -17.87 -16.52
C THR C 1017 -30.67 -17.26 -15.88
N THR C 1018 -31.84 -17.91 -16.05
CA THR C 1018 -33.10 -17.35 -15.56
C THR C 1018 -33.21 -17.34 -14.04
N ASN C 1019 -32.32 -18.03 -13.34
CA ASN C 1019 -32.34 -18.07 -11.87
C ASN C 1019 -31.18 -17.22 -11.36
N GLU C 1020 -31.51 -16.14 -10.64
CA GLU C 1020 -30.51 -15.16 -10.23
C GLU C 1020 -29.47 -15.78 -9.30
N ALA C 1021 -29.90 -16.61 -8.35
CA ALA C 1021 -28.97 -17.28 -7.47
C ALA C 1021 -28.09 -18.27 -8.19
N PHE C 1022 -28.51 -18.77 -9.36
CA PHE C 1022 -27.65 -19.66 -10.11
C PHE C 1022 -26.44 -18.92 -10.67
N GLN C 1023 -26.66 -17.74 -11.25
CA GLN C 1023 -25.47 -16.98 -11.60
C GLN C 1023 -24.79 -16.35 -10.41
N LYS C 1024 -25.44 -16.28 -9.24
CA LYS C 1024 -24.69 -15.97 -8.02
C LYS C 1024 -23.72 -17.09 -7.67
N VAL C 1025 -24.15 -18.34 -7.89
CA VAL C 1025 -23.26 -19.48 -7.72
C VAL C 1025 -22.07 -19.36 -8.67
N GLN C 1026 -22.35 -19.05 -9.94
CA GLN C 1026 -21.22 -18.84 -10.85
C GLN C 1026 -20.41 -17.59 -10.51
N ASP C 1027 -21.00 -16.60 -9.84
CA ASP C 1027 -20.19 -15.49 -9.33
C ASP C 1027 -19.19 -15.98 -8.30
N ALA C 1028 -19.63 -16.86 -7.40
CA ALA C 1028 -18.70 -17.46 -6.45
C ALA C 1028 -17.62 -18.27 -7.15
N VAL C 1029 -18.01 -19.07 -8.15
CA VAL C 1029 -17.05 -19.87 -8.90
C VAL C 1029 -16.07 -18.97 -9.64
N ASN C 1030 -16.56 -17.87 -10.22
CA ASN C 1030 -15.68 -16.94 -10.92
C ASN C 1030 -14.77 -16.20 -9.94
N ASN C 1031 -15.23 -15.98 -8.71
CA ASN C 1031 -14.32 -15.44 -7.69
C ASN C 1031 -13.20 -16.40 -7.38
N ASN C 1032 -13.52 -17.69 -7.25
CA ASN C 1032 -12.50 -18.72 -7.04
C ASN C 1032 -11.53 -18.77 -8.22
N ALA C 1033 -12.08 -18.79 -9.43
CA ALA C 1033 -11.27 -18.86 -10.64
C ALA C 1033 -10.44 -17.61 -10.82
N GLN C 1034 -10.94 -16.45 -10.41
CA GLN C 1034 -10.18 -15.22 -10.58
C GLN C 1034 -9.07 -15.11 -9.55
N ALA C 1035 -9.29 -15.66 -8.35
CA ALA C 1035 -8.19 -15.79 -7.39
C ALA C 1035 -7.10 -16.70 -7.94
N LEU C 1036 -7.50 -17.85 -8.50
CA LEU C 1036 -6.54 -18.74 -9.11
C LEU C 1036 -5.86 -18.11 -10.32
N SER C 1037 -6.60 -17.26 -11.04
CA SER C 1037 -6.05 -16.60 -12.23
C SER C 1037 -5.03 -15.55 -11.84
N LYS C 1038 -5.29 -14.78 -10.79
CA LYS C 1038 -4.28 -13.82 -10.35
C LYS C 1038 -3.09 -14.52 -9.72
N LEU C 1039 -3.28 -15.72 -9.18
CA LEU C 1039 -2.13 -16.56 -8.83
C LEU C 1039 -1.31 -16.92 -10.06
N ALA C 1040 -1.97 -17.45 -11.08
CA ALA C 1040 -1.24 -18.01 -12.22
C ALA C 1040 -0.61 -16.94 -13.09
N SER C 1041 -1.37 -15.88 -13.40
CA SER C 1041 -0.94 -14.90 -14.38
C SER C 1041 0.18 -14.02 -13.87
N GLU C 1042 0.35 -13.94 -12.55
CA GLU C 1042 1.37 -13.06 -12.01
C GLU C 1042 2.78 -13.60 -12.21
N LEU C 1043 2.93 -14.86 -12.61
CA LEU C 1043 4.24 -15.35 -13.01
C LEU C 1043 4.73 -14.63 -14.25
N SER C 1044 3.89 -14.58 -15.28
CA SER C 1044 4.24 -13.88 -16.51
C SER C 1044 4.21 -12.37 -16.34
N ASN C 1045 3.63 -11.87 -15.26
CA ASN C 1045 3.65 -10.44 -14.94
C ASN C 1045 5.04 -10.11 -14.43
N THR C 1046 5.98 -9.96 -15.37
CA THR C 1046 7.37 -9.73 -15.03
C THR C 1046 7.62 -8.32 -14.51
N PHE C 1047 6.66 -7.41 -14.70
CA PHE C 1047 6.73 -6.02 -14.23
C PHE C 1047 7.91 -5.26 -14.83
N GLY C 1048 8.39 -5.69 -15.99
CA GLY C 1048 9.55 -5.10 -16.62
C GLY C 1048 10.72 -6.04 -16.80
N ALA C 1049 10.70 -7.20 -16.16
CA ALA C 1049 11.78 -8.16 -16.32
C ALA C 1049 11.66 -8.89 -17.65
N ILE C 1050 12.72 -9.62 -18.00
CA ILE C 1050 12.77 -10.24 -19.32
C ILE C 1050 11.88 -11.48 -19.39
N SER C 1051 11.80 -12.25 -18.31
CA SER C 1051 11.04 -13.50 -18.33
C SER C 1051 10.67 -13.86 -16.90
N ALA C 1052 10.21 -15.10 -16.70
CA ALA C 1052 9.68 -15.55 -15.42
C ALA C 1052 10.39 -16.75 -14.81
N SER C 1053 10.93 -17.66 -15.60
CA SER C 1053 11.57 -18.86 -15.07
C SER C 1053 12.97 -18.50 -14.59
N ILE C 1054 13.16 -18.57 -13.26
CA ILE C 1054 14.25 -17.88 -12.57
C ILE C 1054 15.61 -18.41 -13.01
N GLY C 1055 15.75 -19.72 -13.14
CA GLY C 1055 17.03 -20.28 -13.55
C GLY C 1055 17.44 -19.84 -14.94
N ASP C 1056 16.49 -19.82 -15.87
CA ASP C 1056 16.79 -19.31 -17.20
C ASP C 1056 17.04 -17.81 -17.16
N ILE C 1057 16.41 -17.09 -16.23
CA ILE C 1057 16.68 -15.66 -16.07
C ILE C 1057 18.11 -15.42 -15.64
N ILE C 1058 18.57 -16.18 -14.64
CA ILE C 1058 19.89 -15.92 -14.09
C ILE C 1058 20.99 -16.50 -14.97
N GLN C 1059 20.69 -17.46 -15.85
CA GLN C 1059 21.73 -17.85 -16.79
C GLN C 1059 21.92 -16.82 -17.90
N ARG C 1060 20.90 -16.01 -18.21
CA ARG C 1060 21.05 -14.91 -19.15
C ARG C 1060 21.32 -13.59 -18.45
N LEU C 1061 21.88 -13.63 -17.25
CA LEU C 1061 22.27 -12.41 -16.56
C LEU C 1061 23.53 -12.70 -15.75
N ASP C 1062 24.18 -11.61 -15.30
CA ASP C 1062 25.36 -11.56 -14.44
C ASP C 1062 24.92 -11.28 -13.01
N PRO C 1063 25.68 -11.76 -12.01
CA PRO C 1063 25.31 -11.54 -10.60
C PRO C 1063 25.12 -10.06 -10.22
N PRO C 1064 25.97 -9.10 -10.64
CA PRO C 1064 25.72 -7.70 -10.24
C PRO C 1064 24.44 -7.11 -10.83
N GLU C 1065 23.87 -7.71 -11.88
CA GLU C 1065 22.56 -7.29 -12.37
C GLU C 1065 21.45 -8.27 -12.04
N GLN C 1066 21.74 -9.58 -12.02
CA GLN C 1066 20.69 -10.53 -11.71
C GLN C 1066 20.30 -10.49 -10.24
N ASP C 1067 21.17 -10.01 -9.35
CA ASP C 1067 20.74 -9.82 -7.96
C ASP C 1067 19.62 -8.78 -7.89
N ALA C 1068 19.80 -7.63 -8.55
CA ALA C 1068 18.77 -6.60 -8.57
C ALA C 1068 17.51 -7.05 -9.30
N GLN C 1069 17.68 -7.80 -10.40
CA GLN C 1069 16.52 -8.27 -11.14
C GLN C 1069 15.71 -9.29 -10.35
N ILE C 1070 16.39 -10.22 -9.68
CA ILE C 1070 15.70 -11.17 -8.82
C ILE C 1070 15.03 -10.46 -7.66
N ASP C 1071 15.69 -9.43 -7.11
CA ASP C 1071 15.09 -8.66 -6.02
C ASP C 1071 13.82 -7.95 -6.44
N ARG C 1072 13.79 -7.39 -7.65
CA ARG C 1072 12.56 -6.71 -8.06
C ARG C 1072 11.48 -7.72 -8.41
N LEU C 1073 11.87 -8.91 -8.86
CA LEU C 1073 10.93 -9.99 -9.11
C LEU C 1073 10.35 -10.55 -7.83
N ILE C 1074 11.19 -10.72 -6.82
CA ILE C 1074 10.73 -11.15 -5.50
C ILE C 1074 9.70 -10.16 -5.00
N ASN C 1075 10.07 -8.88 -5.00
CA ASN C 1075 9.13 -7.82 -4.65
C ASN C 1075 7.78 -7.99 -5.33
N GLY C 1076 7.78 -8.03 -6.66
CA GLY C 1076 6.55 -8.16 -7.41
C GLY C 1076 5.72 -9.36 -7.01
N ARG C 1077 6.36 -10.53 -6.94
CA ARG C 1077 5.69 -11.77 -6.58
C ARG C 1077 5.09 -11.68 -5.19
N LEU C 1078 5.87 -11.16 -4.26
CA LEU C 1078 5.52 -11.19 -2.85
C LEU C 1078 4.51 -10.13 -2.47
N THR C 1079 4.47 -9.03 -3.23
CA THR C 1079 3.51 -7.97 -2.93
C THR C 1079 2.16 -8.24 -3.58
N THR C 1080 2.13 -9.19 -4.52
CA THR C 1080 0.87 -9.68 -5.04
C THR C 1080 0.45 -10.93 -4.29
N LEU C 1081 1.34 -11.41 -3.44
CA LEU C 1081 0.96 -12.36 -2.40
C LEU C 1081 0.49 -11.63 -1.16
N ASN C 1082 1.03 -10.44 -0.92
CA ASN C 1082 0.54 -9.59 0.15
C ASN C 1082 -0.89 -9.23 -0.19
N ALA C 1083 -1.09 -8.77 -1.42
CA ALA C 1083 -2.43 -8.48 -1.92
C ALA C 1083 -3.35 -9.69 -1.82
N PHE C 1084 -2.83 -10.86 -2.19
CA PHE C 1084 -3.64 -12.07 -2.14
C PHE C 1084 -4.12 -12.36 -0.73
N VAL C 1085 -3.21 -12.35 0.24
CA VAL C 1085 -3.58 -12.59 1.63
C VAL C 1085 -4.54 -11.51 2.13
N ALA C 1086 -4.30 -10.26 1.73
CA ALA C 1086 -5.17 -9.16 2.13
C ALA C 1086 -6.62 -9.34 1.66
N GLN C 1087 -6.81 -9.80 0.44
CA GLN C 1087 -8.17 -9.99 -0.07
C GLN C 1087 -8.76 -11.32 0.36
N GLN C 1088 -7.89 -12.26 0.75
CA GLN C 1088 -8.35 -13.48 1.37
C GLN C 1088 -8.97 -13.13 2.71
N LEU C 1089 -8.31 -12.23 3.43
CA LEU C 1089 -8.80 -11.74 4.71
C LEU C 1089 -10.16 -11.08 4.55
N VAL C 1090 -10.33 -10.28 3.50
CA VAL C 1090 -11.61 -9.60 3.23
C VAL C 1090 -12.71 -10.63 3.00
N ARG C 1091 -12.45 -11.61 2.14
CA ARG C 1091 -13.38 -12.70 1.94
C ARG C 1091 -13.58 -13.53 3.19
N SER C 1092 -12.61 -13.51 4.10
CA SER C 1092 -12.77 -14.25 5.35
C SER C 1092 -13.80 -13.58 6.25
N GLU C 1093 -13.75 -12.25 6.41
CA GLU C 1093 -14.84 -11.67 7.21
C GLU C 1093 -16.16 -11.72 6.46
N SER C 1094 -16.10 -11.64 5.12
CA SER C 1094 -17.32 -11.77 4.33
C SER C 1094 -17.96 -13.12 4.54
N ALA C 1095 -17.16 -14.19 4.51
CA ALA C 1095 -17.68 -15.53 4.71
C ALA C 1095 -18.03 -15.80 6.16
N ALA C 1096 -17.37 -15.11 7.10
CA ALA C 1096 -17.74 -15.27 8.51
C ALA C 1096 -19.13 -14.70 8.77
N LEU C 1097 -19.38 -13.47 8.29
CA LEU C 1097 -20.71 -12.90 8.39
C LEU C 1097 -21.71 -13.70 7.57
N SER C 1098 -21.28 -14.22 6.42
CA SER C 1098 -22.14 -15.05 5.60
C SER C 1098 -22.54 -16.33 6.31
N ALA C 1099 -21.58 -16.96 6.99
CA ALA C 1099 -21.87 -18.20 7.70
C ALA C 1099 -22.75 -17.95 8.91
N GLN C 1100 -22.51 -16.84 9.61
CA GLN C 1100 -23.39 -16.46 10.73
C GLN C 1100 -24.82 -16.26 10.25
N LEU C 1101 -24.99 -15.46 9.19
CA LEU C 1101 -26.32 -15.23 8.63
C LEU C 1101 -26.93 -16.51 8.08
N ALA C 1102 -26.12 -17.38 7.48
CA ALA C 1102 -26.65 -18.60 6.87
C ALA C 1102 -27.11 -19.59 7.92
N LYS C 1103 -26.36 -19.74 9.01
CA LYS C 1103 -26.83 -20.60 10.09
C LYS C 1103 -28.04 -19.98 10.77
N ASP C 1104 -28.12 -18.65 10.80
CA ASP C 1104 -29.35 -18.01 11.26
C ASP C 1104 -30.52 -18.38 10.35
N LYS C 1105 -30.29 -18.38 9.04
CA LYS C 1105 -31.32 -18.72 8.07
C LYS C 1105 -31.80 -20.16 8.27
N VAL C 1106 -30.84 -21.09 8.39
CA VAL C 1106 -31.22 -22.49 8.58
C VAL C 1106 -31.81 -22.73 9.96
N ASN C 1107 -31.65 -21.80 10.89
CA ASN C 1107 -32.39 -21.91 12.14
C ASN C 1107 -33.82 -21.41 12.02
N GLU C 1108 -34.04 -20.24 11.40
CA GLU C 1108 -35.30 -19.54 11.60
C GLU C 1108 -36.47 -20.17 10.85
N CYS C 1109 -36.44 -20.15 9.51
CA CYS C 1109 -37.56 -20.59 8.70
C CYS C 1109 -37.31 -21.95 8.09
N VAL C 1110 -36.24 -22.62 8.49
CA VAL C 1110 -35.93 -23.97 8.05
C VAL C 1110 -36.28 -24.98 9.13
N LYS C 1111 -35.88 -24.71 10.37
CA LYS C 1111 -36.21 -25.64 11.44
C LYS C 1111 -37.62 -25.37 11.96
N ALA C 1112 -37.84 -24.18 12.49
CA ALA C 1112 -39.17 -23.70 12.80
C ALA C 1112 -39.71 -22.94 11.59
N GLN C 1113 -40.85 -22.26 11.77
CA GLN C 1113 -41.43 -21.42 10.72
C GLN C 1113 -41.67 -20.05 11.35
N SER C 1114 -40.74 -19.12 11.13
CA SER C 1114 -40.82 -17.82 11.74
C SER C 1114 -41.81 -16.93 10.99
N LYS C 1115 -41.92 -15.68 11.44
CA LYS C 1115 -42.95 -14.77 10.96
C LYS C 1115 -42.38 -13.49 10.38
N ARG C 1116 -41.12 -13.50 9.97
CA ARG C 1116 -40.50 -12.29 9.43
C ARG C 1116 -40.90 -12.09 7.97
N SER C 1117 -41.01 -10.83 7.57
CA SER C 1117 -41.47 -10.46 6.24
C SER C 1117 -40.28 -10.37 5.30
N GLY C 1118 -40.09 -11.41 4.49
CA GLY C 1118 -39.06 -11.38 3.46
C GLY C 1118 -37.64 -11.49 3.97
N PHE C 1119 -37.45 -11.82 5.25
CA PHE C 1119 -36.11 -11.82 5.82
C PHE C 1119 -35.30 -13.01 5.33
N CYS C 1120 -35.94 -14.16 5.13
CA CYS C 1120 -35.27 -15.31 4.54
C CYS C 1120 -35.83 -15.70 3.17
N GLY C 1121 -37.09 -15.39 2.89
CA GLY C 1121 -37.66 -15.70 1.59
C GLY C 1121 -38.61 -14.64 1.06
N GLN C 1122 -38.45 -14.28 -0.22
CA GLN C 1122 -39.30 -13.27 -0.81
C GLN C 1122 -40.73 -13.78 -0.96
N GLY C 1123 -41.69 -12.90 -0.70
CA GLY C 1123 -43.07 -13.30 -0.63
C GLY C 1123 -43.38 -13.98 0.69
N THR C 1124 -44.63 -14.42 0.82
CA THR C 1124 -45.06 -15.13 2.02
C THR C 1124 -44.48 -16.53 2.02
N HIS C 1125 -43.32 -16.70 2.63
CA HIS C 1125 -42.61 -17.98 2.63
C HIS C 1125 -43.38 -19.02 3.43
N ILE C 1126 -43.34 -20.27 2.95
CA ILE C 1126 -43.89 -21.40 3.67
C ILE C 1126 -42.79 -22.37 4.12
N VAL C 1127 -42.09 -22.99 3.16
CA VAL C 1127 -41.17 -24.08 3.46
C VAL C 1127 -39.82 -23.74 2.85
N SER C 1128 -38.75 -24.14 3.53
CA SER C 1128 -37.40 -23.90 3.04
C SER C 1128 -36.61 -25.20 3.02
N PHE C 1129 -35.62 -25.24 2.15
CA PHE C 1129 -34.78 -26.41 1.95
C PHE C 1129 -33.33 -25.96 1.78
N VAL C 1130 -32.42 -26.80 2.26
CA VAL C 1130 -31.01 -26.45 2.39
C VAL C 1130 -30.18 -27.50 1.67
N VAL C 1131 -29.25 -27.06 0.82
CA VAL C 1131 -28.29 -27.97 0.21
C VAL C 1131 -26.89 -27.37 0.30
N ASN C 1132 -25.92 -28.22 0.61
CA ASN C 1132 -24.52 -27.82 0.56
C ASN C 1132 -24.06 -27.64 -0.88
N ALA C 1133 -22.87 -27.04 -1.02
CA ALA C 1133 -22.28 -26.75 -2.32
C ALA C 1133 -20.80 -26.51 -2.08
N PRO C 1134 -19.92 -26.83 -3.04
CA PRO C 1134 -18.48 -26.85 -2.75
C PRO C 1134 -17.88 -25.49 -2.42
N ASN C 1135 -18.66 -24.42 -2.45
CA ASN C 1135 -18.21 -23.12 -1.95
C ASN C 1135 -19.27 -22.41 -1.13
N GLY C 1136 -20.28 -23.12 -0.62
CA GLY C 1136 -21.27 -22.46 0.22
C GLY C 1136 -22.55 -23.27 0.34
N LEU C 1137 -23.65 -22.56 0.51
CA LEU C 1137 -24.96 -23.15 0.78
C LEU C 1137 -26.02 -22.53 -0.12
N TYR C 1138 -26.87 -23.38 -0.69
CA TYR C 1138 -27.97 -22.95 -1.54
C TYR C 1138 -29.29 -23.23 -0.83
N PHE C 1139 -30.17 -22.22 -0.81
CA PHE C 1139 -31.41 -22.23 -0.03
C PHE C 1139 -32.59 -22.10 -0.98
N MET C 1140 -33.61 -22.92 -0.75
CA MET C 1140 -34.78 -23.03 -1.61
C MET C 1140 -36.02 -22.72 -0.76
N HIS C 1141 -36.57 -21.52 -0.86
CA HIS C 1141 -37.85 -21.25 -0.23
C HIS C 1141 -38.96 -21.44 -1.24
N VAL C 1142 -39.99 -22.17 -0.86
CA VAL C 1142 -41.23 -22.24 -1.61
C VAL C 1142 -42.30 -21.60 -0.74
N GLY C 1143 -42.94 -20.56 -1.27
CA GLY C 1143 -43.87 -19.77 -0.50
C GLY C 1143 -45.07 -19.36 -1.32
N TYR C 1144 -46.21 -19.25 -0.63
CA TYR C 1144 -47.44 -18.83 -1.29
C TYR C 1144 -47.32 -17.42 -1.85
N TYR C 1145 -47.76 -17.27 -3.10
CA TYR C 1145 -47.85 -15.99 -3.77
C TYR C 1145 -49.28 -15.77 -4.21
N PRO C 1146 -49.84 -14.57 -3.97
CA PRO C 1146 -51.25 -14.34 -4.27
C PRO C 1146 -51.50 -13.99 -5.74
N SER C 1147 -52.76 -14.17 -6.14
CA SER C 1147 -53.23 -13.75 -7.45
C SER C 1147 -54.75 -13.69 -7.42
N ASN C 1148 -55.31 -12.99 -8.41
CA ASN C 1148 -56.75 -12.76 -8.56
C ASN C 1148 -57.36 -12.12 -7.32
N HIS C 1149 -56.90 -10.90 -7.05
CA HIS C 1149 -57.44 -10.11 -5.95
C HIS C 1149 -58.76 -9.49 -6.36
N ILE C 1150 -59.78 -9.65 -5.51
CA ILE C 1150 -61.12 -9.16 -5.78
C ILE C 1150 -61.64 -8.44 -4.55
N GLU C 1151 -62.67 -7.62 -4.76
CA GLU C 1151 -63.25 -6.82 -3.69
C GLU C 1151 -64.46 -7.54 -3.11
N VAL C 1152 -64.49 -7.63 -1.78
CA VAL C 1152 -65.61 -8.14 -1.01
C VAL C 1152 -65.85 -7.14 0.10
N VAL C 1153 -66.76 -7.43 1.02
CA VAL C 1153 -67.06 -6.51 2.12
C VAL C 1153 -66.76 -7.21 3.44
N SER C 1154 -65.84 -6.66 4.20
CA SER C 1154 -65.45 -7.20 5.49
C SER C 1154 -65.94 -6.29 6.61
N ALA C 1155 -65.55 -6.61 7.84
CA ALA C 1155 -65.81 -5.79 9.00
C ALA C 1155 -64.55 -5.73 9.86
N TYR C 1156 -64.63 -4.97 10.95
CA TYR C 1156 -63.52 -4.80 11.88
C TYR C 1156 -63.76 -5.51 13.20
N GLY C 1157 -64.94 -5.35 13.78
CA GLY C 1157 -65.31 -6.10 14.96
C GLY C 1157 -66.75 -5.88 15.34
N LEU C 1158 -67.39 -6.93 15.82
CA LEU C 1158 -68.80 -6.91 16.17
C LEU C 1158 -68.94 -7.02 17.68
N CYS C 1159 -69.56 -6.01 18.29
CA CYS C 1159 -69.87 -6.00 19.71
C CYS C 1159 -71.33 -5.59 19.87
N ASP C 1160 -71.97 -6.16 20.88
CA ASP C 1160 -73.38 -5.90 21.12
C ASP C 1160 -73.59 -4.47 21.58
N ALA C 1161 -74.70 -3.86 21.13
CA ALA C 1161 -75.06 -2.54 21.61
C ALA C 1161 -75.38 -2.55 23.10
N ALA C 1162 -76.13 -3.55 23.55
CA ALA C 1162 -76.43 -3.65 24.98
C ALA C 1162 -75.25 -4.17 25.79
N ASN C 1163 -74.39 -4.98 25.19
CA ASN C 1163 -73.22 -5.54 25.85
C ASN C 1163 -71.98 -5.24 25.01
N PRO C 1164 -71.44 -4.03 25.12
CA PRO C 1164 -70.26 -3.66 24.31
C PRO C 1164 -69.02 -4.46 24.64
N THR C 1165 -68.86 -4.89 25.90
CA THR C 1165 -67.65 -5.57 26.32
C THR C 1165 -67.46 -6.94 25.65
N ASN C 1166 -68.53 -7.54 25.13
CA ASN C 1166 -68.42 -8.80 24.41
C ASN C 1166 -68.12 -8.47 22.96
N CYS C 1167 -66.92 -8.84 22.52
CA CYS C 1167 -66.50 -8.61 21.15
C CYS C 1167 -65.79 -9.87 20.65
N ILE C 1168 -65.82 -10.08 19.34
CA ILE C 1168 -65.06 -11.15 18.71
C ILE C 1168 -64.05 -10.52 17.75
N ALA C 1169 -62.77 -10.80 17.98
CA ALA C 1169 -61.68 -10.34 17.14
C ALA C 1169 -61.07 -11.54 16.44
N PRO C 1170 -61.10 -11.60 15.11
CA PRO C 1170 -60.68 -12.82 14.41
C PRO C 1170 -59.17 -13.03 14.51
N VAL C 1171 -58.79 -14.21 14.96
CA VAL C 1171 -57.38 -14.53 15.13
C VAL C 1171 -56.80 -14.80 13.73
N ASN C 1172 -55.93 -13.89 13.27
CA ASN C 1172 -55.24 -13.98 11.99
C ASN C 1172 -56.22 -14.11 10.82
N GLY C 1173 -57.24 -13.25 10.81
CA GLY C 1173 -58.22 -13.30 9.76
C GLY C 1173 -59.10 -12.07 9.76
N TYR C 1174 -60.16 -12.13 8.95
CA TYR C 1174 -61.02 -10.98 8.73
C TYR C 1174 -62.47 -11.47 8.59
N PHE C 1175 -63.38 -10.50 8.50
CA PHE C 1175 -64.80 -10.75 8.45
C PHE C 1175 -65.32 -10.80 7.01
N ILE C 1176 -66.57 -11.24 6.87
CA ILE C 1176 -67.25 -11.25 5.59
C ILE C 1176 -68.75 -11.25 5.87
N LYS C 1177 -69.53 -10.75 4.92
CA LYS C 1177 -71.00 -10.83 4.98
C LYS C 1177 -71.47 -11.53 3.71
N THR C 1178 -72.01 -12.74 3.86
CA THR C 1178 -72.48 -13.51 2.71
C THR C 1178 -73.94 -13.93 2.87
N ASN C 1179 -74.36 -14.34 4.08
CA ASN C 1179 -75.71 -14.79 4.40
C ASN C 1179 -76.14 -15.97 3.54
N ASN C 1180 -75.47 -17.11 3.70
CA ASN C 1180 -75.84 -18.33 2.99
C ASN C 1180 -77.21 -18.83 3.41
N GLU C 1186 -74.49 -11.94 6.10
CA GLU C 1186 -74.36 -12.32 7.50
C GLU C 1186 -72.90 -12.65 7.78
N TRP C 1187 -72.43 -12.24 8.96
CA TRP C 1187 -71.02 -12.27 9.31
C TRP C 1187 -70.48 -13.69 9.36
N SER C 1188 -69.32 -13.88 8.75
CA SER C 1188 -68.58 -15.13 8.78
C SER C 1188 -67.09 -14.80 8.72
N TYR C 1189 -66.26 -15.84 8.85
CA TYR C 1189 -64.82 -15.66 8.96
C TYR C 1189 -64.14 -16.00 7.64
N THR C 1190 -63.05 -15.30 7.35
CA THR C 1190 -62.16 -15.63 6.26
C THR C 1190 -60.74 -15.44 6.77
N GLY C 1191 -59.79 -16.16 6.18
CA GLY C 1191 -58.42 -16.03 6.59
C GLY C 1191 -57.78 -14.73 6.12
N SER C 1192 -56.50 -14.59 6.43
CA SER C 1192 -55.73 -13.40 6.10
C SER C 1192 -55.01 -13.50 4.77
N SER C 1193 -55.20 -14.58 4.03
CA SER C 1193 -54.45 -14.81 2.81
C SER C 1193 -55.30 -15.07 1.59
N PHE C 1194 -56.40 -15.80 1.72
CA PHE C 1194 -57.13 -16.30 0.56
C PHE C 1194 -58.62 -16.23 0.83
N TYR C 1195 -59.40 -16.12 -0.25
CA TYR C 1195 -60.86 -16.08 -0.19
C TYR C 1195 -61.35 -17.46 0.22
N ALA C 1196 -61.35 -17.70 1.53
CA ALA C 1196 -61.83 -18.95 2.11
C ALA C 1196 -62.85 -18.61 3.20
N PRO C 1197 -64.07 -18.29 2.83
CA PRO C 1197 -65.09 -17.98 3.84
C PRO C 1197 -65.58 -19.24 4.54
N GLU C 1198 -65.86 -19.09 5.82
CA GLU C 1198 -66.44 -20.16 6.64
C GLU C 1198 -67.07 -19.50 7.85
N PRO C 1199 -68.11 -20.10 8.45
CA PRO C 1199 -68.90 -19.38 9.47
C PRO C 1199 -68.11 -19.04 10.72
N ILE C 1200 -68.71 -18.18 11.54
CA ILE C 1200 -68.04 -17.68 12.73
C ILE C 1200 -67.87 -18.83 13.73
N THR C 1201 -66.62 -19.15 14.05
CA THR C 1201 -66.31 -20.16 15.05
C THR C 1201 -65.49 -19.51 16.15
N SER C 1202 -65.70 -19.98 17.39
CA SER C 1202 -64.92 -19.52 18.52
C SER C 1202 -63.48 -19.98 18.46
N LEU C 1203 -63.16 -20.95 17.61
CA LEU C 1203 -61.85 -21.57 17.57
C LEU C 1203 -60.79 -20.68 16.95
N ASN C 1204 -61.16 -19.61 16.26
CA ASN C 1204 -60.18 -18.75 15.59
C ASN C 1204 -60.46 -17.29 15.89
N THR C 1205 -60.88 -16.98 17.12
CA THR C 1205 -61.17 -15.61 17.49
C THR C 1205 -60.85 -15.41 18.97
N LYS C 1206 -60.73 -14.15 19.35
CA LYS C 1206 -60.46 -13.76 20.73
C LYS C 1206 -61.49 -12.74 21.17
N TYR C 1207 -61.45 -12.41 22.46
CA TYR C 1207 -62.34 -11.42 23.05
C TYR C 1207 -61.49 -10.24 23.50
N VAL C 1208 -61.83 -9.04 23.01
CA VAL C 1208 -61.10 -7.83 23.34
C VAL C 1208 -62.13 -6.76 23.70
N ALA C 1209 -61.68 -5.79 24.50
CA ALA C 1209 -62.55 -4.69 24.90
C ALA C 1209 -62.83 -3.77 23.71
N PRO C 1210 -64.05 -3.19 23.64
CA PRO C 1210 -64.44 -2.43 22.44
C PRO C 1210 -63.75 -1.08 22.30
N GLN C 1211 -64.17 -0.34 21.28
CA GLN C 1211 -63.70 1.02 20.99
C GLN C 1211 -64.89 1.85 20.54
N VAL C 1212 -64.63 3.11 20.19
CA VAL C 1212 -65.73 4.00 19.82
C VAL C 1212 -66.21 3.78 18.39
N THR C 1213 -65.44 3.05 17.56
CA THR C 1213 -65.72 2.96 16.14
C THR C 1213 -66.12 1.56 15.68
N TYR C 1214 -66.89 0.83 16.48
CA TYR C 1214 -67.15 -0.56 16.16
C TYR C 1214 -68.54 -0.73 15.57
N GLN C 1215 -68.98 -1.98 15.40
CA GLN C 1215 -70.25 -2.31 14.78
C GLN C 1215 -71.14 -3.07 15.76
N ASN C 1216 -72.44 -2.75 15.73
CA ASN C 1216 -73.43 -3.35 16.62
C ASN C 1216 -74.49 -4.07 15.78
N ILE C 1217 -75.02 -5.16 16.33
CA ILE C 1217 -76.10 -5.90 15.69
C ILE C 1217 -76.86 -6.66 16.78
N SER C 1218 -78.14 -6.96 16.52
CA SER C 1218 -78.96 -7.70 17.47
C SER C 1218 -79.88 -8.73 16.83
N THR C 1219 -79.71 -9.02 15.53
CA THR C 1219 -80.64 -9.91 14.84
C THR C 1219 -80.10 -11.32 14.64
N ASN C 1220 -78.78 -11.49 14.54
CA ASN C 1220 -78.19 -12.81 14.33
C ASN C 1220 -76.78 -12.78 14.92
N LEU C 1221 -76.57 -13.54 15.99
CA LEU C 1221 -75.34 -13.44 16.75
C LEU C 1221 -74.65 -14.79 16.84
N PRO C 1222 -73.31 -14.80 16.95
CA PRO C 1222 -72.62 -16.07 17.15
C PRO C 1222 -72.90 -16.63 18.52
N PRO C 1223 -72.82 -17.95 18.70
CA PRO C 1223 -72.78 -18.53 20.05
C PRO C 1223 -71.58 -18.08 20.85
N PRO C 1224 -70.45 -17.65 20.22
CA PRO C 1224 -69.50 -16.82 20.97
C PRO C 1224 -70.11 -15.56 21.59
N LEU C 1225 -71.07 -14.93 20.91
CA LEU C 1225 -71.74 -13.77 21.46
C LEU C 1225 -72.87 -14.14 22.40
N LEU C 1226 -73.16 -15.43 22.57
CA LEU C 1226 -74.22 -15.88 23.45
C LEU C 1226 -73.68 -16.63 24.65
C1 NAG D . 10.74 -15.53 31.87
C2 NAG D . 9.93 -14.83 32.98
C3 NAG D . 9.10 -15.84 33.74
C4 NAG D . 8.22 -16.64 32.78
C5 NAG D . 9.09 -17.29 31.71
C6 NAG D . 8.28 -18.02 30.66
C7 NAG D . 10.43 -13.01 34.55
C8 NAG D . 11.47 -12.40 35.43
N2 NAG D . 10.81 -14.10 33.88
O3 NAG D . 8.28 -15.17 34.70
O4 NAG D . 7.48 -17.64 33.49
O5 NAG D . 9.84 -16.28 31.03
O6 NAG D . 7.12 -17.29 30.31
O7 NAG D . 9.30 -12.55 34.44
C1 NAG D . 6.07 -17.30 33.50
C2 NAG D . 5.46 -17.80 34.80
C3 NAG D . 3.97 -17.43 34.87
C4 NAG D . 3.80 -15.93 34.66
C5 NAG D . 4.48 -15.49 33.37
C6 NAG D . 4.46 -13.99 33.17
C7 NAG D . 5.81 -19.84 36.12
C8 NAG D . 5.96 -21.34 36.07
N2 NAG D . 5.62 -19.24 34.93
O3 NAG D . 3.45 -17.81 36.13
O4 NAG D . 2.41 -15.62 34.59
O5 NAG D . 5.86 -15.88 33.37
O6 NAG D . 5.78 -13.45 33.28
O7 NAG D . 5.83 -19.22 37.17
C1 NAG E . -13.62 -26.49 -27.85
C2 NAG E . -14.05 -27.88 -27.36
C3 NAG E . -15.57 -27.93 -27.22
C4 NAG E . -16.07 -26.80 -26.34
C5 NAG E . -15.59 -25.47 -26.89
C6 NAG E . -15.95 -24.28 -26.02
C7 NAG E . -12.58 -29.75 -27.98
C8 NAG E . -11.94 -29.60 -26.64
N2 NAG E . -13.59 -28.91 -28.27
O3 NAG E . -15.95 -29.19 -26.67
O4 NAG E . -17.50 -26.83 -26.25
O5 NAG E . -14.16 -25.48 -26.97
O6 NAG E . -14.85 -23.86 -25.23
O7 NAG E . -12.22 -30.61 -28.78
C1 NAG E . -17.91 -27.13 -24.90
C2 NAG E . -19.36 -27.64 -24.90
C3 NAG E . -19.79 -27.99 -23.47
C4 NAG E . -18.80 -28.95 -22.83
C5 NAG E . -17.37 -28.41 -22.94
C6 NAG E . -16.33 -29.39 -22.46
C7 NAG E . -20.84 -26.77 -26.68
C8 NAG E . -20.53 -28.02 -27.44
N2 NAG E . -20.25 -26.64 -25.48
O3 NAG E . -21.08 -28.56 -23.50
O4 NAG E . -19.13 -29.10 -21.45
O5 NAG E . -17.06 -28.12 -24.31
O6 NAG E . -16.62 -30.71 -22.89
O7 NAG E . -21.59 -25.91 -27.12
C1 BMA E . -19.62 -30.43 -21.16
C2 BMA E . -18.62 -31.12 -20.20
C3 BMA E . -19.18 -32.48 -19.77
C4 BMA E . -20.60 -32.37 -19.24
C5 BMA E . -21.49 -31.69 -20.29
C6 BMA E . -22.91 -31.51 -19.81
O2 BMA E . -18.45 -30.36 -19.02
O3 BMA E . -18.34 -33.09 -18.79
O4 BMA E . -21.11 -33.66 -18.94
O5 BMA E . -20.93 -30.38 -20.60
O6 BMA E . -23.50 -32.80 -19.70
C1 MAN E . -24.93 -32.69 -19.60
C2 MAN E . -25.48 -34.08 -19.16
C3 MAN E . -25.43 -35.08 -20.33
C4 MAN E . -26.07 -34.50 -21.60
C5 MAN E . -25.37 -33.18 -21.95
C6 MAN E . -25.97 -32.48 -23.16
O2 MAN E . -26.85 -34.01 -18.78
O3 MAN E . -26.04 -36.31 -19.98
O4 MAN E . -25.94 -35.41 -22.67
O5 MAN E . -25.49 -32.26 -20.83
O6 MAN E . -25.22 -31.29 -23.39
C1 MAN E . -26.13 -30.23 -23.78
C2 MAN E . -25.28 -29.12 -24.45
C3 MAN E . -24.46 -28.34 -23.41
C4 MAN E . -25.37 -27.86 -22.27
C5 MAN E . -26.07 -29.06 -21.63
C6 MAN E . -27.02 -28.68 -20.53
O2 MAN E . -26.12 -28.14 -25.08
O3 MAN E . -23.78 -27.24 -23.99
O4 MAN E . -24.59 -27.20 -21.29
O5 MAN E . -26.85 -29.75 -22.65
O6 MAN E . -28.14 -28.03 -21.13
C1 NAG F . -22.25 32.02 0.89
C2 NAG F . -23.60 32.09 0.17
C3 NAG F . -24.74 32.15 1.20
C4 NAG F . -24.64 31.00 2.18
C5 NAG F . -23.26 30.98 2.83
C6 NAG F . -23.05 29.79 3.73
C7 NAG F . -24.37 33.23 -1.86
C8 NAG F . -24.33 34.50 -2.66
N2 NAG F . -23.66 33.24 -0.72
O3 NAG F . -26.00 32.09 0.51
O4 NAG F . -25.64 31.13 3.19
O5 NAG F . -22.25 30.92 1.80
O6 NAG F . -23.80 28.67 3.29
O7 NAG F . -25.01 32.26 -2.22
C1 NAG G . 14.60 64.08 -5.77
C2 NAG G . 15.22 65.44 -6.16
C3 NAG G . 16.31 65.25 -7.22
C4 NAG G . 17.31 64.18 -6.80
C5 NAG G . 16.59 62.89 -6.43
C6 NAG G . 17.51 61.81 -5.92
C7 NAG G . 14.33 67.68 -6.67
C8 NAG G . 13.15 68.45 -7.19
N2 NAG G . 14.19 66.34 -6.63
O3 NAG G . 16.98 66.47 -7.45
O4 NAG G . 18.21 63.92 -7.87
O5 NAG G . 15.64 63.16 -5.38
O6 NAG G . 17.22 60.56 -6.50
O7 NAG G . 15.36 68.22 -6.29
C1 NAG H . 29.87 47.84 -7.67
C2 NAG H . 31.15 48.20 -8.40
C3 NAG H . 31.75 46.97 -9.08
C4 NAG H . 31.94 45.85 -8.08
C5 NAG H . 30.62 45.56 -7.36
C6 NAG H . 30.76 44.54 -6.25
C7 NAG H . 31.57 50.44 -9.38
C8 NAG H . 32.58 50.64 -8.29
N2 NAG H . 30.92 49.26 -9.37
O3 NAG H . 33.00 47.31 -9.67
O4 NAG H . 32.38 44.66 -8.73
O5 NAG H . 30.12 46.77 -6.75
O6 NAG H . 32.11 44.39 -5.85
O7 NAG H . 31.33 51.30 -10.21
C1 NAG I . 0.45 61.46 -9.01
C2 NAG I . 0.00 61.50 -10.47
C3 NAG I . -0.27 62.94 -10.90
C4 NAG I . -1.24 63.62 -9.94
C5 NAG I . -0.75 63.48 -8.50
C6 NAG I . -1.73 64.02 -7.49
C7 NAG I . 0.88 59.62 -11.78
C8 NAG I . 1.98 59.14 -12.67
N2 NAG I . 0.98 60.88 -11.34
O3 NAG I . -0.80 62.96 -12.23
O4 NAG I . -1.36 65.00 -10.27
O5 NAG I . -0.53 62.10 -8.19
O6 NAG I . -2.14 65.35 -7.81
O7 NAG I . -0.06 58.90 -11.45
C1 NAG J . 19.13 -2.37 43.75
C2 NAG J . 19.18 -2.16 45.26
C3 NAG J . 20.17 -3.13 45.89
C4 NAG J . 19.87 -4.56 45.48
C5 NAG J . 19.80 -4.67 43.96
C6 NAG J . 19.37 -6.04 43.48
C7 NAG J . 18.60 0.15 45.83
C8 NAG J . 19.13 1.52 46.16
N2 NAG J . 19.52 -0.79 45.59
O3 NAG J . 20.11 -3.01 47.31
O4 NAG J . 20.87 -5.43 45.98
O5 NAG J . 18.83 -3.73 43.45
O6 NAG J . 18.25 -5.95 42.62
O7 NAG J . 17.40 -0.08 45.78
C1 NAG K . -12.63 18.78 45.63
C2 NAG K . -11.58 17.71 45.39
C3 NAG K . -11.96 16.43 46.12
C4 NAG K . -12.19 16.71 47.60
C5 NAG K . -13.21 17.83 47.77
C6 NAG K . -13.40 18.25 49.20
C7 NAG K . -10.29 17.69 43.30
C8 NAG K . -10.31 17.38 41.83
N2 NAG K . -11.43 17.46 43.96
O3 NAG K . -10.91 15.47 45.96
O4 NAG K . -12.66 15.54 48.25
O5 NAG K . -12.79 19.00 47.04
O6 NAG K . -12.19 18.80 49.75
O7 NAG K . -9.29 18.14 43.86
C1 NAG L . -47.13 15.30 31.77
C2 NAG L . -48.43 16.02 32.16
C3 NAG L . -48.70 17.18 31.21
C4 NAG L . -47.49 18.11 31.12
C5 NAG L . -46.24 17.31 30.76
C6 NAG L . -44.99 18.15 30.77
C7 NAG L . -50.02 14.54 33.30
C8 NAG L . -51.19 13.62 33.12
N2 NAG L . -49.55 15.10 32.18
O3 NAG L . -49.83 17.91 31.66
O4 NAG L . -47.71 19.11 30.13
O5 NAG L . -46.05 16.26 31.72
O6 NAG L . -44.90 18.93 31.96
O7 NAG L . -49.54 14.78 34.40
C1 NAG M . -52.11 21.67 10.34
C2 NAG M . -52.88 22.95 10.65
C3 NAG M . -52.47 24.06 9.68
C4 NAG M . -50.95 24.25 9.70
C5 NAG M . -50.25 22.91 9.43
C6 NAG M . -48.75 23.00 9.56
C7 NAG M . -55.08 22.52 11.66
C8 NAG M . -56.54 22.31 11.40
N2 NAG M . -54.32 22.73 10.58
O3 NAG M . -53.11 25.27 10.03
O4 NAG M . -50.57 25.18 8.71
O5 NAG M . -50.70 21.93 10.38
O6 NAG M . -48.37 23.18 10.92
O7 NAG M . -54.61 22.50 12.79
C1 NAG N . 48.68 -19.13 33.03
C2 NAG N . 49.57 -18.12 33.76
C3 NAG N . 50.25 -18.80 34.94
C4 NAG N . 49.24 -19.48 35.85
C5 NAG N . 48.35 -20.42 35.03
C6 NAG N . 47.23 -21.02 35.84
C7 NAG N . 50.79 -16.23 32.80
C8 NAG N . 51.85 -15.80 31.82
N2 NAG N . 50.55 -17.54 32.86
O3 NAG N . 50.99 -17.83 35.68
O4 NAG N . 49.90 -20.22 36.86
O5 NAG N . 47.75 -19.70 33.94
O6 NAG N . 46.15 -20.10 35.99
O7 NAG N . 50.20 -15.42 33.51
C1 NAG O . 1.67 -42.93 -29.96
C2 NAG O . 1.51 -44.44 -30.09
C3 NAG O . 1.75 -44.88 -31.53
C4 NAG O . 0.86 -44.09 -32.48
C5 NAG O . 1.04 -42.59 -32.26
C6 NAG O . 0.07 -41.76 -33.08
C7 NAG O . 2.02 -45.59 -27.98
C8 NAG O . 3.08 -46.29 -27.18
N2 NAG O . 2.40 -45.15 -29.18
O3 NAG O . 1.49 -46.27 -31.66
O4 NAG O . 1.19 -44.41 -33.83
O5 NAG O . 0.78 -42.27 -30.88
O6 NAG O . -1.21 -42.37 -33.14
O7 NAG O . 0.88 -45.44 -27.56
C1 NAG P . 59.65 -21.59 24.16
C2 NAG P . 60.19 -21.97 22.75
C3 NAG P . 61.22 -20.94 22.27
C4 NAG P . 60.69 -19.52 22.39
C5 NAG P . 60.27 -19.26 23.83
C6 NAG P . 59.70 -17.88 24.02
C7 NAG P . 60.90 -24.08 21.69
C8 NAG P . 61.54 -25.41 21.90
N2 NAG P . 60.79 -23.29 22.76
O3 NAG P . 61.58 -21.20 20.92
O4 NAG P . 61.69 -18.58 22.01
O5 NAG P . 59.25 -20.19 24.18
O6 NAG P . 60.46 -16.89 23.35
O7 NAG P . 60.49 -23.71 20.59
C1 NAG Q . -30.48 -38.73 36.50
C2 NAG Q . -30.50 -40.26 36.31
C3 NAG Q . -30.69 -40.96 37.67
C4 NAG Q . -29.66 -40.48 38.68
C5 NAG Q . -29.75 -38.96 38.79
C6 NAG Q . -28.74 -38.37 39.75
C7 NAG Q . -31.60 -41.81 34.76
C8 NAG Q . -32.78 -42.03 33.87
N2 NAG Q . -31.56 -40.64 35.40
O3 NAG Q . -30.60 -42.38 37.53
O4 NAG Q . -29.90 -41.06 39.96
O5 NAG Q . -29.50 -38.39 37.51
O6 NAG Q . -28.53 -39.22 40.87
O7 NAG Q . -30.71 -42.65 34.89
C1 NAG R . -6.53 -51.42 7.85
C2 NAG R . -7.23 -52.75 8.11
C3 NAG R . -8.09 -53.10 6.91
C4 NAG R . -9.10 -51.98 6.75
C5 NAG R . -8.35 -50.69 6.54
C6 NAG R . -9.39 -49.60 6.34
C7 NAG R . -6.47 -54.65 9.38
C8 NAG R . -6.22 -54.10 10.76
N2 NAG R . -6.28 -53.81 8.38
O3 NAG R . -8.79 -54.33 7.10
O4 NAG R . -9.92 -52.25 5.60
O5 NAG R . -7.53 -50.41 7.67
O6 NAG R . -10.51 -49.92 7.19
O7 NAG R . -6.85 -55.79 9.21
C1 NAG S . -20.68 -19.76 47.26
C2 NAG S . -20.37 -20.82 48.30
C3 NAG S . -19.15 -20.41 49.13
C4 NAG S . -17.97 -20.10 48.22
C5 NAG S . -18.37 -19.06 47.18
C6 NAG S . -17.28 -18.80 46.16
C7 NAG S . -22.39 -22.06 48.94
C8 NAG S . -23.51 -22.17 49.92
N2 NAG S . -21.51 -21.07 49.16
O3 NAG S . -18.81 -21.46 50.02
O4 NAG S . -16.88 -19.60 48.99
O5 NAG S . -19.51 -19.52 46.45
O6 NAG S . -16.06 -19.44 46.52
O7 NAG S . -22.28 -22.82 47.99
C1 NAG T . -54.24 -19.61 -10.65
C2 NAG T . -55.22 -20.54 -11.37
C3 NAG T . -54.46 -21.57 -12.21
C4 NAG T . -53.49 -20.87 -13.16
C5 NAG T . -52.58 -19.94 -12.38
C6 NAG T . -51.67 -19.12 -13.27
C7 NAG T . -57.37 -20.84 -10.22
C8 NAG T . -58.14 -21.63 -9.21
N2 NAG T . -56.11 -21.21 -10.43
O3 NAG T . -55.40 -22.35 -12.95
O4 NAG T . -52.71 -21.83 -13.85
O5 NAG T . -53.36 -19.00 -11.62
O6 NAG T . -51.53 -19.71 -14.55
O7 NAG T . -57.87 -19.89 -10.82
C1 NAG U . 27.94 1.02 -57.94
C2 NAG U . 27.72 2.52 -58.22
C3 NAG U . 29.07 3.22 -58.46
C4 NAG U . 30.04 2.93 -57.32
C5 NAG U . 30.19 1.43 -57.13
C6 NAG U . 31.07 1.07 -55.96
C7 NAG U . 26.08 3.81 -59.52
C8 NAG U . 25.23 3.84 -60.75
N2 NAG U . 26.85 2.72 -59.35
O3 NAG U . 28.87 4.62 -58.57
O4 NAG U . 31.31 3.50 -57.62
O5 NAG U . 28.90 0.85 -56.88
O6 NAG U . 31.21 2.16 -55.06
O7 NAG U . 26.09 4.73 -58.71
C1 NAG V . 9.02 -25.18 -59.70
C2 NAG V . 9.09 -26.49 -58.89
C3 NAG V . 10.38 -27.26 -59.21
C4 NAG V . 10.55 -27.45 -60.70
C5 NAG V . 10.53 -26.10 -61.40
C6 NAG V . 10.62 -26.21 -62.90
C7 NAG V . 8.61 -27.13 -56.56
C8 NAG V . 8.58 -26.66 -55.13
N2 NAG V . 8.99 -26.22 -57.46
O3 NAG V . 10.36 -28.53 -58.58
O4 NAG V . 11.79 -28.11 -60.98
O5 NAG V . 9.29 -25.45 -61.09
O6 NAG V . 9.32 -26.33 -63.48
O7 NAG V . 8.31 -28.27 -56.87
C1 NAG W . 14.86 -16.67 -65.31
C2 NAG W . 16.21 -17.11 -65.88
C3 NAG W . 16.69 -18.35 -65.14
C4 NAG W . 16.73 -18.11 -63.64
C5 NAG W . 15.37 -17.60 -63.15
C6 NAG W . 15.38 -17.18 -61.70
C7 NAG W . 16.64 -16.55 -68.23
C8 NAG W . 17.36 -15.34 -67.74
N2 NAG W . 16.12 -17.36 -67.31
O3 NAG W . 18.00 -18.69 -65.60
O4 NAG W . 17.05 -19.32 -62.95
O5 NAG W . 14.98 -16.43 -63.90
O6 NAG W . 16.30 -16.12 -61.48
O7 NAG W . 16.56 -16.80 -69.43
C1 NAG X . -40.53 -37.76 -9.28
C2 NAG X . -41.13 -39.07 -9.79
C3 NAG X . -40.12 -39.81 -10.67
C4 NAG X . -39.61 -38.90 -11.78
C5 NAG X . -39.06 -37.60 -11.19
C6 NAG X . -38.66 -36.61 -12.26
C7 NAG X . -42.84 -40.02 -8.33
C8 NAG X . -43.12 -40.94 -7.17
N2 NAG X . -41.56 -39.91 -8.69
O3 NAG X . -40.72 -40.97 -11.22
O4 NAG X . -38.57 -39.56 -12.51
O5 NAG X . -40.07 -36.96 -10.39
O6 NAG X . -37.56 -35.81 -11.83
O7 NAG X . -43.75 -39.41 -8.89
C1 NAG Y . -44.21 10.06 -28.21
C2 NAG Y . -44.15 11.56 -27.89
C3 NAG Y . -45.29 11.95 -26.94
C4 NAG Y . -46.63 11.49 -27.49
C5 NAG Y . -46.58 9.99 -27.82
C6 NAG Y . -47.85 9.50 -28.49
C7 NAG Y . -42.25 13.09 -27.61
C8 NAG Y . -40.93 13.32 -26.94
N2 NAG Y . -42.87 11.93 -27.33
O3 NAG Y . -45.30 13.35 -26.75
O4 NAG Y . -47.65 11.73 -26.55
O5 NAG Y . -45.50 9.72 -28.72
O6 NAG Y . -48.00 10.08 -29.78
O7 NAG Y . -42.75 13.92 -28.37
#